data_6INQ
#
_entry.id   6INQ
#
_cell.length_a   1
_cell.length_b   1
_cell.length_c   1
_cell.angle_alpha   90
_cell.angle_beta   90
_cell.angle_gamma   90
#
_symmetry.space_group_name_H-M   'P 1'
#
loop_
_entity.id
_entity.type
_entity.pdbx_description
1 polymer 'DNA-directed RNA polymerase subunit'
2 polymer 'DNA-directed RNA polymerase subunit beta'
3 polymer 'RNA polymerase II third largest subunit B44, part of central core'
4 polymer 'RNA polymerase II subunit B32'
5 polymer 'RNA polymerase subunit ABC27, common to RNA polymerases I, II, and III'
6 polymer 'RNA polymerase subunit ABC23, common to RNA polymerases I, II, and III'
7 polymer 'RNA polymerase II subunit'
8 polymer 'DNA-directed RNA polymerases I, II, and III subunit RPABC3'
9 polymer 'DNA-directed RNA polymerase subunit'
10 polymer 'RNA polymerase subunit ABC10-beta, common to RNA polymerases I, II, and III'
11 polymer 'RNA polymerase II subunit B12.5'
12 polymer 'RNA polymerase subunit ABC10-alpha'
13 polymer "RNA (5'-R(P*GP*UP*GP*UP*CP*UP*UP*GP*GP*GP*U)-3')"
14 polymer 'DNA (198-MER)'
15 polymer 'DNA (198-MER)'
16 polymer 'Histone H3.3'
17 polymer 'Histone H4'
18 polymer 'Histone H2A type 1-B/E'
19 polymer 'Histone H2B type 1-J'
20 polymer 'DNA (31-MER)'
21 polymer 'DNA (31-MER)'
22 non-polymer 'ZINC ION'
23 non-polymer 'MAGNESIUM ION'
#
loop_
_entity_poly.entity_id
_entity_poly.type
_entity_poly.pdbx_seq_one_letter_code
_entity_poly.pdbx_strand_id
1 'polypeptide(L)'
;MSQFPYSSAPLRSVKEVQFGLLSPEEIRAISVVKIEYPEIMDESRQRPREGGLNDPKLGSIDRNFKCQTCGEGMAECPGH
FGHMELAKPVFHIGFIPKIKKVCECICMNCGKLLLDETNPTMAQAIRIRDPKKRFNAVWQLCKTKMVCEADAPVDEYSEQ
KVVSRGGCGNTQPVVRKDGMKLWGTWKKSGFSDRDAQPERKLLTPGEILNVFKHISPEDCFRLGFNEDYARPEWMIITVL
PVPPPQVRPSIAMDETTQGQDDLTHKLSDILKANINVQKLEMDGSPQHIINEVEQLLQFHVATYMDNDIAGQPQALQKSG
RPVKAIRARLKGKEGRLRGNLMGKRVDFSARTVISGDPNLELDQVGVPISIAKTLSYPETVTQYNIHRLTEYVRNGPNEH
PGAKYVIRDNGDRIDLRYHKRAGDIVLQYGWKVERHLMDDDPVLFNRQPSLHKMSMMAHRVKVMPYSTFRLNLSVTSPYN
ADFDGDEMNLHVPQSEETRAELSQLCAVPLQIVSPQSNKPVMGIVQDTLCGVRKMTLRDTFIEYEQVMNMLFWVPSWDGV
VPQPAILKPKPLWTGKQLLSIAIPSGIHLQRTDGGNSLLSPKDNGMLIVDGKVMFGVVDKKTVGSGGGGLIHTVMREKGP
KICAELFGNIQKVVNYWLLHNGFSIGIGDAIADASTMKEITHAISSAKEQVQEIIYKAQHNELELKPGMTLRESFEGEVS
RTLNDARDSAGRSAEMNLKDLNNVKQMVSAGSKGSFINIAQMSACVGQQMVEGKRIAFGFADRSLPHFTKDDFSPESKGF
VENSYLRGLTPQEFFFHAMAGREGLIDTAVKTAETGYIQRRLVKALEDIMVHYDGTTRNSLGDIIQFLYGEDGLDGTQVE
RQTIDTIPGSDKAFHKRYYVDLMDEKNSIKPDVIEYAADILGDVELQKELNSEYEQLVSDRKFLREIVFVNGDHNWPLPV
NLRRIIQNAQQIFHLDRAKASDLTIPEIIHGVRDLCKKLFVLRGENELIKEAQQNATSLFQCLVRARLATRRILEEFRLN
RDAFEWVLGTIEAQFQRSLVHPGEMVGVIAAQSIGEPATQMTLNTFHYAGVSSKNVTLGVPRLKEILNVAKNIKTPALTV
YLDREIALDIEKAKVIQSSIEYTTLKNVTSATEIYYDPDPTSTVIEEDFDTVEAYFSIPDEKVEETIDKQSPWLLRLELD
RARMLDKQLTMNQVADKISEVFSDDLFVMWSEDNADKLIIRCRVIRDPKAMDEELEAEEDQMLKRIEAHMLDLIALRGIP
GISKVYMVKHKVSVPDESGEYKNEELWALETDGINLAEVMAVPGVDSSRTYSNSFVEILSVLGIEATRSSLYKEILNVIA
FDGSYVNYRHMALLVDVMTSRGYLMAITRHGINRADTGALMRCSFEETVEILFEAGAAAELDDCRGVSENVMLGQLAPMG
TGAFDVMIDEKLLTSLPADYAPTMPLFKGKATQGSATPYDNNAQYDDEFNHDDVADVMFSPMAETGSGDDRSGGLTEYAG
IQSPYQPTSPGLSATSPGFAPTSPGFAPTSPRYSPTSPGYSPTSPSYSPTSPSYSPTSPSYSPTSPSYSPTSPSYSPTSP
SYSPTSPSYSPTSPSYSPTSPSYSPTSPQYSPTSPQYSPTSPQYSPTSPQYSPTSPQYSPTSPQYSPTSPQYSPTSPQYS
PTSPQYSPTSPQYSPTSPQYSPTSPQYSPTSPQYSPTSPQYSPASPQYSPSRHSPNGESKEGE
;
A
2 'polypeptide(L)'
;MSYDPYSIDDTITTEDCWTVISAFFEEKGLVSQQLDSFDEFMETSIQDLVWEEPRLILDQPAQHTNEKDNINKRYEIRFG
KIYLSRPTMTEADGTTHAMFPQEARLRNLTYSSPVYLDMEKSMFTSIDDEGNPNATLDWQQVHEPIKDGVEEGNKVHIGK
VPIMLRSKFCSLRTLDEVDLYKMKECPYDMGGYFVINGSEKVLIAQERSAANIVQVFKKAAPSPISHVAEIRSALEKGSR
LISTMQIKLYGREDKGTGRTIKATLPYVKQDIPIVIVFRALGVVPDGEILQHICYDENDWQMLEMLKPCIEEGFVIQDKE
VALDFIGRRGSAALGIRREKRIQYAKDILQKELLPHITQEEGFETRKTFFLGYMVNRLLLCALERKDQDDRDHFGKKRLD
LAGPLLANLFRILFRKLTREIYRYMQRCIETDRDFNLNLAVKSTTITSGLKYSLATGNWGEQKKAMSSRAGVSQVLNRYT
YSSTLSHLRRTNTPIGRDGKLAKPRQLHNTHWGLVCPAETPEGQACGLVKNLSLLSGISIGSPSEPIINFLEEWGMEPLE
DYDPAQHTKSTRIFVNGVWTGIHRDPSMLVSTMRDLRRSGAISPEVSIIRDIREREFKIFTDVGRVYRPLFIVEDDESKD
NKGELRITKEHIRKIQQGYDDDAMNDDSEEQEQDVYGWSSLVTSGVIEYVDGEEEETIMIAMTPEDLQTRSLEQKEIDLN
DTAKRIKPEMSTSSHHTFTHCEIHPSMILGVAASIIPFPDHNQSPRNTYQSAMGKQAMGVFLTNYNVRMDTMANILYYPQ
KPLAKTQAMEYLKFRELPAGQNAIVAIACYSGYNQEDSMIMNQSSIDRGLFRSLFFRSYMDQEKRFGISIVEEFEKPTRA
TTLRLKHGTYEKLDEDGLIAPGVRVSGDDIIIGKTTPIPPDTEELGQRTKYHTKRDASTPLRSTENGIVDQVLLTTNQEG
LKFVKVRMRTTKVPQIGDKFASRHGQKGTIGVTYRHEDMPFSAEGIVPDLIINPHAIPSRMTVAHLIECLLSKVGSIRGY
EGDATPFTDLTVDAVSNLLRDNGYQSRGFEVMYNGHTGKKLMAQVFFGPTYYQRLRHMVDDKIHARARGPVQVLTRQPVE
GRSRDGGLRFGEMERDCMIAHGAAGFLKERLMEASDAFRVHVCGICGLMSVIANLKKNQFECRSCKNKTNIYQLHIPYAA
KLLFQELMAMNIAPRLYTERSGVSMRS
;
B
3 'polypeptide(L)'
;MSKEPKVNIINAQDDEVELMLSDVNLSLANSLRRTMLAEVPTLAIDLVEIKMNTSVLADEFISHRLGLIPLVSEDVEEMK
YSRDCTCEDYCDECSVVLELSARHEGEEGTTDVYSSSLIKVSGPGNLNVGEPVRRDDYDQGILLCKLRNHQELNIRCIAK
KGIAKEHAKWSPCSAIAFEYDPHNKLKHTDFWFEVDAKKEWPDSKYATWEEPPKPGEVFDYKAKPNRFYMTVETTGSLKA
NQVFSRGIKTLQEKLANVLFELENSRPANTTAYGGATAYGGQTVYGRETSYGGNTNYGDYNAPY
;
C
4 'polypeptide(L)'
;MNVSTSTVGARRRRAKQQVDDEENATLLRLGPEFALKQYDHDGNEHDLIALSLSESRLLIREALKARSRARNGGVDIESS
NGEIDDDELAKVTSGAVANGVVKKTLDYLNTFARFKDEETCTAVDQLLHNSSDCSVLHPFEIAQLSSLGCEDVDEAITLI
PSLAAKKEVNLQRILDELNRLEDPYK
;
D
5 'polypeptide(L)'
;MEDNNRIISRLWRSFRTVKEMAADRGYFISQEEMDQSLEEFRSKICDSMGNPQRKLMSFLANPTPEALEKYSDLGTLWVE
FCDEPSVGIKTMRNFCLRIQEKNFSTGIFIYQNNITPSANKMIPTVSPAIIETFQESDLVVNITHHELVPKHIRLSDGEK
SQLLQRYKLKESQLPRIQREDPVARYLGLKRGQVVKIIRRSETSGRYASYRICL
;
E
6 'polypeptide(L)'
;MSEDEAFNEQTENFENFEDEHFSDDNFEDRSTQPEDYAVGVTADGRQIINGDGIQEVNGTIKAHRKRSNKELAILKEERT
TTPYLTKYERARILGTRALQISMNAPVLVDIEGETDPLQIAMKELSQRKIPLVIRRYLPDGSYEDWGCDELIVDN
;
F
7 'polypeptide(L)'
;MFFLKDLSLILTLHPSYFGPQMNQYLREKLLTDVEGTCTGQFGYIVTVLDGMNIDVGKGRIIPGSGSAEFEVKYRAVVWK
PFKGEVVDAIVSNVSPIGFFADVGPLNVFVSTRLIPDNLVYNPSNSPPAYMSNDELITKGSKVRLKVVGTRTDVNEIYAI
GSIKEDFLGAI
;
G
8 'polypeptide(L)'
;MSSALFDDIFTVQTVDNGRYNKVSRIIGISTTNSAIKLTLDINNEMFPVSQDDSLTVTLANSLSLDGEDESANFSKSWRP
PKPTDKSLADDYDYVMFGTVYKFEEGDEDKIKVYVSFGGLLMCLEGGYKSLASLKQDNLYILIRR
;
H
9 'polypeptide(L)'
;MASFRFCLECNNMLYPKEDKENQRLLYSCRNCDYTELAEDPKVYRHELITNIGETAGIVDDIGQDPTLPRSDKECPECHS
RDCVFFQSQQRRKDTNMTLFYVCLNCKKTFRDESE
;
I
10 'polypeptide(L)' MIIPVRCFSCGKVVGDKWDAYLRLLEEGKQEGDALDELKLKRYCCRRMVLTHVDLIEKFLRYNPLEKKDFDS J
11 'polypeptide(L)'
;MNAPDRFELFILPDDVPKLKITPDSRVPNCIIIKFEREDHTLANLLREELALYPDVTFVAYKVEHPLFANFVMRLQTEEG
TRPKQALERACASIINKLKTLDHKFNEEWNIKNFSLND
;
K
12 'polypeptide(L)' MSREGFVAPSGTDLAAAASGVAPNKHYGVKYTCGACAHNFSLNKSDPVRCKECGHRVIYKARTKRMIQFDAR L
13 'polyribonucleotide' GUGUCUUGGGU P
14 'polydeoxyribonucleotide'
;(DA)(DT)(DC)(DA)(DG)(DA)(DA)(DT)(DC)(DC)(DC)(DG)(DG)(DT)(DG)(DC)(DC)(DG)(DA)(DG)
(DG)(DC)(DC)(DG)(DC)(DT)(DC)(DA)(DA)(DT)(DT)(DG)(DG)(DT)(DC)(DG)(DT)(DA)(DG)(DA)
(DC)(DA)(DG)(DC)(DT)(DC)(DT)(DA)(DG)(DC)(DA)(DC)(DC)(DG)(DC)(DT)(DT)(DA)(DA)(DA)
(DC)(DG)(DC)(DA)(DC)(DG)(DT)(DA)(DC)(DG)(DC)(DG)(DC)(DT)(DG)(DT)(DC)(DC)(DC)(DC)
(DC)(DG)(DC)(DG)(DT)(DT)(DT)(DT)(DA)(DA)(DC)(DC)(DG)(DC)(DC)(DA)(DA)(DG)(DG)(DG)
(DG)(DA)(DT)(DT)(DA)(DC)(DA)(DC)(DC)(DC)(DA)(DA)(DG)(DA)(DC)(DA)(DC)(DC)(DA)(DG)
(DG)(DC)(DA)(DC)(DG)(DA)(DG)(DA)(DC)(DA)(DG)(DA)(DA)(DA)(DA)(DA)(DA)(DA)(DC)(DA)
(DA)(DC)(DG)(DA)(DA)(DA)(DA)(DC)(DG)(DG)(DC)(DC)(DA)(DC)(DC)(DA)(DC)(DC)(DC)(DA)
(DA)(DA)(DC)(DA)(DC)(DA)(DC)(DC)(DA)(DA)(DA)(DC)(DA)(DC)(DA)(DA)(DG)(DA)(DG)(DC)
(DT)(DA)(DA)(DT)(DT)(DG)(DA)(DC)(DT)(DG)(DA)(DC)(DG)(DT)(DA)(DA)(DG)(DC)
;
T
15 'polydeoxyribonucleotide'
;(DG)(DC)(DT)(DT)(DA)(DC)(DG)(DT)(DC)(DA)(DG)(DT)(DC)(DT)(DG)(DG)(DC)(DC)(DA)(DT)
(DC)(DT)(DT)(DT)(DG)(DT)(DG)(DT)(DT)(DT)(DG)(DG)(DT)(DG)(DT)(DG)(DT)(DT)(DT)(DG)
(DG)(DG)(DT)(DG)(DG)(DT)(DG)(DG)(DC)(DC)(DG)(DT)(DT)(DT)(DT)(DC)(DG)(DT)(DT)(DG)
(DT)(DT)(DT)(DT)(DT)(DT)(DT)(DC)(DT)(DG)(DT)(DC)(DT)(DC)(DG)(DT)(DG)(DC)(DC)(DT)
(DG)(DG)(DT)(DG)(DT)(DC)(DT)(DT)(DG)(DG)(DG)(DT)(DG)(DT)(DA)(DA)(DT)(DC)(DC)(DC)
(DC)(DT)(DT)(DG)(DG)(DC)(DG)(DG)(DT)(DT)(DA)(DA)(DA)(DA)(DC)(DG)(DC)(DG)(DG)(DG)
(DG)(DG)(DA)(DC)(DA)(DG)(DC)(DG)(DC)(DG)(DT)(DA)(DC)(DG)(DT)(DG)(DC)(DG)(DT)(DT)
(DT)(DA)(DA)(DG)(DC)(DG)(DG)(DT)(DG)(DC)(DT)(DA)(DG)(DA)(DG)(DC)(DT)(DG)(DT)(DC)
(DT)(DA)(DC)(DG)(DA)(DC)(DC)(DA)(DA)(DT)(DT)(DG)(DA)(DG)(DC)(DG)(DG)(DC)(DC)(DT)
(DC)(DG)(DG)(DC)(DA)(DC)(DC)(DG)(DG)(DG)(DA)(DT)(DT)(DC)(DT)(DG)(DA)(DT)
;
N
16 'polypeptide(L)'
;GSHMARTKQTARKSTGGKAPRKQLATKAARKSAPSTGGVKKPHRYRPGTVALREIRRYQKSTELLIRKLPFQRLVREIAQ
DFKTDLRFQSAAIGALQEASEAYLVGLFEDTNLCAIHAKRVTIMPKDIQLARRIRGERA
;
a,e
17 'polypeptide(L)'
;GSHMSGRGKGGKGLGKGGAKRHRKVLRDNIQGITKPAIRRLARRGGVKRISGLIYEETRGVLKVFLENVIRDAVTYTEHA
KRKTVTAMDVVYALKRQGRTLYGFGG
;
b,f
18 'polypeptide(L)'
;GSHMSGRGKQGGKARAKAKTRSSRAGLQFPVGRVHRLLRKGNYSERVGAGAPVYLAAVLEYLTAEILELAGNAARDNKKT
RIIPRHLQLAIRNDEELNKLLGRVTIAQGGVLPNIQAVLLPKKTESHHKAKGK
;
c,g
19 'polypeptide(L)'
;GSHMPEPAKSAPAPKKGSKKAVTKAQKKDGKKRKRSRKESYSIYVYKVLKQVHPDTGISSKAMGIMNSFVNDIFERIAGE
ASRLAHYNKRSTITSREIQTAVRLLLPGELAKHAVSEGTKAVTKYTSAK
;
d,h
20 'polydeoxyribonucleotide'
;(DC)(DC)(DA)(DA)(DG)(DA)(DC)(DA)(DC)(DC)(DA)(DG)(DG)(DC)(DA)(DC)(DG)(DA)(DG)(DA)
(DC)(DA)(DG)(DA)(DA)(DA)(DA)(DA)(DA)(DA)(DC)
;
0
21 'polydeoxyribonucleotide'
;(DG)(DT)(DT)(DT)(DT)(DT)(DT)(DT)(DC)(DT)(DG)(DT)(DC)(DT)(DC)(DG)(DT)(DG)(DC)(DC)
(DT)(DG)(DG)(DT)(DG)(DT)(DC)(DT)(DT)(DG)(DG)
;
1
#
loop_
_chem_comp.id
_chem_comp.type
_chem_comp.name
_chem_comp.formula
C RNA linking CYTIDINE-5'-MONOPHOSPHATE 'C9 H14 N3 O8 P'
DA DNA linking 2'-DEOXYADENOSINE-5'-MONOPHOSPHATE 'C10 H14 N5 O6 P'
DC DNA linking 2'-DEOXYCYTIDINE-5'-MONOPHOSPHATE 'C9 H14 N3 O7 P'
DG DNA linking 2'-DEOXYGUANOSINE-5'-MONOPHOSPHATE 'C10 H14 N5 O7 P'
DT DNA linking THYMIDINE-5'-MONOPHOSPHATE 'C10 H15 N2 O8 P'
G RNA linking GUANOSINE-5'-MONOPHOSPHATE 'C10 H14 N5 O8 P'
MG non-polymer 'MAGNESIUM ION' 'Mg 2'
U RNA linking URIDINE-5'-MONOPHOSPHATE 'C9 H13 N2 O9 P'
ZN non-polymer 'ZINC ION' 'Zn 2'
#
# COMPACT_ATOMS: atom_id res chain seq x y z
N SER A 2 -4.07 32.04 24.90
CA SER A 2 -3.63 33.42 24.70
C SER A 2 -2.22 33.59 25.20
N GLN A 3 -1.48 32.48 25.26
CA GLN A 3 -0.13 32.48 25.77
C GLN A 3 0.88 33.02 24.78
N PHE A 4 0.43 33.69 23.72
CA PHE A 4 1.36 34.20 22.73
C PHE A 4 1.65 35.66 22.98
N PRO A 5 2.91 36.02 23.14
CA PRO A 5 3.25 37.41 23.45
C PRO A 5 2.80 38.33 22.33
N TYR A 6 2.31 39.49 22.74
CA TYR A 6 1.56 40.36 21.86
C TYR A 6 2.41 40.85 20.68
N SER A 7 1.72 41.19 19.61
CA SER A 7 2.30 41.82 18.43
C SER A 7 1.19 42.58 17.73
N SER A 8 1.52 43.15 16.57
CA SER A 8 0.52 43.88 15.81
C SER A 8 0.21 43.24 14.46
N ALA A 9 0.86 42.15 14.12
CA ALA A 9 0.46 41.42 12.94
C ALA A 9 -0.95 40.90 13.15
N PRO A 10 -1.92 41.42 12.42
CA PRO A 10 -3.30 41.03 12.69
C PRO A 10 -3.49 39.54 12.51
N LEU A 11 -4.53 39.01 13.13
CA LEU A 11 -4.73 37.57 13.08
C LEU A 11 -5.51 37.18 11.84
N ARG A 12 -5.00 36.21 11.11
CA ARG A 12 -5.68 35.63 9.97
C ARG A 12 -5.16 34.22 9.76
N SER A 13 -6.01 33.34 9.27
CA SER A 13 -5.62 31.97 9.07
C SER A 13 -5.47 31.66 7.59
N VAL A 14 -4.91 30.48 7.30
CA VAL A 14 -4.52 30.11 5.95
C VAL A 14 -5.76 29.88 5.09
N LYS A 15 -5.61 30.09 3.79
CA LYS A 15 -6.67 29.82 2.81
C LYS A 15 -6.19 29.12 1.55
N GLU A 16 -4.95 29.33 1.11
CA GLU A 16 -4.53 28.83 -0.19
C GLU A 16 -3.07 28.39 -0.16
N VAL A 17 -2.83 27.12 -0.44
CA VAL A 17 -1.47 26.63 -0.62
C VAL A 17 -1.13 26.72 -2.10
N GLN A 18 0.08 27.19 -2.40
CA GLN A 18 0.53 27.42 -3.77
C GLN A 18 1.92 26.82 -3.92
N PHE A 19 1.99 25.60 -4.40
CA PHE A 19 3.30 25.00 -4.49
C PHE A 19 4.04 25.49 -5.71
N GLY A 20 5.34 25.63 -5.56
CA GLY A 20 6.20 26.06 -6.64
C GLY A 20 7.63 25.78 -6.25
N LEU A 21 8.48 25.73 -7.23
CA LEU A 21 9.87 25.46 -6.93
C LEU A 21 10.51 26.76 -6.47
N LEU A 22 11.83 26.75 -6.33
CA LEU A 22 12.55 27.84 -5.69
C LEU A 22 13.58 28.41 -6.64
N SER A 23 13.48 29.70 -6.92
CA SER A 23 14.49 30.32 -7.76
C SER A 23 15.76 30.50 -6.98
N PRO A 24 16.89 30.14 -7.57
CA PRO A 24 18.16 30.52 -6.96
C PRO A 24 18.16 31.95 -6.46
N GLU A 25 17.53 32.90 -7.15
CA GLU A 25 17.41 34.22 -6.54
C GLU A 25 16.57 34.15 -5.27
N GLU A 26 15.48 33.39 -5.29
CA GLU A 26 14.62 33.32 -4.11
C GLU A 26 15.41 32.87 -2.89
N ILE A 27 16.25 31.85 -3.06
CA ILE A 27 17.21 31.48 -2.05
C ILE A 27 18.00 32.71 -1.63
N ARG A 28 18.83 33.22 -2.54
CA ARG A 28 19.77 34.27 -2.16
C ARG A 28 19.07 35.43 -1.48
N ALA A 29 17.77 35.54 -1.64
CA ALA A 29 17.04 36.63 -1.03
C ALA A 29 16.52 36.29 0.34
N ILE A 30 16.15 35.05 0.61
CA ILE A 30 15.64 34.73 1.95
C ILE A 30 16.74 34.52 2.97
N SER A 31 17.87 33.98 2.58
CA SER A 31 18.87 33.51 3.52
C SER A 31 19.57 34.70 4.16
N VAL A 32 20.43 34.44 5.13
CA VAL A 32 21.21 35.48 5.78
C VAL A 32 22.65 35.10 5.98
N VAL A 33 23.14 34.04 5.36
CA VAL A 33 24.55 33.71 5.48
C VAL A 33 24.94 32.79 4.34
N LYS A 34 26.07 33.10 3.73
CA LYS A 34 26.74 32.12 2.90
C LYS A 34 27.63 31.27 3.78
N ILE A 35 27.56 29.97 3.57
CA ILE A 35 28.19 29.00 4.45
C ILE A 35 29.49 28.52 3.83
N GLU A 36 30.50 28.30 4.65
CA GLU A 36 31.81 28.15 4.04
C GLU A 36 32.60 26.91 4.46
N TYR A 37 32.55 26.50 5.73
CA TYR A 37 33.61 25.65 6.22
C TYR A 37 33.10 24.30 6.69
N PRO A 38 33.60 23.20 6.15
CA PRO A 38 33.19 21.89 6.67
C PRO A 38 33.48 21.73 8.12
N GLU A 39 34.45 22.48 8.64
CA GLU A 39 34.74 22.43 10.06
C GLU A 39 33.62 23.08 10.86
N ILE A 40 32.97 22.28 11.70
CA ILE A 40 31.90 22.78 12.55
C ILE A 40 32.49 23.62 13.68
N MET A 41 33.16 22.95 14.60
CA MET A 41 33.85 23.63 15.69
C MET A 41 34.83 24.64 15.13
N ASP A 42 35.13 25.65 15.94
CA ASP A 42 36.27 26.48 15.58
C ASP A 42 37.46 25.56 15.57
N GLU A 43 37.92 25.14 16.74
CA GLU A 43 38.81 24.01 16.95
C GLU A 43 38.45 23.34 18.26
N SER A 44 37.14 23.19 18.50
CA SER A 44 36.56 23.00 19.84
C SER A 44 36.84 24.20 20.74
N ARG A 45 36.19 25.33 20.41
CA ARG A 45 36.49 26.60 21.04
C ARG A 45 35.23 27.40 21.39
N GLN A 46 34.26 26.75 22.03
CA GLN A 46 33.31 27.53 22.83
C GLN A 46 32.48 28.56 22.04
N ARG A 47 31.36 28.14 21.44
CA ARG A 47 30.62 28.81 20.37
C ARG A 47 31.34 28.69 19.04
N PRO A 48 31.22 27.52 18.40
CA PRO A 48 31.96 27.25 17.17
C PRO A 48 31.80 28.29 16.09
N ARG A 49 32.63 28.11 15.08
CA ARG A 49 32.93 29.10 14.06
C ARG A 49 31.66 29.74 13.50
N GLU A 50 31.75 31.00 13.12
CA GLU A 50 30.76 31.59 12.24
C GLU A 50 31.09 31.23 10.81
N GLY A 51 30.06 31.03 9.99
CA GLY A 51 30.25 30.60 8.62
C GLY A 51 30.30 29.10 8.47
N GLY A 52 30.26 28.36 9.57
CA GLY A 52 30.09 26.93 9.54
C GLY A 52 28.63 26.56 9.57
N LEU A 53 28.35 25.38 10.09
CA LEU A 53 26.99 24.87 10.03
C LEU A 53 26.18 25.22 11.27
N ASN A 54 26.66 26.11 12.12
CA ASN A 54 25.95 26.46 13.34
C ASN A 54 26.09 27.93 13.65
N ASP A 55 26.30 28.73 12.63
CA ASP A 55 26.46 30.16 12.78
C ASP A 55 25.29 30.75 13.57
N PRO A 56 25.55 31.40 14.70
CA PRO A 56 24.46 31.89 15.56
C PRO A 56 23.62 32.95 14.93
N LYS A 57 23.85 33.30 13.67
CA LYS A 57 22.82 34.03 12.97
C LYS A 57 21.60 33.17 12.71
N LEU A 58 21.79 31.86 12.59
CA LEU A 58 20.71 30.98 12.18
C LEU A 58 19.61 30.87 13.21
N GLY A 59 19.88 31.27 14.44
CA GLY A 59 18.94 31.02 15.51
C GLY A 59 19.59 30.05 16.47
N SER A 60 19.76 30.44 17.71
CA SER A 60 20.45 29.60 18.68
C SER A 60 19.45 28.76 19.45
N ILE A 61 19.90 27.60 19.92
CA ILE A 61 19.05 26.68 20.64
C ILE A 61 19.41 26.63 22.13
N ASP A 62 20.05 27.68 22.65
CA ASP A 62 20.47 27.75 24.03
C ASP A 62 19.66 28.81 24.77
N ARG A 63 19.17 28.44 25.96
CA ARG A 63 18.17 29.26 26.63
C ARG A 63 18.71 30.63 27.00
N ASN A 64 20.00 30.72 27.28
CA ASN A 64 20.55 31.96 27.77
C ASN A 64 20.87 32.97 26.67
N PHE A 65 21.08 32.52 25.45
CA PHE A 65 21.58 33.38 24.38
C PHE A 65 20.47 33.66 23.39
N LYS A 66 19.87 34.84 23.49
CA LYS A 66 19.00 35.31 22.45
C LYS A 66 19.68 35.15 21.09
N CYS A 67 18.88 34.92 20.06
CA CYS A 67 19.43 34.89 18.71
C CYS A 67 19.71 36.31 18.22
N GLN A 68 20.89 36.49 17.65
CA GLN A 68 21.28 37.78 17.10
C GLN A 68 20.26 38.28 16.09
N THR A 69 19.72 37.39 15.28
CA THR A 69 18.95 37.79 14.11
C THR A 69 17.56 38.25 14.52
N CYS A 70 16.76 37.38 15.11
CA CYS A 70 15.42 37.77 15.49
C CYS A 70 15.42 38.66 16.73
N GLY A 71 16.22 38.33 17.73
CA GLY A 71 16.13 39.04 18.98
C GLY A 71 15.07 38.52 19.92
N GLU A 72 14.77 37.23 19.87
CA GLU A 72 13.80 36.61 20.73
C GLU A 72 14.42 35.43 21.47
N GLY A 73 13.58 34.68 22.20
CA GLY A 73 14.01 33.47 22.84
C GLY A 73 13.80 32.27 21.94
N MET A 74 14.17 31.10 22.46
CA MET A 74 14.00 29.87 21.69
C MET A 74 12.55 29.45 21.56
N ALA A 75 11.61 30.33 21.91
CA ALA A 75 10.22 30.00 21.75
C ALA A 75 9.58 30.79 20.62
N GLU A 76 10.25 31.82 20.13
CA GLU A 76 9.69 32.61 19.06
C GLU A 76 10.44 32.51 17.76
N CYS A 77 11.71 32.22 17.78
CA CYS A 77 12.50 32.26 16.57
C CYS A 77 12.25 31.01 15.75
N PRO A 78 11.48 31.09 14.68
CA PRO A 78 11.20 29.88 13.91
C PRO A 78 12.43 29.24 13.33
N GLY A 79 13.53 29.97 13.22
CA GLY A 79 14.64 29.58 12.39
C GLY A 79 14.96 30.64 11.35
N HIS A 80 16.03 30.41 10.62
CA HIS A 80 16.43 31.29 9.54
C HIS A 80 17.29 30.46 8.62
N PHE A 81 17.05 30.47 7.32
CA PHE A 81 17.77 29.53 6.47
C PHE A 81 19.13 30.04 6.06
N GLY A 82 20.02 29.10 5.75
CA GLY A 82 21.26 29.40 5.09
C GLY A 82 21.19 28.86 3.67
N HIS A 83 22.32 28.94 2.98
CA HIS A 83 22.41 28.40 1.64
C HIS A 83 23.86 28.11 1.32
N MET A 84 24.15 26.84 1.11
CA MET A 84 25.50 26.42 0.78
C MET A 84 25.66 26.61 -0.70
N GLU A 85 26.88 26.87 -1.15
CA GLU A 85 27.12 27.12 -2.57
C GLU A 85 27.69 25.89 -3.26
N LEU A 86 26.98 25.42 -4.26
CA LEU A 86 27.53 24.37 -5.09
C LEU A 86 28.49 24.97 -6.10
N ALA A 87 29.48 24.18 -6.49
CA ALA A 87 30.35 24.61 -7.58
C ALA A 87 29.78 24.20 -8.92
N LYS A 88 29.42 23.02 -9.01
CA LYS A 88 28.79 22.44 -10.17
C LYS A 88 27.31 22.22 -9.89
N PRO A 89 26.41 23.09 -10.34
CA PRO A 89 25.01 22.96 -9.94
C PRO A 89 24.43 21.62 -10.38
N VAL A 90 23.58 21.06 -9.51
CA VAL A 90 23.31 19.64 -9.51
C VAL A 90 21.84 19.36 -9.74
N PHE A 91 21.57 18.12 -10.12
CA PHE A 91 20.23 17.60 -10.20
C PHE A 91 19.50 17.77 -8.88
N HIS A 92 18.18 17.72 -8.95
CA HIS A 92 17.35 17.45 -7.81
C HIS A 92 17.06 15.96 -7.87
N ILE A 93 16.78 15.32 -6.75
CA ILE A 93 16.61 13.87 -6.89
C ILE A 93 15.21 13.45 -7.23
N GLY A 94 14.20 14.23 -6.88
CA GLY A 94 12.84 13.88 -7.20
C GLY A 94 12.42 14.22 -8.60
N PHE A 95 13.37 14.46 -9.51
CA PHE A 95 13.03 15.03 -10.80
C PHE A 95 13.85 14.46 -11.93
N ILE A 96 14.67 13.46 -11.68
CA ILE A 96 15.32 12.79 -12.80
C ILE A 96 14.28 12.30 -13.80
N PRO A 97 13.24 11.55 -13.41
CA PRO A 97 12.29 11.10 -14.43
C PRO A 97 11.54 12.23 -15.09
N LYS A 98 11.08 13.23 -14.33
CA LYS A 98 10.36 14.30 -15.00
C LYS A 98 11.27 15.12 -15.91
N ILE A 99 12.51 15.36 -15.49
CA ILE A 99 13.38 16.08 -16.40
C ILE A 99 13.74 15.22 -17.60
N LYS A 100 13.79 13.92 -17.43
CA LYS A 100 13.84 13.05 -18.60
C LYS A 100 12.70 13.35 -19.55
N LYS A 101 11.48 13.43 -19.01
CA LYS A 101 10.35 13.76 -19.89
C LYS A 101 10.61 15.04 -20.65
N VAL A 102 10.89 16.12 -19.93
CA VAL A 102 10.98 17.40 -20.60
C VAL A 102 12.12 17.39 -21.61
N CYS A 103 13.24 16.77 -21.29
CA CYS A 103 14.30 16.71 -22.28
C CYS A 103 13.94 15.82 -23.46
N GLU A 104 13.02 14.88 -23.31
CA GLU A 104 12.51 14.23 -24.51
C GLU A 104 11.70 15.18 -25.34
N CYS A 105 10.99 16.12 -24.71
CA CYS A 105 10.05 16.95 -25.46
C CYS A 105 10.74 17.87 -26.45
N ILE A 106 11.76 18.60 -26.01
CA ILE A 106 12.18 19.77 -26.75
C ILE A 106 13.54 19.56 -27.40
N CYS A 107 14.01 20.57 -28.11
CA CYS A 107 15.25 20.44 -28.86
C CYS A 107 16.46 20.33 -27.94
N MET A 108 17.62 20.08 -28.56
CA MET A 108 18.90 20.05 -27.88
C MET A 108 19.69 21.34 -28.08
N ASN A 109 19.45 22.05 -29.18
CA ASN A 109 20.24 23.23 -29.45
C ASN A 109 19.50 24.50 -29.04
N CYS A 110 18.20 24.58 -29.33
CA CYS A 110 17.43 25.76 -29.00
C CYS A 110 16.59 25.57 -27.76
N GLY A 111 16.06 24.38 -27.56
CA GLY A 111 15.16 24.20 -26.46
C GLY A 111 13.82 24.76 -26.81
N LYS A 112 13.23 24.24 -27.87
CA LYS A 112 11.82 24.46 -28.13
C LYS A 112 11.16 23.14 -28.54
N LEU A 113 9.86 23.09 -28.34
CA LEU A 113 9.13 21.83 -28.44
C LEU A 113 9.09 21.34 -29.88
N LEU A 114 9.41 20.08 -30.09
CA LEU A 114 9.50 19.50 -31.41
C LEU A 114 8.30 19.79 -32.31
N LEU A 115 7.21 20.35 -31.78
CA LEU A 115 5.99 20.51 -32.56
C LEU A 115 5.29 21.81 -32.18
N ASP A 116 4.54 22.34 -33.13
CA ASP A 116 3.64 23.46 -32.88
C ASP A 116 2.24 23.12 -33.37
N GLU A 117 1.35 24.10 -33.31
CA GLU A 117 -0.07 23.91 -33.60
C GLU A 117 -0.35 23.61 -35.07
N THR A 118 0.68 23.21 -35.81
CA THR A 118 0.48 22.68 -37.16
C THR A 118 -0.37 21.43 -37.13
N ASN A 119 0.11 20.38 -36.50
CA ASN A 119 -0.74 19.25 -36.21
C ASN A 119 -1.92 19.74 -35.39
N PRO A 120 -3.15 19.70 -35.91
CA PRO A 120 -4.29 20.18 -35.12
C PRO A 120 -4.47 19.42 -33.83
N THR A 121 -4.03 18.16 -33.76
CA THR A 121 -4.13 17.45 -32.49
C THR A 121 -3.34 18.18 -31.42
N MET A 122 -2.19 18.74 -31.80
CA MET A 122 -1.45 19.62 -30.90
C MET A 122 -2.29 20.82 -30.48
N ALA A 123 -2.92 21.48 -31.45
CA ALA A 123 -3.72 22.66 -31.17
C ALA A 123 -4.98 22.34 -30.40
N GLN A 124 -5.28 21.05 -30.23
CA GLN A 124 -6.39 20.70 -29.36
C GLN A 124 -5.90 20.24 -28.00
N ALA A 125 -4.81 19.49 -27.96
CA ALA A 125 -4.17 19.13 -26.70
C ALA A 125 -3.86 20.36 -25.88
N ILE A 126 -3.32 21.40 -26.53
CA ILE A 126 -3.13 22.68 -25.89
C ILE A 126 -4.44 23.26 -25.40
N ARG A 127 -5.55 22.86 -26.00
CA ARG A 127 -6.81 23.38 -25.49
C ARG A 127 -7.32 22.65 -24.26
N ILE A 128 -6.49 21.84 -23.59
CA ILE A 128 -6.89 21.23 -22.32
C ILE A 128 -6.41 22.12 -21.19
N ARG A 129 -7.01 21.97 -20.02
CA ARG A 129 -6.65 22.85 -18.91
C ARG A 129 -5.88 22.16 -17.80
N ASP A 130 -5.72 20.84 -17.85
CA ASP A 130 -5.02 20.16 -16.76
C ASP A 130 -3.52 20.13 -17.00
N PRO A 131 -2.71 20.57 -16.03
CA PRO A 131 -1.26 20.49 -16.21
C PRO A 131 -0.76 19.11 -16.51
N LYS A 132 -1.09 18.11 -15.69
CA LYS A 132 -0.62 16.76 -15.97
C LYS A 132 -1.08 16.31 -17.34
N LYS A 133 -2.36 16.48 -17.63
CA LYS A 133 -2.92 16.01 -18.89
C LYS A 133 -2.35 16.78 -20.08
N ARG A 134 -2.18 18.09 -19.93
CA ARG A 134 -1.49 18.87 -20.92
C ARG A 134 -0.13 18.27 -21.23
N PHE A 135 0.67 18.05 -20.18
CA PHE A 135 2.00 17.52 -20.41
C PHE A 135 1.94 16.13 -21.04
N ASN A 136 0.96 15.34 -20.65
CA ASN A 136 0.90 13.97 -21.16
C ASN A 136 0.56 13.96 -22.63
N ALA A 137 -0.41 14.78 -23.04
CA ALA A 137 -0.71 14.90 -24.46
C ALA A 137 0.48 15.42 -25.24
N VAL A 138 1.13 16.46 -24.74
CA VAL A 138 2.27 17.00 -25.46
C VAL A 138 3.33 15.93 -25.61
N TRP A 139 3.62 15.19 -24.53
CA TRP A 139 4.68 14.20 -24.61
C TRP A 139 4.28 13.03 -25.47
N GLN A 140 2.99 12.72 -25.54
CA GLN A 140 2.57 11.61 -26.37
C GLN A 140 2.73 11.97 -27.84
N LEU A 141 2.51 13.24 -28.17
CA LEU A 141 2.88 13.69 -29.51
C LEU A 141 4.38 13.69 -29.74
N CYS A 142 5.15 14.29 -28.84
CA CYS A 142 6.53 14.65 -29.14
C CYS A 142 7.53 13.56 -28.82
N LYS A 143 7.12 12.49 -28.15
CA LYS A 143 7.96 11.31 -28.03
C LYS A 143 8.06 10.57 -29.34
N THR A 144 7.19 10.91 -30.29
CA THR A 144 7.16 10.31 -31.61
C THR A 144 8.22 10.89 -32.54
N LYS A 145 8.38 12.20 -32.51
CA LYS A 145 9.37 12.89 -33.32
C LYS A 145 10.75 12.35 -32.97
N MET A 146 11.62 12.19 -33.95
CA MET A 146 12.96 11.71 -33.69
C MET A 146 14.05 12.64 -34.17
N VAL A 147 13.77 13.45 -35.19
CA VAL A 147 14.71 14.43 -35.70
C VAL A 147 14.12 15.82 -35.50
N CYS A 148 14.92 16.74 -34.96
CA CYS A 148 14.39 18.03 -34.53
C CYS A 148 13.76 18.80 -35.67
N GLU A 149 13.16 19.93 -35.32
CA GLU A 149 12.87 20.93 -36.34
C GLU A 149 13.72 22.17 -36.08
N ALA A 150 14.61 22.47 -37.02
CA ALA A 150 15.05 23.84 -37.15
C ALA A 150 13.89 24.74 -37.50
N ASP A 151 13.20 24.42 -38.60
CA ASP A 151 12.03 25.14 -39.06
C ASP A 151 10.90 25.05 -38.04
N ALA A 152 9.90 25.91 -38.17
CA ALA A 152 8.65 25.68 -37.46
C ALA A 152 7.99 24.41 -37.98
N PRO A 153 7.85 23.36 -37.16
CA PRO A 153 7.57 21.97 -37.54
C PRO A 153 6.39 21.79 -38.49
N SER A 164 13.24 29.20 -39.31
CA SER A 164 13.61 28.18 -38.32
C SER A 164 12.96 28.49 -36.99
N ARG A 165 12.20 27.52 -36.45
CA ARG A 165 11.54 27.68 -35.17
C ARG A 165 12.52 27.88 -34.02
N GLY A 166 13.80 27.58 -34.22
CA GLY A 166 14.78 27.68 -33.17
C GLY A 166 15.76 26.52 -33.15
N GLY A 167 15.27 25.31 -33.36
CA GLY A 167 16.15 24.17 -33.48
C GLY A 167 17.15 24.38 -34.59
N CYS A 168 18.19 23.55 -34.58
CA CYS A 168 19.24 23.67 -35.58
C CYS A 168 19.01 22.80 -36.81
N GLY A 169 18.07 21.87 -36.73
CA GLY A 169 17.85 20.88 -37.75
C GLY A 169 18.43 19.54 -37.42
N ASN A 170 19.47 19.49 -36.59
CA ASN A 170 20.01 18.21 -36.17
C ASN A 170 18.95 17.41 -35.44
N THR A 171 19.17 16.10 -35.36
CA THR A 171 18.19 15.21 -34.78
C THR A 171 18.00 15.51 -33.30
N GLN A 172 17.06 14.81 -32.69
CA GLN A 172 16.96 14.82 -31.25
C GLN A 172 17.28 13.44 -30.69
N PRO A 173 18.05 13.37 -29.62
CA PRO A 173 18.59 12.09 -29.18
C PRO A 173 17.51 11.24 -28.56
N VAL A 174 17.91 10.02 -28.20
CA VAL A 174 17.11 9.15 -27.34
C VAL A 174 17.64 9.35 -25.93
N VAL A 175 16.80 9.82 -25.03
CA VAL A 175 17.17 10.15 -23.66
C VAL A 175 16.70 9.03 -22.75
N ARG A 176 17.63 8.43 -22.01
CA ARG A 176 17.33 7.39 -21.05
C ARG A 176 17.69 7.84 -19.64
N LYS A 177 17.11 7.16 -18.66
CA LYS A 177 17.52 7.30 -17.27
C LYS A 177 18.45 6.16 -16.96
N ASP A 178 19.49 6.42 -16.16
CA ASP A 178 20.35 5.34 -15.70
C ASP A 178 21.15 5.87 -14.51
N GLY A 179 20.76 5.45 -13.32
CA GLY A 179 21.36 5.99 -12.11
C GLY A 179 21.05 7.47 -12.02
N MET A 180 22.03 8.25 -11.57
CA MET A 180 21.89 9.70 -11.61
C MET A 180 22.29 10.24 -12.98
N LYS A 181 22.48 9.35 -13.94
CA LYS A 181 23.14 9.68 -15.19
C LYS A 181 22.13 9.62 -16.34
N LEU A 182 22.24 10.56 -17.25
CA LEU A 182 21.36 10.61 -18.40
C LEU A 182 22.12 10.26 -19.67
N TRP A 183 21.78 9.11 -20.24
CA TRP A 183 22.43 8.65 -21.46
C TRP A 183 21.62 9.13 -22.65
N GLY A 184 22.30 9.84 -23.55
CA GLY A 184 21.71 10.24 -24.80
C GLY A 184 22.35 9.50 -25.96
N THR A 185 21.53 8.86 -26.77
CA THR A 185 21.99 8.11 -27.92
C THR A 185 21.37 8.74 -29.17
N TRP A 186 22.18 9.49 -29.89
CA TRP A 186 21.77 9.92 -31.22
C TRP A 186 21.98 8.80 -32.22
N LYS A 187 21.56 9.05 -33.45
CA LYS A 187 22.06 8.31 -34.60
C LYS A 187 23.07 9.16 -35.38
N LYS A 188 24.07 9.68 -34.67
CA LYS A 188 24.87 10.78 -35.21
C LYS A 188 25.55 10.39 -36.51
N SER A 189 24.99 10.89 -37.61
CA SER A 189 25.60 10.77 -38.93
C SER A 189 26.88 11.61 -38.96
N ARG A 194 22.45 8.22 -42.77
CA ARG A 194 21.50 8.51 -41.71
C ARG A 194 21.98 7.95 -40.37
N ASP A 195 22.20 6.64 -40.31
CA ASP A 195 22.71 6.02 -39.09
C ASP A 195 24.24 5.94 -39.12
N ALA A 196 24.87 6.40 -38.03
CA ALA A 196 26.30 6.25 -37.84
C ALA A 196 26.57 6.20 -36.34
N GLN A 197 27.83 6.39 -35.96
CA GLN A 197 28.28 6.22 -34.58
C GLN A 197 27.46 7.04 -33.58
N PRO A 198 26.70 6.38 -32.72
CA PRO A 198 25.91 7.10 -31.71
C PRO A 198 26.78 7.58 -30.57
N GLU A 199 26.87 8.92 -30.41
CA GLU A 199 27.60 9.51 -29.28
C GLU A 199 26.78 9.32 -28.01
N ARG A 200 26.59 8.07 -27.62
CA ARG A 200 25.87 7.82 -26.38
C ARG A 200 26.67 8.42 -25.24
N LYS A 201 26.15 9.50 -24.69
CA LYS A 201 26.96 10.38 -23.87
C LYS A 201 26.15 10.92 -22.71
N LEU A 202 26.87 11.55 -21.80
CA LEU A 202 26.28 12.03 -20.57
C LEU A 202 25.72 13.43 -20.76
N LEU A 203 24.41 13.56 -20.65
CA LEU A 203 23.78 14.86 -20.75
C LEU A 203 24.05 15.62 -19.46
N THR A 204 24.93 16.60 -19.53
CA THR A 204 25.50 17.15 -18.33
C THR A 204 24.50 18.08 -17.62
N PRO A 205 24.62 18.22 -16.31
CA PRO A 205 23.76 19.17 -15.59
C PRO A 205 23.86 20.57 -16.13
N GLY A 206 25.07 21.13 -16.24
CA GLY A 206 25.17 22.51 -16.65
C GLY A 206 24.63 22.77 -18.04
N GLU A 207 24.88 21.85 -18.97
CA GLU A 207 24.43 22.06 -20.34
C GLU A 207 22.92 22.08 -20.40
N ILE A 208 22.27 21.08 -19.81
CA ILE A 208 20.82 21.09 -19.74
C ILE A 208 20.32 22.31 -19.00
N LEU A 209 21.12 22.84 -18.06
CA LEU A 209 20.65 24.02 -17.34
C LEU A 209 20.58 25.22 -18.25
N ASN A 210 21.67 25.51 -18.96
CA ASN A 210 21.61 26.59 -19.92
C ASN A 210 20.52 26.33 -20.96
N VAL A 211 20.27 25.07 -21.28
CA VAL A 211 19.24 24.78 -22.28
C VAL A 211 17.88 25.20 -21.77
N PHE A 212 17.51 24.77 -20.58
CA PHE A 212 16.21 25.16 -20.06
C PHE A 212 16.13 26.67 -19.89
N LYS A 213 17.24 27.33 -19.56
CA LYS A 213 17.17 28.77 -19.34
C LYS A 213 16.79 29.56 -20.59
N HIS A 214 16.49 28.92 -21.71
CA HIS A 214 16.28 29.64 -22.96
C HIS A 214 14.82 29.64 -23.40
N ILE A 215 13.88 29.19 -22.59
CA ILE A 215 12.54 28.87 -23.08
C ILE A 215 11.59 30.00 -22.70
N SER A 216 10.97 30.61 -23.71
CA SER A 216 10.03 31.68 -23.47
C SER A 216 8.77 31.12 -22.86
N PRO A 217 7.90 31.98 -22.31
CA PRO A 217 6.63 31.48 -21.76
C PRO A 217 5.80 30.70 -22.75
N GLU A 218 6.22 30.57 -24.00
CA GLU A 218 5.37 29.93 -24.99
C GLU A 218 5.41 28.41 -24.85
N ASP A 219 6.53 27.79 -25.23
CA ASP A 219 6.69 26.36 -24.94
C ASP A 219 6.73 26.09 -23.45
N CYS A 220 7.09 27.08 -22.65
CA CYS A 220 6.95 26.92 -21.20
C CYS A 220 5.51 26.61 -20.84
N PHE A 221 4.59 27.53 -21.13
CA PHE A 221 3.22 27.30 -20.76
C PHE A 221 2.65 26.07 -21.44
N ARG A 222 3.12 25.75 -22.65
CA ARG A 222 2.61 24.54 -23.28
C ARG A 222 2.99 23.30 -22.49
N LEU A 223 4.18 23.25 -21.92
CA LEU A 223 4.53 22.03 -21.20
C LEU A 223 3.73 21.86 -19.93
N GLY A 224 2.86 22.81 -19.62
CA GLY A 224 2.08 22.70 -18.41
C GLY A 224 2.81 23.05 -17.14
N PHE A 225 4.01 23.57 -17.25
CA PHE A 225 4.71 24.17 -16.14
C PHE A 225 4.05 25.49 -15.83
N ASN A 226 4.70 26.34 -15.06
CA ASN A 226 4.12 27.66 -14.91
C ASN A 226 5.19 28.63 -14.49
N GLU A 227 5.49 29.58 -15.38
CA GLU A 227 6.65 30.45 -15.20
C GLU A 227 6.74 30.98 -13.79
N ASP A 228 5.78 31.79 -13.39
CA ASP A 228 5.94 32.59 -12.19
C ASP A 228 5.89 31.78 -10.91
N TYR A 229 5.65 30.51 -10.98
CA TYR A 229 5.86 29.74 -9.76
C TYR A 229 6.64 28.47 -10.00
N ALA A 230 6.56 27.90 -11.20
CA ALA A 230 7.17 26.59 -11.47
C ALA A 230 7.92 26.67 -12.79
N ARG A 231 9.23 26.82 -12.70
CA ARG A 231 10.05 27.14 -13.84
C ARG A 231 10.79 25.91 -14.28
N PRO A 232 10.88 25.63 -15.55
CA PRO A 232 11.49 24.36 -15.97
C PRO A 232 13.00 24.32 -15.85
N GLU A 233 13.65 25.41 -15.52
CA GLU A 233 15.09 25.34 -15.26
C GLU A 233 15.43 25.43 -13.79
N TRP A 234 14.44 25.45 -12.91
CA TRP A 234 14.73 25.37 -11.49
C TRP A 234 14.71 23.95 -10.98
N MET A 235 14.42 22.99 -11.84
CA MET A 235 14.49 21.60 -11.45
C MET A 235 15.88 21.09 -11.40
N ILE A 236 16.87 21.96 -11.38
CA ILE A 236 18.24 21.55 -11.17
C ILE A 236 18.85 22.46 -10.13
N ILE A 237 19.25 21.86 -9.00
CA ILE A 237 19.64 22.61 -7.82
C ILE A 237 20.88 23.42 -8.18
N THR A 238 20.85 24.70 -7.88
CA THR A 238 22.08 25.47 -8.00
C THR A 238 22.70 25.75 -6.66
N VAL A 239 21.96 26.37 -5.75
CA VAL A 239 22.49 26.74 -4.46
C VAL A 239 21.60 26.11 -3.39
N LEU A 240 22.05 24.99 -2.83
CA LEU A 240 21.27 24.19 -1.90
C LEU A 240 21.00 24.94 -0.62
N PRO A 241 19.77 25.14 -0.22
CA PRO A 241 19.50 25.81 1.05
C PRO A 241 19.86 24.90 2.21
N VAL A 242 20.01 25.51 3.38
CA VAL A 242 20.45 24.82 4.58
C VAL A 242 19.46 25.11 5.70
N PRO A 243 18.97 24.11 6.40
CA PRO A 243 17.94 24.31 7.40
C PRO A 243 18.51 24.77 8.72
N PRO A 244 17.87 25.72 9.39
CA PRO A 244 18.32 26.19 10.69
C PRO A 244 18.37 25.03 11.67
N PRO A 245 19.08 25.17 12.79
CA PRO A 245 19.32 24.02 13.65
C PRO A 245 18.07 23.42 14.29
N GLN A 246 16.94 24.12 14.34
CA GLN A 246 15.74 23.48 14.88
C GLN A 246 15.41 22.20 14.16
N VAL A 247 15.54 22.19 12.84
CA VAL A 247 15.29 20.97 12.10
C VAL A 247 16.33 19.91 12.40
N ARG A 248 17.49 20.30 12.85
CA ARG A 248 18.42 19.20 13.06
C ARG A 248 19.12 19.37 14.40
N PRO A 249 18.38 19.59 15.47
CA PRO A 249 19.03 19.89 16.75
C PRO A 249 19.86 18.69 17.18
N SER A 250 21.13 18.96 17.43
CA SER A 250 22.02 17.88 17.78
C SER A 250 21.66 17.35 19.15
N ILE A 251 21.41 16.04 19.21
CA ILE A 251 21.16 15.37 20.48
C ILE A 251 22.48 15.20 21.20
N ALA A 252 22.44 15.32 22.52
CA ALA A 252 23.63 15.13 23.34
C ALA A 252 23.91 13.64 23.49
N MET A 253 25.04 13.18 22.92
CA MET A 253 25.43 11.77 22.94
C MET A 253 25.32 11.23 24.36
N ASP A 254 26.10 11.80 25.28
CA ASP A 254 25.91 11.57 26.71
C ASP A 254 25.93 12.91 27.43
N GLU A 255 24.84 13.67 27.26
CA GLU A 255 24.55 14.93 27.96
C GLU A 255 25.69 15.94 27.97
N THR A 256 26.81 15.62 27.34
CA THR A 256 27.92 16.56 27.20
C THR A 256 28.51 16.51 25.79
N THR A 257 28.47 15.33 25.17
CA THR A 257 28.96 15.11 23.82
C THR A 257 27.80 15.23 22.85
N GLN A 258 27.92 16.10 21.87
CA GLN A 258 26.80 16.39 20.98
C GLN A 258 26.82 15.42 19.80
N GLY A 259 26.11 14.30 19.97
CA GLY A 259 25.96 13.37 18.87
C GLY A 259 25.10 13.97 17.78
N GLN A 260 25.75 14.40 16.70
CA GLN A 260 25.13 15.29 15.74
C GLN A 260 23.96 14.65 15.02
N ASP A 261 22.95 15.48 14.79
CA ASP A 261 21.80 15.11 13.99
C ASP A 261 22.26 14.80 12.58
N ASP A 262 21.71 13.72 12.00
CA ASP A 262 22.23 13.20 10.74
C ASP A 262 22.20 14.21 9.60
N LEU A 263 21.32 15.20 9.66
CA LEU A 263 21.37 16.28 8.69
C LEU A 263 22.69 17.04 8.79
N THR A 264 23.15 17.29 10.02
CA THR A 264 24.42 17.97 10.16
C THR A 264 25.55 17.17 9.51
N HIS A 265 25.58 15.85 9.69
CA HIS A 265 26.62 15.08 9.04
C HIS A 265 26.48 15.08 7.52
N LYS A 266 25.27 14.92 7.02
CA LYS A 266 25.17 14.92 5.57
C LYS A 266 25.56 16.27 5.00
N LEU A 267 25.25 17.35 5.71
CA LEU A 267 25.70 18.65 5.22
C LEU A 267 27.20 18.78 5.29
N SER A 268 27.83 18.21 6.31
CA SER A 268 29.28 18.25 6.37
C SER A 268 29.90 17.53 5.17
N ASP A 269 29.37 16.37 4.82
CA ASP A 269 29.94 15.64 3.69
C ASP A 269 29.70 16.38 2.39
N ILE A 270 28.53 17.02 2.26
CA ILE A 270 28.31 17.88 1.10
C ILE A 270 29.30 19.03 1.07
N LEU A 271 29.52 19.68 2.19
CA LEU A 271 30.39 20.85 2.15
C LEU A 271 31.83 20.45 1.86
N LYS A 272 32.28 19.32 2.41
CA LYS A 272 33.59 18.81 2.05
C LYS A 272 33.69 18.55 0.55
N ALA A 273 32.79 17.73 0.01
CA ALA A 273 32.91 17.44 -1.41
C ALA A 273 32.73 18.70 -2.25
N ASN A 274 31.99 19.68 -1.76
CA ASN A 274 31.89 20.95 -2.45
C ASN A 274 33.26 21.58 -2.60
N ILE A 275 33.93 21.82 -1.49
CA ILE A 275 35.23 22.47 -1.60
C ILE A 275 36.19 21.62 -2.41
N ASN A 276 36.14 20.31 -2.26
CA ASN A 276 37.05 19.46 -2.99
C ASN A 276 36.66 19.27 -4.46
N VAL A 277 35.50 19.78 -4.86
CA VAL A 277 35.26 20.01 -6.29
C VAL A 277 35.88 21.33 -6.71
N GLN A 278 35.62 22.40 -5.95
CA GLN A 278 36.19 23.68 -6.36
C GLN A 278 37.68 23.61 -6.58
N LYS A 279 38.44 23.11 -5.62
CA LYS A 279 39.89 23.23 -5.71
C LYS A 279 40.45 22.58 -6.96
N LEU A 280 39.74 21.66 -7.58
CA LEU A 280 40.32 21.05 -8.77
C LEU A 280 40.34 22.00 -9.96
N GLU A 281 39.27 22.75 -10.21
CA GLU A 281 39.37 23.62 -11.37
C GLU A 281 40.22 24.86 -11.09
N MET A 282 41.04 24.83 -10.05
CA MET A 282 42.13 25.78 -9.89
C MET A 282 43.48 25.10 -9.76
N ASP A 283 43.62 23.89 -10.31
CA ASP A 283 44.92 23.20 -10.34
C ASP A 283 44.82 21.98 -11.25
N GLY A 284 45.85 21.15 -11.23
CA GLY A 284 46.00 20.02 -12.12
C GLY A 284 45.22 18.77 -11.72
N SER A 285 44.73 18.04 -12.72
CA SER A 285 43.77 16.97 -12.50
C SER A 285 43.57 16.18 -13.80
N PRO A 286 43.61 14.84 -13.77
CA PRO A 286 43.55 14.06 -15.02
C PRO A 286 42.16 13.87 -15.57
N GLN A 287 41.29 14.86 -15.38
CA GLN A 287 40.02 14.99 -16.07
C GLN A 287 39.08 13.80 -15.83
N HIS A 288 39.54 12.80 -15.10
CA HIS A 288 38.64 11.78 -14.61
C HIS A 288 38.42 11.88 -13.12
N ILE A 289 39.43 12.25 -12.35
CA ILE A 289 39.23 12.57 -10.95
C ILE A 289 38.31 13.78 -10.81
N ILE A 290 38.43 14.74 -11.72
CA ILE A 290 37.48 15.86 -11.73
C ILE A 290 36.06 15.33 -11.75
N ASN A 291 35.76 14.52 -12.76
CA ASN A 291 34.43 13.98 -12.91
C ASN A 291 34.05 13.14 -11.69
N GLU A 292 35.02 12.48 -11.08
CA GLU A 292 34.67 11.68 -9.93
C GLU A 292 34.28 12.56 -8.76
N VAL A 293 35.00 13.65 -8.52
CA VAL A 293 34.64 14.47 -7.39
C VAL A 293 33.32 15.17 -7.66
N GLU A 294 33.08 15.52 -8.92
CA GLU A 294 31.77 16.06 -9.29
C GLU A 294 30.66 15.07 -8.98
N GLN A 295 30.76 13.87 -9.54
CA GLN A 295 29.76 12.85 -9.32
C GLN A 295 29.61 12.54 -7.85
N LEU A 296 30.67 12.72 -7.07
CA LEU A 296 30.56 12.56 -5.63
C LEU A 296 29.68 13.62 -5.01
N LEU A 297 29.93 14.88 -5.33
CA LEU A 297 29.05 15.93 -4.84
C LEU A 297 27.61 15.59 -5.20
N GLN A 298 27.42 15.13 -6.43
CA GLN A 298 26.08 14.75 -6.84
C GLN A 298 25.51 13.70 -5.93
N PHE A 299 26.32 12.69 -5.61
CA PHE A 299 25.86 11.57 -4.81
C PHE A 299 25.46 12.02 -3.42
N HIS A 300 26.20 12.95 -2.84
CA HIS A 300 25.80 13.46 -1.53
C HIS A 300 24.54 14.28 -1.59
N VAL A 301 24.40 15.17 -2.57
CA VAL A 301 23.14 15.89 -2.63
C VAL A 301 22.01 14.93 -2.87
N ALA A 302 22.26 13.84 -3.58
CA ALA A 302 21.21 12.86 -3.80
C ALA A 302 20.82 12.21 -2.49
N THR A 303 21.74 11.46 -1.89
CA THR A 303 21.42 10.79 -0.65
C THR A 303 20.88 11.73 0.42
N TYR A 304 21.15 13.03 0.32
CA TYR A 304 20.58 13.97 1.28
C TYR A 304 19.11 14.19 1.03
N MET A 305 18.69 14.30 -0.22
CA MET A 305 17.27 14.44 -0.50
C MET A 305 16.58 13.09 -0.65
N ASP A 306 17.29 11.99 -0.41
CA ASP A 306 16.68 10.65 -0.40
C ASP A 306 17.74 9.62 -0.02
N ASN A 307 17.36 8.62 0.75
CA ASN A 307 18.19 7.42 0.83
C ASN A 307 17.40 6.20 0.41
N ASP A 308 16.55 6.38 -0.60
CA ASP A 308 15.78 5.27 -1.18
C ASP A 308 16.05 5.12 -2.66
N ILE A 309 17.14 5.70 -3.15
CA ILE A 309 17.46 5.58 -4.57
C ILE A 309 17.72 4.11 -4.90
N ALA A 310 17.07 3.63 -5.96
CA ALA A 310 17.29 2.27 -6.41
C ALA A 310 18.67 2.12 -7.02
N GLY A 311 19.05 0.88 -7.30
CA GLY A 311 20.26 0.62 -8.01
C GLY A 311 21.53 0.85 -7.24
N GLN A 312 21.49 1.59 -6.18
CA GLN A 312 22.77 1.82 -5.55
C GLN A 312 22.78 1.32 -4.12
N PRO A 313 23.95 1.15 -3.52
CA PRO A 313 23.98 0.89 -2.09
C PRO A 313 23.58 2.14 -1.31
N GLN A 314 22.77 1.92 -0.29
CA GLN A 314 22.35 2.99 0.59
C GLN A 314 23.55 3.58 1.31
N ALA A 315 23.68 4.90 1.22
CA ALA A 315 24.79 5.58 1.87
C ALA A 315 24.66 5.43 3.37
N LEU A 316 25.76 5.05 4.02
CA LEU A 316 25.69 4.49 5.36
C LEU A 316 26.06 5.54 6.41
N GLN A 317 25.62 5.30 7.63
CA GLN A 317 26.20 5.95 8.80
C GLN A 317 27.49 5.24 9.18
N LYS A 318 28.14 5.75 10.23
CA LYS A 318 29.38 5.19 10.73
C LYS A 318 29.12 4.00 11.62
N SER A 319 28.05 3.26 11.38
CA SER A 319 27.60 2.24 12.30
C SER A 319 27.11 0.97 11.64
N GLY A 320 26.63 1.02 10.40
CA GLY A 320 26.02 -0.13 9.77
C GLY A 320 24.56 0.03 9.43
N ARG A 321 23.94 1.11 9.85
CA ARG A 321 22.56 1.40 9.53
C ARG A 321 22.47 2.50 8.50
N PRO A 322 21.40 2.55 7.72
CA PRO A 322 21.27 3.59 6.70
C PRO A 322 21.03 4.96 7.32
N VAL A 323 21.24 5.96 6.51
CA VAL A 323 21.18 7.35 6.92
C VAL A 323 19.77 7.87 6.74
N LYS A 324 19.26 8.57 7.74
CA LYS A 324 17.92 9.15 7.68
C LYS A 324 17.93 10.34 6.71
N ALA A 325 17.26 10.19 5.58
CA ALA A 325 17.18 11.30 4.64
C ALA A 325 16.25 12.40 5.13
N ILE A 326 15.78 13.26 4.24
CA ILE A 326 14.55 13.99 4.49
C ILE A 326 13.36 13.22 3.94
N ARG A 327 13.57 12.39 2.93
CA ARG A 327 12.47 11.58 2.43
C ARG A 327 11.99 10.59 3.46
N ALA A 328 12.89 9.78 4.02
CA ALA A 328 12.46 8.83 5.02
C ALA A 328 11.82 9.50 6.22
N ARG A 329 11.94 10.81 6.34
CA ARG A 329 11.26 11.48 7.42
C ARG A 329 9.86 11.92 7.06
N LEU A 330 9.41 11.67 5.85
CA LEU A 330 8.03 12.06 5.59
C LEU A 330 7.11 10.89 5.30
N LYS A 331 7.64 9.75 4.91
CA LYS A 331 6.81 8.65 4.44
C LYS A 331 6.51 7.69 5.58
N GLY A 332 6.08 6.49 5.21
CA GLY A 332 5.98 5.39 6.13
C GLY A 332 4.91 5.59 7.19
N LYS A 333 4.86 4.65 8.13
CA LYS A 333 3.90 4.76 9.21
C LYS A 333 4.30 5.86 10.18
N GLU A 334 5.55 6.31 10.13
CA GLU A 334 6.11 7.15 11.16
C GLU A 334 6.75 8.43 10.62
N GLY A 335 6.19 8.98 9.56
CA GLY A 335 6.76 10.17 8.97
C GLY A 335 6.46 11.40 9.79
N ARG A 336 6.08 12.46 9.08
CA ARG A 336 5.55 13.65 9.73
C ARG A 336 4.04 13.76 9.60
N LEU A 337 3.52 13.44 8.42
CA LEU A 337 2.06 13.48 8.27
C LEU A 337 1.42 12.29 9.00
N ARG A 338 1.67 11.07 8.53
CA ARG A 338 1.23 9.94 9.32
C ARG A 338 1.93 9.91 10.68
N GLY A 339 2.92 10.78 10.87
CA GLY A 339 3.73 10.75 12.06
C GLY A 339 3.37 11.80 13.09
N ASN A 340 3.08 13.02 12.68
CA ASN A 340 2.76 14.05 13.67
C ASN A 340 1.77 15.11 13.21
N LEU A 341 1.38 15.16 11.94
CA LEU A 341 0.38 16.14 11.54
C LEU A 341 -0.98 15.50 11.32
N MET A 342 -1.05 14.25 10.89
CA MET A 342 -2.32 13.54 10.92
C MET A 342 -2.76 13.33 12.36
N GLY A 343 -2.02 12.50 13.08
CA GLY A 343 -2.35 12.21 14.46
C GLY A 343 -1.11 12.29 15.33
N LYS A 344 -1.26 12.97 16.45
CA LYS A 344 -0.14 13.30 17.27
C LYS A 344 -0.48 12.94 18.70
N ARG A 345 0.53 12.74 19.53
CA ARG A 345 0.31 12.61 20.95
C ARG A 345 -0.27 13.92 21.45
N VAL A 346 -1.02 13.87 22.53
CA VAL A 346 -1.61 15.08 23.10
C VAL A 346 -1.63 14.99 24.62
N ASP A 347 -2.26 15.98 25.22
CA ASP A 347 -2.21 16.18 26.65
C ASP A 347 -3.58 16.15 27.28
N PHE A 348 -3.59 16.29 28.60
CA PHE A 348 -4.77 16.10 29.39
C PHE A 348 -5.46 14.81 29.01
N SER A 349 -4.67 13.76 28.87
CA SER A 349 -5.24 12.46 28.64
C SER A 349 -5.21 11.67 29.92
N ALA A 350 -5.48 10.38 29.81
CA ALA A 350 -5.24 9.41 30.86
C ALA A 350 -5.64 8.05 30.32
N ARG A 351 -4.90 7.03 30.73
CA ARG A 351 -5.11 5.65 30.34
C ARG A 351 -5.43 4.91 31.61
N THR A 352 -5.86 3.65 31.52
CA THR A 352 -5.93 2.81 32.71
C THR A 352 -6.44 1.42 32.38
N VAL A 353 -6.78 0.67 33.42
CA VAL A 353 -7.64 -0.50 33.32
C VAL A 353 -9.03 -0.11 33.84
N ILE A 354 -10.07 -0.64 33.21
CA ILE A 354 -11.44 -0.24 33.47
C ILE A 354 -12.18 -1.29 34.28
N SER A 355 -13.33 -0.92 34.85
CA SER A 355 -14.11 -1.85 35.65
C SER A 355 -15.60 -1.49 35.64
N GLY A 356 -16.43 -2.53 35.74
CA GLY A 356 -17.85 -2.37 35.53
C GLY A 356 -18.62 -2.28 36.82
N ASP A 357 -19.69 -1.49 36.79
CA ASP A 357 -20.28 -1.13 38.07
C ASP A 357 -21.73 -0.69 37.93
N PRO A 358 -22.65 -1.64 37.97
CA PRO A 358 -24.05 -1.36 37.62
C PRO A 358 -24.73 -0.31 38.45
N ASN A 359 -24.12 0.25 39.49
CA ASN A 359 -24.87 1.14 40.38
C ASN A 359 -24.72 2.61 39.97
N LEU A 360 -24.72 2.81 38.66
CA LEU A 360 -24.46 4.11 38.08
C LEU A 360 -25.65 4.45 37.21
N GLU A 361 -25.61 5.62 36.60
CA GLU A 361 -26.53 5.85 35.50
C GLU A 361 -25.96 5.20 34.25
N LEU A 362 -26.41 5.67 33.10
CA LEU A 362 -25.78 5.20 31.86
C LEU A 362 -24.72 6.15 31.36
N ASP A 363 -24.99 7.44 31.39
CA ASP A 363 -24.05 8.43 30.90
C ASP A 363 -23.13 8.91 32.02
N GLN A 364 -22.57 7.99 32.79
CA GLN A 364 -21.56 8.35 33.75
C GLN A 364 -20.36 7.43 33.68
N VAL A 365 -19.20 7.95 34.06
CA VAL A 365 -17.94 7.20 34.06
C VAL A 365 -17.22 7.50 35.36
N GLY A 366 -16.51 6.51 35.88
CA GLY A 366 -15.94 6.67 37.20
C GLY A 366 -14.43 6.86 37.17
N VAL A 367 -14.00 8.04 37.59
CA VAL A 367 -12.59 8.41 37.63
C VAL A 367 -12.07 8.17 39.04
N PRO A 368 -10.92 7.52 39.22
CA PRO A 368 -10.32 7.42 40.54
C PRO A 368 -9.92 8.78 41.06
N ILE A 369 -9.68 8.89 42.36
CA ILE A 369 -9.47 10.23 42.89
C ILE A 369 -8.15 10.81 42.41
N SER A 370 -7.13 9.98 42.26
CA SER A 370 -5.85 10.55 41.85
C SER A 370 -5.95 11.18 40.48
N ILE A 371 -6.38 10.40 39.48
CA ILE A 371 -6.50 10.96 38.15
C ILE A 371 -7.33 12.22 38.17
N ALA A 372 -8.29 12.33 39.07
CA ALA A 372 -9.04 13.57 39.15
C ALA A 372 -8.21 14.71 39.73
N LYS A 373 -7.30 14.43 40.65
CA LYS A 373 -6.52 15.53 41.18
C LYS A 373 -5.38 15.90 40.25
N THR A 374 -4.96 14.98 39.39
CA THR A 374 -3.88 15.26 38.45
C THR A 374 -4.35 16.14 37.31
N LEU A 375 -5.34 15.70 36.56
CA LEU A 375 -5.86 16.50 35.47
C LEU A 375 -6.47 17.78 36.01
N SER A 376 -7.01 18.58 35.11
CA SER A 376 -7.68 19.78 35.54
C SER A 376 -8.53 20.31 34.40
N TYR A 377 -9.51 21.10 34.76
CA TYR A 377 -10.40 21.76 33.88
C TYR A 377 -10.15 23.22 34.15
N PRO A 378 -9.97 24.01 33.16
CA PRO A 378 -9.88 25.45 33.39
C PRO A 378 -11.21 26.16 33.40
N GLU A 379 -11.63 26.56 34.58
CA GLU A 379 -12.85 27.32 34.74
C GLU A 379 -12.55 28.80 34.88
N THR A 380 -13.36 29.62 34.25
CA THR A 380 -13.18 31.06 34.35
C THR A 380 -14.11 31.61 35.42
N VAL A 381 -13.64 32.63 36.14
CA VAL A 381 -14.40 33.17 37.28
C VAL A 381 -15.48 34.08 36.73
N THR A 382 -16.62 34.13 37.39
CA THR A 382 -17.74 34.94 36.94
C THR A 382 -18.29 35.77 38.08
N GLN A 383 -19.37 36.49 37.81
CA GLN A 383 -20.11 37.16 38.86
C GLN A 383 -21.11 36.25 39.53
N TYR A 384 -20.87 34.94 39.52
CA TYR A 384 -21.72 34.03 40.26
C TYR A 384 -20.95 33.05 41.11
N ASN A 385 -19.72 32.71 40.74
CA ASN A 385 -19.15 31.51 41.33
C ASN A 385 -17.75 31.74 41.86
N ILE A 386 -17.47 32.90 42.45
CA ILE A 386 -16.21 33.06 43.12
C ILE A 386 -16.14 32.15 44.34
N HIS A 387 -17.29 31.75 44.85
CA HIS A 387 -17.32 31.10 46.14
C HIS A 387 -16.70 29.72 46.07
N ARG A 388 -17.29 28.83 45.28
CA ARG A 388 -16.72 27.50 45.14
C ARG A 388 -15.27 27.56 44.69
N LEU A 389 -14.93 28.55 43.89
CA LEU A 389 -13.57 28.62 43.40
C LEU A 389 -12.60 28.94 44.53
N THR A 390 -12.92 29.92 45.36
CA THR A 390 -12.09 30.13 46.54
C THR A 390 -12.00 28.86 47.36
N GLU A 391 -13.11 28.12 47.43
CA GLU A 391 -13.07 26.86 48.14
C GLU A 391 -12.03 25.92 47.56
N TYR A 392 -11.96 25.83 46.24
CA TYR A 392 -11.03 24.90 45.63
C TYR A 392 -9.62 25.38 45.85
N VAL A 393 -9.44 26.69 45.84
CA VAL A 393 -8.18 27.29 46.27
C VAL A 393 -7.77 26.71 47.60
N ARG A 394 -8.63 26.83 48.59
CA ARG A 394 -8.25 26.43 49.94
C ARG A 394 -8.01 24.94 50.06
N ASN A 395 -8.82 24.10 49.41
CA ASN A 395 -8.46 22.70 49.39
C ASN A 395 -7.12 22.50 48.72
N GLY A 396 -6.68 23.47 47.94
CA GLY A 396 -5.33 23.44 47.44
C GLY A 396 -5.12 22.32 46.46
N PRO A 397 -3.88 21.89 46.30
CA PRO A 397 -3.50 21.04 45.18
C PRO A 397 -3.33 19.57 45.51
N ASN A 398 -3.67 19.14 46.70
CA ASN A 398 -3.47 17.73 47.02
C ASN A 398 -4.61 17.16 47.82
N GLU A 399 -5.63 17.97 48.11
CA GLU A 399 -6.81 17.50 48.80
C GLU A 399 -8.00 17.82 47.92
N HIS A 400 -8.52 16.84 47.25
CA HIS A 400 -9.73 17.03 46.46
C HIS A 400 -10.91 17.34 47.37
N PRO A 401 -11.82 18.22 46.96
CA PRO A 401 -11.96 18.93 45.69
C PRO A 401 -11.06 20.14 45.59
N GLY A 402 -9.99 20.08 44.82
CA GLY A 402 -8.96 21.10 44.95
C GLY A 402 -8.52 21.76 43.68
N ALA A 403 -7.57 22.70 43.78
CA ALA A 403 -7.16 23.53 42.65
C ALA A 403 -5.66 23.40 42.43
N LYS A 404 -5.18 23.93 41.30
CA LYS A 404 -3.75 23.92 41.00
C LYS A 404 -3.19 25.23 40.48
N TYR A 405 -3.95 25.99 39.70
CA TYR A 405 -3.43 27.21 39.14
C TYR A 405 -4.50 28.27 39.14
N VAL A 406 -4.13 29.46 39.58
CA VAL A 406 -4.93 30.66 39.43
C VAL A 406 -4.15 31.57 38.51
N ILE A 407 -4.54 31.61 37.25
CA ILE A 407 -3.76 32.30 36.24
C ILE A 407 -4.40 33.65 35.94
N ARG A 408 -3.58 34.70 35.96
CA ARG A 408 -4.08 36.00 35.60
C ARG A 408 -4.43 36.04 34.12
N ASP A 409 -5.19 37.06 33.75
CA ASP A 409 -5.51 37.29 32.35
C ASP A 409 -4.36 37.89 31.57
N ASN A 410 -3.18 38.03 32.17
CA ASN A 410 -1.98 38.44 31.47
C ASN A 410 -1.12 37.28 31.01
N GLY A 411 -1.09 36.19 31.75
CA GLY A 411 -0.28 35.05 31.39
C GLY A 411 0.64 34.64 32.52
N ASP A 412 0.46 35.27 33.66
CA ASP A 412 1.28 35.01 34.83
C ASP A 412 0.62 33.93 35.67
N ARG A 413 1.31 32.81 35.82
CA ARG A 413 0.77 31.66 36.52
C ARG A 413 1.12 31.73 37.99
N ILE A 414 0.13 31.56 38.85
CA ILE A 414 0.32 31.48 40.28
C ILE A 414 0.25 30.00 40.61
N ASP A 415 1.37 29.32 40.48
CA ASP A 415 1.41 27.87 40.67
C ASP A 415 1.21 27.54 42.15
N LEU A 416 0.27 26.64 42.44
CA LEU A 416 -0.17 26.42 43.81
C LEU A 416 0.39 25.16 44.45
N ARG A 417 1.54 24.68 44.01
CA ARG A 417 2.29 23.82 44.90
C ARG A 417 3.37 24.56 45.67
N TYR A 418 3.96 25.60 45.08
CA TYR A 418 5.10 26.30 45.66
C TYR A 418 4.70 27.70 46.10
N HIS A 419 3.50 27.87 46.62
CA HIS A 419 3.07 29.18 47.08
C HIS A 419 2.73 29.04 48.55
N LYS A 420 3.69 29.41 49.41
CA LYS A 420 3.62 29.13 50.83
C LYS A 420 2.38 29.73 51.48
N ARG A 421 1.77 30.72 50.84
CA ARG A 421 0.81 31.60 51.49
C ARG A 421 -0.42 31.77 50.59
N ALA A 422 -0.95 30.64 50.13
CA ALA A 422 -2.07 30.68 49.20
C ALA A 422 -3.23 31.51 49.72
N GLY A 423 -3.40 31.58 51.04
CA GLY A 423 -4.58 32.24 51.59
C GLY A 423 -4.67 33.73 51.31
N ASP A 424 -3.72 34.28 50.57
CA ASP A 424 -3.61 35.73 50.37
C ASP A 424 -4.12 36.17 49.00
N ILE A 425 -5.13 35.51 48.46
CA ILE A 425 -5.48 35.68 47.06
C ILE A 425 -6.97 35.94 46.91
N VAL A 426 -7.34 37.21 46.73
CA VAL A 426 -8.67 37.53 46.26
C VAL A 426 -8.62 37.71 44.76
N LEU A 427 -9.74 37.44 44.10
CA LEU A 427 -9.76 37.22 42.67
C LEU A 427 -10.46 38.37 41.95
N GLN A 428 -10.25 38.42 40.65
CA GLN A 428 -10.87 39.40 39.78
C GLN A 428 -11.76 38.70 38.77
N TYR A 429 -12.82 39.36 38.36
CA TYR A 429 -13.66 38.79 37.32
C TYR A 429 -12.87 38.67 36.03
N GLY A 430 -12.48 37.45 35.69
CA GLY A 430 -11.85 37.20 34.43
C GLY A 430 -10.64 36.30 34.44
N TRP A 431 -10.13 35.94 35.60
CA TRP A 431 -8.96 35.08 35.63
C TRP A 431 -9.34 33.66 35.28
N LYS A 432 -8.35 32.78 35.27
CA LYS A 432 -8.62 31.37 35.05
C LYS A 432 -8.24 30.58 36.29
N VAL A 433 -8.81 29.38 36.42
CA VAL A 433 -8.40 28.40 37.40
C VAL A 433 -8.29 27.05 36.74
N GLU A 434 -7.16 26.39 36.84
CA GLU A 434 -7.14 24.98 36.52
C GLU A 434 -7.57 24.30 37.81
N ARG A 435 -8.87 24.13 37.96
CA ARG A 435 -9.37 23.42 39.11
C ARG A 435 -9.48 21.94 38.81
N HIS A 436 -9.73 21.18 39.85
CA HIS A 436 -9.80 19.74 39.71
C HIS A 436 -11.00 19.35 38.89
N LEU A 437 -11.19 18.05 38.78
CA LEU A 437 -12.20 17.47 37.92
C LEU A 437 -13.34 17.01 38.79
N MET A 438 -14.27 17.91 39.12
CA MET A 438 -15.29 17.57 40.09
C MET A 438 -16.40 16.75 39.43
N ASP A 439 -17.53 16.66 40.13
CA ASP A 439 -18.57 15.75 39.72
C ASP A 439 -19.26 16.22 38.45
N ASP A 440 -19.33 15.32 37.49
CA ASP A 440 -20.12 15.52 36.28
C ASP A 440 -19.60 16.70 35.47
N ASP A 441 -18.36 16.66 35.08
CA ASP A 441 -17.96 17.51 33.99
C ASP A 441 -17.66 16.64 32.80
N PRO A 442 -18.26 16.90 31.65
CA PRO A 442 -18.30 15.87 30.62
C PRO A 442 -16.93 15.56 30.09
N VAL A 443 -16.43 14.39 30.44
CA VAL A 443 -15.18 13.97 29.83
C VAL A 443 -15.51 13.02 28.73
N LEU A 444 -14.52 12.77 27.91
CA LEU A 444 -14.69 11.90 26.78
C LEU A 444 -14.38 10.49 27.20
N PHE A 445 -14.22 9.61 26.24
CA PHE A 445 -13.76 8.26 26.54
C PHE A 445 -13.31 7.71 25.21
N ASN A 446 -12.72 6.53 25.21
CA ASN A 446 -12.27 6.02 23.93
C ASN A 446 -11.80 4.60 24.10
N ARG A 447 -11.39 3.99 23.00
CA ARG A 447 -10.73 2.71 23.05
C ARG A 447 -10.09 2.46 21.72
N GLN A 448 -8.79 2.38 21.68
CA GLN A 448 -8.19 1.83 20.49
C GLN A 448 -8.57 0.37 20.38
N PRO A 449 -8.85 -0.12 19.19
CA PRO A 449 -8.91 0.71 18.01
C PRO A 449 -10.29 1.32 17.89
N SER A 450 -10.46 2.56 17.43
CA SER A 450 -11.80 3.12 17.30
C SER A 450 -12.40 2.78 15.95
N LEU A 451 -13.16 1.70 15.89
CA LEU A 451 -13.63 1.19 14.61
C LEU A 451 -15.03 1.59 14.23
N HIS A 452 -15.67 2.53 14.92
CA HIS A 452 -16.91 3.11 14.46
C HIS A 452 -17.42 4.10 15.47
N LYS A 453 -18.13 5.11 14.99
CA LYS A 453 -18.29 6.34 15.74
C LYS A 453 -18.90 6.13 17.12
N MET A 454 -19.09 4.91 17.57
CA MET A 454 -19.37 4.68 18.98
C MET A 454 -18.13 4.52 19.84
N SER A 455 -17.01 4.10 19.29
CA SER A 455 -15.87 4.02 20.18
C SER A 455 -15.53 5.35 20.82
N MET A 456 -16.33 6.39 20.62
CA MET A 456 -16.12 7.64 21.32
C MET A 456 -17.45 8.25 21.68
N MET A 457 -17.76 8.24 22.94
CA MET A 457 -18.93 8.94 23.40
C MET A 457 -18.49 9.76 24.59
N ALA A 458 -19.22 10.80 24.90
CA ALA A 458 -18.99 11.49 26.14
C ALA A 458 -19.27 10.56 27.31
N HIS A 459 -19.22 11.14 28.50
CA HIS A 459 -19.89 10.56 29.64
C HIS A 459 -20.18 11.70 30.61
N ARG A 460 -20.33 11.36 31.87
CA ARG A 460 -20.20 12.30 32.97
C ARG A 460 -19.36 11.63 34.06
N VAL A 461 -18.82 12.43 34.96
CA VAL A 461 -17.84 11.96 35.92
C VAL A 461 -18.47 11.80 37.28
N LYS A 462 -18.22 10.67 37.92
CA LYS A 462 -18.48 10.50 39.34
C LYS A 462 -17.24 9.89 39.95
N VAL A 463 -16.82 10.42 41.09
CA VAL A 463 -15.47 10.27 41.59
C VAL A 463 -15.43 9.15 42.63
N MET A 464 -14.78 8.05 42.29
CA MET A 464 -14.86 6.85 43.10
C MET A 464 -13.47 6.30 43.36
N PRO A 465 -13.19 5.82 44.54
CA PRO A 465 -11.82 5.48 44.90
C PRO A 465 -11.33 4.17 44.33
N TYR A 466 -10.15 3.70 44.76
CA TYR A 466 -9.65 2.42 44.25
C TYR A 466 -9.39 2.47 42.77
N SER A 467 -8.24 2.98 42.35
CA SER A 467 -8.05 3.51 41.01
C SER A 467 -8.16 2.47 39.89
N THR A 468 -9.37 2.40 39.31
CA THR A 468 -9.62 1.90 37.96
C THR A 468 -10.73 2.74 37.37
N PHE A 469 -11.16 2.42 36.16
CA PHE A 469 -12.26 3.14 35.54
C PHE A 469 -13.59 2.46 35.78
N ARG A 470 -14.56 3.25 36.18
CA ARG A 470 -15.90 2.76 36.34
C ARG A 470 -16.72 3.08 35.10
N LEU A 471 -17.31 2.04 34.54
CA LEU A 471 -18.35 2.11 33.53
C LEU A 471 -19.66 1.66 34.13
N ASN A 472 -20.73 1.89 33.39
CA ASN A 472 -21.98 1.17 33.55
C ASN A 472 -21.95 -0.01 32.60
N LEU A 473 -22.77 -1.01 32.87
CA LEU A 473 -22.70 -2.17 32.01
C LEU A 473 -23.66 -2.19 30.84
N SER A 474 -24.32 -1.10 30.52
CA SER A 474 -24.95 -1.16 29.22
C SER A 474 -23.95 -0.91 28.11
N VAL A 475 -22.79 -0.33 28.40
CA VAL A 475 -21.90 0.18 27.36
C VAL A 475 -20.64 -0.63 27.27
N THR A 476 -20.75 -1.94 27.29
CA THR A 476 -19.60 -2.73 26.91
C THR A 476 -19.65 -3.05 25.45
N SER A 477 -20.82 -2.96 24.84
CA SER A 477 -20.96 -3.42 23.46
C SER A 477 -20.43 -2.43 22.45
N PRO A 478 -20.80 -1.16 22.46
CA PRO A 478 -20.17 -0.26 21.50
C PRO A 478 -18.67 -0.22 21.72
N TYR A 479 -18.23 0.06 22.94
CA TYR A 479 -16.82 -0.04 23.24
C TYR A 479 -16.26 -1.41 22.93
N ASN A 480 -17.12 -2.38 22.68
CA ASN A 480 -16.73 -3.75 22.38
C ASN A 480 -15.59 -4.18 23.28
N ALA A 481 -15.68 -3.72 24.51
CA ALA A 481 -14.62 -3.89 25.46
C ALA A 481 -15.11 -4.68 26.65
N ASP A 482 -14.49 -5.83 26.88
CA ASP A 482 -14.78 -6.72 27.98
C ASP A 482 -14.02 -6.22 29.20
N PHE A 483 -13.76 -7.10 30.13
CA PHE A 483 -13.01 -6.72 31.32
C PHE A 483 -11.82 -7.65 31.52
N ASP A 484 -11.37 -8.30 30.47
CA ASP A 484 -10.19 -9.15 30.56
C ASP A 484 -8.92 -8.32 30.62
N GLY A 485 -9.05 -7.04 30.96
CA GLY A 485 -7.93 -6.13 31.08
C GLY A 485 -7.91 -5.08 30.00
N ASP A 486 -9.05 -4.79 29.39
CA ASP A 486 -9.04 -3.76 28.39
C ASP A 486 -8.57 -2.47 29.03
N GLU A 487 -8.06 -1.58 28.20
CA GLU A 487 -7.41 -0.35 28.63
C GLU A 487 -7.95 0.76 27.77
N MET A 488 -8.42 1.84 28.37
CA MET A 488 -9.12 2.84 27.58
C MET A 488 -8.66 4.24 27.90
N ASN A 489 -8.37 5.02 26.87
CA ASN A 489 -7.92 6.39 26.99
C ASN A 489 -9.09 7.29 27.32
N LEU A 490 -8.82 8.35 28.08
CA LEU A 490 -9.86 9.23 28.61
C LEU A 490 -9.41 10.67 28.43
N HIS A 491 -9.81 11.27 27.33
CA HIS A 491 -9.45 12.66 27.11
C HIS A 491 -10.31 13.55 27.97
N VAL A 492 -10.09 14.84 27.85
CA VAL A 492 -10.79 15.83 28.65
C VAL A 492 -11.04 17.04 27.76
N PRO A 493 -12.14 17.73 27.89
CA PRO A 493 -12.26 19.01 27.22
C PRO A 493 -11.41 20.00 27.98
N GLN A 494 -11.13 21.14 27.38
CA GLN A 494 -10.32 22.14 28.03
C GLN A 494 -10.94 23.51 28.02
N SER A 495 -12.05 23.70 27.34
CA SER A 495 -12.63 25.03 27.36
C SER A 495 -14.06 24.94 26.86
N GLU A 496 -14.75 26.06 26.96
CA GLU A 496 -16.19 26.01 26.99
C GLU A 496 -16.78 25.40 25.73
N GLU A 497 -16.38 25.91 24.57
CA GLU A 497 -16.96 25.44 23.33
C GLU A 497 -17.01 23.93 23.29
N THR A 498 -15.89 23.28 23.56
CA THR A 498 -15.89 21.85 23.36
C THR A 498 -16.62 21.12 24.48
N ARG A 499 -16.68 21.70 25.67
CA ARG A 499 -17.71 21.22 26.59
C ARG A 499 -19.04 21.13 25.89
N ALA A 500 -19.61 22.27 25.53
CA ALA A 500 -20.94 22.24 24.95
C ALA A 500 -21.02 21.29 23.78
N GLU A 501 -19.94 21.14 23.01
CA GLU A 501 -20.01 20.21 21.90
C GLU A 501 -20.17 18.78 22.38
N LEU A 502 -19.43 18.38 23.40
CA LEU A 502 -19.68 17.03 23.88
C LEU A 502 -21.03 16.94 24.56
N SER A 503 -21.45 17.99 25.22
CA SER A 503 -22.70 17.91 25.96
C SER A 503 -23.90 17.80 25.05
N GLN A 504 -23.83 18.35 23.84
CA GLN A 504 -24.99 18.33 22.98
C GLN A 504 -24.82 17.44 21.77
N LEU A 505 -23.67 16.80 21.58
CA LEU A 505 -23.49 15.92 20.44
C LEU A 505 -23.22 14.47 20.79
N CYS A 506 -22.26 14.18 21.66
CA CYS A 506 -21.84 12.81 21.82
C CYS A 506 -22.02 12.28 23.23
N ALA A 507 -23.06 12.68 23.93
CA ALA A 507 -23.40 12.02 25.17
C ALA A 507 -24.30 10.84 24.86
N VAL A 508 -24.03 9.71 25.50
CA VAL A 508 -24.48 8.41 25.01
C VAL A 508 -25.96 8.37 24.60
N PRO A 509 -26.88 8.99 25.35
CA PRO A 509 -28.28 8.96 24.91
C PRO A 509 -28.48 9.26 23.44
N LEU A 510 -27.73 10.19 22.85
CA LEU A 510 -27.83 10.46 21.44
C LEU A 510 -27.09 9.44 20.59
N GLN A 511 -26.77 8.29 21.13
CA GLN A 511 -25.94 7.32 20.44
C GLN A 511 -26.56 5.95 20.43
N ILE A 512 -27.79 5.85 20.90
CA ILE A 512 -28.37 4.54 21.07
C ILE A 512 -28.67 3.89 19.73
N VAL A 513 -29.10 4.69 18.76
CA VAL A 513 -29.53 4.20 17.48
C VAL A 513 -28.42 4.45 16.49
N SER A 514 -27.86 3.39 15.94
CA SER A 514 -26.73 3.53 15.05
C SER A 514 -27.18 3.75 13.63
N PRO A 515 -26.63 4.74 12.94
CA PRO A 515 -26.76 4.77 11.49
C PRO A 515 -26.14 3.58 10.81
N GLN A 516 -25.68 2.58 11.54
CA GLN A 516 -25.23 1.38 10.84
C GLN A 516 -26.41 0.58 10.35
N SER A 517 -27.26 0.13 11.25
CA SER A 517 -28.39 -0.69 10.87
C SER A 517 -29.65 -0.19 11.52
N ASN A 518 -29.80 1.13 11.60
CA ASN A 518 -30.94 1.82 12.18
C ASN A 518 -31.58 1.06 13.34
N LYS A 519 -30.74 0.47 14.18
CA LYS A 519 -31.14 -0.36 15.30
C LYS A 519 -30.37 0.10 16.53
N PRO A 520 -30.86 -0.21 17.73
CA PRO A 520 -30.07 0.04 18.91
C PRO A 520 -28.79 -0.77 18.86
N VAL A 521 -27.83 -0.39 19.68
CA VAL A 521 -26.56 -1.08 19.73
C VAL A 521 -26.19 -1.46 21.15
N MET A 522 -26.80 -0.82 22.14
CA MET A 522 -26.44 -1.01 23.53
C MET A 522 -27.59 -1.76 24.17
N GLY A 523 -27.56 -3.08 24.06
CA GLY A 523 -28.70 -3.87 24.47
C GLY A 523 -28.78 -3.99 25.97
N ILE A 524 -28.97 -5.20 26.48
CA ILE A 524 -28.74 -5.51 27.87
C ILE A 524 -27.86 -6.73 27.90
N VAL A 525 -26.92 -6.76 28.82
CA VAL A 525 -25.78 -7.66 28.73
C VAL A 525 -25.84 -8.71 29.82
N GLN A 526 -24.81 -9.53 29.93
CA GLN A 526 -24.90 -10.92 30.40
C GLN A 526 -25.94 -11.21 31.48
N ASP A 527 -25.67 -10.79 32.71
CA ASP A 527 -26.56 -11.19 33.79
C ASP A 527 -27.90 -10.53 33.68
N THR A 528 -27.91 -9.22 33.80
CA THR A 528 -29.16 -8.50 33.81
C THR A 528 -30.13 -9.06 32.78
N LEU A 529 -29.60 -9.56 31.67
CA LEU A 529 -30.46 -10.28 30.73
C LEU A 529 -30.93 -11.61 31.30
N CYS A 530 -29.99 -12.53 31.60
CA CYS A 530 -30.47 -13.83 32.05
C CYS A 530 -31.43 -13.70 33.21
N GLY A 531 -31.12 -12.80 34.13
CA GLY A 531 -32.07 -12.44 35.15
C GLY A 531 -33.41 -12.04 34.58
N VAL A 532 -33.48 -10.88 33.93
CA VAL A 532 -34.81 -10.38 33.60
C VAL A 532 -35.55 -11.38 32.75
N ARG A 533 -34.92 -12.47 32.37
CA ARG A 533 -35.78 -13.54 31.92
C ARG A 533 -36.27 -14.37 33.09
N LYS A 534 -35.36 -14.98 33.86
CA LYS A 534 -35.83 -15.80 34.99
C LYS A 534 -36.84 -15.07 35.83
N MET A 535 -36.74 -13.75 35.93
CA MET A 535 -37.63 -13.07 36.84
C MET A 535 -39.04 -13.02 36.27
N THR A 536 -39.18 -12.87 34.97
CA THR A 536 -40.53 -12.80 34.41
C THR A 536 -40.87 -14.05 33.64
N LEU A 537 -40.63 -15.22 34.20
CA LEU A 537 -41.41 -16.34 33.73
C LEU A 537 -42.87 -16.09 34.02
N ARG A 538 -43.61 -17.16 34.07
CA ARG A 538 -44.95 -17.00 34.59
C ARG A 538 -44.98 -17.31 36.08
N ASP A 539 -44.15 -18.23 36.53
CA ASP A 539 -44.25 -18.73 37.89
C ASP A 539 -43.30 -18.05 38.85
N THR A 540 -43.15 -16.75 38.75
CA THR A 540 -42.41 -15.95 39.73
C THR A 540 -43.40 -15.32 40.67
N PHE A 541 -43.18 -15.48 41.95
CA PHE A 541 -43.99 -14.79 42.92
C PHE A 541 -43.11 -14.17 43.98
N ILE A 542 -43.42 -12.92 44.29
CA ILE A 542 -42.56 -12.09 45.09
C ILE A 542 -43.33 -11.52 46.25
N GLU A 543 -42.84 -11.77 47.44
CA GLU A 543 -43.56 -11.48 48.66
C GLU A 543 -43.70 -9.98 48.83
N TYR A 544 -44.31 -9.56 49.93
CA TYR A 544 -44.48 -8.12 50.12
C TYR A 544 -43.20 -7.45 50.56
N GLU A 545 -42.51 -8.04 51.54
CA GLU A 545 -41.28 -7.45 52.03
C GLU A 545 -40.37 -7.09 50.89
N GLN A 546 -39.89 -8.11 50.19
CA GLN A 546 -38.93 -7.91 49.12
C GLN A 546 -39.41 -6.85 48.13
N VAL A 547 -40.72 -6.70 47.94
CA VAL A 547 -41.14 -5.77 46.91
C VAL A 547 -41.12 -4.35 47.41
N MET A 548 -41.32 -4.12 48.70
CA MET A 548 -41.09 -2.77 49.17
C MET A 548 -39.72 -2.28 48.75
N ASN A 549 -38.69 -3.08 49.00
CA ASN A 549 -37.38 -2.73 48.50
C ASN A 549 -37.41 -2.53 46.99
N MET A 550 -37.70 -3.60 46.25
CA MET A 550 -37.56 -3.54 44.79
C MET A 550 -38.38 -2.43 44.19
N LEU A 551 -39.19 -1.75 44.99
CA LEU A 551 -39.74 -0.51 44.54
C LEU A 551 -39.03 0.69 45.11
N PHE A 552 -38.12 0.53 46.06
CA PHE A 552 -37.35 1.73 46.34
C PHE A 552 -36.27 1.93 45.29
N TRP A 553 -35.59 0.86 44.88
CA TRP A 553 -34.46 1.00 43.98
C TRP A 553 -34.74 1.81 42.73
N VAL A 554 -35.94 1.73 42.18
CA VAL A 554 -36.18 2.46 40.95
C VAL A 554 -36.05 3.95 41.19
N PRO A 555 -35.17 4.63 40.49
CA PRO A 555 -35.03 6.07 40.70
C PRO A 555 -36.21 6.83 40.19
N SER A 556 -36.78 6.43 39.06
CA SER A 556 -37.84 7.20 38.43
C SER A 556 -39.17 7.02 39.12
N TRP A 557 -39.22 6.15 40.13
CA TRP A 557 -40.48 5.64 40.63
C TRP A 557 -41.33 6.72 41.23
N ASP A 558 -42.64 6.54 41.12
CA ASP A 558 -43.56 7.58 41.55
C ASP A 558 -43.64 7.64 43.06
N GLY A 559 -43.68 6.48 43.70
CA GLY A 559 -44.01 6.41 45.10
C GLY A 559 -45.41 5.87 45.34
N VAL A 560 -45.84 4.92 44.51
CA VAL A 560 -47.16 4.32 44.59
C VAL A 560 -47.04 2.84 44.32
N VAL A 561 -47.25 2.02 45.33
CA VAL A 561 -47.16 0.57 45.13
C VAL A 561 -48.18 0.15 44.09
N PRO A 562 -47.96 -0.92 43.37
CA PRO A 562 -48.99 -1.43 42.47
C PRO A 562 -50.03 -2.18 43.27
N GLN A 563 -51.11 -2.56 42.62
CA GLN A 563 -52.03 -3.45 43.28
C GLN A 563 -51.64 -4.89 43.02
N PRO A 564 -51.49 -5.69 44.04
CA PRO A 564 -50.79 -6.95 43.90
C PRO A 564 -51.67 -7.96 43.20
N ALA A 565 -51.11 -8.60 42.19
CA ALA A 565 -51.92 -9.48 41.36
C ALA A 565 -52.69 -10.53 42.13
N ILE A 566 -52.39 -10.75 43.41
CA ILE A 566 -53.21 -11.60 44.25
C ILE A 566 -53.49 -10.84 45.54
N LEU A 567 -54.67 -11.04 46.10
CA LEU A 567 -55.01 -10.39 47.35
C LEU A 567 -55.25 -11.35 48.51
N LYS A 568 -55.39 -12.62 48.23
CA LYS A 568 -55.82 -13.52 49.28
C LYS A 568 -55.64 -14.92 48.73
N PRO A 569 -55.04 -15.85 49.45
CA PRO A 569 -54.59 -15.96 50.83
C PRO A 569 -53.49 -15.02 51.29
N LYS A 570 -52.36 -14.93 50.63
CA LYS A 570 -51.44 -13.93 51.17
C LYS A 570 -50.77 -13.15 50.07
N PRO A 571 -50.90 -11.82 50.09
CA PRO A 571 -50.57 -11.01 48.92
C PRO A 571 -49.26 -11.42 48.29
N LEU A 572 -49.23 -11.47 46.97
CA LEU A 572 -47.99 -11.64 46.26
C LEU A 572 -47.85 -10.50 45.27
N TRP A 573 -46.95 -10.66 44.33
CA TRP A 573 -46.81 -9.82 43.17
C TRP A 573 -46.19 -10.67 42.09
N THR A 574 -46.17 -10.15 40.88
CA THR A 574 -45.66 -10.92 39.76
C THR A 574 -44.70 -10.09 38.94
N GLY A 575 -43.56 -10.71 38.63
CA GLY A 575 -42.44 -9.98 38.09
C GLY A 575 -42.85 -9.01 37.01
N LYS A 576 -43.68 -9.45 36.10
CA LYS A 576 -44.06 -8.59 35.00
C LYS A 576 -44.54 -7.25 35.50
N GLN A 577 -45.27 -7.20 36.61
CA GLN A 577 -45.65 -5.88 37.09
C GLN A 577 -44.44 -5.02 37.40
N LEU A 578 -43.46 -5.57 38.10
CA LEU A 578 -42.31 -4.76 38.45
C LEU A 578 -41.58 -4.30 37.21
N LEU A 579 -41.17 -5.25 36.38
CA LEU A 579 -40.60 -4.94 35.09
C LEU A 579 -41.48 -3.96 34.34
N SER A 580 -42.73 -3.81 34.75
CA SER A 580 -43.54 -2.72 34.26
C SER A 580 -43.39 -1.45 35.07
N ILE A 581 -42.87 -1.52 36.29
CA ILE A 581 -42.72 -0.25 36.96
C ILE A 581 -41.69 0.60 36.24
N ALA A 582 -40.66 -0.03 35.69
CA ALA A 582 -39.63 0.73 35.01
C ALA A 582 -40.15 1.37 33.74
N ILE A 583 -40.62 0.53 32.82
CA ILE A 583 -41.00 0.92 31.46
C ILE A 583 -41.94 2.10 31.48
N PRO A 584 -41.46 3.29 31.21
CA PRO A 584 -42.22 4.50 31.51
C PRO A 584 -43.59 4.52 30.85
N SER A 585 -44.54 5.20 31.47
CA SER A 585 -45.93 5.15 31.05
C SER A 585 -46.05 5.69 29.64
N GLY A 586 -46.71 4.94 28.77
CA GLY A 586 -47.01 5.46 27.45
C GLY A 586 -46.36 4.73 26.29
N ILE A 587 -46.24 3.43 26.36
CA ILE A 587 -45.63 2.68 25.28
C ILE A 587 -46.72 1.84 24.64
N HIS A 588 -46.38 1.22 23.52
CA HIS A 588 -47.13 0.09 23.05
C HIS A 588 -46.16 -0.86 22.39
N LEU A 589 -46.53 -2.13 22.34
CA LEU A 589 -45.68 -3.07 21.66
C LEU A 589 -46.48 -4.33 21.44
N GLN A 590 -46.36 -4.93 20.26
CA GLN A 590 -46.96 -6.21 19.95
C GLN A 590 -45.93 -6.98 19.14
N ARG A 591 -45.63 -8.20 19.55
CA ARG A 591 -44.76 -9.04 18.75
C ARG A 591 -45.23 -10.47 18.86
N THR A 592 -45.17 -11.21 17.75
CA THR A 592 -45.73 -12.54 17.70
C THR A 592 -44.79 -13.55 17.05
N ASP A 593 -44.24 -14.44 17.85
CA ASP A 593 -43.57 -15.63 17.35
C ASP A 593 -44.62 -16.70 17.10
N GLY A 594 -44.22 -17.76 16.42
CA GLY A 594 -45.01 -18.98 16.34
C GLY A 594 -46.46 -18.80 15.99
N GLY A 595 -46.88 -17.59 15.67
CA GLY A 595 -48.27 -17.32 15.41
C GLY A 595 -49.13 -17.56 16.63
N ASN A 596 -48.64 -17.18 17.80
CA ASN A 596 -49.37 -17.47 19.02
C ASN A 596 -50.72 -16.75 19.03
N SER A 597 -51.55 -17.14 19.98
CA SER A 597 -52.89 -16.58 20.09
C SER A 597 -52.81 -15.27 20.86
N LEU A 598 -53.95 -14.79 21.34
CA LEU A 598 -53.93 -13.87 22.46
C LEU A 598 -54.08 -14.61 23.78
N LEU A 599 -54.04 -15.94 23.75
CA LEU A 599 -54.10 -16.77 24.94
C LEU A 599 -52.74 -17.27 25.38
N SER A 600 -51.89 -17.65 24.45
CA SER A 600 -50.47 -17.85 24.71
C SER A 600 -50.14 -18.99 25.67
N PRO A 601 -50.25 -20.21 25.24
CA PRO A 601 -49.97 -21.33 26.15
C PRO A 601 -48.54 -21.40 26.59
N LYS A 602 -47.61 -21.43 25.65
CA LYS A 602 -46.20 -21.52 25.98
C LYS A 602 -45.65 -20.20 26.49
N ASP A 603 -46.48 -19.17 26.55
CA ASP A 603 -46.13 -17.86 27.07
C ASP A 603 -44.92 -17.25 26.37
N ASN A 604 -44.93 -17.22 25.04
CA ASN A 604 -43.99 -16.43 24.28
C ASN A 604 -44.72 -15.29 23.57
N GLY A 605 -44.00 -14.51 22.79
CA GLY A 605 -44.59 -13.33 22.21
C GLY A 605 -44.45 -12.17 23.15
N MET A 606 -45.23 -11.12 22.89
CA MET A 606 -45.26 -9.97 23.79
C MET A 606 -46.36 -9.03 23.39
N LEU A 607 -47.15 -8.63 24.36
CA LEU A 607 -48.07 -7.51 24.20
C LEU A 607 -47.94 -6.62 25.40
N ILE A 608 -47.52 -5.38 25.16
CA ILE A 608 -47.36 -4.42 26.23
C ILE A 608 -48.23 -3.24 25.89
N VAL A 609 -49.06 -2.84 26.84
CA VAL A 609 -50.07 -1.83 26.66
C VAL A 609 -49.85 -0.76 27.70
N ASP A 610 -49.86 0.49 27.26
CA ASP A 610 -49.84 1.66 28.11
C ASP A 610 -48.62 1.70 29.00
N GLY A 611 -47.83 0.64 29.01
CA GLY A 611 -46.67 0.61 29.85
C GLY A 611 -46.70 -0.42 30.95
N LYS A 612 -47.58 -1.38 30.90
CA LYS A 612 -47.58 -2.45 31.86
C LYS A 612 -47.56 -3.76 31.12
N VAL A 613 -46.45 -4.49 31.19
CA VAL A 613 -46.40 -5.77 30.53
C VAL A 613 -47.68 -6.52 30.80
N MET A 614 -48.21 -7.15 29.76
CA MET A 614 -49.46 -7.88 29.86
C MET A 614 -49.24 -9.38 29.76
N PHE A 615 -48.29 -9.83 28.97
CA PHE A 615 -47.94 -11.24 29.02
C PHE A 615 -46.65 -11.42 28.24
N GLY A 616 -45.83 -12.39 28.67
CA GLY A 616 -44.75 -12.84 27.82
C GLY A 616 -43.32 -12.84 28.31
N VAL A 617 -42.68 -13.99 28.20
CA VAL A 617 -41.26 -14.17 28.53
C VAL A 617 -40.44 -13.15 27.76
N VAL A 618 -39.71 -12.30 28.49
CA VAL A 618 -38.94 -11.21 27.90
C VAL A 618 -37.48 -11.66 27.76
N ASP A 619 -36.93 -11.60 26.55
CA ASP A 619 -35.53 -11.94 26.40
C ASP A 619 -34.89 -11.18 25.27
N LYS A 620 -33.78 -11.70 24.74
CA LYS A 620 -33.01 -10.94 23.77
C LYS A 620 -33.88 -10.36 22.70
N LYS A 621 -34.85 -11.12 22.21
CA LYS A 621 -35.62 -10.64 21.08
C LYS A 621 -36.44 -9.40 21.40
N THR A 622 -36.57 -9.00 22.66
CA THR A 622 -37.45 -7.87 22.96
C THR A 622 -36.72 -6.68 23.57
N VAL A 623 -36.02 -6.87 24.69
CA VAL A 623 -35.24 -5.80 25.28
C VAL A 623 -33.80 -5.85 24.81
N GLY A 624 -33.42 -6.90 24.10
CA GLY A 624 -32.04 -6.99 23.67
C GLY A 624 -31.67 -5.99 22.61
N SER A 625 -30.57 -6.27 21.92
CA SER A 625 -30.10 -5.42 20.85
C SER A 625 -30.96 -5.51 19.60
N GLY A 626 -32.09 -6.20 19.67
CA GLY A 626 -32.87 -6.46 18.47
C GLY A 626 -33.51 -5.19 17.95
N GLY A 627 -33.50 -5.04 16.62
CA GLY A 627 -34.14 -3.89 16.02
C GLY A 627 -35.65 -3.91 16.26
N GLY A 628 -36.21 -2.73 16.47
CA GLY A 628 -37.60 -2.70 16.83
C GLY A 628 -37.92 -3.42 18.11
N GLY A 629 -36.91 -3.71 18.92
CA GLY A 629 -37.11 -4.22 20.25
C GLY A 629 -37.66 -3.13 21.15
N LEU A 630 -37.71 -3.43 22.45
CA LEU A 630 -38.31 -2.44 23.32
C LEU A 630 -37.52 -1.15 23.32
N ILE A 631 -36.23 -1.24 23.63
CA ILE A 631 -35.42 -0.05 23.84
C ILE A 631 -35.55 0.89 22.68
N HIS A 632 -35.45 0.36 21.46
CA HIS A 632 -35.69 1.18 20.28
C HIS A 632 -37.00 1.92 20.39
N THR A 633 -38.05 1.21 20.77
CA THR A 633 -39.35 1.82 20.68
C THR A 633 -39.46 2.96 21.66
N VAL A 634 -39.02 2.72 22.88
CA VAL A 634 -39.10 3.78 23.88
C VAL A 634 -38.24 4.95 23.46
N MET A 635 -37.09 4.68 22.84
CA MET A 635 -36.28 5.78 22.35
C MET A 635 -37.07 6.64 21.39
N ARG A 636 -37.54 6.03 20.30
CA ARG A 636 -38.32 6.80 19.33
C ARG A 636 -39.45 7.55 20.00
N GLU A 637 -40.03 6.98 21.04
CA GLU A 637 -41.22 7.53 21.64
C GLU A 637 -40.95 8.57 22.73
N LYS A 638 -39.72 8.71 23.17
CA LYS A 638 -39.50 9.65 24.25
C LYS A 638 -38.24 10.48 24.11
N GLY A 639 -37.47 10.31 23.06
CA GLY A 639 -36.20 10.99 22.99
C GLY A 639 -35.18 10.25 23.82
N PRO A 640 -34.04 10.83 24.00
CA PRO A 640 -32.94 10.09 24.61
C PRO A 640 -33.03 9.99 26.12
N LYS A 641 -33.12 11.14 26.79
CA LYS A 641 -32.97 11.21 28.24
C LYS A 641 -33.79 10.13 28.96
N ILE A 642 -35.02 9.95 28.52
CA ILE A 642 -35.81 8.85 29.06
C ILE A 642 -35.21 7.52 28.69
N CYS A 643 -34.72 7.37 27.47
CA CYS A 643 -34.16 6.07 27.14
C CYS A 643 -32.93 5.82 27.97
N ALA A 644 -32.29 6.88 28.43
CA ALA A 644 -31.21 6.72 29.38
C ALA A 644 -31.72 6.12 30.67
N GLU A 645 -32.60 6.83 31.35
CA GLU A 645 -33.06 6.27 32.62
C GLU A 645 -33.74 4.92 32.49
N LEU A 646 -34.15 4.52 31.28
CA LEU A 646 -34.62 3.15 31.14
C LEU A 646 -33.56 2.18 31.65
N PHE A 647 -32.38 2.22 31.07
CA PHE A 647 -31.31 1.31 31.45
C PHE A 647 -31.07 1.33 32.95
N GLY A 648 -31.06 2.52 33.55
CA GLY A 648 -30.94 2.58 34.99
C GLY A 648 -32.00 1.75 35.69
N ASN A 649 -33.26 1.96 35.31
CA ASN A 649 -34.32 1.27 36.03
C ASN A 649 -34.20 -0.23 35.88
N ILE A 650 -34.09 -0.71 34.66
CA ILE A 650 -34.04 -2.15 34.46
C ILE A 650 -32.85 -2.76 35.17
N GLN A 651 -31.68 -2.13 35.08
CA GLN A 651 -30.54 -2.77 35.70
C GLN A 651 -30.61 -2.78 37.21
N LYS A 652 -30.89 -1.66 37.86
CA LYS A 652 -31.02 -1.75 39.31
C LYS A 652 -32.05 -2.79 39.71
N VAL A 653 -33.24 -2.76 39.13
CA VAL A 653 -34.25 -3.72 39.55
C VAL A 653 -33.74 -5.12 39.42
N VAL A 654 -33.51 -5.55 38.19
CA VAL A 654 -33.25 -6.95 37.98
C VAL A 654 -31.98 -7.39 38.67
N ASN A 655 -31.02 -6.51 38.89
CA ASN A 655 -29.89 -6.94 39.70
C ASN A 655 -30.32 -7.23 41.12
N TYR A 656 -31.05 -6.33 41.75
CA TYR A 656 -31.37 -6.57 43.14
C TYR A 656 -32.24 -7.80 43.30
N TRP A 657 -33.13 -8.01 42.37
CA TRP A 657 -33.87 -9.25 42.45
C TRP A 657 -33.01 -10.45 42.12
N LEU A 658 -32.09 -10.34 41.17
CA LEU A 658 -31.20 -11.45 40.90
C LEU A 658 -30.42 -11.83 42.13
N LEU A 659 -29.95 -10.82 42.85
CA LEU A 659 -29.29 -11.02 44.11
C LEU A 659 -30.17 -11.88 45.01
N HIS A 660 -31.32 -11.37 45.44
CA HIS A 660 -32.05 -12.14 46.45
C HIS A 660 -32.55 -13.46 45.92
N ASN A 661 -32.66 -13.64 44.62
CA ASN A 661 -32.84 -14.99 44.09
C ASN A 661 -31.50 -15.71 44.13
N GLY A 662 -30.54 -15.15 43.43
CA GLY A 662 -29.36 -15.92 43.11
C GLY A 662 -29.58 -16.74 41.85
N PHE A 663 -28.47 -17.26 41.35
CA PHE A 663 -28.43 -17.99 40.09
C PHE A 663 -27.04 -18.53 39.93
N SER A 664 -26.93 -19.74 39.41
CA SER A 664 -25.60 -20.21 39.09
C SER A 664 -25.67 -21.37 38.12
N ILE A 665 -24.51 -21.93 37.85
CA ILE A 665 -24.35 -23.09 37.00
C ILE A 665 -23.65 -24.17 37.80
N GLY A 666 -23.90 -25.43 37.45
CA GLY A 666 -23.12 -26.53 38.00
C GLY A 666 -22.79 -27.53 36.93
N ILE A 667 -21.85 -28.42 37.26
CA ILE A 667 -21.42 -29.44 36.32
C ILE A 667 -22.58 -30.24 35.81
N GLY A 668 -23.58 -30.50 36.65
CA GLY A 668 -24.64 -31.37 36.24
C GLY A 668 -25.36 -30.86 35.02
N ASP A 669 -25.50 -29.54 34.92
CA ASP A 669 -26.28 -28.95 33.85
C ASP A 669 -25.82 -29.42 32.49
N ALA A 670 -24.55 -29.70 32.32
CA ALA A 670 -24.06 -30.16 31.04
C ALA A 670 -24.07 -31.66 30.92
N ILE A 671 -24.66 -32.38 31.86
CA ILE A 671 -24.73 -33.84 31.80
C ILE A 671 -26.10 -34.23 31.28
N ALA A 672 -26.20 -35.43 30.72
CA ALA A 672 -27.47 -36.02 30.39
C ALA A 672 -27.65 -37.34 31.12
N ASP A 673 -28.89 -37.81 31.20
CA ASP A 673 -29.15 -39.06 31.90
C ASP A 673 -28.55 -40.23 31.14
N ALA A 674 -29.05 -41.42 31.44
CA ALA A 674 -28.67 -42.56 30.60
C ALA A 674 -29.43 -42.57 29.30
N SER A 675 -30.73 -42.30 29.34
CA SER A 675 -31.56 -42.53 28.16
C SER A 675 -31.14 -41.62 27.02
N THR A 676 -30.93 -40.34 27.30
CA THR A 676 -30.47 -39.47 26.25
C THR A 676 -29.15 -39.95 25.69
N MET A 677 -28.29 -40.52 26.55
CA MET A 677 -27.05 -41.06 26.04
C MET A 677 -27.31 -42.22 25.10
N LYS A 678 -28.30 -43.04 25.41
CA LYS A 678 -28.61 -44.12 24.49
C LYS A 678 -29.00 -43.57 23.13
N GLU A 679 -29.88 -42.56 23.12
CA GLU A 679 -30.29 -41.99 21.84
C GLU A 679 -29.11 -41.41 21.08
N ILE A 680 -28.25 -40.66 21.77
CA ILE A 680 -27.21 -39.93 21.07
C ILE A 680 -26.17 -40.90 20.54
N THR A 681 -25.82 -41.90 21.33
CA THR A 681 -24.92 -42.92 20.83
C THR A 681 -25.53 -43.62 19.64
N HIS A 682 -26.83 -43.90 19.67
CA HIS A 682 -27.39 -44.57 18.50
C HIS A 682 -27.34 -43.67 17.28
N ALA A 683 -27.63 -42.38 17.45
CA ALA A 683 -27.58 -41.46 16.32
C ALA A 683 -26.21 -41.50 15.67
N ILE A 684 -25.17 -41.20 16.43
CA ILE A 684 -23.85 -41.20 15.83
C ILE A 684 -23.47 -42.59 15.33
N SER A 685 -23.99 -43.63 15.94
CA SER A 685 -23.77 -44.94 15.39
C SER A 685 -24.24 -44.97 13.94
N SER A 686 -25.50 -44.62 13.72
CA SER A 686 -26.03 -44.65 12.36
C SER A 686 -25.22 -43.75 11.45
N ALA A 687 -24.68 -42.67 12.01
CA ALA A 687 -23.84 -41.83 11.19
C ALA A 687 -22.67 -42.62 10.61
N LYS A 688 -21.87 -43.21 11.47
CA LYS A 688 -20.71 -43.92 10.93
C LYS A 688 -21.14 -45.08 10.04
N GLU A 689 -22.28 -45.69 10.33
CA GLU A 689 -22.80 -46.72 9.43
C GLU A 689 -22.99 -46.16 8.03
N GLN A 690 -23.68 -45.02 7.94
CA GLN A 690 -23.88 -44.39 6.65
C GLN A 690 -22.57 -44.07 5.98
N VAL A 691 -21.56 -43.68 6.74
CA VAL A 691 -20.33 -43.32 6.05
C VAL A 691 -19.68 -44.56 5.47
N GLN A 692 -19.70 -45.66 6.21
CA GLN A 692 -19.21 -46.90 5.62
C GLN A 692 -19.99 -47.26 4.38
N GLU A 693 -21.29 -47.03 4.37
CA GLU A 693 -22.06 -47.36 3.18
C GLU A 693 -21.69 -46.42 2.03
N ILE A 694 -21.51 -45.14 2.33
CA ILE A 694 -21.17 -44.16 1.31
C ILE A 694 -19.86 -44.51 0.63
N ILE A 695 -18.89 -44.96 1.41
CA ILE A 695 -17.65 -45.39 0.78
C ILE A 695 -17.85 -46.69 0.02
N TYR A 696 -18.51 -47.67 0.63
CA TYR A 696 -18.73 -48.92 -0.08
C TYR A 696 -19.35 -48.66 -1.44
N LYS A 697 -20.09 -47.56 -1.56
CA LYS A 697 -20.48 -47.08 -2.87
C LYS A 697 -19.30 -46.54 -3.64
N ALA A 698 -18.73 -45.43 -3.17
CA ALA A 698 -17.84 -44.64 -4.00
C ALA A 698 -16.60 -45.43 -4.38
N GLN A 699 -15.95 -46.04 -3.41
CA GLN A 699 -14.83 -46.93 -3.68
C GLN A 699 -15.26 -48.27 -4.26
N HIS A 700 -16.54 -48.45 -4.60
CA HIS A 700 -16.96 -49.47 -5.55
C HIS A 700 -17.36 -48.89 -6.88
N ASN A 701 -17.11 -47.61 -7.08
CA ASN A 701 -17.43 -46.90 -8.32
C ASN A 701 -18.93 -46.82 -8.55
N GLU A 702 -19.66 -46.42 -7.51
CA GLU A 702 -21.11 -46.35 -7.62
C GLU A 702 -21.67 -44.98 -7.27
N LEU A 703 -20.84 -44.05 -6.84
CA LEU A 703 -21.35 -42.79 -6.35
C LEU A 703 -21.73 -41.91 -7.54
N GLU A 704 -22.81 -41.17 -7.38
CA GLU A 704 -23.30 -40.25 -8.40
C GLU A 704 -22.68 -38.89 -8.19
N LEU A 705 -22.08 -38.35 -9.23
CA LEU A 705 -21.28 -37.14 -9.13
C LEU A 705 -22.15 -35.91 -9.29
N LYS A 706 -22.18 -35.07 -8.26
CA LYS A 706 -22.76 -33.74 -8.36
C LYS A 706 -22.14 -32.99 -9.54
N PRO A 707 -22.79 -31.95 -10.03
CA PRO A 707 -22.23 -31.18 -11.15
C PRO A 707 -21.01 -30.40 -10.69
N GLY A 708 -19.98 -30.39 -11.54
CA GLY A 708 -18.82 -29.56 -11.33
C GLY A 708 -17.81 -30.09 -10.34
N MET A 709 -18.21 -30.94 -9.41
CA MET A 709 -17.28 -31.54 -8.46
C MET A 709 -16.84 -32.88 -9.01
N THR A 710 -15.54 -33.13 -8.96
CA THR A 710 -15.04 -34.41 -9.43
C THR A 710 -15.39 -35.45 -8.40
N LEU A 711 -14.93 -36.68 -8.60
CA LEU A 711 -15.34 -37.75 -7.71
C LEU A 711 -14.99 -37.42 -6.27
N ARG A 712 -13.79 -36.89 -6.02
CA ARG A 712 -13.41 -36.66 -4.64
C ARG A 712 -14.08 -35.45 -4.02
N GLU A 713 -14.18 -34.35 -4.74
CA GLU A 713 -14.90 -33.23 -4.15
C GLU A 713 -16.30 -33.62 -3.77
N SER A 714 -16.98 -34.38 -4.62
CA SER A 714 -18.32 -34.84 -4.26
C SER A 714 -18.28 -35.77 -3.06
N PHE A 715 -17.34 -36.70 -3.05
CA PHE A 715 -17.19 -37.65 -1.95
C PHE A 715 -17.07 -36.93 -0.62
N GLU A 716 -16.20 -35.95 -0.56
CA GLU A 716 -16.05 -35.17 0.66
C GLU A 716 -17.28 -34.32 0.96
N GLY A 717 -17.85 -33.66 -0.05
CA GLY A 717 -19.01 -32.84 0.20
C GLY A 717 -20.14 -33.65 0.82
N GLU A 718 -20.38 -34.82 0.26
CA GLU A 718 -21.32 -35.74 0.88
C GLU A 718 -20.94 -36.01 2.32
N VAL A 719 -19.79 -36.65 2.54
CA VAL A 719 -19.45 -37.10 3.87
C VAL A 719 -19.63 -35.98 4.87
N SER A 720 -19.35 -34.75 4.45
CA SER A 720 -19.53 -33.64 5.37
C SER A 720 -21.01 -33.39 5.63
N ARG A 721 -21.86 -33.45 4.60
CA ARG A 721 -23.29 -33.32 4.88
C ARG A 721 -23.74 -34.38 5.87
N THR A 722 -23.33 -35.62 5.64
CA THR A 722 -23.75 -36.71 6.51
C THR A 722 -23.37 -36.44 7.95
N LEU A 723 -22.08 -36.22 8.23
CA LEU A 723 -21.67 -36.10 9.63
C LEU A 723 -22.26 -34.87 10.29
N ASN A 724 -22.32 -33.75 9.59
CA ASN A 724 -22.84 -32.58 10.26
C ASN A 724 -24.33 -32.71 10.51
N ASP A 725 -25.07 -33.35 9.60
CA ASP A 725 -26.46 -33.65 9.90
C ASP A 725 -26.56 -34.52 11.13
N ALA A 726 -25.68 -35.51 11.26
CA ALA A 726 -25.74 -36.40 12.41
C ALA A 726 -25.53 -35.64 13.70
N ARG A 727 -24.47 -34.84 13.76
CA ARG A 727 -24.25 -34.02 14.94
C ARG A 727 -25.44 -33.14 15.22
N ASP A 728 -26.04 -32.58 14.18
CA ASP A 728 -27.22 -31.76 14.37
C ASP A 728 -28.31 -32.56 15.05
N SER A 729 -28.51 -33.80 14.60
CA SER A 729 -29.50 -34.66 15.23
C SER A 729 -29.22 -34.83 16.70
N ALA A 730 -27.98 -35.15 17.02
CA ALA A 730 -27.64 -35.41 18.41
C ALA A 730 -27.87 -34.17 19.25
N GLY A 731 -27.38 -33.04 18.77
CA GLY A 731 -27.52 -31.83 19.52
C GLY A 731 -28.98 -31.50 19.74
N ARG A 732 -29.79 -31.74 18.71
CA ARG A 732 -31.20 -31.45 18.82
C ARG A 732 -31.85 -32.33 19.87
N SER A 733 -31.45 -33.61 19.90
CA SER A 733 -31.95 -34.49 20.95
C SER A 733 -31.60 -33.94 22.33
N ALA A 734 -30.33 -33.68 22.56
CA ALA A 734 -29.92 -33.23 23.88
C ALA A 734 -30.54 -31.90 24.25
N GLU A 735 -30.75 -31.02 23.28
CA GLU A 735 -31.31 -29.71 23.60
C GLU A 735 -32.78 -29.83 23.95
N MET A 736 -33.51 -30.66 23.22
CA MET A 736 -34.93 -30.84 23.51
C MET A 736 -35.12 -31.63 24.80
N ASN A 737 -34.09 -32.36 25.21
CA ASN A 737 -34.28 -33.30 26.31
C ASN A 737 -34.13 -32.63 27.67
N LEU A 738 -33.11 -31.78 27.86
CA LEU A 738 -32.80 -31.27 29.18
C LEU A 738 -33.99 -30.54 29.77
N LYS A 739 -34.06 -30.56 31.09
CA LYS A 739 -35.22 -30.07 31.82
C LYS A 739 -35.33 -28.56 31.70
N ASP A 740 -36.23 -27.97 32.48
CA ASP A 740 -36.46 -26.56 32.40
C ASP A 740 -35.60 -25.72 33.33
N LEU A 741 -35.65 -25.95 34.63
CA LEU A 741 -34.83 -25.12 35.50
C LEU A 741 -33.35 -25.33 35.27
N ASN A 742 -32.96 -26.40 34.58
CA ASN A 742 -31.59 -26.58 34.16
C ASN A 742 -31.05 -25.28 33.59
N ASN A 743 -29.76 -25.01 33.84
CA ASN A 743 -29.28 -23.65 33.63
C ASN A 743 -28.89 -23.39 32.19
N VAL A 744 -27.97 -24.18 31.64
CA VAL A 744 -27.54 -23.98 30.26
C VAL A 744 -28.73 -23.66 29.40
N LYS A 745 -29.79 -24.46 29.52
CA LYS A 745 -31.01 -24.15 28.81
C LYS A 745 -31.62 -22.84 29.29
N GLN A 746 -31.42 -22.46 30.54
CA GLN A 746 -31.99 -21.17 30.91
C GLN A 746 -31.32 -20.04 30.15
N MET A 747 -30.00 -20.03 30.09
CA MET A 747 -29.38 -18.89 29.42
C MET A 747 -29.60 -18.94 27.92
N VAL A 748 -29.38 -20.08 27.30
CA VAL A 748 -29.54 -20.11 25.86
C VAL A 748 -30.89 -19.54 25.46
N SER A 749 -31.95 -20.06 26.06
CA SER A 749 -33.28 -19.51 25.84
C SER A 749 -33.39 -18.05 26.23
N ALA A 750 -32.60 -17.59 27.18
CA ALA A 750 -32.52 -16.16 27.39
C ALA A 750 -31.58 -15.49 26.43
N GLY A 751 -30.72 -16.27 25.77
CA GLY A 751 -29.87 -15.68 24.77
C GLY A 751 -28.79 -14.75 25.27
N SER A 752 -28.52 -14.73 26.57
CA SER A 752 -27.43 -13.89 27.05
C SER A 752 -26.12 -14.28 26.42
N LYS A 753 -25.79 -15.56 26.46
CA LYS A 753 -24.53 -16.05 25.95
C LYS A 753 -24.82 -17.40 25.35
N GLY A 754 -23.83 -18.04 24.77
CA GLY A 754 -23.98 -19.42 24.38
C GLY A 754 -24.85 -19.55 23.15
N SER A 755 -25.15 -20.79 22.82
CA SER A 755 -25.91 -21.08 21.62
C SER A 755 -26.50 -22.46 21.72
N PHE A 756 -26.98 -22.95 20.59
CA PHE A 756 -27.25 -24.37 20.47
C PHE A 756 -25.96 -25.17 20.35
N ILE A 757 -25.14 -24.85 19.35
CA ILE A 757 -23.96 -25.67 19.08
C ILE A 757 -23.11 -25.81 20.32
N ASN A 758 -23.17 -24.82 21.21
CA ASN A 758 -22.59 -25.01 22.53
C ASN A 758 -23.09 -26.30 23.16
N ILE A 759 -24.39 -26.43 23.33
CA ILE A 759 -24.87 -27.58 24.05
C ILE A 759 -24.56 -28.83 23.28
N ALA A 760 -24.64 -28.78 21.95
CA ALA A 760 -24.34 -29.97 21.17
C ALA A 760 -22.93 -30.45 21.41
N GLN A 761 -22.02 -29.54 21.74
CA GLN A 761 -20.68 -30.00 22.04
C GLN A 761 -20.45 -30.28 23.52
N MET A 762 -20.91 -29.42 24.42
CA MET A 762 -20.65 -29.71 25.82
C MET A 762 -21.27 -31.03 26.22
N SER A 763 -22.37 -31.42 25.60
CA SER A 763 -23.02 -32.65 26.01
C SER A 763 -22.93 -33.76 25.00
N ALA A 764 -23.23 -33.49 23.73
CA ALA A 764 -23.52 -34.55 22.78
C ALA A 764 -22.34 -34.98 21.94
N CYS A 765 -21.77 -34.08 21.14
CA CYS A 765 -20.66 -34.48 20.29
C CYS A 765 -20.01 -33.25 19.67
N VAL A 766 -18.93 -33.47 18.93
CA VAL A 766 -18.23 -32.36 18.30
C VAL A 766 -18.20 -32.47 16.78
N GLY A 767 -18.14 -33.68 16.24
CA GLY A 767 -18.26 -33.87 14.81
C GLY A 767 -16.92 -33.92 14.10
N GLN A 768 -16.88 -33.29 12.93
CA GLN A 768 -15.68 -33.25 12.11
C GLN A 768 -14.91 -31.99 12.44
N GLN A 769 -13.62 -31.99 12.15
CA GLN A 769 -12.83 -30.78 12.32
C GLN A 769 -12.31 -30.25 10.99
N MET A 770 -12.24 -28.93 10.86
CA MET A 770 -12.05 -28.30 9.56
C MET A 770 -10.85 -27.37 9.53
N VAL A 771 -9.93 -27.66 8.61
CA VAL A 771 -8.73 -26.89 8.40
C VAL A 771 -8.75 -26.37 6.98
N GLU A 772 -9.18 -25.11 6.81
CA GLU A 772 -9.34 -24.52 5.50
C GLU A 772 -10.35 -25.30 4.65
N GLY A 773 -11.60 -25.31 5.09
CA GLY A 773 -12.66 -25.91 4.32
C GLY A 773 -12.62 -27.41 4.21
N LYS A 774 -11.63 -27.98 3.52
CA LYS A 774 -11.60 -29.40 3.31
C LYS A 774 -11.41 -30.12 4.62
N ARG A 775 -11.52 -31.44 4.59
CA ARG A 775 -11.24 -32.16 5.81
C ARG A 775 -9.75 -32.19 6.07
N ILE A 776 -9.40 -32.78 7.19
CA ILE A 776 -8.02 -32.85 7.62
C ILE A 776 -7.16 -33.50 6.57
N ALA A 777 -6.11 -32.80 6.17
CA ALA A 777 -5.26 -33.29 5.11
C ALA A 777 -4.52 -34.53 5.56
N PHE A 778 -3.69 -35.04 4.66
CA PHE A 778 -2.71 -36.03 5.06
C PHE A 778 -1.35 -35.36 5.19
N GLY A 779 -1.00 -34.91 6.40
CA GLY A 779 0.36 -34.45 6.62
C GLY A 779 1.37 -35.50 6.22
N PHE A 780 1.36 -36.63 6.88
CA PHE A 780 2.15 -37.78 6.48
C PHE A 780 1.64 -38.28 5.14
N ALA A 781 2.16 -39.42 4.69
CA ALA A 781 1.73 -39.99 3.44
C ALA A 781 0.56 -40.94 3.65
N ASP A 782 -0.61 -40.57 3.12
CA ASP A 782 -1.81 -41.40 3.05
C ASP A 782 -2.48 -41.62 4.38
N ARG A 783 -2.44 -40.65 5.28
CA ARG A 783 -3.06 -40.75 6.59
C ARG A 783 -2.78 -39.48 7.33
N SER A 784 -3.50 -39.23 8.41
CA SER A 784 -3.24 -38.03 9.17
C SER A 784 -2.21 -38.27 10.24
N LEU A 785 -2.01 -39.50 10.67
CA LEU A 785 -1.12 -39.74 11.80
C LEU A 785 -0.33 -41.02 11.65
N PRO A 786 0.61 -41.30 12.48
CA PRO A 786 1.25 -42.60 12.39
C PRO A 786 0.47 -43.63 13.15
N HIS A 787 -0.76 -43.29 13.52
CA HIS A 787 -1.59 -44.17 14.30
C HIS A 787 -2.56 -44.99 13.45
N PHE A 788 -3.01 -44.48 12.33
CA PHE A 788 -3.93 -45.24 11.49
C PHE A 788 -3.17 -45.75 10.30
N THR A 789 -3.75 -46.66 9.54
CA THR A 789 -3.05 -47.11 8.37
C THR A 789 -3.35 -46.19 7.20
N LYS A 790 -3.05 -46.64 5.99
CA LYS A 790 -3.23 -45.82 4.81
C LYS A 790 -4.60 -46.03 4.18
N ASP A 791 -5.16 -44.95 3.63
CA ASP A 791 -6.44 -45.00 2.91
C ASP A 791 -7.58 -45.43 3.82
N ASP A 792 -7.74 -44.73 4.94
CA ASP A 792 -8.80 -44.99 5.89
C ASP A 792 -9.63 -43.72 6.02
N PHE A 793 -10.63 -43.57 5.14
CA PHE A 793 -11.42 -42.36 5.07
C PHE A 793 -12.52 -42.30 6.12
N SER A 794 -12.79 -43.40 6.80
CA SER A 794 -13.88 -43.42 7.75
C SER A 794 -13.62 -42.41 8.85
N PRO A 795 -14.65 -41.78 9.37
CA PRO A 795 -14.49 -40.46 9.97
C PRO A 795 -13.60 -40.46 11.19
N GLU A 796 -13.38 -41.59 11.82
CA GLU A 796 -12.53 -41.53 13.01
C GLU A 796 -11.11 -41.10 12.67
N SER A 797 -10.63 -41.42 11.46
CA SER A 797 -9.25 -41.12 11.11
C SER A 797 -9.08 -39.64 10.76
N LYS A 798 -9.77 -39.20 9.72
CA LYS A 798 -9.65 -37.82 9.28
C LYS A 798 -10.49 -36.90 10.14
N GLY A 799 -10.76 -37.31 11.36
CA GLY A 799 -11.10 -36.34 12.36
C GLY A 799 -12.57 -36.17 12.62
N PHE A 800 -13.23 -37.24 13.01
CA PHE A 800 -14.60 -37.14 13.49
C PHE A 800 -14.55 -37.12 15.00
N VAL A 801 -14.51 -35.92 15.57
CA VAL A 801 -14.35 -35.81 17.02
C VAL A 801 -15.62 -36.34 17.66
N GLU A 802 -15.55 -37.61 18.07
CA GLU A 802 -16.74 -38.38 18.37
C GLU A 802 -17.34 -38.04 19.71
N ASN A 803 -16.49 -37.95 20.72
CA ASN A 803 -16.91 -37.79 22.10
C ASN A 803 -17.53 -36.42 22.30
N SER A 804 -18.04 -36.18 23.49
CA SER A 804 -18.28 -34.81 23.83
C SER A 804 -17.39 -34.45 25.00
N TYR A 805 -17.10 -33.17 25.16
CA TYR A 805 -16.07 -32.82 26.13
C TYR A 805 -16.33 -33.48 27.45
N LEU A 806 -17.57 -33.44 27.92
CA LEU A 806 -17.84 -33.89 29.27
C LEU A 806 -17.32 -35.31 29.49
N ARG A 807 -17.06 -36.05 28.40
CA ARG A 807 -16.28 -37.28 28.53
C ARG A 807 -14.81 -37.05 28.36
N GLY A 808 -14.42 -36.05 27.62
CA GLY A 808 -12.99 -35.90 27.42
C GLY A 808 -12.50 -36.68 26.23
N LEU A 809 -11.79 -36.00 25.36
CA LEU A 809 -11.40 -36.52 24.08
C LEU A 809 -10.37 -37.63 24.23
N THR A 810 -10.16 -38.37 23.15
CA THR A 810 -9.06 -39.30 23.12
C THR A 810 -7.76 -38.54 22.93
N PRO A 811 -6.65 -39.22 22.64
CA PRO A 811 -5.51 -38.49 22.07
C PRO A 811 -5.74 -37.90 20.69
N GLN A 812 -5.87 -38.74 19.67
CA GLN A 812 -5.90 -38.22 18.31
C GLN A 812 -6.92 -37.12 18.18
N GLU A 813 -8.08 -37.32 18.77
CA GLU A 813 -9.06 -36.27 18.65
C GLU A 813 -8.56 -35.01 19.32
N PHE A 814 -7.86 -35.12 20.44
CA PHE A 814 -7.36 -33.89 21.03
C PHE A 814 -6.41 -33.18 20.09
N PHE A 815 -5.52 -33.92 19.45
CA PHE A 815 -4.57 -33.23 18.59
C PHE A 815 -5.27 -32.55 17.42
N PHE A 816 -6.23 -33.25 16.79
CA PHE A 816 -6.97 -32.63 15.71
C PHE A 816 -7.67 -31.37 16.16
N HIS A 817 -8.40 -31.47 17.25
CA HIS A 817 -9.11 -30.30 17.70
C HIS A 817 -8.16 -29.16 18.00
N ALA A 818 -6.94 -29.49 18.41
CA ALA A 818 -5.96 -28.43 18.59
C ALA A 818 -5.59 -27.81 17.25
N MET A 819 -5.47 -28.62 16.21
CA MET A 819 -5.20 -28.02 14.92
C MET A 819 -6.30 -27.06 14.52
N ALA A 820 -7.54 -27.44 14.75
CA ALA A 820 -8.63 -26.58 14.36
C ALA A 820 -8.57 -25.26 15.10
N GLY A 821 -8.43 -25.32 16.42
CA GLY A 821 -8.26 -24.09 17.16
C GLY A 821 -7.07 -23.28 16.68
N ARG A 822 -6.02 -23.96 16.23
CA ARG A 822 -4.88 -23.21 15.73
C ARG A 822 -5.27 -22.41 14.51
N GLU A 823 -6.03 -23.03 13.61
CA GLU A 823 -6.52 -22.27 12.47
C GLU A 823 -7.32 -21.08 12.96
N GLY A 824 -8.15 -21.29 13.98
CA GLY A 824 -8.93 -20.19 14.49
C GLY A 824 -8.06 -19.03 14.93
N LEU A 825 -6.98 -19.33 15.64
CA LEU A 825 -6.09 -18.26 16.11
C LEU A 825 -5.35 -17.58 14.96
N ILE A 826 -4.70 -18.36 14.10
CA ILE A 826 -4.05 -17.79 12.94
C ILE A 826 -4.98 -16.82 12.26
N ASP A 827 -6.21 -17.25 12.08
CA ASP A 827 -7.23 -16.44 11.42
C ASP A 827 -7.44 -15.15 12.17
N THR A 828 -7.67 -15.25 13.47
CA THR A 828 -7.97 -14.07 14.25
C THR A 828 -6.81 -13.10 14.29
N ALA A 829 -5.58 -13.58 14.19
CA ALA A 829 -4.42 -12.72 14.29
C ALA A 829 -3.95 -12.20 12.94
N VAL A 830 -4.47 -12.74 11.84
CA VAL A 830 -4.06 -12.32 10.50
C VAL A 830 -5.14 -11.46 9.83
N LYS A 831 -6.36 -11.99 9.69
CA LYS A 831 -7.36 -11.24 8.92
C LYS A 831 -7.55 -9.82 9.44
N THR A 832 -7.38 -9.61 10.73
CA THR A 832 -7.45 -8.28 11.27
C THR A 832 -6.57 -7.29 10.55
N ALA A 833 -5.40 -7.73 10.06
CA ALA A 833 -4.52 -6.83 9.35
C ALA A 833 -5.21 -6.25 8.12
N GLU A 834 -5.73 -7.13 7.28
CA GLU A 834 -6.41 -6.68 6.09
C GLU A 834 -7.61 -5.83 6.45
N THR A 835 -8.30 -6.14 7.55
CA THR A 835 -9.45 -5.31 7.90
C THR A 835 -9.02 -3.90 8.27
N GLY A 836 -7.96 -3.76 9.05
CA GLY A 836 -7.47 -2.43 9.36
C GLY A 836 -7.10 -1.67 8.10
N TYR A 837 -6.39 -2.32 7.20
CA TYR A 837 -6.01 -1.65 5.97
C TYR A 837 -7.24 -1.15 5.24
N ILE A 838 -8.23 -2.03 5.08
CA ILE A 838 -9.40 -1.69 4.30
C ILE A 838 -10.13 -0.53 4.92
N GLN A 839 -10.30 -0.56 6.24
CA GLN A 839 -11.01 0.57 6.81
C GLN A 839 -10.24 1.86 6.60
N ARG A 840 -8.92 1.80 6.69
CA ARG A 840 -8.15 3.00 6.46
C ARG A 840 -8.41 3.57 5.08
N ARG A 841 -8.32 2.72 4.06
CA ARG A 841 -8.58 3.21 2.72
C ARG A 841 -9.97 3.79 2.61
N LEU A 842 -10.97 3.03 3.03
CA LEU A 842 -12.33 3.46 2.82
C LEU A 842 -12.56 4.81 3.44
N VAL A 843 -11.97 5.06 4.60
CA VAL A 843 -12.20 6.36 5.20
C VAL A 843 -11.48 7.44 4.41
N LYS A 844 -10.22 7.21 4.07
CA LYS A 844 -9.50 8.30 3.41
C LYS A 844 -10.11 8.68 2.07
N ALA A 845 -10.56 7.70 1.28
CA ALA A 845 -11.16 8.07 0.00
C ALA A 845 -12.42 8.89 0.19
N LEU A 846 -13.10 8.69 1.30
CA LEU A 846 -14.33 9.38 1.57
C LEU A 846 -14.17 10.51 2.55
N GLU A 847 -12.98 10.76 3.02
CA GLU A 847 -13.01 11.41 4.32
C GLU A 847 -13.59 12.79 4.30
N ASP A 848 -14.21 13.33 3.26
CA ASP A 848 -14.70 14.70 3.30
C ASP A 848 -16.15 14.88 2.87
N ILE A 849 -16.76 13.89 2.21
CA ILE A 849 -18.04 14.08 1.57
C ILE A 849 -19.09 14.59 2.53
N MET A 850 -19.76 15.67 2.15
CA MET A 850 -20.53 16.46 3.08
C MET A 850 -21.84 16.93 2.46
N VAL A 851 -22.92 16.75 3.19
CA VAL A 851 -24.25 17.16 2.77
C VAL A 851 -24.40 18.66 2.90
N HIS A 852 -24.26 19.39 1.81
CA HIS A 852 -24.40 20.83 1.89
C HIS A 852 -25.87 21.18 2.05
N TYR A 853 -26.17 22.46 2.19
CA TYR A 853 -27.53 22.86 2.50
C TYR A 853 -28.46 22.74 1.36
N ASP A 854 -28.01 22.15 0.26
CA ASP A 854 -28.89 21.85 -0.87
C ASP A 854 -29.28 20.39 -0.85
N GLY A 855 -29.05 19.73 0.26
CA GLY A 855 -29.36 18.33 0.33
C GLY A 855 -28.70 17.49 -0.73
N THR A 856 -27.58 17.94 -1.29
CA THR A 856 -26.86 17.08 -2.20
C THR A 856 -25.58 16.57 -1.57
N THR A 857 -24.79 15.87 -2.36
CA THR A 857 -23.64 15.16 -1.81
C THR A 857 -22.41 15.61 -2.58
N ARG A 858 -21.83 16.73 -2.19
CA ARG A 858 -20.71 17.27 -2.95
C ARG A 858 -19.42 17.01 -2.21
N ASN A 859 -18.47 16.40 -2.88
CA ASN A 859 -17.21 16.11 -2.21
C ASN A 859 -16.40 17.40 -2.13
N SER A 860 -15.08 17.27 -1.96
CA SER A 860 -14.22 18.42 -1.75
C SER A 860 -14.58 19.61 -2.65
N LEU A 861 -14.57 19.40 -3.96
CA LEU A 861 -14.89 20.47 -4.88
C LEU A 861 -16.38 20.68 -4.97
N GLY A 862 -17.11 19.63 -5.31
CA GLY A 862 -18.42 19.75 -5.86
C GLY A 862 -18.73 18.76 -6.97
N ASP A 863 -17.84 17.81 -7.26
CA ASP A 863 -18.25 16.75 -8.18
C ASP A 863 -19.35 15.97 -7.48
N ILE A 864 -20.59 16.38 -7.71
CA ILE A 864 -21.70 15.88 -6.91
C ILE A 864 -21.81 14.37 -7.07
N ILE A 865 -22.24 13.68 -6.02
CA ILE A 865 -22.25 12.23 -6.01
C ILE A 865 -23.65 11.66 -5.83
N GLN A 866 -24.55 12.39 -5.19
CA GLN A 866 -25.95 12.02 -5.13
C GLN A 866 -26.78 13.29 -5.04
N PHE A 867 -27.68 13.48 -6.01
CA PHE A 867 -28.43 14.73 -6.04
C PHE A 867 -29.35 14.88 -4.85
N LEU A 868 -29.68 13.79 -4.18
CA LEU A 868 -30.42 13.92 -2.94
C LEU A 868 -30.04 12.80 -2.00
N TYR A 869 -29.52 13.16 -0.83
CA TYR A 869 -28.72 12.26 -0.03
C TYR A 869 -29.32 10.88 0.05
N GLY A 870 -28.73 9.92 -0.63
CA GLY A 870 -29.33 8.61 -0.62
C GLY A 870 -30.74 8.58 -1.15
N GLU A 871 -31.03 9.43 -2.12
CA GLU A 871 -32.26 9.36 -2.87
C GLU A 871 -33.47 9.70 -2.04
N ASP A 872 -33.29 10.15 -0.80
CA ASP A 872 -34.46 10.44 0.01
C ASP A 872 -34.46 11.80 0.71
N GLY A 873 -33.40 12.18 1.41
CA GLY A 873 -33.49 13.25 2.38
C GLY A 873 -33.76 12.76 3.77
N LEU A 874 -33.97 11.47 3.94
CA LEU A 874 -34.24 10.87 5.24
C LEU A 874 -32.94 10.46 5.89
N ASP A 875 -32.68 11.00 7.07
CA ASP A 875 -31.56 10.55 7.85
C ASP A 875 -31.65 9.05 8.11
N GLY A 876 -30.50 8.39 8.19
CA GLY A 876 -30.46 6.97 8.40
C GLY A 876 -30.79 6.52 9.81
N THR A 877 -31.03 7.46 10.73
CA THR A 877 -31.34 7.00 12.07
C THR A 877 -32.73 7.39 12.52
N GLN A 878 -33.68 7.56 11.61
CA GLN A 878 -35.03 7.85 12.01
C GLN A 878 -36.04 6.97 11.31
N VAL A 879 -35.73 5.72 11.05
CA VAL A 879 -36.55 4.90 10.19
C VAL A 879 -36.88 3.59 10.88
N GLU A 880 -37.80 2.84 10.31
CA GLU A 880 -38.19 1.53 10.81
C GLU A 880 -38.52 0.63 9.63
N ARG A 881 -38.50 -0.68 9.84
CA ARG A 881 -39.00 -1.56 8.79
C ARG A 881 -40.51 -1.68 8.91
N GLN A 882 -41.21 -1.18 7.91
CA GLN A 882 -42.66 -1.21 7.94
C GLN A 882 -43.18 -1.96 6.75
N THR A 883 -44.45 -2.31 6.83
CA THR A 883 -45.11 -3.13 5.84
C THR A 883 -45.91 -2.20 4.95
N ILE A 884 -45.48 -2.07 3.70
CA ILE A 884 -46.28 -1.34 2.73
C ILE A 884 -47.47 -2.24 2.42
N ASP A 885 -48.68 -1.69 2.51
CA ASP A 885 -49.88 -2.50 2.44
C ASP A 885 -50.26 -2.94 1.04
N THR A 886 -50.35 -2.01 0.12
CA THR A 886 -51.02 -2.28 -1.13
C THR A 886 -50.18 -3.11 -2.08
N ILE A 887 -49.08 -3.68 -1.62
CA ILE A 887 -48.26 -4.48 -2.52
C ILE A 887 -48.78 -5.90 -2.66
N PRO A 888 -49.01 -6.66 -1.61
CA PRO A 888 -49.44 -8.04 -1.78
C PRO A 888 -50.96 -8.13 -1.88
N GLY A 889 -51.46 -9.36 -1.77
CA GLY A 889 -52.88 -9.60 -1.69
C GLY A 889 -53.54 -9.66 -3.05
N SER A 890 -54.48 -10.58 -3.17
CA SER A 890 -55.17 -10.73 -4.44
C SER A 890 -56.12 -9.57 -4.68
N ASP A 891 -56.48 -9.39 -5.94
CA ASP A 891 -57.28 -8.24 -6.32
C ASP A 891 -58.60 -8.20 -5.57
N LYS A 892 -59.13 -9.37 -5.23
CA LYS A 892 -60.34 -9.39 -4.44
C LYS A 892 -60.12 -8.71 -3.11
N ALA A 893 -59.27 -9.28 -2.26
CA ALA A 893 -59.03 -8.71 -0.94
C ALA A 893 -58.69 -7.24 -1.06
N PHE A 894 -57.97 -6.88 -2.11
CA PHE A 894 -57.71 -5.48 -2.36
C PHE A 894 -59.01 -4.71 -2.44
N HIS A 895 -59.81 -4.99 -3.46
CA HIS A 895 -61.07 -4.30 -3.66
C HIS A 895 -61.97 -4.40 -2.44
N LYS A 896 -61.69 -5.32 -1.55
CA LYS A 896 -62.55 -5.53 -0.41
C LYS A 896 -62.19 -4.61 0.73
N ARG A 897 -60.90 -4.49 1.03
CA ARG A 897 -60.55 -3.62 2.14
C ARG A 897 -60.68 -2.17 1.73
N TYR A 898 -60.45 -1.87 0.47
CA TYR A 898 -60.25 -0.48 0.08
C TYR A 898 -61.45 0.17 -0.57
N TYR A 899 -62.27 -0.57 -1.30
CA TYR A 899 -63.26 0.06 -2.18
C TYR A 899 -64.48 0.52 -1.40
N VAL A 900 -64.68 1.80 -1.33
CA VAL A 900 -65.87 2.31 -0.68
C VAL A 900 -67.02 2.12 -1.65
N ASP A 901 -68.25 2.29 -1.16
CA ASP A 901 -69.38 2.57 -2.05
C ASP A 901 -70.35 3.46 -1.30
N LEU A 902 -71.06 4.28 -2.05
CA LEU A 902 -72.12 5.11 -1.51
C LEU A 902 -73.47 4.73 -2.07
N MET A 903 -73.52 3.76 -2.97
CA MET A 903 -74.76 3.41 -3.64
C MET A 903 -75.35 2.12 -3.10
N ASP A 904 -74.74 0.98 -3.38
CA ASP A 904 -75.20 -0.25 -2.76
C ASP A 904 -75.10 -0.07 -1.26
N GLU A 905 -76.19 -0.38 -0.55
CA GLU A 905 -76.22 -0.06 0.88
C GLU A 905 -75.19 -0.87 1.65
N LYS A 906 -74.86 -2.06 1.19
CA LYS A 906 -73.97 -2.91 1.96
C LYS A 906 -72.53 -2.39 1.94
N ASN A 907 -72.04 -1.98 0.78
CA ASN A 907 -70.65 -1.58 0.63
C ASN A 907 -70.37 -0.19 1.14
N SER A 908 -70.99 0.20 2.24
CA SER A 908 -70.93 1.57 2.69
C SER A 908 -70.17 1.70 4.00
N ILE A 909 -70.24 2.90 4.58
CA ILE A 909 -70.03 3.06 6.01
C ILE A 909 -71.19 2.40 6.73
N LYS A 910 -70.87 1.49 7.64
CA LYS A 910 -71.87 0.88 8.48
C LYS A 910 -72.41 1.89 9.48
N PRO A 911 -73.62 1.72 10.02
CA PRO A 911 -74.27 2.80 10.75
C PRO A 911 -73.67 3.11 12.11
N ASP A 912 -73.29 2.10 12.88
CA ASP A 912 -72.98 2.33 14.29
C ASP A 912 -71.64 3.00 14.49
N VAL A 913 -70.90 3.26 13.41
CA VAL A 913 -69.56 3.83 13.54
C VAL A 913 -69.52 5.33 13.29
N ILE A 914 -70.51 5.88 12.60
CA ILE A 914 -70.55 7.32 12.39
C ILE A 914 -71.88 7.86 12.87
N GLU A 915 -71.90 9.19 13.07
CA GLU A 915 -73.12 9.86 13.52
C GLU A 915 -74.11 10.05 12.40
N TYR A 916 -73.65 10.57 11.26
CA TYR A 916 -74.49 11.06 10.17
C TYR A 916 -74.81 10.00 9.12
N ALA A 917 -74.76 8.71 9.48
CA ALA A 917 -74.96 7.61 8.54
C ALA A 917 -76.23 7.78 7.70
N ALA A 918 -77.07 8.75 8.01
CA ALA A 918 -78.26 8.98 7.20
C ALA A 918 -77.94 9.80 5.95
N ASP A 919 -77.09 10.82 6.07
CA ASP A 919 -76.89 11.79 5.01
C ASP A 919 -76.01 11.28 3.89
N ILE A 920 -75.88 9.97 3.74
CA ILE A 920 -74.81 9.49 2.88
C ILE A 920 -75.29 8.67 1.70
N LEU A 921 -75.87 7.51 1.97
CA LEU A 921 -75.91 6.47 0.95
C LEU A 921 -76.68 6.96 -0.26
N GLY A 922 -75.95 7.47 -1.25
CA GLY A 922 -76.53 7.95 -2.48
C GLY A 922 -75.89 9.18 -3.09
N ASP A 923 -75.06 9.92 -2.36
CA ASP A 923 -74.47 11.13 -2.96
C ASP A 923 -73.60 10.74 -4.14
N VAL A 924 -73.43 11.67 -5.08
CA VAL A 924 -72.45 11.46 -6.14
C VAL A 924 -71.21 12.31 -5.96
N GLU A 925 -71.34 13.55 -5.47
CA GLU A 925 -70.15 14.37 -5.24
C GLU A 925 -69.17 13.69 -4.31
N LEU A 926 -69.67 12.82 -3.44
CA LEU A 926 -68.86 12.02 -2.56
C LEU A 926 -68.29 10.81 -3.27
N GLN A 927 -69.12 10.18 -4.10
CA GLN A 927 -68.68 9.05 -4.90
C GLN A 927 -67.55 9.41 -5.82
N LYS A 928 -67.48 10.66 -6.29
CA LYS A 928 -66.41 11.04 -7.20
C LYS A 928 -65.09 11.23 -6.47
N GLU A 929 -65.12 11.88 -5.31
CA GLU A 929 -63.99 11.79 -4.39
C GLU A 929 -63.47 10.37 -4.36
N LEU A 930 -64.38 9.43 -4.08
CA LEU A 930 -63.92 8.08 -3.86
C LEU A 930 -63.44 7.41 -5.13
N ASN A 931 -64.02 7.71 -6.28
CA ASN A 931 -63.51 7.13 -7.51
C ASN A 931 -62.10 7.62 -7.78
N SER A 932 -61.86 8.91 -7.54
CA SER A 932 -60.52 9.45 -7.65
C SER A 932 -59.56 8.71 -6.73
N GLU A 933 -59.92 8.60 -5.45
CA GLU A 933 -58.98 8.05 -4.49
C GLU A 933 -58.75 6.57 -4.73
N TYR A 934 -59.75 5.87 -5.22
CA TYR A 934 -59.53 4.47 -5.55
C TYR A 934 -58.61 4.33 -6.74
N GLU A 935 -58.78 5.13 -7.79
CA GLU A 935 -57.79 4.99 -8.86
C GLU A 935 -56.42 5.40 -8.37
N GLN A 936 -56.36 6.33 -7.42
CA GLN A 936 -55.08 6.70 -6.86
C GLN A 936 -54.39 5.46 -6.31
N LEU A 937 -55.11 4.71 -5.49
CA LEU A 937 -54.54 3.45 -5.06
C LEU A 937 -54.25 2.52 -6.22
N VAL A 938 -55.07 2.57 -7.27
CA VAL A 938 -54.79 1.69 -8.40
C VAL A 938 -53.41 1.95 -8.94
N SER A 939 -53.12 3.22 -9.22
CA SER A 939 -51.83 3.58 -9.77
C SER A 939 -50.71 3.20 -8.83
N ASP A 940 -50.88 3.48 -7.53
CA ASP A 940 -49.81 3.09 -6.61
C ASP A 940 -49.57 1.59 -6.67
N ARG A 941 -50.61 0.80 -6.80
CA ARG A 941 -50.37 -0.63 -6.82
C ARG A 941 -49.65 -1.03 -8.08
N LYS A 942 -50.09 -0.51 -9.21
CA LYS A 942 -49.42 -0.82 -10.46
C LYS A 942 -47.96 -0.38 -10.42
N PHE A 943 -47.73 0.79 -9.85
CA PHE A 943 -46.40 1.34 -9.66
C PHE A 943 -45.53 0.41 -8.84
N LEU A 944 -45.85 0.22 -7.57
CA LEU A 944 -45.06 -0.67 -6.74
C LEU A 944 -45.06 -2.08 -7.25
N ARG A 945 -45.88 -2.38 -8.24
CA ARG A 945 -45.93 -3.77 -8.61
C ARG A 945 -45.17 -4.07 -9.88
N GLU A 946 -44.98 -3.07 -10.74
CA GLU A 946 -44.27 -3.27 -11.99
C GLU A 946 -42.91 -2.61 -12.06
N ILE A 947 -42.78 -1.37 -11.60
CA ILE A 947 -41.53 -0.65 -11.64
C ILE A 947 -40.58 -1.14 -10.57
N VAL A 948 -40.98 -1.01 -9.31
CA VAL A 948 -39.99 -0.95 -8.24
C VAL A 948 -39.76 -2.31 -7.58
N PHE A 949 -40.67 -2.74 -6.72
CA PHE A 949 -40.44 -3.94 -5.93
C PHE A 949 -40.90 -5.10 -6.80
N VAL A 950 -40.03 -5.53 -7.70
CA VAL A 950 -40.46 -6.41 -8.78
C VAL A 950 -41.05 -7.70 -8.26
N ASN A 951 -40.38 -8.35 -7.33
CA ASN A 951 -40.91 -9.61 -6.84
C ASN A 951 -41.70 -9.47 -5.56
N GLY A 952 -42.08 -8.26 -5.17
CA GLY A 952 -43.17 -8.07 -4.25
C GLY A 952 -42.84 -8.10 -2.77
N ASP A 953 -41.57 -8.22 -2.40
CA ASP A 953 -41.20 -8.24 -0.99
C ASP A 953 -41.68 -6.95 -0.34
N HIS A 954 -42.68 -7.05 0.51
CA HIS A 954 -43.51 -5.90 0.82
C HIS A 954 -43.14 -5.19 2.10
N ASN A 955 -41.96 -5.44 2.65
CA ASN A 955 -41.54 -4.79 3.87
C ASN A 955 -40.26 -4.01 3.62
N TRP A 956 -40.24 -2.73 3.97
CA TRP A 956 -39.03 -1.95 3.70
C TRP A 956 -38.82 -0.89 4.76
N PRO A 957 -37.60 -0.41 4.91
CA PRO A 957 -37.32 0.66 5.86
C PRO A 957 -37.89 1.96 5.34
N LEU A 958 -38.39 2.79 6.24
CA LEU A 958 -39.16 3.97 5.92
C LEU A 958 -39.19 4.93 7.10
N PRO A 959 -39.56 6.16 6.88
CA PRO A 959 -39.69 7.13 7.97
C PRO A 959 -40.91 6.91 8.81
N VAL A 960 -41.31 7.98 9.49
CA VAL A 960 -42.14 8.01 10.67
C VAL A 960 -43.20 6.92 10.69
N ASN A 961 -43.30 6.20 11.79
CA ASN A 961 -44.08 4.97 11.79
C ASN A 961 -45.55 5.30 11.98
N LEU A 962 -46.37 4.89 11.04
CA LEU A 962 -47.78 5.21 11.16
C LEU A 962 -48.42 4.41 12.27
N ARG A 963 -48.56 3.10 12.06
CA ARG A 963 -49.25 2.22 13.01
C ARG A 963 -49.02 2.64 14.45
N ARG A 964 -47.78 2.94 14.81
CA ARG A 964 -47.54 3.29 16.20
C ARG A 964 -48.17 4.62 16.57
N ILE A 965 -48.00 5.63 15.71
CA ILE A 965 -48.67 6.89 15.97
C ILE A 965 -50.16 6.69 16.03
N ILE A 966 -50.71 5.88 15.13
CA ILE A 966 -52.14 5.68 15.12
C ILE A 966 -52.60 5.03 16.42
N GLN A 967 -51.86 4.06 16.93
CA GLN A 967 -52.35 3.41 18.12
C GLN A 967 -52.16 4.27 19.36
N ASN A 968 -51.13 5.12 19.40
CA ASN A 968 -51.16 6.17 20.41
C ASN A 968 -52.38 7.06 20.27
N ALA A 969 -52.73 7.42 19.04
CA ALA A 969 -53.95 8.16 18.84
C ALA A 969 -55.14 7.43 19.45
N GLN A 970 -55.30 6.15 19.13
CA GLN A 970 -56.37 5.35 19.70
C GLN A 970 -56.40 5.52 21.19
N GLN A 971 -55.26 5.32 21.83
CA GLN A 971 -55.26 5.27 23.27
C GLN A 971 -55.54 6.61 23.92
N ILE A 972 -54.95 7.69 23.44
CA ILE A 972 -55.16 8.95 24.16
C ILE A 972 -56.65 9.27 24.21
N PHE A 973 -57.29 9.35 23.06
CA PHE A 973 -58.69 9.75 23.03
C PHE A 973 -59.65 8.60 23.18
N HIS A 974 -59.16 7.45 23.66
CA HIS A 974 -60.00 6.37 24.14
C HIS A 974 -60.91 5.83 23.05
N LEU A 975 -60.51 6.00 21.78
CA LEU A 975 -61.44 5.74 20.70
C LEU A 975 -61.60 4.25 20.45
N ASP A 976 -61.83 3.55 21.56
CA ASP A 976 -62.49 2.26 21.59
C ASP A 976 -63.96 2.48 21.89
N ARG A 977 -64.65 1.42 22.32
CA ARG A 977 -66.06 1.40 22.72
C ARG A 977 -67.00 1.73 21.56
N ALA A 978 -66.52 1.56 20.34
CA ALA A 978 -67.34 1.56 19.12
C ALA A 978 -68.36 2.70 19.13
N LYS A 979 -67.86 3.91 19.32
CA LYS A 979 -68.77 5.03 19.46
C LYS A 979 -68.91 5.68 18.10
N ALA A 980 -70.14 6.11 17.77
CA ALA A 980 -70.40 6.69 16.47
C ALA A 980 -69.54 7.93 16.25
N SER A 981 -68.86 7.98 15.12
CA SER A 981 -67.88 9.02 14.85
C SER A 981 -68.47 10.11 13.96
N ASP A 982 -68.06 11.34 14.23
CA ASP A 982 -68.51 12.50 13.46
C ASP A 982 -67.60 12.81 12.29
N LEU A 983 -67.06 11.78 11.65
CA LEU A 983 -65.99 11.95 10.68
C LEU A 983 -66.57 12.00 9.27
N THR A 984 -66.54 13.17 8.65
CA THR A 984 -67.14 13.30 7.34
C THR A 984 -66.11 13.04 6.25
N ILE A 985 -66.48 12.17 5.31
CA ILE A 985 -65.51 11.66 4.34
C ILE A 985 -64.71 12.75 3.64
N PRO A 986 -65.30 13.87 3.21
CA PRO A 986 -64.47 14.91 2.63
C PRO A 986 -63.41 15.43 3.59
N GLU A 987 -63.67 15.46 4.90
CA GLU A 987 -62.59 15.78 5.83
C GLU A 987 -61.39 14.87 5.62
N ILE A 988 -61.60 13.56 5.63
CA ILE A 988 -60.52 12.62 5.37
C ILE A 988 -59.80 12.96 4.09
N ILE A 989 -60.53 12.99 2.98
CA ILE A 989 -59.82 13.01 1.71
C ILE A 989 -59.14 14.35 1.49
N HIS A 990 -59.79 15.44 1.91
CA HIS A 990 -59.10 16.72 1.82
C HIS A 990 -57.91 16.78 2.75
N GLY A 991 -58.00 16.25 3.96
CA GLY A 991 -56.85 16.27 4.84
C GLY A 991 -55.68 15.53 4.22
N VAL A 992 -55.94 14.33 3.73
CA VAL A 992 -54.84 13.56 3.17
C VAL A 992 -54.28 14.26 1.96
N ARG A 993 -55.12 14.92 1.18
CA ARG A 993 -54.59 15.55 -0.01
C ARG A 993 -53.82 16.81 0.33
N ASP A 994 -54.22 17.52 1.37
CA ASP A 994 -53.42 18.64 1.85
C ASP A 994 -52.20 18.20 2.61
N LEU A 995 -52.09 16.93 2.93
CA LEU A 995 -50.90 16.53 3.65
C LEU A 995 -49.69 16.51 2.74
N CYS A 996 -49.77 15.78 1.63
CA CYS A 996 -48.63 15.67 0.71
C CYS A 996 -48.30 16.99 0.04
N LYS A 997 -48.89 18.10 0.50
CA LYS A 997 -48.35 19.43 0.28
C LYS A 997 -47.49 19.92 1.42
N LYS A 998 -47.09 19.04 2.33
CA LYS A 998 -46.33 19.45 3.50
C LYS A 998 -45.25 18.44 3.90
N LEU A 999 -44.81 17.60 2.99
CA LEU A 999 -43.65 16.74 3.24
C LEU A 999 -42.43 17.28 2.50
N PHE A 1000 -41.97 18.43 2.97
CA PHE A 1000 -40.94 19.19 2.27
C PHE A 1000 -39.58 18.56 2.47
N VAL A 1001 -39.00 18.05 1.40
CA VAL A 1001 -37.60 17.64 1.49
C VAL A 1001 -36.75 18.74 0.87
N LEU A 1002 -37.19 19.27 -0.26
CA LEU A 1002 -36.42 20.27 -1.02
C LEU A 1002 -37.32 21.46 -1.31
N ARG A 1003 -37.10 22.57 -0.62
CA ARG A 1003 -38.01 23.71 -0.74
C ARG A 1003 -37.70 24.51 -1.99
N GLY A 1004 -38.50 25.53 -2.23
CA GLY A 1004 -38.39 26.39 -3.40
C GLY A 1004 -39.51 26.12 -4.38
N GLU A 1005 -39.57 26.97 -5.41
CA GLU A 1005 -40.64 26.81 -6.38
C GLU A 1005 -40.15 26.74 -7.81
N ASN A 1006 -38.85 26.82 -8.01
CA ASN A 1006 -38.31 26.57 -9.32
C ASN A 1006 -38.76 25.19 -9.81
N GLU A 1007 -39.08 25.09 -11.09
CA GLU A 1007 -39.89 23.97 -11.53
C GLU A 1007 -39.18 22.64 -11.32
N LEU A 1008 -37.87 22.61 -11.50
CA LEU A 1008 -37.15 21.38 -11.15
C LEU A 1008 -37.21 21.07 -9.67
N ILE A 1009 -37.27 22.08 -8.80
CA ILE A 1009 -37.45 21.77 -7.38
C ILE A 1009 -38.69 20.91 -7.17
N LYS A 1010 -39.81 21.30 -7.75
CA LYS A 1010 -41.04 20.58 -7.48
C LYS A 1010 -40.99 19.19 -8.10
N GLU A 1011 -40.44 19.08 -9.32
CA GLU A 1011 -40.31 17.75 -9.88
C GLU A 1011 -39.47 16.86 -8.97
N ALA A 1012 -38.45 17.41 -8.34
CA ALA A 1012 -37.65 16.61 -7.45
C ALA A 1012 -38.37 16.24 -6.15
N GLN A 1013 -38.99 17.22 -5.49
CA GLN A 1013 -39.83 16.94 -4.34
C GLN A 1013 -40.67 15.72 -4.60
N GLN A 1014 -41.47 15.78 -5.68
CA GLN A 1014 -42.43 14.72 -5.92
C GLN A 1014 -41.76 13.44 -6.42
N ASN A 1015 -40.58 13.55 -6.99
CA ASN A 1015 -39.85 12.33 -7.33
C ASN A 1015 -39.40 11.61 -6.09
N ALA A 1016 -39.15 12.36 -5.02
CA ALA A 1016 -38.51 11.76 -3.86
C ALA A 1016 -39.48 10.89 -3.06
N THR A 1017 -40.54 11.51 -2.54
CA THR A 1017 -41.38 10.88 -1.53
C THR A 1017 -42.52 10.10 -2.16
N SER A 1018 -42.33 9.47 -3.31
CA SER A 1018 -43.41 8.64 -3.83
C SER A 1018 -43.62 7.43 -2.95
N LEU A 1019 -42.55 6.74 -2.56
CA LEU A 1019 -42.74 5.53 -1.77
C LEU A 1019 -43.37 5.84 -0.42
N PHE A 1020 -42.93 6.91 0.24
CA PHE A 1020 -43.55 7.29 1.51
C PHE A 1020 -44.98 7.82 1.33
N GLN A 1021 -45.25 8.54 0.25
CA GLN A 1021 -46.65 8.86 0.03
C GLN A 1021 -47.46 7.61 -0.17
N CYS A 1022 -46.89 6.60 -0.80
CA CYS A 1022 -47.59 5.34 -0.98
C CYS A 1022 -47.91 4.72 0.36
N LEU A 1023 -46.98 4.78 1.30
CA LEU A 1023 -47.27 4.23 2.60
C LEU A 1023 -48.40 4.99 3.28
N VAL A 1024 -48.29 6.32 3.34
CA VAL A 1024 -49.31 7.11 4.04
C VAL A 1024 -50.68 6.83 3.46
N ARG A 1025 -50.82 6.91 2.14
CA ARG A 1025 -52.13 6.62 1.57
C ARG A 1025 -52.48 5.15 1.66
N ALA A 1026 -51.51 4.26 1.84
CA ALA A 1026 -51.88 2.87 2.01
C ALA A 1026 -52.50 2.62 3.37
N ARG A 1027 -52.20 3.46 4.37
CA ARG A 1027 -52.89 3.31 5.65
C ARG A 1027 -54.13 4.18 5.75
N LEU A 1028 -53.98 5.50 5.69
CA LEU A 1028 -55.13 6.34 6.01
C LEU A 1028 -56.08 6.46 4.82
N ALA A 1029 -56.34 5.32 4.20
CA ALA A 1029 -57.44 5.24 3.25
C ALA A 1029 -58.75 5.39 4.01
N THR A 1030 -59.83 5.64 3.28
CA THR A 1030 -61.04 6.10 3.94
C THR A 1030 -61.81 4.94 4.58
N ARG A 1031 -61.95 3.82 3.88
CA ARG A 1031 -62.52 2.66 4.55
C ARG A 1031 -61.74 2.29 5.78
N ARG A 1032 -60.43 2.27 5.72
CA ARG A 1032 -59.70 1.71 6.85
C ARG A 1032 -59.93 2.54 8.10
N ILE A 1033 -59.92 3.86 7.96
CA ILE A 1033 -60.28 4.70 9.08
C ILE A 1033 -61.69 4.41 9.56
N LEU A 1034 -62.67 4.54 8.67
CA LEU A 1034 -64.02 4.51 9.18
C LEU A 1034 -64.49 3.11 9.52
N GLU A 1035 -63.67 2.10 9.29
CA GLU A 1035 -64.08 0.74 9.55
C GLU A 1035 -63.28 0.10 10.67
N GLU A 1036 -62.04 0.52 10.88
CA GLU A 1036 -61.23 -0.21 11.85
C GLU A 1036 -60.56 0.67 12.90
N PHE A 1037 -60.02 1.81 12.52
CA PHE A 1037 -59.32 2.62 13.50
C PHE A 1037 -60.20 3.63 14.19
N ARG A 1038 -61.40 3.86 13.69
CA ARG A 1038 -62.47 4.53 14.42
C ARG A 1038 -61.98 5.86 15.03
N LEU A 1039 -61.17 6.57 14.26
CA LEU A 1039 -60.70 7.84 14.79
C LEU A 1039 -61.87 8.79 14.92
N ASN A 1040 -61.60 10.02 15.33
CA ASN A 1040 -62.64 11.03 15.33
C ASN A 1040 -62.16 12.22 14.51
N ARG A 1041 -62.70 13.40 14.82
CA ARG A 1041 -62.14 14.62 14.25
C ARG A 1041 -60.94 15.10 15.05
N ASP A 1042 -61.07 15.17 16.38
CA ASP A 1042 -59.93 15.59 17.18
C ASP A 1042 -58.73 14.70 16.93
N ALA A 1043 -58.84 13.42 17.29
CA ALA A 1043 -57.73 12.50 17.16
C ALA A 1043 -57.16 12.52 15.76
N PHE A 1044 -58.00 12.75 14.78
CA PHE A 1044 -57.50 12.78 13.43
C PHE A 1044 -56.64 14.00 13.18
N GLU A 1045 -57.11 15.18 13.58
CA GLU A 1045 -56.26 16.34 13.41
C GLU A 1045 -54.97 16.15 14.16
N TRP A 1046 -55.02 15.47 15.29
CA TRP A 1046 -53.79 15.23 16.03
C TRP A 1046 -52.84 14.37 15.23
N VAL A 1047 -53.34 13.29 14.63
CA VAL A 1047 -52.47 12.42 13.85
C VAL A 1047 -51.86 13.18 12.70
N LEU A 1048 -52.62 14.06 12.06
CA LEU A 1048 -52.02 14.84 10.99
C LEU A 1048 -50.91 15.73 11.50
N GLY A 1049 -51.19 16.49 12.56
CA GLY A 1049 -50.14 17.32 13.11
C GLY A 1049 -48.88 16.54 13.39
N THR A 1050 -49.02 15.37 13.99
CA THR A 1050 -47.82 14.64 14.36
C THR A 1050 -47.10 14.08 13.15
N ILE A 1051 -47.79 13.52 12.16
CA ILE A 1051 -47.03 12.94 11.06
C ILE A 1051 -46.32 14.05 10.30
N GLU A 1052 -46.93 15.21 10.21
CA GLU A 1052 -46.20 16.37 9.73
C GLU A 1052 -44.91 16.57 10.51
N ALA A 1053 -45.03 16.80 11.81
CA ALA A 1053 -43.85 17.21 12.57
C ALA A 1053 -42.75 16.17 12.48
N GLN A 1054 -43.09 14.90 12.54
CA GLN A 1054 -42.00 13.93 12.53
C GLN A 1054 -41.46 13.66 11.14
N PHE A 1055 -42.24 13.78 10.08
CA PHE A 1055 -41.49 13.75 8.84
C PHE A 1055 -40.57 14.94 8.72
N GLN A 1056 -40.88 16.03 9.41
CA GLN A 1056 -39.84 17.04 9.50
C GLN A 1056 -38.62 16.53 10.22
N ARG A 1057 -38.78 16.03 11.43
CA ARG A 1057 -37.59 15.77 12.22
C ARG A 1057 -36.71 14.67 11.67
N SER A 1058 -37.11 14.00 10.60
CA SER A 1058 -36.26 12.95 10.05
C SER A 1058 -35.58 13.37 8.76
N LEU A 1059 -35.28 14.66 8.62
CA LEU A 1059 -34.45 15.11 7.51
C LEU A 1059 -33.01 15.16 7.95
N VAL A 1060 -32.14 14.52 7.17
CA VAL A 1060 -30.73 14.46 7.54
C VAL A 1060 -30.12 15.85 7.57
N HIS A 1061 -29.48 16.15 8.64
CA HIS A 1061 -29.14 17.53 8.93
C HIS A 1061 -27.97 17.98 8.10
N PRO A 1062 -28.06 19.15 7.52
CA PRO A 1062 -26.98 19.62 6.67
C PRO A 1062 -25.69 19.83 7.43
N GLY A 1063 -24.66 19.18 6.95
CA GLY A 1063 -23.35 19.14 7.55
C GLY A 1063 -22.87 17.74 7.85
N GLU A 1064 -23.74 16.89 8.35
CA GLU A 1064 -23.40 15.56 8.81
C GLU A 1064 -22.42 14.87 7.88
N MET A 1065 -21.15 14.78 8.26
CA MET A 1065 -20.16 14.26 7.33
C MET A 1065 -20.40 12.81 6.97
N VAL A 1066 -21.59 12.52 6.47
CA VAL A 1066 -22.04 11.15 6.30
C VAL A 1066 -21.00 10.21 5.71
N GLY A 1067 -20.15 10.69 4.79
CA GLY A 1067 -19.30 9.77 4.06
C GLY A 1067 -18.45 8.93 4.98
N VAL A 1068 -17.92 9.55 6.03
CA VAL A 1068 -17.17 8.80 7.02
C VAL A 1068 -18.02 7.72 7.64
N ILE A 1069 -19.28 8.07 7.96
CA ILE A 1069 -20.16 7.08 8.55
C ILE A 1069 -20.28 5.91 7.62
N ALA A 1070 -20.33 6.19 6.34
CA ALA A 1070 -20.40 5.13 5.36
C ALA A 1070 -19.17 4.23 5.45
N ALA A 1071 -18.01 4.84 5.44
CA ALA A 1071 -16.81 4.00 5.51
C ALA A 1071 -16.84 3.14 6.74
N GLN A 1072 -17.12 3.73 7.89
CA GLN A 1072 -17.01 2.98 9.12
C GLN A 1072 -18.01 1.86 9.16
N SER A 1073 -19.27 2.14 8.86
CA SER A 1073 -20.24 1.07 8.95
C SER A 1073 -20.30 0.23 7.71
N ILE A 1074 -19.33 0.33 6.82
CA ILE A 1074 -19.15 -0.79 5.91
C ILE A 1074 -18.02 -1.65 6.41
N GLY A 1075 -16.93 -1.01 6.85
CA GLY A 1075 -15.78 -1.78 7.29
C GLY A 1075 -15.99 -2.50 8.59
N GLU A 1076 -16.85 -1.99 9.43
CA GLU A 1076 -17.05 -2.59 10.74
C GLU A 1076 -17.61 -3.99 10.59
N PRO A 1077 -18.72 -4.22 9.89
CA PRO A 1077 -19.16 -5.58 9.70
C PRO A 1077 -18.21 -6.37 8.83
N ALA A 1078 -17.30 -5.70 8.15
CA ALA A 1078 -16.21 -6.43 7.54
C ALA A 1078 -15.25 -6.95 8.60
N THR A 1079 -15.20 -6.29 9.76
CA THR A 1079 -14.37 -6.81 10.83
C THR A 1079 -14.95 -8.11 11.38
N GLN A 1080 -16.19 -8.08 11.81
CA GLN A 1080 -16.68 -9.19 12.60
C GLN A 1080 -17.11 -10.35 11.72
N MET A 1081 -16.67 -10.35 10.47
CA MET A 1081 -17.09 -11.39 9.56
C MET A 1081 -15.95 -12.33 9.21
N ASN A 1095 -20.30 -22.55 -4.21
CA ASN A 1095 -18.86 -22.60 -4.47
C ASN A 1095 -18.38 -21.25 -4.99
N VAL A 1096 -18.34 -20.26 -4.10
CA VAL A 1096 -17.98 -18.90 -4.46
C VAL A 1096 -17.05 -18.31 -3.42
N THR A 1097 -16.81 -17.00 -3.57
CA THR A 1097 -15.96 -16.26 -2.65
C THR A 1097 -16.81 -15.36 -1.77
N LEU A 1098 -16.52 -15.34 -0.47
CA LEU A 1098 -17.22 -14.47 0.46
C LEU A 1098 -16.25 -13.94 1.50
N GLY A 1099 -16.74 -12.98 2.26
CA GLY A 1099 -15.95 -12.38 3.31
C GLY A 1099 -14.89 -11.42 2.82
N VAL A 1100 -13.81 -11.35 3.59
CA VAL A 1100 -12.75 -10.39 3.29
C VAL A 1100 -12.16 -10.60 1.91
N PRO A 1101 -11.93 -11.80 1.42
CA PRO A 1101 -11.35 -11.90 0.08
C PRO A 1101 -12.20 -11.24 -0.97
N ARG A 1102 -13.51 -11.44 -0.92
CA ARG A 1102 -14.36 -10.82 -1.93
C ARG A 1102 -14.38 -9.31 -1.76
N LEU A 1103 -14.54 -8.84 -0.54
CA LEU A 1103 -14.61 -7.39 -0.35
C LEU A 1103 -13.30 -6.75 -0.78
N LYS A 1104 -12.21 -7.50 -0.70
CA LYS A 1104 -10.92 -7.04 -1.16
C LYS A 1104 -10.87 -6.98 -2.69
N GLU A 1105 -11.34 -8.02 -3.35
CA GLU A 1105 -11.31 -8.02 -4.81
C GLU A 1105 -12.37 -7.11 -5.38
N ILE A 1106 -13.22 -6.53 -4.55
CA ILE A 1106 -14.13 -5.52 -5.08
C ILE A 1106 -13.65 -4.11 -4.78
N LEU A 1107 -13.06 -3.87 -3.62
CA LEU A 1107 -12.60 -2.50 -3.47
C LEU A 1107 -11.39 -2.22 -4.35
N ASN A 1108 -10.49 -3.18 -4.49
CA ASN A 1108 -9.40 -3.08 -5.45
C ASN A 1108 -9.87 -3.43 -6.84
N VAL A 1109 -10.70 -2.62 -7.49
CA VAL A 1109 -11.51 -3.14 -8.57
C VAL A 1109 -10.65 -3.90 -9.55
N ALA A 1110 -10.76 -5.21 -9.51
CA ALA A 1110 -9.76 -6.05 -10.12
C ALA A 1110 -10.37 -6.85 -11.24
N LYS A 1111 -9.62 -7.00 -12.31
CA LYS A 1111 -10.17 -7.61 -13.51
C LYS A 1111 -9.98 -9.11 -13.50
N ASN A 1112 -9.46 -9.66 -12.42
CA ASN A 1112 -9.25 -11.10 -12.31
C ASN A 1112 -9.65 -11.58 -10.92
N ILE A 1113 -10.94 -11.80 -10.72
CA ILE A 1113 -11.42 -12.34 -9.45
C ILE A 1113 -11.21 -13.84 -9.45
N LYS A 1114 -11.33 -14.45 -8.28
CA LYS A 1114 -10.84 -15.82 -8.10
C LYS A 1114 -11.61 -16.80 -8.97
N THR A 1115 -12.94 -16.68 -9.00
CA THR A 1115 -13.77 -17.45 -9.93
C THR A 1115 -15.02 -16.64 -10.24
N PRO A 1116 -15.09 -16.05 -11.42
CA PRO A 1116 -16.20 -15.17 -11.75
C PRO A 1116 -17.45 -15.99 -12.06
N ALA A 1117 -18.53 -15.29 -12.36
CA ALA A 1117 -19.77 -16.00 -12.60
C ALA A 1117 -20.68 -15.21 -13.51
N LEU A 1118 -21.54 -15.94 -14.22
CA LEU A 1118 -22.64 -15.37 -14.94
C LEU A 1118 -23.95 -15.95 -14.45
N THR A 1119 -25.02 -15.20 -14.69
CA THR A 1119 -26.38 -15.70 -14.59
C THR A 1119 -27.00 -15.50 -15.96
N VAL A 1120 -27.62 -16.54 -16.49
CA VAL A 1120 -28.24 -16.52 -17.80
C VAL A 1120 -29.69 -16.94 -17.63
N TYR A 1121 -30.61 -16.00 -17.89
CA TYR A 1121 -32.01 -16.33 -17.81
C TYR A 1121 -32.53 -16.78 -19.16
N LEU A 1122 -33.59 -17.57 -19.13
CA LEU A 1122 -34.21 -18.01 -20.37
C LEU A 1122 -35.64 -17.53 -20.43
N ASP A 1123 -36.16 -17.44 -21.66
CA ASP A 1123 -37.56 -17.10 -21.87
C ASP A 1123 -38.45 -18.10 -21.17
N ARG A 1124 -39.69 -17.67 -20.90
CA ARG A 1124 -40.59 -18.54 -20.16
C ARG A 1124 -40.83 -19.87 -20.89
N GLU A 1125 -40.95 -19.83 -22.22
CA GLU A 1125 -41.24 -21.02 -22.99
C GLU A 1125 -40.22 -22.12 -22.81
N ILE A 1126 -39.16 -21.85 -22.05
CA ILE A 1126 -38.24 -22.88 -21.63
C ILE A 1126 -38.08 -22.85 -20.12
N ALA A 1127 -38.43 -21.74 -19.47
CA ALA A 1127 -38.21 -21.58 -18.04
C ALA A 1127 -38.89 -22.66 -17.23
N LEU A 1128 -39.91 -23.29 -17.80
CA LEU A 1128 -40.59 -24.41 -17.18
C LEU A 1128 -40.34 -25.70 -17.94
N ASP A 1129 -39.79 -25.59 -19.14
CA ASP A 1129 -39.39 -26.74 -19.91
C ASP A 1129 -38.02 -27.17 -19.40
N ILE A 1130 -37.65 -28.40 -19.65
CA ILE A 1130 -36.30 -28.79 -19.29
C ILE A 1130 -35.49 -29.21 -20.51
N GLU A 1131 -36.13 -29.84 -21.49
CA GLU A 1131 -35.36 -30.42 -22.58
C GLU A 1131 -34.83 -29.34 -23.50
N LYS A 1132 -35.69 -28.36 -23.79
CA LYS A 1132 -35.23 -27.14 -24.45
C LYS A 1132 -34.09 -26.51 -23.69
N ALA A 1133 -34.18 -26.49 -22.36
CA ALA A 1133 -33.07 -25.96 -21.59
C ALA A 1133 -31.82 -26.79 -21.79
N LYS A 1134 -31.96 -28.11 -21.82
CA LYS A 1134 -30.77 -28.92 -22.05
C LYS A 1134 -30.12 -28.57 -23.37
N VAL A 1135 -30.91 -28.40 -24.43
CA VAL A 1135 -30.32 -28.06 -25.71
C VAL A 1135 -29.65 -26.70 -25.65
N ILE A 1136 -30.30 -25.72 -25.01
CA ILE A 1136 -29.69 -24.40 -24.90
C ILE A 1136 -28.34 -24.48 -24.22
N GLN A 1137 -28.31 -25.10 -23.05
CA GLN A 1137 -27.03 -25.20 -22.36
C GLN A 1137 -25.99 -25.81 -23.27
N SER A 1138 -26.27 -27.01 -23.78
CA SER A 1138 -25.30 -27.67 -24.64
C SER A 1138 -24.81 -26.77 -25.75
N SER A 1139 -25.66 -25.88 -26.26
CA SER A 1139 -25.17 -24.95 -27.25
C SER A 1139 -24.26 -23.90 -26.64
N ILE A 1140 -24.45 -23.55 -25.37
CA ILE A 1140 -23.61 -22.53 -24.76
C ILE A 1140 -22.28 -23.09 -24.28
N GLU A 1141 -22.24 -24.32 -23.80
CA GLU A 1141 -21.01 -24.95 -23.36
C GLU A 1141 -19.92 -24.77 -24.39
N TYR A 1142 -18.97 -23.89 -24.12
CA TYR A 1142 -17.82 -23.83 -24.98
C TYR A 1142 -17.08 -25.15 -24.96
N THR A 1143 -16.51 -25.51 -26.09
CA THR A 1143 -15.97 -26.86 -26.22
C THR A 1143 -14.95 -26.89 -27.34
N THR A 1144 -13.71 -27.16 -26.98
CA THR A 1144 -12.67 -27.46 -27.94
C THR A 1144 -12.69 -28.94 -28.27
N LEU A 1145 -12.11 -29.28 -29.42
CA LEU A 1145 -11.93 -30.69 -29.74
C LEU A 1145 -11.21 -31.42 -28.63
N LYS A 1146 -10.28 -30.73 -27.98
CA LYS A 1146 -9.59 -31.27 -26.82
C LYS A 1146 -10.55 -31.77 -25.76
N ASN A 1147 -11.77 -31.22 -25.72
CA ASN A 1147 -12.76 -31.64 -24.74
C ASN A 1147 -13.37 -33.00 -25.05
N VAL A 1148 -13.21 -33.50 -26.26
CA VAL A 1148 -13.79 -34.80 -26.61
C VAL A 1148 -12.68 -35.71 -27.11
N THR A 1149 -11.49 -35.16 -27.27
CA THR A 1149 -10.39 -35.91 -27.86
C THR A 1149 -9.95 -37.02 -26.92
N SER A 1150 -9.70 -38.20 -27.49
CA SER A 1150 -9.23 -39.35 -26.72
C SER A 1150 -7.72 -39.55 -26.78
N ALA A 1151 -7.08 -39.21 -27.89
CA ALA A 1151 -5.65 -39.38 -28.02
C ALA A 1151 -5.17 -38.61 -29.25
N THR A 1152 -3.87 -38.67 -29.51
CA THR A 1152 -3.27 -38.06 -30.69
C THR A 1152 -2.45 -39.12 -31.41
N GLU A 1153 -2.32 -38.98 -32.73
CA GLU A 1153 -1.67 -40.03 -33.50
C GLU A 1153 -1.02 -39.45 -34.74
N ILE A 1154 0.23 -39.83 -35.02
CA ILE A 1154 0.90 -39.54 -36.29
C ILE A 1154 1.30 -40.85 -36.92
N TYR A 1155 0.65 -41.20 -38.03
CA TYR A 1155 1.02 -42.40 -38.76
C TYR A 1155 1.64 -42.01 -40.09
N TYR A 1156 2.38 -42.93 -40.70
CA TYR A 1156 3.01 -42.63 -41.99
C TYR A 1156 2.37 -43.50 -43.05
N ASP A 1157 1.47 -42.91 -43.84
CA ASP A 1157 0.79 -43.59 -44.94
C ASP A 1157 1.31 -43.04 -46.26
N PRO A 1158 2.27 -43.73 -46.89
CA PRO A 1158 2.69 -43.32 -48.24
C PRO A 1158 1.92 -44.02 -49.33
N ASP A 1159 0.96 -44.87 -48.98
CA ASP A 1159 0.24 -45.67 -49.95
C ASP A 1159 -1.19 -45.18 -50.09
N PRO A 1160 -1.52 -44.48 -51.17
CA PRO A 1160 -2.90 -44.03 -51.38
C PRO A 1160 -3.86 -45.12 -51.86
N THR A 1161 -3.52 -46.39 -51.71
CA THR A 1161 -4.45 -47.47 -52.00
C THR A 1161 -4.85 -48.24 -50.76
N SER A 1162 -3.91 -48.61 -49.91
CA SER A 1162 -4.18 -49.24 -48.64
C SER A 1162 -3.17 -48.73 -47.62
N THR A 1163 -3.11 -49.39 -46.46
CA THR A 1163 -2.29 -48.91 -45.36
C THR A 1163 -1.65 -50.09 -44.65
N VAL A 1164 -0.98 -49.78 -43.54
CA VAL A 1164 -0.37 -50.77 -42.68
C VAL A 1164 -1.30 -50.97 -41.47
N ILE A 1165 -2.04 -49.92 -41.11
CA ILE A 1165 -3.08 -50.06 -40.10
C ILE A 1165 -4.05 -51.13 -40.58
N GLU A 1166 -4.31 -52.11 -39.73
CA GLU A 1166 -5.33 -53.10 -40.06
C GLU A 1166 -6.74 -52.56 -39.87
N GLU A 1167 -7.00 -51.86 -38.76
CA GLU A 1167 -8.35 -51.49 -38.35
C GLU A 1167 -9.04 -50.64 -39.40
N ASP A 1168 -8.27 -50.06 -40.30
CA ASP A 1168 -8.80 -49.11 -41.27
C ASP A 1168 -9.22 -49.77 -42.58
N PHE A 1169 -8.71 -50.97 -42.86
CA PHE A 1169 -8.70 -51.49 -44.23
C PHE A 1169 -10.09 -51.51 -44.83
N ASP A 1170 -11.05 -52.06 -44.10
CA ASP A 1170 -12.41 -52.15 -44.62
C ASP A 1170 -13.01 -50.78 -44.88
N THR A 1171 -12.98 -49.90 -43.87
CA THR A 1171 -13.64 -48.61 -43.99
C THR A 1171 -12.88 -47.69 -44.96
N VAL A 1172 -11.57 -47.83 -45.03
CA VAL A 1172 -10.83 -47.02 -46.01
C VAL A 1172 -11.04 -47.52 -47.43
N GLU A 1173 -11.01 -48.83 -47.69
CA GLU A 1173 -11.40 -49.32 -49.00
C GLU A 1173 -12.83 -48.95 -49.32
N ALA A 1174 -13.67 -48.78 -48.30
CA ALA A 1174 -14.97 -48.15 -48.51
C ALA A 1174 -14.80 -46.68 -48.89
N TYR A 1175 -13.71 -46.05 -48.45
CA TYR A 1175 -13.54 -44.63 -48.74
C TYR A 1175 -12.58 -44.34 -49.88
N PHE A 1176 -11.51 -45.14 -50.05
CA PHE A 1176 -10.63 -44.93 -51.20
C PHE A 1176 -11.39 -44.77 -52.49
N SER A 1177 -12.46 -45.53 -52.67
CA SER A 1177 -13.31 -45.38 -53.82
C SER A 1177 -14.73 -45.67 -53.37
N GLN A 1190 0.54 -33.58 -52.37
CA GLN A 1190 -0.11 -34.40 -51.35
C GLN A 1190 0.93 -34.93 -50.37
N SER A 1191 0.56 -34.99 -49.08
CA SER A 1191 1.54 -35.27 -48.03
C SER A 1191 1.31 -36.65 -47.43
N PRO A 1192 2.34 -37.48 -47.27
CA PRO A 1192 2.10 -38.86 -46.86
C PRO A 1192 1.90 -39.03 -45.38
N TRP A 1193 2.44 -38.15 -44.55
CA TRP A 1193 2.37 -38.30 -43.10
C TRP A 1193 0.92 -38.13 -42.68
N LEU A 1194 0.21 -39.23 -42.53
CA LEU A 1194 -1.20 -39.14 -42.19
C LEU A 1194 -1.34 -38.82 -40.71
N LEU A 1195 -1.99 -37.71 -40.40
CA LEU A 1195 -2.29 -37.34 -39.03
C LEU A 1195 -3.59 -38.02 -38.68
N ARG A 1196 -3.81 -38.30 -37.41
CA ARG A 1196 -4.94 -39.11 -37.02
C ARG A 1196 -5.30 -38.82 -35.57
N LEU A 1197 -6.59 -38.86 -35.29
CA LEU A 1197 -7.02 -38.68 -33.91
C LEU A 1197 -8.34 -39.40 -33.68
N GLU A 1198 -8.57 -39.75 -32.42
CA GLU A 1198 -9.62 -40.66 -32.01
C GLU A 1198 -10.54 -39.97 -31.02
N LEU A 1199 -11.84 -40.17 -31.21
CA LEU A 1199 -12.82 -39.46 -30.40
C LEU A 1199 -13.55 -40.44 -29.49
N ASP A 1200 -14.11 -39.90 -28.41
CA ASP A 1200 -14.81 -40.70 -27.41
C ASP A 1200 -16.32 -40.71 -27.63
N ARG A 1201 -16.85 -41.85 -28.06
CA ARG A 1201 -18.28 -41.99 -28.32
C ARG A 1201 -19.10 -41.60 -27.10
N ALA A 1202 -18.63 -41.94 -25.91
CA ALA A 1202 -19.31 -41.48 -24.70
C ALA A 1202 -19.36 -39.96 -24.67
N ARG A 1203 -18.24 -39.30 -24.94
CA ARG A 1203 -18.30 -37.85 -25.03
C ARG A 1203 -18.99 -37.40 -26.30
N MET A 1204 -18.98 -38.23 -27.35
CA MET A 1204 -19.66 -37.82 -28.59
C MET A 1204 -21.16 -37.72 -28.37
N LEU A 1205 -21.72 -38.58 -27.53
CA LEU A 1205 -23.06 -38.36 -27.04
C LEU A 1205 -23.11 -37.18 -26.09
N ASP A 1206 -22.32 -37.24 -25.02
CA ASP A 1206 -22.41 -36.25 -23.95
C ASP A 1206 -22.25 -34.83 -24.47
N LYS A 1207 -21.81 -34.68 -25.72
CA LYS A 1207 -21.72 -33.39 -26.35
C LYS A 1207 -22.55 -33.34 -27.64
N GLN A 1208 -23.22 -34.44 -27.98
CA GLN A 1208 -24.25 -34.43 -29.02
C GLN A 1208 -23.66 -34.09 -30.39
N LEU A 1209 -22.83 -34.98 -30.90
CA LEU A 1209 -21.99 -34.68 -32.05
C LEU A 1209 -21.77 -35.92 -32.92
N THR A 1210 -21.19 -35.70 -34.09
CA THR A 1210 -20.97 -36.75 -35.08
C THR A 1210 -19.52 -36.74 -35.53
N MET A 1211 -19.17 -37.70 -36.38
CA MET A 1211 -17.98 -37.53 -37.19
C MET A 1211 -18.17 -36.42 -38.20
N ASN A 1212 -19.34 -36.39 -38.83
CA ASN A 1212 -19.62 -35.43 -39.89
C ASN A 1212 -19.48 -34.00 -39.40
N GLN A 1213 -20.22 -33.67 -38.34
CA GLN A 1213 -20.24 -32.29 -37.86
C GLN A 1213 -18.84 -31.80 -37.54
N VAL A 1214 -18.04 -32.62 -36.88
CA VAL A 1214 -16.75 -32.13 -36.42
C VAL A 1214 -15.76 -32.07 -37.56
N ALA A 1215 -15.82 -33.03 -38.50
CA ALA A 1215 -15.01 -32.88 -39.71
C ALA A 1215 -15.38 -31.59 -40.43
N ASP A 1216 -16.67 -31.23 -40.40
CA ASP A 1216 -17.11 -29.96 -40.95
C ASP A 1216 -16.45 -28.81 -40.23
N LYS A 1217 -16.44 -28.86 -38.90
CA LYS A 1217 -15.87 -27.76 -38.14
C LYS A 1217 -14.37 -27.66 -38.37
N ILE A 1218 -13.73 -28.79 -38.67
CA ILE A 1218 -12.32 -28.76 -39.05
C ILE A 1218 -12.15 -28.02 -40.36
N SER A 1219 -12.92 -28.42 -41.36
CA SER A 1219 -12.83 -27.74 -42.65
C SER A 1219 -13.33 -26.30 -42.58
N GLU A 1220 -13.96 -25.90 -41.49
CA GLU A 1220 -14.33 -24.50 -41.33
C GLU A 1220 -13.12 -23.59 -41.50
N VAL A 1221 -11.98 -23.96 -40.90
CA VAL A 1221 -10.76 -23.16 -41.03
C VAL A 1221 -9.60 -23.96 -41.59
N PHE A 1222 -9.79 -25.23 -41.90
CA PHE A 1222 -8.81 -26.05 -42.59
C PHE A 1222 -9.30 -26.40 -43.96
N SER A 1223 -9.75 -25.38 -44.70
CA SER A 1223 -10.38 -25.55 -45.99
C SER A 1223 -9.51 -26.34 -46.97
N ASP A 1224 -8.41 -25.75 -47.42
CA ASP A 1224 -7.50 -26.40 -48.35
C ASP A 1224 -6.06 -26.38 -47.85
N ASP A 1225 -5.86 -26.48 -46.55
CA ASP A 1225 -4.54 -26.82 -46.01
C ASP A 1225 -4.47 -28.25 -45.57
N LEU A 1226 -5.59 -28.95 -45.50
CA LEU A 1226 -5.60 -30.24 -44.83
C LEU A 1226 -6.73 -31.06 -45.41
N PHE A 1227 -6.39 -32.07 -46.21
CA PHE A 1227 -7.38 -33.04 -46.64
C PHE A 1227 -7.95 -33.76 -45.44
N VAL A 1228 -9.26 -33.65 -45.29
CA VAL A 1228 -9.99 -34.27 -44.19
C VAL A 1228 -10.53 -35.59 -44.69
N MET A 1229 -10.52 -36.59 -43.81
CA MET A 1229 -11.00 -37.93 -44.08
C MET A 1229 -11.60 -38.47 -42.80
N TRP A 1230 -12.86 -38.86 -42.84
CA TRP A 1230 -13.42 -39.36 -41.59
C TRP A 1230 -14.05 -40.71 -41.83
N SER A 1231 -13.62 -41.69 -41.02
CA SER A 1231 -14.17 -43.02 -41.09
C SER A 1231 -15.58 -43.02 -40.52
N GLU A 1232 -16.36 -44.01 -40.92
CA GLU A 1232 -17.80 -43.96 -40.73
C GLU A 1232 -18.19 -43.97 -39.25
N ASP A 1233 -19.50 -43.76 -39.04
CA ASP A 1233 -20.07 -43.68 -37.71
C ASP A 1233 -19.96 -44.99 -36.96
N ASN A 1234 -20.19 -46.11 -37.65
CA ASN A 1234 -20.14 -47.43 -37.06
C ASN A 1234 -18.72 -47.98 -36.98
N ALA A 1235 -17.73 -47.20 -37.38
CA ALA A 1235 -16.35 -47.63 -37.25
C ALA A 1235 -16.06 -47.97 -35.80
N ASP A 1236 -15.19 -48.97 -35.60
CA ASP A 1236 -14.91 -49.45 -34.25
C ASP A 1236 -14.43 -48.33 -33.35
N LYS A 1237 -13.67 -47.37 -33.89
CA LYS A 1237 -13.15 -46.26 -33.12
C LYS A 1237 -13.35 -44.99 -33.94
N LEU A 1238 -13.68 -43.90 -33.26
CA LEU A 1238 -14.04 -42.65 -33.92
C LEU A 1238 -12.75 -42.00 -34.42
N ILE A 1239 -12.42 -42.33 -35.67
CA ILE A 1239 -11.12 -42.01 -36.25
C ILE A 1239 -11.28 -40.86 -37.21
N ILE A 1240 -10.29 -39.98 -37.23
CA ILE A 1240 -10.22 -38.88 -38.18
C ILE A 1240 -8.80 -38.87 -38.73
N ARG A 1241 -8.68 -38.72 -40.05
CA ARG A 1241 -7.44 -38.96 -40.79
C ARG A 1241 -7.21 -37.80 -41.76
N CYS A 1242 -6.04 -37.19 -41.68
CA CYS A 1242 -5.82 -35.90 -42.32
C CYS A 1242 -4.48 -35.89 -43.05
N ARG A 1243 -4.44 -35.18 -44.18
CA ARG A 1243 -3.23 -35.07 -44.97
C ARG A 1243 -2.89 -33.61 -45.19
N VAL A 1244 -1.61 -33.28 -45.15
CA VAL A 1244 -1.21 -31.91 -45.39
C VAL A 1244 -1.32 -31.61 -46.89
N ILE A 1245 -1.82 -30.42 -47.21
CA ILE A 1245 -1.98 -30.03 -48.60
C ILE A 1245 -1.06 -28.86 -48.95
N GLU A 1258 10.70 -30.87 -44.09
CA GLU A 1258 10.27 -31.12 -42.72
C GLU A 1258 8.74 -31.27 -42.66
N GLU A 1259 8.23 -32.45 -42.28
CA GLU A 1259 6.80 -32.60 -42.06
C GLU A 1259 6.45 -33.16 -40.70
N ASP A 1260 7.44 -33.41 -39.86
CA ASP A 1260 7.08 -33.83 -38.51
C ASP A 1260 6.61 -32.63 -37.71
N GLN A 1261 7.48 -31.66 -37.50
CA GLN A 1261 7.09 -30.48 -36.72
C GLN A 1261 6.06 -29.64 -37.44
N MET A 1262 6.06 -29.65 -38.77
CA MET A 1262 4.94 -29.03 -39.48
C MET A 1262 3.63 -29.65 -39.01
N LEU A 1263 3.51 -30.96 -39.14
CA LEU A 1263 2.27 -31.62 -38.75
C LEU A 1263 2.02 -31.49 -37.26
N LYS A 1264 3.06 -31.31 -36.47
CA LYS A 1264 2.87 -31.26 -35.02
C LYS A 1264 2.40 -29.89 -34.56
N ARG A 1265 2.97 -28.83 -35.13
CA ARG A 1265 2.34 -27.53 -34.93
C ARG A 1265 0.90 -27.57 -35.40
N ILE A 1266 0.64 -28.26 -36.51
CA ILE A 1266 -0.74 -28.45 -36.92
C ILE A 1266 -1.52 -29.12 -35.80
N GLU A 1267 -0.97 -30.17 -35.21
CA GLU A 1267 -1.74 -30.97 -34.28
C GLU A 1267 -2.03 -30.20 -33.00
N ALA A 1268 -1.02 -29.50 -32.48
CA ALA A 1268 -1.23 -28.70 -31.29
C ALA A 1268 -2.17 -27.54 -31.57
N HIS A 1269 -2.00 -26.88 -32.72
CA HIS A 1269 -2.88 -25.79 -33.09
C HIS A 1269 -4.33 -26.29 -33.21
N MET A 1270 -4.51 -27.50 -33.73
CA MET A 1270 -5.81 -28.13 -33.78
C MET A 1270 -6.39 -28.24 -32.40
N LEU A 1271 -5.74 -29.06 -31.57
CA LEU A 1271 -6.26 -29.30 -30.22
C LEU A 1271 -6.41 -28.02 -29.42
N ASP A 1272 -5.80 -26.92 -29.85
CA ASP A 1272 -6.04 -25.66 -29.19
C ASP A 1272 -7.28 -24.96 -29.73
N LEU A 1273 -7.42 -24.94 -31.06
CA LEU A 1273 -8.33 -24.00 -31.69
C LEU A 1273 -9.59 -24.64 -32.28
N ILE A 1274 -9.62 -25.95 -32.46
CA ILE A 1274 -10.83 -26.56 -33.00
C ILE A 1274 -11.96 -26.33 -32.02
N ALA A 1275 -12.76 -25.31 -32.27
CA ALA A 1275 -13.90 -24.99 -31.43
C ALA A 1275 -15.14 -25.64 -32.02
N LEU A 1276 -15.70 -26.60 -31.29
CA LEU A 1276 -16.78 -27.40 -31.81
C LEU A 1276 -18.10 -26.64 -31.79
N ARG A 1277 -18.48 -26.12 -30.63
CA ARG A 1277 -19.57 -25.18 -30.51
C ARG A 1277 -19.40 -24.47 -29.18
N GLY A 1278 -20.35 -23.62 -28.85
CA GLY A 1278 -20.27 -22.89 -27.62
C GLY A 1278 -19.62 -21.53 -27.81
N ILE A 1279 -19.16 -20.97 -26.70
CA ILE A 1279 -18.66 -19.60 -26.65
C ILE A 1279 -17.32 -19.61 -25.92
N PRO A 1280 -16.22 -19.38 -26.59
CA PRO A 1280 -14.93 -19.37 -25.89
C PRO A 1280 -14.87 -18.33 -24.79
N GLY A 1281 -14.74 -18.80 -23.56
CA GLY A 1281 -14.70 -17.94 -22.40
C GLY A 1281 -15.63 -18.47 -21.32
N ILE A 1282 -16.41 -19.49 -21.66
CA ILE A 1282 -17.44 -20.01 -20.79
C ILE A 1282 -17.25 -21.51 -20.72
N SER A 1283 -16.51 -21.97 -19.73
CA SER A 1283 -15.97 -23.31 -19.78
C SER A 1283 -16.91 -24.39 -19.27
N LYS A 1284 -17.85 -24.06 -18.40
CA LYS A 1284 -18.69 -25.09 -17.82
C LYS A 1284 -19.94 -24.44 -17.26
N VAL A 1285 -21.09 -25.02 -17.59
CA VAL A 1285 -22.38 -24.38 -17.33
C VAL A 1285 -23.22 -25.30 -16.46
N TYR A 1286 -23.92 -24.72 -15.49
CA TYR A 1286 -24.73 -25.50 -14.59
C TYR A 1286 -26.21 -25.22 -14.82
N MET A 1287 -26.96 -26.30 -14.89
CA MET A 1287 -28.41 -26.27 -14.98
C MET A 1287 -28.95 -26.08 -13.57
N VAL A 1288 -29.60 -24.94 -13.31
CA VAL A 1288 -29.95 -24.54 -11.95
C VAL A 1288 -31.42 -24.17 -11.91
N LYS A 1289 -31.98 -24.09 -10.69
CA LYS A 1289 -33.38 -23.72 -10.44
C LYS A 1289 -33.45 -22.44 -9.62
N HIS A 1290 -34.31 -21.51 -10.03
CA HIS A 1290 -34.50 -20.28 -9.26
C HIS A 1290 -35.97 -20.06 -8.93
N LYS A 1291 -36.33 -20.24 -7.67
CA LYS A 1291 -37.69 -19.98 -7.24
C LYS A 1291 -37.97 -18.50 -7.32
N VAL A 1292 -39.22 -18.14 -7.62
CA VAL A 1292 -39.54 -16.72 -7.77
C VAL A 1292 -41.01 -16.51 -7.47
N SER A 1293 -41.31 -15.33 -6.95
CA SER A 1293 -42.68 -14.87 -6.87
C SER A 1293 -43.14 -14.37 -8.22
N VAL A 1294 -44.34 -14.77 -8.62
CA VAL A 1294 -44.94 -14.36 -9.88
C VAL A 1294 -46.31 -13.82 -9.53
N PRO A 1295 -46.67 -12.63 -10.00
CA PRO A 1295 -48.02 -12.13 -9.70
C PRO A 1295 -49.08 -12.92 -10.43
N ASP A 1296 -49.90 -13.60 -9.63
CA ASP A 1296 -50.97 -14.46 -10.15
C ASP A 1296 -52.15 -13.60 -10.56
N GLU A 1297 -53.05 -14.17 -11.37
CA GLU A 1297 -54.13 -13.43 -12.00
C GLU A 1297 -55.19 -12.95 -11.02
N SER A 1298 -55.15 -13.41 -9.78
CA SER A 1298 -55.99 -12.79 -8.77
C SER A 1298 -55.29 -11.63 -8.10
N GLY A 1299 -54.00 -11.46 -8.34
CA GLY A 1299 -53.23 -10.39 -7.75
C GLY A 1299 -52.30 -10.82 -6.65
N GLU A 1300 -52.45 -12.01 -6.12
CA GLU A 1300 -51.67 -12.43 -4.99
C GLU A 1300 -50.49 -13.29 -5.44
N TYR A 1301 -49.32 -12.98 -4.90
CA TYR A 1301 -48.09 -13.49 -5.47
C TYR A 1301 -47.95 -14.97 -5.19
N LYS A 1302 -47.64 -15.73 -6.22
CA LYS A 1302 -47.51 -17.16 -6.10
C LYS A 1302 -46.10 -17.58 -6.46
N ASN A 1303 -45.50 -18.36 -5.59
CA ASN A 1303 -44.14 -18.77 -5.83
C ASN A 1303 -44.13 -19.87 -6.87
N GLU A 1304 -42.96 -20.06 -7.50
CA GLU A 1304 -42.91 -21.02 -8.59
C GLU A 1304 -41.47 -21.39 -8.87
N GLU A 1305 -41.28 -22.59 -9.40
CA GLU A 1305 -39.97 -23.06 -9.82
C GLU A 1305 -39.77 -22.74 -11.29
N LEU A 1306 -38.55 -22.34 -11.63
CA LEU A 1306 -38.18 -22.12 -13.01
C LEU A 1306 -36.94 -22.92 -13.34
N TRP A 1307 -36.29 -22.54 -14.40
CA TRP A 1307 -34.95 -23.00 -14.67
C TRP A 1307 -34.12 -21.81 -15.11
N ALA A 1308 -32.84 -21.85 -14.78
CA ALA A 1308 -31.92 -20.82 -15.23
C ALA A 1308 -30.55 -21.45 -15.38
N LEU A 1309 -29.62 -20.70 -15.93
CA LEU A 1309 -28.30 -21.20 -16.19
C LEU A 1309 -27.30 -20.30 -15.50
N GLU A 1310 -26.19 -20.86 -15.06
CA GLU A 1310 -25.07 -20.10 -14.53
C GLU A 1310 -23.82 -20.72 -15.07
N THR A 1311 -22.73 -19.97 -15.10
CA THR A 1311 -21.61 -20.35 -15.94
C THR A 1311 -20.30 -20.18 -15.20
N ASP A 1312 -19.24 -20.70 -15.82
CA ASP A 1312 -17.91 -20.52 -15.27
C ASP A 1312 -17.06 -19.67 -16.21
N GLY A 1313 -16.65 -18.52 -15.74
CA GLY A 1313 -16.04 -17.54 -16.62
C GLY A 1313 -17.09 -16.61 -17.18
N ILE A 1314 -16.63 -15.52 -17.77
CA ILE A 1314 -17.53 -14.45 -18.16
C ILE A 1314 -17.25 -14.04 -19.60
N ASN A 1315 -18.31 -13.78 -20.35
CA ASN A 1315 -18.18 -13.41 -21.76
C ASN A 1315 -19.53 -12.85 -22.18
N LEU A 1316 -19.70 -11.54 -22.05
CA LEU A 1316 -21.06 -11.09 -21.90
C LEU A 1316 -21.77 -10.92 -23.23
N ALA A 1317 -21.12 -10.25 -24.17
CA ALA A 1317 -21.81 -9.91 -25.40
C ALA A 1317 -22.10 -11.14 -26.23
N GLU A 1318 -21.20 -12.11 -26.22
CA GLU A 1318 -21.45 -13.30 -27.01
C GLU A 1318 -22.58 -14.14 -26.41
N VAL A 1319 -22.94 -13.88 -25.16
CA VAL A 1319 -24.01 -14.67 -24.58
C VAL A 1319 -25.35 -13.98 -24.68
N MET A 1320 -25.41 -12.67 -24.48
CA MET A 1320 -26.74 -12.05 -24.51
C MET A 1320 -27.47 -12.23 -25.83
N ALA A 1321 -26.98 -13.03 -26.76
CA ALA A 1321 -27.58 -13.08 -28.07
C ALA A 1321 -27.90 -14.46 -28.58
N VAL A 1322 -27.26 -15.50 -28.07
CA VAL A 1322 -27.47 -16.86 -28.59
C VAL A 1322 -28.96 -17.17 -28.56
N PRO A 1323 -29.53 -17.70 -29.66
CA PRO A 1323 -30.99 -17.63 -29.85
C PRO A 1323 -31.74 -18.26 -28.69
N GLY A 1324 -32.66 -17.49 -28.12
CA GLY A 1324 -33.50 -18.01 -27.06
C GLY A 1324 -33.04 -17.66 -25.68
N VAL A 1325 -32.30 -16.57 -25.48
CA VAL A 1325 -31.82 -16.21 -24.15
C VAL A 1325 -32.29 -14.79 -23.85
N ASP A 1326 -32.80 -14.60 -22.64
CA ASP A 1326 -33.52 -13.37 -22.37
C ASP A 1326 -32.50 -12.25 -22.26
N SER A 1327 -32.33 -11.52 -23.34
CA SER A 1327 -31.36 -10.45 -23.40
C SER A 1327 -31.73 -9.26 -22.60
N SER A 1328 -32.82 -9.31 -21.86
CA SER A 1328 -33.13 -8.17 -21.03
C SER A 1328 -32.56 -8.31 -19.63
N ARG A 1329 -31.95 -9.44 -19.33
CA ARG A 1329 -31.73 -9.80 -17.94
C ARG A 1329 -30.32 -10.27 -17.62
N THR A 1330 -29.56 -10.79 -18.58
CA THR A 1330 -28.33 -11.51 -18.27
C THR A 1330 -27.49 -10.72 -17.28
N TYR A 1331 -26.89 -11.44 -16.33
CA TYR A 1331 -26.17 -10.80 -15.25
C TYR A 1331 -24.83 -11.45 -15.00
N SER A 1332 -23.83 -10.62 -14.70
CA SER A 1332 -22.50 -11.10 -14.38
C SER A 1332 -22.06 -10.54 -13.05
N ASN A 1333 -21.11 -11.21 -12.43
CA ASN A 1333 -20.55 -10.65 -11.22
C ASN A 1333 -19.34 -9.78 -11.51
N SER A 1334 -18.37 -10.29 -12.25
CA SER A 1334 -17.17 -9.52 -12.55
C SER A 1334 -17.57 -8.34 -13.41
N PHE A 1335 -17.81 -7.23 -12.77
CA PHE A 1335 -18.69 -6.23 -13.31
C PHE A 1335 -17.99 -5.20 -14.17
N VAL A 1336 -16.67 -5.17 -14.19
CA VAL A 1336 -16.02 -4.27 -15.13
C VAL A 1336 -16.38 -4.67 -16.55
N GLU A 1337 -16.58 -5.96 -16.79
CA GLU A 1337 -17.10 -6.36 -18.08
C GLU A 1337 -18.44 -5.70 -18.35
N ILE A 1338 -19.25 -5.52 -17.31
CA ILE A 1338 -20.49 -4.77 -17.44
C ILE A 1338 -20.19 -3.34 -17.83
N LEU A 1339 -19.13 -2.77 -17.26
CA LEU A 1339 -18.80 -1.44 -17.70
C LEU A 1339 -18.56 -1.43 -19.20
N SER A 1340 -17.76 -2.37 -19.69
CA SER A 1340 -17.47 -2.39 -21.12
C SER A 1340 -18.73 -2.52 -21.93
N VAL A 1341 -19.65 -3.39 -21.52
CA VAL A 1341 -20.79 -3.74 -22.34
C VAL A 1341 -22.00 -2.90 -22.01
N LEU A 1342 -22.53 -3.01 -20.82
CA LEU A 1342 -23.84 -2.45 -20.52
C LEU A 1342 -23.73 -1.08 -19.88
N GLY A 1343 -22.77 -0.30 -20.31
CA GLY A 1343 -22.76 1.09 -19.95
C GLY A 1343 -22.38 1.34 -18.52
N ILE A 1344 -22.87 2.45 -17.98
CA ILE A 1344 -22.44 2.86 -16.65
C ILE A 1344 -23.45 2.45 -15.58
N GLU A 1345 -24.74 2.61 -15.82
CA GLU A 1345 -25.65 2.46 -14.71
C GLU A 1345 -25.78 1.01 -14.29
N ALA A 1346 -25.72 0.10 -15.24
CA ALA A 1346 -25.67 -1.30 -14.87
C ALA A 1346 -24.38 -1.62 -14.13
N THR A 1347 -23.27 -1.03 -14.52
CA THR A 1347 -22.08 -1.22 -13.71
C THR A 1347 -22.37 -0.83 -12.28
N ARG A 1348 -23.03 0.30 -12.10
CA ARG A 1348 -23.30 0.76 -10.76
C ARG A 1348 -24.15 -0.24 -9.99
N SER A 1349 -25.26 -0.65 -10.56
CA SER A 1349 -26.13 -1.53 -9.81
C SER A 1349 -25.56 -2.93 -9.67
N SER A 1350 -24.71 -3.38 -10.58
CA SER A 1350 -24.03 -4.63 -10.34
C SER A 1350 -23.08 -4.51 -9.17
N LEU A 1351 -22.38 -3.39 -9.09
CA LEU A 1351 -21.59 -3.11 -7.91
C LEU A 1351 -22.44 -3.25 -6.67
N TYR A 1352 -23.61 -2.64 -6.70
CA TYR A 1352 -24.47 -2.66 -5.51
C TYR A 1352 -24.89 -4.07 -5.19
N LYS A 1353 -25.21 -4.85 -6.19
CA LYS A 1353 -25.64 -6.21 -5.93
C LYS A 1353 -24.54 -7.01 -5.29
N GLU A 1354 -23.30 -6.84 -5.76
CA GLU A 1354 -22.21 -7.62 -5.19
C GLU A 1354 -21.95 -7.21 -3.74
N ILE A 1355 -21.88 -5.90 -3.50
CA ILE A 1355 -21.62 -5.48 -2.13
C ILE A 1355 -22.74 -5.92 -1.21
N LEU A 1356 -23.98 -5.74 -1.62
CA LEU A 1356 -25.06 -6.19 -0.76
C LEU A 1356 -24.98 -7.68 -0.52
N ASN A 1357 -24.68 -8.46 -1.56
CA ASN A 1357 -24.53 -9.89 -1.37
C ASN A 1357 -23.55 -10.18 -0.26
N VAL A 1358 -22.35 -9.62 -0.34
CA VAL A 1358 -21.36 -10.03 0.65
C VAL A 1358 -21.62 -9.48 2.05
N ILE A 1359 -21.95 -8.20 2.19
CA ILE A 1359 -22.22 -7.68 3.53
C ILE A 1359 -23.43 -8.37 4.12
N ALA A 1360 -24.51 -8.47 3.37
CA ALA A 1360 -25.70 -9.11 3.90
C ALA A 1360 -25.71 -10.58 3.53
N PHE A 1361 -24.53 -11.18 3.48
CA PHE A 1361 -24.50 -12.64 3.36
C PHE A 1361 -24.85 -13.32 4.66
N ASP A 1362 -24.13 -13.02 5.73
CA ASP A 1362 -24.27 -13.78 6.96
C ASP A 1362 -25.30 -13.16 7.89
N GLY A 1363 -26.44 -12.79 7.34
CA GLY A 1363 -27.47 -12.16 8.14
C GLY A 1363 -27.16 -10.78 8.69
N SER A 1364 -26.03 -10.21 8.33
CA SER A 1364 -25.80 -8.82 8.70
C SER A 1364 -26.65 -7.93 7.82
N TYR A 1365 -26.92 -6.74 8.31
CA TYR A 1365 -27.79 -5.81 7.61
C TYR A 1365 -27.18 -4.42 7.62
N VAL A 1366 -27.31 -3.71 6.51
CA VAL A 1366 -26.83 -2.34 6.41
C VAL A 1366 -27.85 -1.52 5.67
N ASN A 1367 -28.22 -0.38 6.24
CA ASN A 1367 -29.11 0.54 5.57
C ASN A 1367 -28.67 0.75 4.14
N TYR A 1368 -29.62 1.05 3.27
CA TYR A 1368 -29.28 1.27 1.87
C TYR A 1368 -28.31 2.40 1.72
N ARG A 1369 -28.56 3.50 2.40
CA ARG A 1369 -27.93 4.74 2.02
C ARG A 1369 -26.43 4.66 2.10
N HIS A 1370 -25.87 3.74 2.89
CA HIS A 1370 -24.42 3.68 3.00
C HIS A 1370 -23.80 2.97 1.80
N MET A 1371 -24.23 1.76 1.50
CA MET A 1371 -23.77 1.16 0.27
C MET A 1371 -24.08 2.04 -0.92
N ALA A 1372 -25.14 2.83 -0.84
CA ALA A 1372 -25.39 3.79 -1.91
C ALA A 1372 -24.26 4.79 -2.01
N LEU A 1373 -23.94 5.45 -0.91
CA LEU A 1373 -22.89 6.47 -0.94
C LEU A 1373 -21.60 5.89 -1.47
N LEU A 1374 -21.27 4.67 -1.03
CA LEU A 1374 -20.05 4.06 -1.53
C LEU A 1374 -20.12 3.76 -3.02
N VAL A 1375 -21.17 3.08 -3.47
CA VAL A 1375 -21.20 2.75 -4.88
C VAL A 1375 -21.33 3.98 -5.73
N ASP A 1376 -21.68 5.13 -5.16
CA ASP A 1376 -21.74 6.34 -5.98
C ASP A 1376 -20.44 7.09 -6.02
N VAL A 1377 -19.58 6.96 -5.02
CA VAL A 1377 -18.25 7.47 -5.32
C VAL A 1377 -17.57 6.64 -6.39
N MET A 1378 -17.76 5.33 -6.37
CA MET A 1378 -16.99 4.52 -7.32
C MET A 1378 -17.43 4.67 -8.78
N THR A 1379 -18.48 5.41 -9.06
CA THR A 1379 -18.84 5.77 -10.43
C THR A 1379 -19.27 7.22 -10.50
N SER A 1380 -18.44 8.10 -9.98
CA SER A 1380 -18.59 9.50 -10.31
C SER A 1380 -18.08 9.77 -11.70
N ARG A 1381 -16.90 9.27 -12.01
CA ARG A 1381 -16.19 9.67 -13.20
C ARG A 1381 -16.31 8.62 -14.31
N GLY A 1382 -17.40 7.89 -14.32
CA GLY A 1382 -17.65 6.95 -15.37
C GLY A 1382 -16.67 5.80 -15.44
N TYR A 1383 -15.42 6.00 -15.11
CA TYR A 1383 -14.51 4.88 -15.03
C TYR A 1383 -14.48 4.43 -13.59
N LEU A 1384 -14.28 3.14 -13.38
CA LEU A 1384 -14.35 2.61 -12.03
C LEU A 1384 -13.23 3.16 -11.17
N MET A 1385 -13.51 4.21 -10.41
CA MET A 1385 -12.48 4.87 -9.63
C MET A 1385 -12.17 3.98 -8.44
N ALA A 1386 -11.48 2.88 -8.70
CA ALA A 1386 -11.20 1.88 -7.69
C ALA A 1386 -10.69 2.55 -6.41
N ILE A 1387 -10.96 1.92 -5.28
CA ILE A 1387 -10.51 2.47 -3.99
C ILE A 1387 -9.16 1.84 -3.71
N THR A 1388 -8.12 2.44 -4.27
CA THR A 1388 -6.75 2.16 -3.88
C THR A 1388 -6.08 3.51 -3.73
N ARG A 1389 -4.76 3.50 -3.69
CA ARG A 1389 -4.04 4.75 -3.78
C ARG A 1389 -4.21 5.38 -5.16
N HIS A 1390 -4.57 4.59 -6.15
CA HIS A 1390 -4.71 5.12 -7.50
C HIS A 1390 -6.05 5.79 -7.71
N GLY A 1391 -7.00 5.55 -6.81
CA GLY A 1391 -8.29 6.18 -6.91
C GLY A 1391 -8.23 7.54 -6.27
N ILE A 1392 -7.69 7.61 -5.06
CA ILE A 1392 -7.52 8.90 -4.43
C ILE A 1392 -6.53 9.76 -5.20
N ASN A 1393 -5.35 9.23 -5.51
CA ASN A 1393 -4.27 10.10 -5.94
C ASN A 1393 -4.59 10.83 -7.23
N ARG A 1394 -5.11 10.13 -8.22
CA ARG A 1394 -5.38 10.70 -9.52
C ARG A 1394 -6.68 11.47 -9.54
N ALA A 1395 -7.19 11.86 -8.39
CA ALA A 1395 -8.34 12.74 -8.33
C ALA A 1395 -7.89 14.18 -8.38
N ASP A 1396 -8.73 15.02 -8.99
CA ASP A 1396 -8.41 16.44 -9.10
C ASP A 1396 -8.61 17.18 -7.80
N THR A 1397 -8.66 16.47 -6.68
CA THR A 1397 -8.68 17.10 -5.37
C THR A 1397 -7.39 17.88 -5.17
N GLY A 1398 -7.27 18.58 -4.05
CA GLY A 1398 -6.07 19.36 -3.81
C GLY A 1398 -4.85 18.48 -3.70
N ALA A 1399 -3.71 19.10 -3.41
CA ALA A 1399 -2.48 18.34 -3.23
C ALA A 1399 -2.41 17.72 -1.84
N LEU A 1400 -2.74 18.48 -0.80
CA LEU A 1400 -2.50 17.98 0.54
C LEU A 1400 -3.39 16.80 0.88
N MET A 1401 -4.72 16.99 0.83
CA MET A 1401 -5.63 15.90 1.21
C MET A 1401 -5.20 14.60 0.57
N ARG A 1402 -4.60 14.68 -0.60
CA ARG A 1402 -4.03 13.48 -1.19
C ARG A 1402 -2.70 13.13 -0.56
N CYS A 1403 -1.95 14.12 -0.09
CA CYS A 1403 -0.58 13.84 0.29
C CYS A 1403 -0.49 13.00 1.55
N SER A 1404 -1.61 12.76 2.21
CA SER A 1404 -1.59 12.07 3.48
C SER A 1404 -1.92 10.59 3.38
N PHE A 1405 -2.12 10.08 2.18
CA PHE A 1405 -2.62 8.72 2.08
C PHE A 1405 -1.49 7.71 1.92
N GLU A 1406 -0.82 7.73 0.77
CA GLU A 1406 0.29 6.85 0.48
C GLU A 1406 1.11 7.53 -0.59
N GLU A 1407 2.41 7.22 -0.64
CA GLU A 1407 3.31 7.88 -1.58
C GLU A 1407 3.27 9.39 -1.36
N THR A 1408 3.58 9.82 -0.14
CA THR A 1408 3.61 11.25 0.12
C THR A 1408 4.75 11.95 -0.62
N VAL A 1409 5.89 11.28 -0.74
CA VAL A 1409 7.04 11.91 -1.36
C VAL A 1409 6.71 12.33 -2.78
N GLU A 1410 6.38 11.36 -3.63
CA GLU A 1410 6.28 11.61 -5.05
C GLU A 1410 5.12 12.54 -5.35
N ILE A 1411 4.03 12.44 -4.60
CA ILE A 1411 3.00 13.45 -4.76
C ILE A 1411 3.54 14.84 -4.49
N LEU A 1412 4.24 15.05 -3.40
CA LEU A 1412 4.73 16.40 -3.14
C LEU A 1412 5.68 16.87 -4.22
N PHE A 1413 6.54 16.01 -4.73
CA PHE A 1413 7.49 16.48 -5.72
C PHE A 1413 6.84 16.73 -7.08
N GLU A 1414 5.87 15.91 -7.49
CA GLU A 1414 5.11 16.31 -8.66
C GLU A 1414 4.42 17.64 -8.46
N ALA A 1415 3.72 17.81 -7.34
CA ALA A 1415 2.99 19.04 -7.11
C ALA A 1415 3.92 20.23 -7.11
N GLY A 1416 5.14 20.05 -6.64
CA GLY A 1416 6.08 21.12 -6.74
C GLY A 1416 6.45 21.45 -8.17
N ALA A 1417 6.33 20.48 -9.06
CA ALA A 1417 6.74 20.65 -10.45
C ALA A 1417 5.61 21.10 -11.34
N ALA A 1418 4.45 21.35 -10.79
CA ALA A 1418 3.34 21.75 -11.64
C ALA A 1418 2.58 22.93 -11.07
N ALA A 1419 3.01 23.49 -9.96
CA ALA A 1419 2.43 24.73 -9.48
C ALA A 1419 0.94 24.59 -9.22
N GLU A 1420 0.59 23.64 -8.37
CA GLU A 1420 -0.80 23.38 -8.07
C GLU A 1420 -1.35 24.44 -7.13
N LEU A 1421 -2.64 24.42 -6.94
CA LEU A 1421 -3.31 25.36 -6.05
C LEU A 1421 -4.28 24.58 -5.18
N ASP A 1422 -3.83 24.18 -4.00
CA ASP A 1422 -4.62 23.35 -3.11
C ASP A 1422 -5.52 24.26 -2.29
N ASP A 1423 -6.75 24.41 -2.73
CA ASP A 1423 -7.61 25.48 -2.26
C ASP A 1423 -8.14 25.31 -0.86
N CYS A 1424 -7.52 24.46 -0.04
CA CYS A 1424 -7.84 24.37 1.38
C CYS A 1424 -9.32 24.15 1.63
N ARG A 1425 -9.93 23.12 1.05
CA ARG A 1425 -11.30 22.80 1.43
C ARG A 1425 -11.45 21.42 2.02
N GLY A 1426 -10.57 20.49 1.72
CA GLY A 1426 -10.64 19.19 2.35
C GLY A 1426 -10.59 19.34 3.86
N VAL A 1427 -10.87 18.26 4.56
CA VAL A 1427 -10.70 18.32 6.01
C VAL A 1427 -9.31 17.82 6.39
N SER A 1428 -8.72 16.93 5.60
CA SER A 1428 -7.32 16.60 5.80
C SER A 1428 -6.49 17.86 6.01
N GLU A 1429 -6.56 18.79 5.06
CA GLU A 1429 -5.82 20.03 5.18
C GLU A 1429 -6.13 20.73 6.49
N ASN A 1430 -7.35 21.21 6.64
CA ASN A 1430 -7.62 22.06 7.78
C ASN A 1430 -7.45 21.36 9.12
N VAL A 1431 -7.22 20.06 9.13
CA VAL A 1431 -6.59 19.46 10.29
C VAL A 1431 -5.10 19.78 10.31
N MET A 1432 -4.37 19.41 9.26
CA MET A 1432 -2.93 19.59 9.30
C MET A 1432 -2.51 21.04 9.24
N LEU A 1433 -3.45 21.96 9.12
CA LEU A 1433 -3.22 23.36 9.39
C LEU A 1433 -4.13 23.87 10.47
N GLY A 1434 -4.57 22.99 11.35
CA GLY A 1434 -5.20 23.37 12.59
C GLY A 1434 -6.07 24.59 12.48
N GLN A 1435 -7.12 24.48 11.68
CA GLN A 1435 -8.12 25.53 11.60
C GLN A 1435 -9.48 24.95 11.91
N LEU A 1436 -10.39 25.85 12.26
CA LEU A 1436 -11.72 25.40 12.61
C LEU A 1436 -12.31 24.77 11.38
N ALA A 1437 -12.35 23.45 11.34
CA ALA A 1437 -12.55 22.73 10.10
C ALA A 1437 -13.85 23.12 9.42
N PRO A 1438 -13.96 22.90 8.12
CA PRO A 1438 -15.25 23.13 7.44
C PRO A 1438 -16.11 21.87 7.34
N MET A 1439 -16.58 21.41 8.49
CA MET A 1439 -17.59 20.35 8.57
C MET A 1439 -18.31 20.58 9.88
N GLY A 1440 -19.21 19.67 10.19
CA GLY A 1440 -19.90 19.72 11.45
C GLY A 1440 -20.20 21.12 11.90
N THR A 1441 -19.80 21.46 13.12
CA THR A 1441 -20.02 22.79 13.64
C THR A 1441 -19.10 23.83 13.05
N GLY A 1442 -18.32 23.46 12.04
CA GLY A 1442 -17.55 24.42 11.31
C GLY A 1442 -18.15 24.65 9.94
N ALA A 1443 -19.39 24.22 9.76
CA ALA A 1443 -20.07 24.48 8.51
C ALA A 1443 -20.69 25.85 8.46
N PHE A 1444 -20.46 26.73 9.41
CA PHE A 1444 -21.07 28.05 9.32
C PHE A 1444 -20.53 29.06 10.32
N ASP A 1445 -20.40 30.31 9.92
CA ASP A 1445 -19.90 31.31 10.83
C ASP A 1445 -20.92 31.63 11.89
N VAL A 1446 -20.59 32.58 12.74
CA VAL A 1446 -21.50 33.04 13.76
C VAL A 1446 -21.38 34.55 13.85
N MET A 1447 -22.44 35.25 13.48
CA MET A 1447 -22.43 36.70 13.45
C MET A 1447 -22.62 37.24 14.85
N ILE A 1448 -22.55 38.56 14.96
CA ILE A 1448 -23.24 39.26 16.03
C ILE A 1448 -24.36 40.08 15.41
N ASP A 1449 -25.54 40.01 16.00
CA ASP A 1449 -26.70 40.68 15.39
C ASP A 1449 -26.75 42.10 15.86
N GLU A 1450 -26.62 43.02 14.92
CA GLU A 1450 -26.88 44.42 15.21
C GLU A 1450 -28.35 44.66 15.53
N LYS A 1451 -29.26 44.17 14.69
CA LYS A 1451 -30.67 44.47 14.88
C LYS A 1451 -31.12 44.06 16.27
N LEU A 1452 -30.57 42.97 16.77
CA LEU A 1452 -31.16 42.36 17.95
C LEU A 1452 -30.69 43.05 19.22
N LEU A 1453 -29.41 43.39 19.31
CA LEU A 1453 -29.00 44.31 20.38
C LEU A 1453 -29.59 45.70 20.23
N THR A 1454 -30.03 46.09 19.03
CA THR A 1454 -30.73 47.37 18.94
C THR A 1454 -32.10 47.27 19.60
N SER A 1455 -32.82 46.16 19.37
CA SER A 1455 -34.11 46.01 20.02
C SER A 1455 -33.94 45.87 21.54
N LEU A 1456 -32.77 45.41 21.99
CA LEU A 1456 -32.49 45.06 23.37
C LEU A 1456 -32.03 46.27 24.18
N PRO A 1457 -31.92 46.12 25.51
CA PRO A 1457 -31.21 47.08 26.36
C PRO A 1457 -29.72 47.03 26.10
N ASP B 9 5.44 -62.02 33.97
CA ASP B 9 4.97 -60.67 33.78
C ASP B 9 3.56 -60.40 34.26
N ASP B 10 3.12 -59.20 33.91
CA ASP B 10 1.73 -58.82 33.91
C ASP B 10 1.61 -57.76 32.83
N THR B 11 0.52 -57.02 32.83
CA THR B 11 0.42 -55.89 31.91
C THR B 11 1.22 -54.73 32.47
N ILE B 12 2.01 -54.09 31.63
CA ILE B 12 2.68 -52.88 32.08
C ILE B 12 1.60 -51.92 32.56
N THR B 13 1.55 -51.68 33.84
CA THR B 13 0.51 -50.83 34.40
C THR B 13 0.75 -49.41 33.92
N THR B 14 -0.13 -48.48 34.30
CA THR B 14 0.21 -47.10 34.08
C THR B 14 1.48 -46.73 34.82
N GLU B 15 1.56 -47.05 36.10
CA GLU B 15 2.64 -46.42 36.81
C GLU B 15 4.00 -46.94 36.37
N ASP B 16 4.05 -48.06 35.66
CA ASP B 16 5.35 -48.48 35.15
C ASP B 16 5.78 -47.59 34.01
N CYS B 17 4.84 -47.17 33.17
CA CYS B 17 5.16 -46.06 32.30
C CYS B 17 5.64 -44.87 33.10
N TRP B 18 5.15 -44.70 34.32
CA TRP B 18 5.64 -43.56 35.06
C TRP B 18 7.00 -43.77 35.70
N THR B 19 7.40 -44.99 35.97
CA THR B 19 8.78 -45.17 36.37
C THR B 19 9.71 -44.94 35.21
N VAL B 20 9.28 -45.29 34.00
CA VAL B 20 10.16 -45.04 32.86
C VAL B 20 10.33 -43.54 32.64
N ILE B 21 9.24 -42.77 32.67
CA ILE B 21 9.48 -41.34 32.62
C ILE B 21 10.30 -40.87 33.82
N SER B 22 10.21 -41.51 34.97
CA SER B 22 11.07 -41.08 36.06
C SER B 22 12.53 -41.23 35.69
N ALA B 23 12.93 -42.42 35.25
CA ALA B 23 14.34 -42.61 34.89
C ALA B 23 14.76 -41.67 33.80
N PHE B 24 13.84 -41.35 32.89
CA PHE B 24 14.21 -40.42 31.84
C PHE B 24 14.54 -39.06 32.40
N PHE B 25 13.61 -38.45 33.12
CA PHE B 25 14.00 -37.19 33.71
C PHE B 25 15.08 -37.32 34.75
N GLU B 26 15.44 -38.54 35.10
CA GLU B 26 16.50 -38.74 36.06
C GLU B 26 17.86 -38.76 35.40
N GLU B 27 17.92 -39.03 34.11
CA GLU B 27 19.21 -38.94 33.45
C GLU B 27 19.36 -37.62 32.73
N LYS B 28 18.44 -37.30 31.83
CA LYS B 28 18.70 -36.14 31.01
C LYS B 28 18.40 -34.83 31.69
N GLY B 29 17.44 -34.79 32.60
CA GLY B 29 17.01 -33.49 33.05
C GLY B 29 16.26 -32.81 31.93
N LEU B 30 15.61 -31.72 32.27
CA LEU B 30 14.78 -31.05 31.29
C LEU B 30 15.57 -30.62 30.07
N VAL B 31 16.69 -29.94 30.26
CA VAL B 31 17.25 -29.14 29.18
C VAL B 31 18.52 -29.72 28.59
N SER B 32 18.66 -31.04 28.67
CA SER B 32 19.91 -31.72 28.36
C SER B 32 20.60 -31.28 27.10
N GLN B 33 19.82 -31.00 26.05
CA GLN B 33 20.41 -30.85 24.72
C GLN B 33 21.33 -29.65 24.65
N GLN B 34 20.97 -28.55 25.30
CA GLN B 34 21.85 -27.40 25.35
C GLN B 34 23.23 -27.83 25.81
N LEU B 35 23.30 -28.61 26.88
CA LEU B 35 24.59 -28.97 27.42
C LEU B 35 25.27 -29.99 26.54
N ASP B 36 24.54 -30.95 26.01
CA ASP B 36 25.25 -31.88 25.13
C ASP B 36 25.71 -31.19 23.86
N SER B 37 24.90 -30.30 23.30
CA SER B 37 25.38 -29.63 22.11
C SER B 37 26.53 -28.68 22.40
N PHE B 38 26.39 -27.80 23.40
CA PHE B 38 27.46 -26.90 23.77
C PHE B 38 28.73 -27.67 24.05
N ASP B 39 28.62 -28.80 24.72
CA ASP B 39 29.84 -29.54 25.03
C ASP B 39 30.46 -30.10 23.77
N GLU B 40 29.65 -30.70 22.91
CA GLU B 40 30.19 -31.15 21.64
C GLU B 40 30.93 -30.03 20.94
N PHE B 41 30.37 -28.83 20.98
CA PHE B 41 31.04 -27.66 20.45
C PHE B 41 32.41 -27.51 21.07
N MET B 42 32.45 -27.17 22.36
CA MET B 42 33.71 -26.82 22.99
C MET B 42 34.75 -27.91 22.81
N GLU B 43 34.34 -29.15 22.61
CA GLU B 43 35.34 -30.19 22.61
C GLU B 43 35.85 -30.53 21.24
N THR B 44 35.03 -30.44 20.21
CA THR B 44 35.56 -30.86 18.91
C THR B 44 35.33 -29.80 17.84
N SER B 45 34.27 -29.01 17.98
CA SER B 45 33.95 -28.05 16.95
C SER B 45 35.06 -27.02 16.78
N ILE B 46 35.62 -26.52 17.87
CA ILE B 46 36.62 -25.48 17.68
C ILE B 46 37.93 -26.08 17.19
N GLN B 47 38.33 -27.21 17.77
CA GLN B 47 39.49 -27.91 17.27
C GLN B 47 39.44 -28.09 15.76
N ASP B 48 38.26 -28.40 15.23
CA ASP B 48 38.17 -28.63 13.81
C ASP B 48 37.63 -27.46 13.03
N LEU B 49 37.39 -26.32 13.68
CA LEU B 49 37.41 -25.08 12.94
C LEU B 49 38.82 -24.64 12.65
N VAL B 50 39.72 -24.86 13.60
CA VAL B 50 41.11 -24.51 13.34
C VAL B 50 41.58 -25.17 12.07
N TRP B 51 41.55 -26.47 12.03
CA TRP B 51 42.17 -27.20 10.95
C TRP B 51 41.41 -27.05 9.66
N GLU B 52 40.61 -26.00 9.54
CA GLU B 52 40.03 -25.67 8.26
C GLU B 52 41.09 -25.07 7.35
N GLU B 53 41.65 -23.92 7.75
CA GLU B 53 42.73 -23.24 7.06
C GLU B 53 43.99 -23.50 7.87
N PRO B 54 44.60 -24.67 7.74
CA PRO B 54 45.69 -25.03 8.65
C PRO B 54 46.92 -24.15 8.53
N ARG B 55 47.08 -23.42 7.43
CA ARG B 55 48.31 -22.66 7.20
C ARG B 55 48.07 -21.39 6.41
N LEU B 56 48.75 -20.34 6.83
CA LEU B 56 48.98 -19.17 5.99
C LEU B 56 50.32 -19.32 5.28
N ILE B 57 50.50 -18.51 4.23
CA ILE B 57 51.75 -18.51 3.48
C ILE B 57 52.04 -17.07 3.04
N LEU B 58 53.26 -16.62 3.30
CA LEU B 58 53.91 -15.62 2.47
C LEU B 58 55.11 -16.24 1.77
N ASP B 59 55.25 -15.92 0.49
CA ASP B 59 56.35 -16.48 -0.28
C ASP B 59 57.02 -15.41 -1.11
N GLN B 60 58.20 -14.99 -0.68
CA GLN B 60 58.98 -13.97 -1.38
C GLN B 60 60.11 -14.71 -2.06
N PRO B 61 59.95 -15.05 -3.33
CA PRO B 61 60.94 -15.89 -4.00
C PRO B 61 62.25 -15.19 -4.26
N ALA B 62 62.20 -14.01 -4.86
CA ALA B 62 63.43 -13.49 -5.44
C ALA B 62 63.34 -11.99 -5.58
N GLN B 63 64.52 -11.36 -5.62
CA GLN B 63 64.72 -9.98 -6.04
C GLN B 63 63.84 -9.01 -5.25
N HIS B 64 64.15 -8.90 -3.96
CA HIS B 64 63.70 -7.77 -3.15
C HIS B 64 64.79 -6.72 -3.08
N THR B 65 65.07 -6.10 -4.22
CA THR B 65 66.30 -5.31 -4.42
C THR B 65 67.51 -6.13 -4.02
N ASN B 66 67.37 -7.45 -4.14
CA ASN B 66 68.38 -8.43 -3.81
C ASN B 66 69.34 -8.60 -4.98
N GLU B 67 70.38 -9.41 -4.77
CA GLU B 67 71.22 -9.85 -5.87
C GLU B 67 70.66 -11.12 -6.47
N LYS B 68 69.34 -11.08 -6.74
CA LYS B 68 68.57 -12.25 -7.17
C LYS B 68 68.86 -13.44 -6.27
N ASP B 69 69.07 -13.20 -4.98
CA ASP B 69 69.21 -14.31 -4.05
C ASP B 69 67.85 -14.99 -3.98
N ASN B 70 67.53 -15.81 -4.96
CA ASN B 70 66.17 -16.25 -5.19
C ASN B 70 65.77 -17.20 -4.07
N ILE B 71 65.74 -16.66 -2.85
CA ILE B 71 65.39 -17.40 -1.64
C ILE B 71 63.89 -17.31 -1.44
N ASN B 72 63.21 -18.44 -1.43
CA ASN B 72 61.79 -18.46 -1.09
C ASN B 72 61.66 -18.10 0.38
N LYS B 73 61.37 -16.83 0.62
CA LYS B 73 60.98 -16.38 1.95
C LYS B 73 59.54 -16.81 2.17
N ARG B 74 59.34 -18.12 2.20
CA ARG B 74 58.05 -18.67 2.53
C ARG B 74 57.94 -18.71 4.05
N TYR B 75 57.38 -17.64 4.59
CA TYR B 75 56.90 -17.58 5.96
C TYR B 75 55.60 -18.35 6.04
N GLU B 76 55.67 -19.53 6.65
CA GLU B 76 54.55 -20.44 6.72
C GLU B 76 54.11 -20.48 8.17
N ILE B 77 52.91 -19.96 8.44
CA ILE B 77 52.34 -19.95 9.77
C ILE B 77 51.32 -21.07 9.85
N ARG B 78 51.65 -22.10 10.61
CA ARG B 78 50.87 -23.32 10.70
C ARG B 78 50.17 -23.34 12.06
N PHE B 79 48.85 -23.47 12.06
CA PHE B 79 48.10 -23.43 13.30
C PHE B 79 48.21 -24.74 14.05
N GLY B 80 48.11 -24.66 15.36
CA GLY B 80 48.24 -25.85 16.17
C GLY B 80 47.19 -26.05 17.23
N LYS B 81 47.61 -26.54 18.38
CA LYS B 81 46.71 -27.07 19.38
C LYS B 81 45.79 -26.00 19.94
N ILE B 82 44.71 -26.44 20.54
CA ILE B 82 43.88 -25.56 21.36
C ILE B 82 43.94 -26.02 22.80
N TYR B 83 44.02 -25.08 23.73
CA TYR B 83 43.96 -25.40 25.15
C TYR B 83 42.95 -24.47 25.81
N LEU B 84 42.24 -24.99 26.80
CA LEU B 84 41.23 -24.25 27.53
C LEU B 84 41.35 -24.48 29.02
N SER B 85 41.18 -23.42 29.80
CA SER B 85 41.17 -23.55 31.25
C SER B 85 39.91 -22.88 31.77
N ARG B 86 39.60 -23.13 33.04
CA ARG B 86 38.37 -22.64 33.65
C ARG B 86 38.24 -21.14 33.45
N PRO B 87 37.04 -20.60 33.61
CA PRO B 87 36.91 -19.14 33.51
C PRO B 87 37.82 -18.49 34.51
N THR B 88 38.24 -17.28 34.22
CA THR B 88 39.28 -16.68 35.03
C THR B 88 39.04 -15.18 35.16
N MET B 89 39.14 -14.67 36.38
CA MET B 89 38.95 -13.26 36.67
C MET B 89 40.32 -12.61 36.74
N THR B 90 40.69 -11.91 35.68
CA THR B 90 41.89 -11.09 35.70
C THR B 90 41.53 -9.67 36.06
N GLU B 91 41.97 -9.23 37.24
CA GLU B 91 41.60 -7.93 37.76
C GLU B 91 42.25 -6.82 36.96
N ALA B 92 42.05 -5.58 37.43
CA ALA B 92 42.91 -4.49 37.01
C ALA B 92 44.21 -4.49 37.82
N ASP B 93 44.14 -4.94 39.08
CA ASP B 93 45.33 -5.02 39.91
C ASP B 93 46.41 -5.88 39.26
N GLY B 94 46.02 -6.98 38.64
CA GLY B 94 46.95 -7.95 38.10
C GLY B 94 46.74 -9.34 38.63
N THR B 95 45.92 -9.50 39.67
CA THR B 95 45.66 -10.81 40.23
C THR B 95 44.69 -11.57 39.35
N THR B 96 44.74 -12.90 39.47
CA THR B 96 43.79 -13.77 38.80
C THR B 96 43.23 -14.75 39.82
N HIS B 97 41.99 -15.17 39.61
CA HIS B 97 41.36 -16.14 40.47
C HIS B 97 40.14 -16.70 39.77
N ALA B 98 39.69 -17.86 40.24
CA ALA B 98 38.52 -18.49 39.65
C ALA B 98 37.31 -17.62 39.90
N MET B 99 36.71 -17.08 38.84
CA MET B 99 35.45 -16.39 39.04
C MET B 99 34.38 -17.42 39.39
N PHE B 100 33.24 -16.92 39.83
CA PHE B 100 32.09 -17.78 39.99
C PHE B 100 30.83 -17.06 39.58
N PRO B 101 29.87 -17.79 39.05
CA PRO B 101 28.66 -17.17 38.53
C PRO B 101 28.11 -16.13 39.44
N GLN B 102 28.17 -16.36 40.75
CA GLN B 102 27.62 -15.37 41.64
C GLN B 102 28.37 -14.05 41.51
N GLU B 103 29.69 -14.12 41.70
CA GLU B 103 30.47 -12.90 41.58
C GLU B 103 30.28 -12.30 40.20
N ALA B 104 30.08 -13.16 39.20
CA ALA B 104 29.81 -12.66 37.86
C ALA B 104 28.60 -11.76 37.87
N ARG B 105 27.45 -12.28 38.26
CA ARG B 105 26.25 -11.48 38.18
C ARG B 105 26.36 -10.24 39.04
N LEU B 106 27.09 -10.33 40.14
CA LEU B 106 27.06 -9.23 41.06
C LEU B 106 27.84 -8.04 40.55
N ARG B 107 28.66 -8.22 39.50
CA ARG B 107 29.69 -7.24 39.17
C ARG B 107 29.64 -6.77 37.72
N ASN B 108 28.60 -7.11 36.97
CA ASN B 108 28.59 -6.83 35.54
C ASN B 108 29.86 -7.34 34.89
N LEU B 109 30.18 -8.60 35.07
CA LEU B 109 31.30 -9.18 34.35
C LEU B 109 30.79 -9.96 33.15
N THR B 110 31.62 -10.87 32.65
CA THR B 110 31.20 -11.78 31.60
C THR B 110 31.92 -13.09 31.75
N TYR B 111 31.20 -14.08 32.22
CA TYR B 111 31.74 -15.39 32.51
C TYR B 111 32.32 -15.90 31.22
N SER B 112 33.64 -15.92 31.12
CA SER B 112 34.29 -16.23 29.87
C SER B 112 35.50 -17.09 30.14
N SER B 113 35.96 -17.76 29.11
CA SER B 113 37.15 -18.56 29.24
C SER B 113 38.18 -18.20 28.19
N PRO B 114 39.41 -17.96 28.61
CA PRO B 114 40.47 -17.68 27.63
C PRO B 114 40.76 -18.91 26.81
N VAL B 115 41.10 -18.69 25.55
CA VAL B 115 41.31 -19.79 24.61
C VAL B 115 42.77 -19.75 24.16
N TYR B 116 43.61 -20.62 24.69
CA TYR B 116 45.01 -20.51 24.34
C TYR B 116 45.35 -21.31 23.10
N LEU B 117 46.19 -20.69 22.27
CA LEU B 117 46.32 -21.04 20.86
C LEU B 117 47.78 -21.11 20.44
N ASP B 118 48.12 -22.10 19.62
CA ASP B 118 49.46 -22.27 19.09
C ASP B 118 49.56 -21.73 17.66
N MET B 119 50.64 -21.01 17.40
CA MET B 119 50.81 -20.37 16.10
C MET B 119 52.24 -20.64 15.65
N GLU B 120 52.46 -21.81 15.09
CA GLU B 120 53.78 -22.37 14.82
C GLU B 120 54.34 -21.75 13.54
N LYS B 121 55.37 -20.93 13.69
CA LYS B 121 55.91 -20.14 12.59
C LYS B 121 57.14 -20.82 12.02
N SER B 122 57.30 -20.79 10.70
CA SER B 122 58.47 -21.42 10.10
C SER B 122 58.79 -20.82 8.74
N MET B 123 59.87 -21.34 8.15
CA MET B 123 60.39 -20.88 6.88
C MET B 123 60.62 -22.07 5.96
N PHE B 124 60.04 -22.03 4.77
CA PHE B 124 60.55 -22.89 3.71
C PHE B 124 61.90 -22.36 3.26
N THR B 125 62.87 -23.25 3.14
CA THR B 125 64.08 -22.97 2.39
C THR B 125 64.05 -23.92 1.19
N SER B 126 63.25 -23.54 0.20
CA SER B 126 63.11 -24.25 -1.07
C SER B 126 62.90 -23.11 -2.04
N ILE B 127 64.01 -22.63 -2.60
CA ILE B 127 64.12 -21.23 -2.99
C ILE B 127 64.09 -21.10 -4.51
N ASP B 128 63.34 -20.12 -5.01
CA ASP B 128 63.24 -19.94 -6.45
C ASP B 128 63.06 -18.47 -6.81
N GLY B 153 55.44 -17.62 18.95
CA GLY B 153 55.65 -19.02 18.62
C GLY B 153 55.26 -19.92 19.76
N ASN B 154 54.11 -19.63 20.36
CA ASN B 154 53.76 -20.38 21.56
C ASN B 154 52.27 -20.19 21.81
N LYS B 155 51.82 -20.54 23.00
CA LYS B 155 50.43 -20.29 23.36
C LYS B 155 50.12 -18.81 23.26
N VAL B 156 49.16 -18.48 22.44
CA VAL B 156 48.61 -17.14 22.45
C VAL B 156 47.21 -17.13 23.05
N HIS B 157 47.00 -16.24 23.99
CA HIS B 157 45.69 -15.78 24.40
C HIS B 157 45.08 -15.06 23.22
N ILE B 158 43.92 -15.53 22.75
CA ILE B 158 43.35 -14.96 21.54
C ILE B 158 41.92 -14.49 21.70
N GLY B 159 41.24 -14.87 22.76
CA GLY B 159 39.84 -14.52 22.91
C GLY B 159 39.15 -15.39 23.91
N LYS B 160 37.88 -15.08 24.11
CA LYS B 160 37.14 -15.60 25.24
C LYS B 160 35.82 -16.24 24.84
N VAL B 161 35.83 -17.56 24.66
CA VAL B 161 34.59 -18.30 24.50
C VAL B 161 33.87 -18.31 25.84
N PRO B 162 32.60 -17.94 25.91
CA PRO B 162 31.94 -17.93 27.21
C PRO B 162 31.26 -19.25 27.51
N ILE B 163 31.59 -19.82 28.66
CA ILE B 163 31.10 -21.14 29.04
C ILE B 163 29.63 -21.07 29.37
N MET B 164 28.88 -22.08 28.93
CA MET B 164 27.47 -22.23 29.26
C MET B 164 27.29 -22.93 30.59
N LEU B 165 26.60 -22.26 31.50
CA LEU B 165 26.57 -22.75 32.87
C LEU B 165 26.21 -24.21 32.89
N ARG B 166 26.79 -24.91 33.85
CA ARG B 166 26.55 -26.35 33.97
C ARG B 166 27.04 -27.10 32.74
N SER B 167 28.00 -26.57 32.01
CA SER B 167 28.65 -27.43 31.04
C SER B 167 29.55 -28.41 31.76
N LYS B 168 30.43 -29.06 31.01
CA LYS B 168 31.53 -29.72 31.67
C LYS B 168 32.62 -28.72 32.01
N PHE B 169 32.56 -27.56 31.38
CA PHE B 169 33.64 -26.59 31.46
C PHE B 169 33.26 -25.38 32.28
N CYS B 170 32.17 -25.46 33.02
CA CYS B 170 31.95 -24.45 34.03
C CYS B 170 32.43 -24.95 35.37
N SER B 171 32.38 -24.08 36.37
CA SER B 171 32.88 -24.41 37.68
C SER B 171 31.89 -25.17 38.52
N LEU B 172 30.62 -25.18 38.13
CA LEU B 172 29.56 -25.68 38.99
C LEU B 172 29.09 -27.05 38.56
N ARG B 173 29.80 -27.68 37.62
CA ARG B 173 29.39 -29.02 37.23
C ARG B 173 29.45 -29.97 38.42
N THR B 174 30.60 -30.09 39.04
CA THR B 174 30.84 -31.01 40.14
C THR B 174 30.50 -30.33 41.45
N LEU B 175 31.07 -30.81 42.55
CA LEU B 175 31.20 -30.05 43.79
C LEU B 175 29.98 -29.96 44.72
N ASP B 176 29.52 -31.11 45.20
CA ASP B 176 29.12 -31.20 46.62
C ASP B 176 27.95 -30.31 47.02
N GLU B 177 26.73 -30.71 46.66
CA GLU B 177 25.57 -29.85 46.64
C GLU B 177 25.54 -28.80 47.75
N VAL B 178 25.96 -29.16 48.95
CA VAL B 178 26.08 -28.16 50.02
C VAL B 178 27.04 -27.05 49.61
N ASP B 179 28.18 -27.44 49.05
CA ASP B 179 29.07 -26.41 48.56
C ASP B 179 28.50 -25.66 47.39
N LEU B 180 27.63 -26.28 46.59
CA LEU B 180 26.89 -25.47 45.64
C LEU B 180 26.12 -24.39 46.36
N TYR B 181 25.52 -24.72 47.50
CA TYR B 181 24.98 -23.65 48.31
C TYR B 181 26.05 -22.64 48.66
N LYS B 182 27.26 -23.09 48.97
CA LYS B 182 28.27 -22.10 49.31
C LYS B 182 28.53 -21.15 48.18
N MET B 183 28.10 -21.47 46.96
CA MET B 183 28.35 -20.58 45.84
C MET B 183 27.13 -19.75 45.49
N LYS B 184 26.03 -19.94 46.20
CA LYS B 184 24.77 -19.24 45.99
C LYS B 184 24.04 -19.73 44.74
N GLU B 185 24.38 -20.92 44.26
CA GLU B 185 23.77 -21.51 43.09
C GLU B 185 22.55 -22.33 43.52
N CYS B 186 21.38 -21.69 43.52
CA CYS B 186 20.14 -22.35 43.87
C CYS B 186 19.96 -23.65 43.10
N PRO B 187 20.10 -24.80 43.74
CA PRO B 187 20.31 -26.05 42.99
C PRO B 187 19.18 -26.41 42.08
N TYR B 188 18.02 -25.79 42.20
CA TYR B 188 16.97 -26.11 41.23
C TYR B 188 17.26 -25.55 39.88
N ASP B 189 18.25 -24.68 39.78
CA ASP B 189 18.61 -24.12 38.48
C ASP B 189 19.32 -25.18 37.66
N MET B 190 19.18 -25.07 36.35
CA MET B 190 19.96 -25.89 35.45
C MET B 190 20.70 -25.09 34.39
N GLY B 191 20.90 -23.79 34.59
CA GLY B 191 21.77 -23.05 33.71
C GLY B 191 21.25 -23.05 32.29
N GLY B 192 21.98 -23.71 31.41
CA GLY B 192 21.62 -23.71 30.02
C GLY B 192 21.91 -22.41 29.31
N TYR B 193 22.21 -21.35 30.04
CA TYR B 193 22.41 -20.07 29.43
C TYR B 193 23.77 -19.51 29.81
N PHE B 194 24.20 -18.47 29.10
CA PHE B 194 25.48 -17.82 29.29
C PHE B 194 25.27 -16.60 30.14
N VAL B 195 26.36 -15.97 30.54
CA VAL B 195 26.31 -14.68 31.22
C VAL B 195 27.13 -13.73 30.40
N ILE B 196 26.69 -12.49 30.27
CA ILE B 196 27.38 -11.49 29.44
C ILE B 196 27.16 -10.11 30.03
N ASN B 197 28.24 -9.35 30.16
CA ASN B 197 28.19 -8.02 30.78
C ASN B 197 27.41 -8.04 32.09
N GLY B 198 27.34 -9.20 32.70
CA GLY B 198 26.51 -9.34 33.88
C GLY B 198 25.18 -10.02 33.62
N SER B 199 24.40 -9.51 32.67
CA SER B 199 23.08 -10.07 32.51
C SER B 199 23.16 -11.51 32.02
N GLU B 200 21.98 -12.09 31.81
CA GLU B 200 21.83 -13.49 31.46
C GLU B 200 21.40 -13.59 30.01
N LYS B 201 21.96 -14.53 29.26
CA LYS B 201 21.53 -14.63 27.88
C LYS B 201 21.35 -16.09 27.50
N VAL B 202 20.40 -16.33 26.59
CA VAL B 202 20.03 -17.68 26.20
C VAL B 202 20.15 -17.82 24.69
N LEU B 203 20.07 -19.06 24.22
CA LEU B 203 20.08 -19.31 22.79
C LEU B 203 18.75 -19.91 22.35
N ILE B 204 17.99 -19.13 21.60
CA ILE B 204 16.76 -19.60 21.01
C ILE B 204 17.09 -20.39 19.77
N ALA B 205 17.25 -21.69 19.91
CA ALA B 205 17.75 -22.51 18.82
C ALA B 205 16.95 -22.18 17.55
N GLN B 206 17.64 -21.96 16.44
CA GLN B 206 16.95 -21.61 15.20
C GLN B 206 16.55 -22.86 14.42
N GLU B 207 15.76 -22.63 13.38
CA GLU B 207 15.26 -23.71 12.54
C GLU B 207 15.51 -23.41 11.07
N ARG B 208 16.37 -24.21 10.46
CA ARG B 208 16.73 -24.08 9.06
C ARG B 208 16.17 -25.23 8.26
N SER B 209 15.78 -24.93 7.03
CA SER B 209 15.29 -25.95 6.11
C SER B 209 16.42 -26.87 5.70
N ALA B 210 16.09 -28.12 5.49
CA ALA B 210 17.11 -29.16 5.53
C ALA B 210 18.13 -28.97 4.44
N ALA B 211 19.35 -29.33 4.74
CA ALA B 211 20.34 -29.44 3.69
C ALA B 211 20.44 -30.88 3.24
N ASN B 212 20.74 -31.08 1.96
CA ASN B 212 21.10 -32.36 1.38
C ASN B 212 19.91 -33.29 1.15
N ILE B 213 18.79 -32.75 0.67
CA ILE B 213 17.68 -33.55 0.19
C ILE B 213 17.14 -32.89 -1.07
N VAL B 214 16.21 -33.57 -1.74
CA VAL B 214 15.80 -33.23 -3.10
C VAL B 214 14.36 -32.75 -3.07
N GLN B 215 14.16 -31.47 -2.79
CA GLN B 215 12.80 -30.99 -2.58
C GLN B 215 12.18 -30.62 -3.92
N VAL B 216 10.87 -30.83 -4.06
CA VAL B 216 10.22 -30.69 -5.36
C VAL B 216 8.98 -29.82 -5.20
N PHE B 217 9.13 -28.53 -5.45
CA PHE B 217 8.05 -27.59 -5.28
C PHE B 217 7.37 -27.37 -6.61
N LYS B 218 6.20 -26.76 -6.60
CA LYS B 218 5.63 -26.15 -7.78
C LYS B 218 5.68 -24.64 -7.64
N LYS B 219 5.93 -23.95 -8.73
CA LYS B 219 5.81 -22.51 -8.75
C LYS B 219 4.36 -22.16 -9.04
N ALA B 220 3.98 -20.93 -8.68
CA ALA B 220 2.67 -20.41 -8.98
C ALA B 220 2.43 -20.35 -10.49
N ALA B 221 1.21 -19.97 -10.86
CA ALA B 221 0.81 -20.00 -12.26
C ALA B 221 1.59 -19.06 -13.15
N PRO B 222 1.76 -17.76 -12.80
CA PRO B 222 2.38 -16.82 -13.75
C PRO B 222 3.86 -17.05 -13.97
N SER B 223 4.22 -18.19 -14.51
CA SER B 223 5.61 -18.50 -14.77
C SER B 223 5.69 -19.62 -15.80
N PRO B 224 6.77 -19.69 -16.58
CA PRO B 224 6.96 -20.80 -17.51
C PRO B 224 7.31 -22.12 -16.85
N ILE B 225 7.27 -22.20 -15.52
CA ILE B 225 7.81 -23.31 -14.76
C ILE B 225 6.69 -23.97 -13.99
N SER B 226 6.59 -25.28 -14.09
CA SER B 226 5.60 -26.00 -13.31
C SER B 226 6.19 -26.61 -12.07
N HIS B 227 7.44 -27.03 -12.14
CA HIS B 227 8.04 -27.81 -11.08
C HIS B 227 9.51 -27.44 -10.90
N VAL B 228 9.92 -27.24 -9.66
CA VAL B 228 11.28 -26.85 -9.33
C VAL B 228 11.89 -27.90 -8.42
N ALA B 229 13.04 -28.45 -8.84
CA ALA B 229 13.74 -29.45 -8.04
C ALA B 229 14.94 -28.77 -7.39
N GLU B 230 14.82 -28.45 -6.11
CA GLU B 230 15.78 -27.63 -5.41
C GLU B 230 16.53 -28.44 -4.37
N ILE B 231 17.78 -28.04 -4.14
CA ILE B 231 18.59 -28.58 -3.05
C ILE B 231 19.39 -27.43 -2.49
N ARG B 232 19.66 -27.46 -1.19
CA ARG B 232 20.51 -26.48 -0.53
C ARG B 232 21.76 -27.16 -0.05
N SER B 233 22.76 -27.29 -0.91
CA SER B 233 23.92 -28.08 -0.55
C SER B 233 24.73 -27.35 0.51
N ALA B 234 25.42 -28.14 1.34
CA ALA B 234 26.20 -27.60 2.44
C ALA B 234 27.05 -28.73 3.02
N LEU B 235 28.34 -28.46 3.22
CA LEU B 235 29.25 -29.51 3.63
C LEU B 235 28.81 -30.16 4.94
N GLU B 236 28.95 -31.48 4.98
CA GLU B 236 28.53 -32.26 6.16
C GLU B 236 29.11 -31.67 7.43
N LYS B 237 30.43 -31.59 7.50
CA LYS B 237 31.06 -31.00 8.66
C LYS B 237 30.88 -29.49 8.62
N GLY B 238 30.70 -28.89 9.80
CA GLY B 238 30.47 -27.48 9.93
C GLY B 238 29.02 -27.06 9.76
N SER B 239 28.32 -27.69 8.83
CA SER B 239 26.91 -27.40 8.54
C SER B 239 26.73 -25.93 8.16
N ARG B 240 27.36 -25.55 7.05
CA ARG B 240 27.31 -24.19 6.55
C ARG B 240 27.00 -24.20 5.05
N LEU B 241 26.23 -23.21 4.61
CA LEU B 241 25.78 -23.16 3.23
C LEU B 241 26.94 -23.06 2.25
N ILE B 242 26.88 -23.88 1.21
CA ILE B 242 27.88 -23.83 0.16
C ILE B 242 27.22 -23.21 -1.08
N SER B 243 26.19 -23.89 -1.61
CA SER B 243 25.57 -23.53 -2.87
C SER B 243 24.08 -23.86 -2.85
N THR B 244 23.40 -23.43 -3.90
CA THR B 244 21.96 -23.67 -4.02
C THR B 244 21.65 -23.93 -5.50
N MET B 245 21.81 -25.17 -5.92
CA MET B 245 21.59 -25.49 -7.33
C MET B 245 20.10 -25.67 -7.61
N GLN B 246 19.55 -24.82 -8.47
CA GLN B 246 18.14 -24.96 -8.78
C GLN B 246 17.99 -25.66 -10.12
N ILE B 247 16.87 -26.33 -10.29
CA ILE B 247 16.45 -26.83 -11.59
C ILE B 247 15.03 -26.37 -11.86
N LYS B 248 14.77 -25.98 -13.08
CA LYS B 248 13.48 -25.43 -13.46
C LYS B 248 12.96 -26.23 -14.65
N LEU B 249 11.64 -26.37 -14.74
CA LEU B 249 11.05 -27.00 -15.91
C LEU B 249 10.24 -25.97 -16.70
N TYR B 250 10.86 -25.38 -17.72
CA TYR B 250 10.16 -24.35 -18.48
C TYR B 250 9.08 -24.94 -19.37
N GLY B 251 7.97 -24.24 -19.47
CA GLY B 251 6.85 -24.64 -20.29
C GLY B 251 5.61 -24.99 -19.50
N ARG B 252 4.74 -24.00 -19.31
CA ARG B 252 3.49 -24.20 -18.60
C ARG B 252 2.56 -25.02 -19.49
N GLU B 253 1.30 -25.13 -19.08
CA GLU B 253 0.30 -25.84 -19.87
C GLU B 253 0.06 -25.15 -21.20
N ASP B 254 0.58 -25.75 -22.28
CA ASP B 254 0.29 -25.34 -23.65
C ASP B 254 0.88 -23.97 -23.99
N LYS B 255 2.22 -23.90 -24.05
CA LYS B 255 2.92 -22.68 -24.41
C LYS B 255 4.37 -22.98 -24.72
N GLY B 256 4.82 -22.63 -25.93
CA GLY B 256 6.20 -22.85 -26.26
C GLY B 256 6.54 -24.32 -26.36
N THR B 257 6.03 -24.97 -27.42
CA THR B 257 5.91 -26.44 -27.52
C THR B 257 6.99 -27.23 -26.79
N GLY B 258 8.22 -26.71 -26.77
CA GLY B 258 9.30 -27.36 -26.07
C GLY B 258 9.17 -27.38 -24.55
N ARG B 259 9.05 -28.56 -23.98
CA ARG B 259 8.98 -28.75 -22.54
C ARG B 259 10.33 -29.20 -22.01
N THR B 260 11.22 -28.24 -21.84
CA THR B 260 12.62 -28.53 -21.52
C THR B 260 12.99 -28.02 -20.14
N ILE B 261 14.21 -28.36 -19.77
CA ILE B 261 14.69 -28.22 -18.41
C ILE B 261 15.93 -27.34 -18.46
N LYS B 262 16.02 -26.40 -17.55
CA LYS B 262 17.21 -25.60 -17.48
C LYS B 262 17.80 -25.65 -16.08
N ALA B 263 19.11 -25.82 -16.02
CA ALA B 263 19.81 -25.84 -14.76
C ALA B 263 20.12 -24.41 -14.37
N THR B 264 20.37 -24.21 -13.08
CA THR B 264 20.79 -22.91 -12.56
C THR B 264 21.80 -23.15 -11.46
N LEU B 265 22.93 -22.49 -11.58
CA LEU B 265 24.10 -22.82 -10.79
C LEU B 265 24.50 -21.58 -9.99
N PRO B 266 25.60 -21.62 -9.23
CA PRO B 266 26.09 -20.39 -8.62
C PRO B 266 27.18 -19.76 -9.46
N TYR B 267 27.43 -18.48 -9.19
CA TYR B 267 28.41 -17.71 -9.94
C TYR B 267 28.14 -17.78 -11.43
N VAL B 268 26.87 -17.66 -11.79
CA VAL B 268 26.47 -17.35 -13.14
C VAL B 268 25.38 -16.29 -13.09
N LYS B 269 25.16 -15.65 -14.23
CA LYS B 269 24.11 -14.65 -14.39
C LYS B 269 23.04 -15.15 -15.32
N GLN B 270 23.05 -16.43 -15.66
CA GLN B 270 22.36 -16.90 -16.85
C GLN B 270 22.25 -18.41 -16.77
N ASP B 271 21.18 -18.93 -17.36
CA ASP B 271 20.74 -20.26 -17.08
C ASP B 271 21.19 -21.24 -18.15
N ILE B 272 21.34 -22.50 -17.78
CA ILE B 272 21.84 -23.50 -18.72
C ILE B 272 20.82 -24.61 -18.92
N PRO B 273 20.50 -24.98 -20.16
CA PRO B 273 19.75 -26.22 -20.38
C PRO B 273 20.61 -27.43 -20.11
N ILE B 274 19.94 -28.56 -19.92
CA ILE B 274 20.52 -29.59 -19.07
C ILE B 274 21.52 -30.44 -19.83
N VAL B 275 21.09 -31.02 -20.95
CA VAL B 275 21.95 -32.03 -21.55
C VAL B 275 23.26 -31.38 -21.93
N ILE B 276 23.26 -30.05 -22.08
CA ILE B 276 24.51 -29.30 -22.03
C ILE B 276 25.35 -29.75 -20.85
N VAL B 277 24.82 -29.61 -19.64
CA VAL B 277 25.66 -29.86 -18.48
C VAL B 277 25.95 -31.32 -18.30
N PHE B 278 25.05 -32.21 -18.73
CA PHE B 278 25.38 -33.61 -18.65
C PHE B 278 26.55 -33.96 -19.55
N ARG B 279 26.42 -33.64 -20.85
CA ARG B 279 27.57 -33.87 -21.72
C ARG B 279 28.80 -33.16 -21.19
N ALA B 280 28.63 -32.05 -20.49
CA ALA B 280 29.76 -31.29 -20.00
C ALA B 280 30.47 -32.06 -18.89
N LEU B 281 29.72 -32.73 -18.05
CA LEU B 281 30.39 -33.42 -16.97
C LEU B 281 30.84 -34.81 -17.36
N GLY B 282 30.77 -35.18 -18.63
CA GLY B 282 31.40 -36.42 -19.04
C GLY B 282 30.48 -37.53 -19.49
N VAL B 283 29.26 -37.19 -19.92
CA VAL B 283 28.42 -38.13 -20.64
C VAL B 283 28.05 -37.47 -21.96
N VAL B 284 28.90 -37.66 -22.97
CA VAL B 284 28.66 -36.99 -24.24
C VAL B 284 27.71 -37.79 -25.13
N PRO B 285 27.78 -39.11 -25.21
CA PRO B 285 26.79 -39.82 -26.03
C PRO B 285 25.48 -39.96 -25.28
N ASP B 286 24.39 -39.57 -25.94
CA ASP B 286 23.17 -39.35 -25.20
C ASP B 286 22.57 -40.66 -24.72
N GLY B 287 22.74 -41.73 -25.49
CA GLY B 287 22.24 -43.03 -25.07
C GLY B 287 22.59 -43.34 -23.63
N GLU B 288 23.86 -43.15 -23.27
CA GLU B 288 24.22 -43.34 -21.88
C GLU B 288 23.51 -42.35 -20.98
N ILE B 289 23.16 -41.16 -21.49
CA ILE B 289 22.49 -40.22 -20.63
C ILE B 289 21.10 -40.71 -20.27
N LEU B 290 20.28 -41.01 -21.27
CA LEU B 290 18.97 -41.56 -20.95
C LEU B 290 19.10 -42.86 -20.17
N GLN B 291 20.20 -43.56 -20.31
CA GLN B 291 20.42 -44.70 -19.43
C GLN B 291 20.53 -44.24 -17.99
N HIS B 292 21.37 -43.25 -17.74
CA HIS B 292 21.52 -42.68 -16.41
C HIS B 292 20.19 -42.24 -15.83
N ILE B 293 19.33 -41.63 -16.64
CA ILE B 293 18.09 -41.09 -16.07
C ILE B 293 16.95 -42.09 -16.09
N CYS B 294 16.52 -42.49 -17.28
CA CYS B 294 15.34 -43.33 -17.37
C CYS B 294 15.55 -44.65 -16.64
N TYR B 295 14.57 -45.02 -15.84
CA TYR B 295 14.61 -46.27 -15.10
C TYR B 295 13.49 -47.22 -15.47
N ASP B 296 12.48 -46.73 -16.21
CA ASP B 296 11.42 -47.57 -16.78
C ASP B 296 11.43 -47.34 -18.28
N GLU B 297 11.80 -48.37 -19.04
CA GLU B 297 11.98 -48.20 -20.47
C GLU B 297 10.68 -48.00 -21.22
N ASN B 298 9.57 -48.57 -20.76
CA ASN B 298 8.31 -48.34 -21.40
C ASN B 298 7.72 -46.98 -21.12
N ASP B 299 8.23 -46.29 -20.08
CA ASP B 299 7.68 -45.01 -19.65
C ASP B 299 7.91 -44.01 -20.77
N TRP B 300 7.18 -44.25 -21.86
CA TRP B 300 7.36 -43.49 -23.07
C TRP B 300 7.09 -42.01 -22.88
N GLN B 301 6.30 -41.63 -21.89
CA GLN B 301 6.07 -40.20 -21.65
C GLN B 301 7.32 -39.53 -21.11
N MET B 302 8.06 -40.24 -20.25
CA MET B 302 9.35 -39.75 -19.82
C MET B 302 10.22 -39.40 -21.02
N LEU B 303 10.42 -40.37 -21.91
CA LEU B 303 11.13 -40.11 -23.14
C LEU B 303 10.47 -38.99 -23.91
N GLU B 304 9.16 -38.89 -23.82
CA GLU B 304 8.43 -38.02 -24.74
C GLU B 304 8.57 -36.57 -24.32
N MET B 305 8.86 -36.34 -23.05
CA MET B 305 9.21 -34.98 -22.65
C MET B 305 10.72 -34.80 -22.60
N LEU B 306 11.48 -35.89 -22.64
CA LEU B 306 12.93 -35.80 -22.77
C LEU B 306 13.33 -35.24 -24.13
N LYS B 307 12.89 -35.90 -25.20
CA LYS B 307 13.37 -35.64 -26.56
C LYS B 307 13.49 -34.15 -26.87
N PRO B 308 12.59 -33.29 -26.37
CA PRO B 308 12.90 -31.86 -26.40
C PRO B 308 14.31 -31.54 -25.92
N CYS B 309 14.67 -31.97 -24.72
CA CYS B 309 15.95 -31.57 -24.17
C CYS B 309 17.10 -32.16 -24.97
N ILE B 310 17.04 -33.46 -25.29
CA ILE B 310 18.11 -34.07 -26.06
C ILE B 310 18.32 -33.31 -27.34
N GLU B 311 17.26 -33.12 -28.11
CA GLU B 311 17.45 -32.59 -29.45
C GLU B 311 17.73 -31.09 -29.42
N GLU B 312 17.49 -30.42 -28.31
CA GLU B 312 17.90 -29.01 -28.29
C GLU B 312 19.33 -28.85 -27.79
N GLY B 313 19.80 -29.78 -26.96
CA GLY B 313 21.19 -29.73 -26.59
C GLY B 313 22.08 -30.45 -27.59
N PHE B 314 21.48 -31.08 -28.59
CA PHE B 314 22.24 -31.81 -29.60
C PHE B 314 23.26 -30.94 -30.32
N VAL B 315 23.07 -29.63 -30.32
CA VAL B 315 24.00 -28.73 -31.01
C VAL B 315 25.39 -28.74 -30.42
N ILE B 316 25.62 -29.45 -29.32
CA ILE B 316 26.92 -29.53 -28.66
C ILE B 316 27.25 -31.00 -28.50
N GLN B 317 28.13 -31.51 -29.33
CA GLN B 317 28.30 -32.95 -29.40
C GLN B 317 29.59 -33.46 -28.78
N ASP B 318 30.29 -32.63 -28.01
CA ASP B 318 31.51 -33.07 -27.36
C ASP B 318 31.78 -32.17 -26.16
N LYS B 319 32.93 -32.35 -25.54
CA LYS B 319 33.15 -31.85 -24.19
C LYS B 319 33.44 -30.35 -24.15
N GLU B 320 34.53 -29.96 -24.79
CA GLU B 320 35.09 -28.65 -24.46
C GLU B 320 34.30 -27.50 -25.02
N VAL B 321 33.57 -27.67 -26.13
CA VAL B 321 32.68 -26.58 -26.51
C VAL B 321 31.50 -26.49 -25.57
N ALA B 322 31.20 -27.58 -24.87
CA ALA B 322 30.20 -27.49 -23.81
C ALA B 322 30.73 -26.67 -22.64
N LEU B 323 31.92 -27.03 -22.16
CA LEU B 323 32.54 -26.23 -21.11
C LEU B 323 32.63 -24.77 -21.53
N ASP B 324 32.91 -24.53 -22.80
CA ASP B 324 32.96 -23.17 -23.29
C ASP B 324 31.59 -22.52 -23.30
N PHE B 325 30.55 -23.26 -23.69
CA PHE B 325 29.23 -22.64 -23.67
C PHE B 325 28.84 -22.29 -22.25
N ILE B 326 29.40 -23.00 -21.29
CA ILE B 326 29.23 -22.59 -19.91
C ILE B 326 29.99 -21.31 -19.60
N GLY B 327 31.30 -21.30 -19.84
CA GLY B 327 32.10 -20.12 -19.59
C GLY B 327 31.58 -18.89 -20.30
N ARG B 328 30.95 -19.06 -21.45
CA ARG B 328 30.31 -17.96 -22.16
C ARG B 328 29.23 -17.31 -21.30
N ARG B 329 28.85 -17.96 -20.21
CA ARG B 329 28.10 -17.33 -19.16
C ARG B 329 28.88 -17.27 -17.86
N GLY B 330 29.58 -18.36 -17.55
CA GLY B 330 30.07 -18.62 -16.23
C GLY B 330 31.17 -17.70 -15.76
N SER B 331 30.83 -16.44 -15.52
CA SER B 331 31.72 -15.44 -14.94
C SER B 331 33.09 -15.41 -15.60
N ALA B 332 33.25 -16.02 -16.77
CA ALA B 332 34.51 -15.98 -17.47
C ALA B 332 34.68 -14.60 -18.09
N ALA B 333 35.59 -13.82 -17.53
CA ALA B 333 35.86 -12.51 -18.08
C ALA B 333 36.32 -12.66 -19.52
N LEU B 334 35.71 -11.87 -20.40
CA LEU B 334 36.00 -11.99 -21.82
C LEU B 334 37.50 -11.81 -22.06
N GLY B 335 38.00 -12.44 -23.11
CA GLY B 335 39.41 -12.47 -23.39
C GLY B 335 40.16 -13.63 -22.78
N ILE B 336 39.72 -14.11 -21.62
CA ILE B 336 40.21 -15.38 -21.08
C ILE B 336 40.17 -16.38 -22.24
N ARG B 337 41.35 -16.92 -22.58
CA ARG B 337 41.41 -17.71 -23.79
C ARG B 337 40.56 -18.98 -23.64
N ARG B 338 40.33 -19.64 -24.77
CA ARG B 338 39.39 -20.73 -24.78
C ARG B 338 39.81 -21.84 -23.83
N GLU B 339 41.07 -22.25 -23.86
CA GLU B 339 41.47 -23.28 -22.92
C GLU B 339 41.46 -22.76 -21.48
N LYS B 340 41.76 -21.48 -21.26
CA LYS B 340 41.59 -20.91 -19.92
C LYS B 340 40.14 -20.81 -19.50
N ARG B 341 39.25 -20.38 -20.39
CA ARG B 341 37.83 -20.36 -20.07
C ARG B 341 37.34 -21.75 -19.69
N ILE B 342 37.83 -22.75 -20.40
CA ILE B 342 37.47 -24.14 -20.11
C ILE B 342 38.05 -24.58 -18.78
N GLN B 343 39.26 -24.14 -18.45
CA GLN B 343 39.76 -24.41 -17.11
C GLN B 343 38.84 -23.81 -16.06
N TYR B 344 38.33 -22.61 -16.32
CA TYR B 344 37.45 -21.97 -15.36
C TYR B 344 36.13 -22.73 -15.22
N ALA B 345 35.55 -23.14 -16.34
CA ALA B 345 34.36 -23.97 -16.26
C ALA B 345 34.63 -25.21 -15.42
N LYS B 346 35.73 -25.93 -15.72
CA LYS B 346 36.12 -27.03 -14.85
C LYS B 346 36.17 -26.61 -13.40
N ASP B 347 36.54 -25.37 -13.12
CA ASP B 347 36.54 -24.93 -11.74
C ASP B 347 35.13 -24.86 -11.14
N ILE B 348 34.23 -24.06 -11.72
CA ILE B 348 32.90 -23.97 -11.12
C ILE B 348 32.21 -25.33 -11.05
N LEU B 349 32.42 -26.21 -12.02
CA LEU B 349 31.88 -27.55 -11.93
C LEU B 349 32.84 -28.51 -11.27
N GLN B 350 33.87 -28.00 -10.60
CA GLN B 350 34.63 -28.79 -9.65
C GLN B 350 34.14 -28.53 -8.23
N LYS B 351 34.28 -27.31 -7.77
CA LYS B 351 33.66 -26.88 -6.54
C LYS B 351 32.23 -26.51 -6.87
N GLU B 352 31.59 -25.76 -5.97
CA GLU B 352 30.51 -24.84 -6.27
C GLU B 352 29.40 -25.42 -7.14
N LEU B 353 29.31 -26.75 -7.22
CA LEU B 353 28.19 -27.40 -7.88
C LEU B 353 28.21 -28.85 -7.49
N LEU B 354 27.18 -29.27 -6.80
CA LEU B 354 27.18 -30.56 -6.13
C LEU B 354 28.41 -30.65 -5.25
N PRO B 355 28.63 -29.70 -4.34
CA PRO B 355 29.84 -29.80 -3.52
C PRO B 355 29.85 -31.03 -2.66
N HIS B 356 28.86 -31.21 -1.80
CA HIS B 356 29.05 -32.06 -0.65
C HIS B 356 29.26 -33.51 -1.02
N ILE B 357 28.89 -33.91 -2.23
CA ILE B 357 29.08 -35.30 -2.61
C ILE B 357 30.55 -35.67 -2.55
N THR B 358 31.37 -34.95 -3.31
CA THR B 358 32.81 -35.20 -3.36
C THR B 358 33.46 -34.04 -4.10
N GLN B 359 34.62 -33.63 -3.60
CA GLN B 359 35.34 -32.50 -4.17
C GLN B 359 36.70 -32.87 -4.76
N GLU B 360 37.18 -34.07 -4.51
CA GLU B 360 38.26 -34.60 -5.35
C GLU B 360 37.70 -34.84 -6.74
N GLU B 361 38.61 -35.04 -7.70
CA GLU B 361 38.19 -35.40 -9.04
C GLU B 361 38.59 -36.83 -9.36
N GLY B 362 38.19 -37.30 -10.55
CA GLY B 362 37.93 -38.70 -10.75
C GLY B 362 36.57 -39.10 -10.21
N PHE B 363 35.77 -38.13 -9.81
CA PHE B 363 34.49 -38.35 -9.18
C PHE B 363 33.43 -37.46 -9.79
N GLU B 364 33.45 -37.32 -11.12
CA GLU B 364 32.29 -36.73 -11.79
C GLU B 364 31.18 -37.75 -11.94
N THR B 365 31.52 -39.04 -11.91
CA THR B 365 30.50 -40.08 -12.01
C THR B 365 29.43 -39.90 -10.95
N ARG B 366 29.85 -39.59 -9.73
CA ARG B 366 28.90 -39.53 -8.64
C ARG B 366 28.04 -38.29 -8.76
N LYS B 367 28.65 -37.16 -9.10
CA LYS B 367 27.88 -35.97 -9.41
C LYS B 367 26.85 -36.26 -10.49
N THR B 368 27.23 -37.03 -11.50
CA THR B 368 26.29 -37.31 -12.55
C THR B 368 25.10 -38.11 -12.05
N PHE B 369 25.35 -39.30 -11.48
CA PHE B 369 24.20 -40.08 -11.04
C PHE B 369 23.33 -39.31 -10.08
N PHE B 370 23.90 -38.39 -9.31
CA PHE B 370 23.02 -37.67 -8.41
C PHE B 370 22.18 -36.65 -9.16
N LEU B 371 22.75 -36.02 -10.18
CA LEU B 371 21.86 -35.29 -11.06
C LEU B 371 20.75 -36.20 -11.52
N GLY B 372 21.12 -37.38 -12.00
CA GLY B 372 20.15 -38.28 -12.57
C GLY B 372 19.00 -38.48 -11.63
N TYR B 373 19.30 -38.63 -10.35
CA TYR B 373 18.21 -38.67 -9.41
C TYR B 373 17.40 -37.38 -9.47
N MET B 374 18.05 -36.23 -9.50
CA MET B 374 17.25 -35.00 -9.43
C MET B 374 16.30 -34.91 -10.60
N VAL B 375 16.78 -35.26 -11.78
CA VAL B 375 15.93 -35.22 -12.95
C VAL B 375 14.79 -36.22 -12.82
N ASN B 376 15.11 -37.47 -12.45
CA ASN B 376 14.07 -38.48 -12.34
C ASN B 376 12.99 -37.99 -11.42
N ARG B 377 13.36 -37.28 -10.38
CA ARG B 377 12.34 -36.80 -9.46
C ARG B 377 11.55 -35.66 -10.07
N LEU B 378 12.24 -34.76 -10.75
CA LEU B 378 11.48 -33.65 -11.31
C LEU B 378 10.46 -34.15 -12.32
N LEU B 379 10.79 -35.23 -13.02
CA LEU B 379 9.83 -35.82 -13.95
C LEU B 379 8.73 -36.58 -13.23
N LEU B 380 9.04 -37.29 -12.16
CA LEU B 380 7.98 -37.96 -11.45
C LEU B 380 7.05 -36.97 -10.79
N CYS B 381 7.45 -35.69 -10.70
CA CYS B 381 6.49 -34.76 -10.12
C CYS B 381 5.86 -33.81 -11.14
N ALA B 382 6.45 -33.65 -12.31
CA ALA B 382 5.73 -32.90 -13.31
C ALA B 382 4.57 -33.68 -13.89
N LEU B 383 4.71 -35.00 -14.03
CA LEU B 383 3.66 -35.85 -14.53
C LEU B 383 2.62 -36.17 -13.48
N GLU B 384 2.76 -35.63 -12.27
CA GLU B 384 1.81 -35.82 -11.18
C GLU B 384 1.66 -37.30 -10.82
N ARG B 385 2.67 -38.08 -11.19
CA ARG B 385 2.76 -39.49 -10.80
C ARG B 385 3.30 -39.65 -9.40
N LYS B 386 3.53 -38.54 -8.71
CA LYS B 386 3.97 -38.46 -7.34
C LYS B 386 3.76 -37.04 -6.87
N ASP B 387 3.17 -36.92 -5.69
CA ASP B 387 2.79 -35.62 -5.21
C ASP B 387 4.01 -34.73 -5.00
N GLN B 388 3.77 -33.43 -5.07
CA GLN B 388 4.81 -32.49 -4.71
C GLN B 388 5.15 -32.67 -3.25
N ASP B 389 6.37 -32.32 -2.89
CA ASP B 389 6.71 -32.35 -1.48
C ASP B 389 6.41 -31.02 -0.82
N ASP B 390 5.96 -31.08 0.42
CA ASP B 390 5.33 -29.97 1.07
C ASP B 390 6.24 -29.46 2.17
N ARG B 391 6.18 -28.15 2.39
CA ARG B 391 7.21 -27.48 3.15
C ARG B 391 7.17 -27.80 4.63
N ASP B 392 6.00 -27.88 5.25
CA ASP B 392 5.95 -27.89 6.70
C ASP B 392 6.35 -29.23 7.29
N HIS B 393 6.68 -30.21 6.47
CA HIS B 393 6.97 -31.55 6.99
C HIS B 393 8.11 -31.42 7.97
N PHE B 394 7.84 -31.73 9.23
CA PHE B 394 8.86 -31.45 10.24
C PHE B 394 10.00 -32.43 10.21
N GLY B 395 9.82 -33.59 9.58
CA GLY B 395 10.93 -34.51 9.46
C GLY B 395 11.99 -34.02 8.50
N LYS B 396 11.61 -33.18 7.55
CA LYS B 396 12.57 -32.57 6.64
C LYS B 396 12.98 -31.18 7.08
N LYS B 397 13.10 -30.96 8.38
CA LYS B 397 13.81 -29.78 8.84
C LYS B 397 14.90 -30.22 9.78
N ARG B 398 15.54 -29.23 10.36
CA ARG B 398 16.60 -29.46 11.30
C ARG B 398 16.48 -28.37 12.35
N LEU B 399 17.06 -28.60 13.52
CA LEU B 399 17.22 -27.51 14.46
C LEU B 399 18.69 -27.28 14.70
N ASP B 400 19.03 -26.02 14.97
CA ASP B 400 20.39 -25.60 15.24
C ASP B 400 20.43 -25.01 16.63
N LEU B 401 21.19 -25.63 17.51
CA LEU B 401 21.20 -25.32 18.92
C LEU B 401 22.25 -24.24 19.19
N ALA B 402 22.70 -24.14 20.44
CA ALA B 402 23.91 -23.38 20.73
C ALA B 402 25.10 -23.91 19.96
N GLY B 403 25.16 -25.22 19.74
CA GLY B 403 26.33 -25.84 19.16
C GLY B 403 26.70 -25.27 17.81
N PRO B 404 26.03 -25.70 16.75
CA PRO B 404 26.34 -25.17 15.43
C PRO B 404 26.27 -23.67 15.33
N LEU B 405 25.51 -22.99 16.19
CA LEU B 405 25.48 -21.55 16.12
C LEU B 405 26.82 -20.93 16.51
N LEU B 406 27.34 -21.31 17.67
CA LEU B 406 28.69 -20.84 17.94
C LEU B 406 29.65 -21.38 16.90
N ALA B 407 29.44 -22.57 16.37
CA ALA B 407 30.37 -23.08 15.38
C ALA B 407 30.50 -22.10 14.22
N ASN B 408 29.37 -21.59 13.72
CA ASN B 408 29.45 -20.68 12.58
C ASN B 408 30.00 -19.33 12.98
N LEU B 409 29.46 -18.73 14.04
CA LEU B 409 29.97 -17.40 14.34
C LEU B 409 31.45 -17.44 14.68
N PHE B 410 31.93 -18.60 15.10
CA PHE B 410 33.32 -18.69 15.46
C PHE B 410 34.19 -18.95 14.24
N ARG B 411 33.72 -19.77 13.30
CA ARG B 411 34.43 -19.85 12.03
C ARG B 411 34.62 -18.46 11.43
N ILE B 412 33.56 -17.66 11.41
CA ILE B 412 33.66 -16.37 10.75
C ILE B 412 34.64 -15.46 11.48
N LEU B 413 34.42 -15.23 12.77
CA LEU B 413 35.39 -14.31 13.35
C LEU B 413 36.79 -14.86 13.39
N PHE B 414 36.96 -16.16 13.30
CA PHE B 414 38.29 -16.69 13.24
C PHE B 414 38.97 -16.33 11.93
N ARG B 415 38.21 -16.35 10.84
CA ARG B 415 38.78 -15.84 9.60
C ARG B 415 39.14 -14.37 9.72
N LYS B 416 38.31 -13.58 10.40
CA LYS B 416 38.62 -12.16 10.43
C LYS B 416 39.91 -11.91 11.20
N LEU B 417 40.09 -12.64 12.30
CA LEU B 417 41.37 -12.60 12.97
C LEU B 417 42.50 -12.98 12.04
N THR B 418 42.31 -14.04 11.24
CA THR B 418 43.41 -14.51 10.42
C THR B 418 43.75 -13.50 9.33
N ARG B 419 42.75 -12.74 8.87
CA ARG B 419 43.11 -11.65 7.96
C ARG B 419 43.91 -10.56 8.66
N GLU B 420 43.61 -10.21 9.90
CA GLU B 420 44.50 -9.25 10.53
C GLU B 420 45.90 -9.80 10.71
N ILE B 421 46.01 -11.08 11.08
CA ILE B 421 47.34 -11.62 11.30
C ILE B 421 48.08 -11.77 9.98
N TYR B 422 47.37 -12.00 8.90
CA TYR B 422 48.03 -12.00 7.60
C TYR B 422 48.53 -10.60 7.28
N ARG B 423 47.75 -9.57 7.61
CA ARG B 423 48.25 -8.21 7.50
C ARG B 423 49.55 -8.03 8.28
N TYR B 424 49.52 -8.37 9.56
CA TYR B 424 50.68 -8.13 10.41
C TYR B 424 51.86 -8.98 9.99
N MET B 425 51.64 -10.04 9.22
CA MET B 425 52.76 -10.67 8.55
C MET B 425 53.42 -9.70 7.57
N GLN B 426 52.62 -9.12 6.68
CA GLN B 426 53.15 -8.29 5.62
C GLN B 426 53.58 -6.92 6.08
N ARG B 427 54.02 -6.77 7.31
CA ARG B 427 54.91 -5.66 7.64
C ARG B 427 56.20 -6.11 8.29
N CYS B 428 56.14 -7.02 9.26
CA CYS B 428 57.32 -7.44 10.00
C CYS B 428 58.12 -8.50 9.26
N ILE B 429 57.86 -8.65 7.96
CA ILE B 429 58.70 -9.52 7.14
C ILE B 429 59.45 -8.67 6.13
N GLU B 430 58.83 -7.58 5.69
CA GLU B 430 59.54 -6.63 4.84
C GLU B 430 60.55 -5.84 5.65
N THR B 431 60.10 -5.18 6.72
CA THR B 431 61.04 -4.64 7.69
C THR B 431 61.79 -5.73 8.42
N ASP B 432 61.48 -6.99 8.11
CA ASP B 432 62.26 -8.17 8.50
C ASP B 432 62.42 -8.23 10.02
N ARG B 433 61.27 -8.16 10.69
CA ARG B 433 61.20 -8.11 12.13
C ARG B 433 60.69 -9.44 12.67
N ASP B 434 61.53 -10.11 13.47
CA ASP B 434 61.16 -11.39 14.05
C ASP B 434 60.01 -11.21 15.02
N PHE B 435 58.81 -11.01 14.49
CA PHE B 435 57.67 -10.64 15.31
C PHE B 435 57.37 -11.65 16.40
N ASN B 436 56.72 -11.19 17.47
CA ASN B 436 56.69 -11.90 18.73
C ASN B 436 55.50 -12.84 18.85
N LEU B 437 54.42 -12.60 18.10
CA LEU B 437 53.21 -13.42 18.16
C LEU B 437 52.50 -13.28 19.49
N ASN B 438 53.10 -12.55 20.41
CA ASN B 438 52.43 -12.24 21.65
C ASN B 438 51.71 -10.91 21.58
N LEU B 439 52.16 -10.02 20.70
CA LEU B 439 51.51 -8.75 20.47
C LEU B 439 50.78 -8.75 19.16
N ALA B 440 50.84 -9.85 18.43
CA ALA B 440 50.38 -9.94 17.06
C ALA B 440 48.93 -10.37 16.94
N VAL B 441 48.27 -10.69 18.05
CA VAL B 441 46.92 -11.23 18.03
C VAL B 441 46.03 -10.26 18.79
N LYS B 442 45.36 -9.37 18.07
CA LYS B 442 44.50 -8.40 18.75
C LYS B 442 43.33 -9.17 19.30
N SER B 443 43.51 -9.75 20.50
CA SER B 443 42.48 -10.60 21.08
C SER B 443 41.25 -9.83 21.46
N THR B 444 41.16 -8.57 21.07
CA THR B 444 39.88 -7.91 21.12
C THR B 444 38.97 -8.40 20.02
N THR B 445 39.52 -9.07 19.00
CA THR B 445 38.72 -9.47 17.85
C THR B 445 37.59 -10.36 18.30
N ILE B 446 37.93 -11.58 18.69
CA ILE B 446 36.92 -12.57 18.99
C ILE B 446 36.11 -12.17 20.20
N THR B 447 36.72 -11.46 21.15
CA THR B 447 35.97 -11.08 22.34
C THR B 447 34.90 -10.07 22.04
N SER B 448 35.25 -8.90 21.51
CA SER B 448 34.17 -7.97 21.22
C SER B 448 33.23 -8.54 20.17
N GLY B 449 33.74 -9.44 19.31
CA GLY B 449 32.84 -10.10 18.39
C GLY B 449 31.75 -10.88 19.09
N LEU B 450 32.13 -11.91 19.85
CA LEU B 450 31.13 -12.72 20.54
C LEU B 450 30.29 -11.91 21.49
N LYS B 451 30.92 -11.03 22.26
CA LYS B 451 30.15 -10.31 23.26
C LYS B 451 29.11 -9.41 22.61
N TYR B 452 29.43 -8.78 21.49
CA TYR B 452 28.38 -8.00 20.85
C TYR B 452 27.38 -8.88 20.15
N SER B 453 27.84 -9.98 19.60
CA SER B 453 26.91 -10.91 19.00
C SER B 453 25.86 -11.40 19.98
N LEU B 454 26.16 -11.41 21.27
CA LEU B 454 25.16 -11.86 22.22
C LEU B 454 24.50 -10.72 22.98
N ALA B 455 25.09 -9.54 23.00
CA ALA B 455 24.55 -8.48 23.83
C ALA B 455 23.22 -7.98 23.29
N THR B 456 23.12 -7.86 21.99
CA THR B 456 21.84 -7.61 21.35
C THR B 456 21.49 -8.70 20.37
N GLY B 457 22.39 -9.63 20.11
CA GLY B 457 21.99 -10.75 19.31
C GLY B 457 21.81 -10.46 17.85
N ASN B 458 22.13 -9.26 17.38
CA ASN B 458 22.12 -9.11 15.95
C ASN B 458 23.16 -10.07 15.44
N TRP B 459 22.75 -11.30 15.20
CA TRP B 459 23.66 -12.44 15.12
C TRP B 459 24.49 -12.30 13.86
N GLY B 460 25.63 -11.67 14.02
CA GLY B 460 26.49 -11.28 12.92
C GLY B 460 27.49 -10.27 13.45
N GLU B 461 28.37 -9.83 12.57
CA GLU B 461 29.40 -8.88 12.98
C GLU B 461 28.80 -7.52 13.23
N GLN B 462 29.50 -6.70 14.00
CA GLN B 462 28.93 -5.44 14.46
C GLN B 462 28.63 -4.48 13.31
N LYS B 463 29.44 -4.51 12.26
CA LYS B 463 29.27 -3.53 11.20
C LYS B 463 28.17 -3.91 10.24
N LYS B 464 27.57 -5.07 10.39
CA LYS B 464 26.60 -5.60 9.44
C LYS B 464 25.30 -5.90 10.16
N ALA B 465 24.81 -4.92 10.92
CA ALA B 465 23.55 -5.07 11.63
C ALA B 465 22.47 -5.62 10.72
N MET B 466 22.10 -4.86 9.70
CA MET B 466 21.14 -5.36 8.73
C MET B 466 21.78 -6.43 7.86
N SER B 467 20.97 -7.08 7.04
CA SER B 467 21.37 -8.28 6.31
C SER B 467 21.89 -9.35 7.27
N SER B 468 21.31 -9.41 8.47
CA SER B 468 21.74 -10.34 9.49
C SER B 468 20.54 -10.83 10.27
N ARG B 469 20.57 -12.11 10.64
CA ARG B 469 19.46 -12.81 11.29
C ARG B 469 19.28 -12.26 12.69
N ALA B 470 18.27 -11.42 12.88
CA ALA B 470 18.23 -10.64 14.10
C ALA B 470 17.56 -11.41 15.23
N GLY B 471 17.81 -10.97 16.45
CA GLY B 471 17.14 -11.52 17.61
C GLY B 471 17.35 -13.01 17.79
N VAL B 472 18.53 -13.42 18.23
CA VAL B 472 18.81 -14.85 18.36
C VAL B 472 19.27 -15.18 19.77
N SER B 473 19.71 -14.18 20.51
CA SER B 473 19.83 -14.35 21.94
C SER B 473 18.80 -13.50 22.66
N GLN B 474 18.22 -14.05 23.72
CA GLN B 474 17.20 -13.31 24.46
C GLN B 474 17.56 -13.24 25.94
N VAL B 475 16.94 -12.29 26.62
CA VAL B 475 17.16 -12.08 28.04
C VAL B 475 16.34 -13.08 28.83
N LEU B 476 16.99 -14.12 29.35
CA LEU B 476 16.27 -15.24 29.95
C LEU B 476 15.38 -14.76 31.07
N ASN B 477 14.10 -15.09 30.98
CA ASN B 477 13.10 -14.41 31.76
C ASN B 477 12.80 -15.15 33.05
N ARG B 478 13.06 -14.49 34.16
CA ARG B 478 12.90 -15.07 35.49
C ARG B 478 11.70 -14.46 36.17
N TYR B 479 10.58 -14.33 35.48
CA TYR B 479 9.46 -13.77 36.21
C TYR B 479 8.68 -14.86 36.93
N THR B 480 9.07 -16.11 36.73
CA THR B 480 8.53 -17.27 37.42
C THR B 480 9.38 -18.46 37.06
N TYR B 481 9.11 -19.60 37.66
CA TYR B 481 9.90 -20.76 37.24
C TYR B 481 9.36 -21.37 35.96
N SER B 482 8.06 -21.24 35.71
CA SER B 482 7.53 -21.84 34.48
C SER B 482 8.13 -21.18 33.25
N SER B 483 8.22 -19.85 33.26
CA SER B 483 8.79 -19.17 32.11
C SER B 483 10.17 -19.71 31.85
N THR B 484 11.05 -19.51 32.82
CA THR B 484 12.42 -19.98 32.67
C THR B 484 12.49 -21.40 32.18
N LEU B 485 11.49 -22.23 32.46
CA LEU B 485 11.51 -23.49 31.75
C LEU B 485 11.21 -23.34 30.28
N SER B 486 10.03 -22.84 29.92
CA SER B 486 9.74 -22.70 28.49
C SER B 486 10.91 -22.07 27.76
N HIS B 487 11.37 -20.97 28.30
CA HIS B 487 12.17 -20.01 27.56
C HIS B 487 13.56 -20.52 27.32
N LEU B 488 13.91 -21.68 27.85
CA LEU B 488 15.11 -22.39 27.48
C LEU B 488 14.92 -23.29 26.30
N ARG B 489 13.69 -23.58 25.95
CA ARG B 489 13.37 -24.52 24.90
C ARG B 489 12.81 -23.85 23.67
N ARG B 490 12.39 -22.60 23.78
CA ARG B 490 11.58 -21.98 22.76
C ARG B 490 12.31 -22.02 21.44
N THR B 491 11.59 -22.32 20.36
CA THR B 491 12.20 -22.28 19.04
C THR B 491 11.51 -21.26 18.15
N ASN B 492 12.32 -20.64 17.31
CA ASN B 492 11.86 -19.62 16.40
C ASN B 492 12.04 -20.16 15.00
N THR B 493 11.61 -19.39 14.01
CA THR B 493 11.87 -19.76 12.63
C THR B 493 11.89 -18.51 11.77
N PRO B 494 12.95 -18.25 11.07
CA PRO B 494 13.15 -16.92 10.53
C PRO B 494 12.44 -16.83 9.19
N ILE B 495 11.28 -17.47 9.07
CA ILE B 495 10.56 -17.34 7.82
C ILE B 495 10.17 -15.90 7.62
N GLY B 496 10.45 -15.06 8.62
CA GLY B 496 10.17 -13.66 8.55
C GLY B 496 8.69 -13.47 8.54
N ARG B 497 8.26 -12.23 8.41
CA ARG B 497 6.83 -11.97 8.37
C ARG B 497 6.47 -11.24 7.09
N ASP B 498 7.42 -11.10 6.17
CA ASP B 498 7.18 -10.83 4.76
C ASP B 498 6.76 -12.15 4.11
N GLY B 499 5.46 -12.36 4.03
CA GLY B 499 4.86 -13.64 3.72
C GLY B 499 4.01 -14.11 4.87
N LYS B 500 2.78 -13.60 4.91
CA LYS B 500 1.76 -14.06 5.82
C LYS B 500 0.95 -15.16 5.18
N LEU B 501 1.45 -15.70 4.07
CA LEU B 501 0.96 -16.97 3.57
C LEU B 501 0.75 -17.88 4.76
N ALA B 502 -0.51 -18.20 5.03
CA ALA B 502 -0.88 -18.81 6.28
C ALA B 502 -0.56 -20.29 6.33
N LYS B 503 0.39 -20.75 5.55
CA LYS B 503 0.77 -22.16 5.59
C LYS B 503 1.77 -22.50 6.68
N PRO B 504 2.88 -21.76 6.83
CA PRO B 504 3.86 -22.15 7.85
C PRO B 504 3.35 -21.99 9.26
N ARG B 505 2.14 -21.48 9.46
CA ARG B 505 1.64 -21.29 10.80
C ARG B 505 0.75 -22.41 11.28
N GLN B 506 0.18 -23.22 10.40
CA GLN B 506 -0.78 -24.22 10.83
C GLN B 506 -0.06 -25.48 11.29
N LEU B 507 -0.60 -26.10 12.33
CA LEU B 507 0.12 -27.17 13.02
C LEU B 507 0.14 -28.37 12.09
N HIS B 508 0.99 -28.32 11.09
CA HIS B 508 1.08 -29.40 10.14
C HIS B 508 1.36 -30.74 10.80
N ASN B 509 0.77 -31.79 10.25
CA ASN B 509 0.43 -32.98 11.01
C ASN B 509 1.60 -33.81 11.44
N THR B 510 2.83 -33.38 11.22
CA THR B 510 3.85 -34.22 11.83
C THR B 510 4.27 -33.70 13.18
N HIS B 511 3.58 -32.71 13.69
CA HIS B 511 3.96 -32.28 15.01
C HIS B 511 3.37 -33.13 16.10
N TRP B 512 3.03 -34.37 15.81
CA TRP B 512 2.61 -35.29 16.85
C TRP B 512 3.82 -35.72 17.64
N GLY B 513 4.07 -35.04 18.74
CA GLY B 513 5.08 -35.51 19.66
C GLY B 513 6.43 -34.91 19.47
N LEU B 514 6.60 -34.01 18.51
CA LEU B 514 7.87 -33.37 18.32
C LEU B 514 7.85 -31.90 18.70
N VAL B 515 6.68 -31.28 18.70
CA VAL B 515 6.49 -29.98 19.32
C VAL B 515 5.16 -30.03 20.04
N CYS B 516 4.74 -28.91 20.59
CA CYS B 516 3.60 -28.86 21.50
C CYS B 516 2.41 -28.16 20.88
N PRO B 517 1.23 -28.76 20.89
CA PRO B 517 0.06 -28.08 20.35
C PRO B 517 -0.55 -27.09 21.28
N ALA B 518 -0.23 -27.13 22.56
CA ALA B 518 -0.89 -26.19 23.47
C ALA B 518 -0.10 -24.89 23.56
N GLU B 519 1.21 -24.99 23.66
CA GLU B 519 2.04 -23.82 23.85
C GLU B 519 2.25 -23.14 22.51
N THR B 520 2.25 -21.80 22.52
CA THR B 520 2.86 -20.94 21.51
C THR B 520 2.40 -19.52 21.77
N PRO B 521 3.15 -18.51 21.34
CA PRO B 521 2.72 -17.12 21.57
C PRO B 521 1.45 -16.81 20.82
N GLU B 522 1.09 -15.54 20.86
CA GLU B 522 -0.16 -15.07 20.28
C GLU B 522 0.04 -13.73 19.62
N GLY B 523 -0.85 -13.39 18.70
CA GLY B 523 -0.69 -12.19 17.89
C GLY B 523 0.30 -12.45 16.77
N GLN B 524 1.38 -11.67 16.76
CA GLN B 524 2.35 -11.76 15.68
C GLN B 524 2.99 -13.12 15.60
N ALA B 525 3.86 -13.45 16.55
CA ALA B 525 4.66 -14.64 16.45
C ALA B 525 3.83 -15.92 16.42
N CYS B 526 2.50 -15.78 16.40
CA CYS B 526 1.61 -16.91 16.43
C CYS B 526 2.03 -17.96 15.41
N GLY B 527 1.96 -19.21 15.81
CA GLY B 527 2.20 -20.29 14.89
C GLY B 527 3.66 -20.51 14.54
N LEU B 528 4.49 -19.47 14.56
CA LEU B 528 5.90 -19.70 14.27
C LEU B 528 6.65 -20.19 15.48
N VAL B 529 6.54 -19.46 16.58
CA VAL B 529 7.39 -19.72 17.73
C VAL B 529 6.92 -21.01 18.39
N LYS B 530 7.62 -22.10 18.10
CA LYS B 530 7.22 -23.44 18.46
C LYS B 530 7.99 -23.85 19.69
N ASN B 531 7.48 -24.82 20.44
CA ASN B 531 8.10 -25.27 21.68
C ASN B 531 8.20 -26.78 21.70
N LEU B 532 9.05 -27.30 22.54
CA LEU B 532 9.43 -28.68 22.35
C LEU B 532 8.57 -29.62 23.18
N SER B 533 8.28 -30.76 22.60
CA SER B 533 7.56 -31.82 23.28
C SER B 533 8.38 -32.33 24.44
N LEU B 534 7.72 -32.59 25.54
CA LEU B 534 8.42 -32.95 26.77
C LEU B 534 9.27 -34.20 26.63
N LEU B 535 9.41 -34.72 25.42
CA LEU B 535 10.38 -35.77 25.15
C LEU B 535 11.13 -35.47 23.87
N SER B 536 11.47 -34.23 23.66
CA SER B 536 12.27 -33.83 22.52
C SER B 536 13.71 -34.21 22.82
N GLY B 537 14.33 -34.92 21.89
CA GLY B 537 15.75 -35.18 21.99
C GLY B 537 16.41 -34.81 20.67
N ILE B 538 17.42 -33.95 20.76
CA ILE B 538 18.12 -33.43 19.60
C ILE B 538 19.44 -34.16 19.45
N SER B 539 19.75 -34.56 18.23
CA SER B 539 20.88 -35.44 18.04
C SER B 539 22.19 -34.66 18.11
N ILE B 540 23.17 -35.25 18.76
CA ILE B 540 24.55 -34.81 18.63
C ILE B 540 24.98 -34.86 17.19
N GLY B 541 24.82 -36.01 16.55
CA GLY B 541 25.33 -36.20 15.23
C GLY B 541 26.56 -37.07 15.24
N SER B 542 26.40 -38.34 14.89
CA SER B 542 27.50 -39.28 14.87
C SER B 542 28.16 -39.20 13.51
N PRO B 543 29.44 -39.47 13.41
CA PRO B 543 30.08 -39.47 12.11
C PRO B 543 29.55 -40.58 11.23
N SER B 544 29.56 -40.33 9.93
CA SER B 544 28.96 -41.24 8.97
C SER B 544 29.87 -42.41 8.65
N GLU B 545 31.14 -42.32 8.97
CA GLU B 545 32.06 -43.39 8.58
C GLU B 545 31.70 -44.76 9.11
N PRO B 546 31.38 -44.96 10.39
CA PRO B 546 31.00 -46.31 10.83
C PRO B 546 29.78 -46.82 10.11
N ILE B 547 28.79 -45.96 9.88
CA ILE B 547 27.61 -46.37 9.12
C ILE B 547 28.02 -46.86 7.74
N ILE B 548 28.84 -46.08 7.04
CA ILE B 548 29.33 -46.51 5.75
C ILE B 548 29.97 -47.87 5.86
N ASN B 549 30.80 -48.07 6.88
CA ASN B 549 31.49 -49.33 7.00
C ASN B 549 30.52 -50.47 7.21
N PHE B 550 29.49 -50.28 8.04
CA PHE B 550 28.54 -51.35 8.25
C PHE B 550 27.79 -51.67 6.97
N LEU B 551 27.36 -50.65 6.25
CA LEU B 551 26.65 -50.90 5.00
C LEU B 551 27.51 -51.72 4.07
N GLU B 552 28.70 -51.22 3.74
CA GLU B 552 29.54 -51.96 2.83
C GLU B 552 30.05 -53.25 3.43
N GLU B 553 29.86 -53.45 4.72
CA GLU B 553 30.11 -54.75 5.31
C GLU B 553 29.04 -55.75 4.91
N TRP B 554 27.92 -55.28 4.36
CA TRP B 554 26.85 -56.17 3.95
C TRP B 554 26.63 -56.14 2.45
N GLY B 555 27.57 -55.54 1.72
CA GLY B 555 27.67 -55.81 0.30
C GLY B 555 26.90 -54.89 -0.62
N MET B 556 26.58 -53.68 -0.16
CA MET B 556 26.04 -52.69 -1.07
C MET B 556 26.91 -52.59 -2.30
N GLU B 557 26.29 -52.51 -3.45
CA GLU B 557 27.41 -52.42 -4.36
C GLU B 557 27.61 -50.97 -4.77
N PRO B 558 28.86 -50.52 -4.87
CA PRO B 558 29.11 -49.10 -5.08
C PRO B 558 28.54 -48.67 -6.41
N LEU B 559 28.22 -47.38 -6.52
CA LEU B 559 27.44 -46.86 -7.65
C LEU B 559 27.80 -47.46 -9.00
N GLU B 560 29.07 -47.55 -9.32
CA GLU B 560 29.50 -48.01 -10.63
C GLU B 560 29.03 -49.40 -10.99
N ASP B 561 28.67 -50.23 -10.01
CA ASP B 561 28.07 -51.52 -10.29
C ASP B 561 26.58 -51.40 -10.58
N TYR B 562 26.10 -50.19 -10.82
CA TYR B 562 24.74 -49.96 -11.24
C TYR B 562 24.73 -49.84 -12.76
N ASP B 563 24.08 -50.79 -13.42
CA ASP B 563 23.82 -50.70 -14.85
C ASP B 563 22.31 -50.74 -15.02
N PRO B 564 21.64 -49.60 -15.12
CA PRO B 564 20.17 -49.61 -15.03
C PRO B 564 19.50 -50.53 -16.04
N ALA B 565 20.03 -50.63 -17.26
CA ALA B 565 19.50 -51.63 -18.17
C ALA B 565 19.69 -53.03 -17.63
N GLN B 566 20.60 -53.21 -16.66
CA GLN B 566 20.79 -54.52 -16.09
C GLN B 566 20.11 -54.64 -14.72
N HIS B 567 19.83 -53.51 -14.09
CA HIS B 567 19.20 -53.52 -12.76
C HIS B 567 18.06 -52.52 -12.77
N THR B 568 16.84 -53.00 -12.56
CA THR B 568 15.68 -52.13 -12.59
C THR B 568 14.82 -52.19 -11.35
N LYS B 569 15.21 -52.94 -10.31
CA LYS B 569 14.33 -53.19 -9.19
C LYS B 569 14.98 -53.02 -7.82
N SER B 570 16.28 -52.78 -7.74
CA SER B 570 16.95 -52.80 -6.45
C SER B 570 16.70 -51.51 -5.68
N THR B 571 17.47 -51.31 -4.60
CA THR B 571 17.31 -50.15 -3.73
C THR B 571 18.50 -49.21 -3.86
N ARG B 572 18.21 -47.93 -4.07
CA ARG B 572 19.21 -46.88 -4.22
C ARG B 572 19.53 -46.24 -2.87
N ILE B 573 20.65 -46.63 -2.28
CA ILE B 573 20.94 -46.41 -0.87
C ILE B 573 21.52 -45.03 -0.64
N PHE B 574 20.90 -44.28 0.23
CA PHE B 574 21.32 -42.94 0.60
C PHE B 574 22.25 -42.99 1.79
N VAL B 575 23.01 -41.91 2.02
CA VAL B 575 23.53 -41.56 3.34
C VAL B 575 23.54 -40.05 3.44
N ASN B 576 22.45 -39.44 3.88
CA ASN B 576 22.29 -38.01 4.09
C ASN B 576 21.86 -37.23 2.87
N GLY B 577 21.89 -37.81 1.69
CA GLY B 577 21.82 -36.95 0.52
C GLY B 577 23.06 -37.10 -0.32
N VAL B 578 23.74 -38.22 -0.13
CA VAL B 578 24.80 -38.66 -1.02
C VAL B 578 24.55 -40.13 -1.35
N TRP B 579 23.83 -40.38 -2.42
CA TRP B 579 23.63 -41.75 -2.83
C TRP B 579 24.98 -42.39 -3.05
N THR B 580 25.11 -43.63 -2.67
CA THR B 580 26.40 -44.27 -2.75
C THR B 580 26.39 -45.64 -3.38
N GLY B 581 25.27 -46.34 -3.33
CA GLY B 581 25.27 -47.68 -3.86
C GLY B 581 23.86 -48.18 -4.04
N ILE B 582 23.77 -49.47 -4.30
CA ILE B 582 22.51 -50.13 -4.53
C ILE B 582 22.57 -51.44 -3.82
N HIS B 583 21.40 -52.01 -3.57
CA HIS B 583 21.45 -53.40 -3.18
C HIS B 583 20.28 -54.13 -3.78
N ARG B 584 20.55 -55.35 -4.21
CA ARG B 584 19.49 -56.16 -4.78
C ARG B 584 18.36 -56.35 -3.77
N ASP B 585 18.64 -56.99 -2.64
CA ASP B 585 17.63 -57.35 -1.65
C ASP B 585 17.86 -56.66 -0.31
N PRO B 586 17.03 -55.69 0.07
CA PRO B 586 17.33 -54.83 1.21
C PRO B 586 16.65 -55.24 2.51
N SER B 587 15.75 -56.22 2.46
CA SER B 587 15.01 -56.60 3.65
C SER B 587 15.94 -56.99 4.80
N MET B 588 16.71 -58.06 4.61
CA MET B 588 17.64 -58.51 5.64
C MET B 588 18.56 -57.38 6.08
N LEU B 589 19.02 -56.57 5.14
CA LEU B 589 19.86 -55.44 5.49
C LEU B 589 19.18 -54.57 6.53
N VAL B 590 17.99 -54.05 6.22
CA VAL B 590 17.41 -53.08 7.12
C VAL B 590 17.06 -53.74 8.43
N SER B 591 16.74 -55.03 8.41
CA SER B 591 16.45 -55.71 9.66
C SER B 591 17.64 -55.67 10.58
N THR B 592 18.78 -56.17 10.09
CA THR B 592 19.97 -56.21 10.93
C THR B 592 20.38 -54.81 11.33
N MET B 593 20.19 -53.84 10.45
CA MET B 593 20.58 -52.48 10.81
C MET B 593 19.73 -51.96 11.95
N ARG B 594 18.41 -52.19 11.90
CA ARG B 594 17.62 -51.67 12.99
C ARG B 594 17.94 -52.40 14.28
N ASP B 595 18.18 -53.71 14.20
CA ASP B 595 18.66 -54.40 15.37
C ASP B 595 19.87 -53.73 15.96
N LEU B 596 20.88 -53.45 15.15
CA LEU B 596 22.07 -52.86 15.74
C LEU B 596 21.82 -51.49 16.31
N ARG B 597 21.03 -50.65 15.62
CA ARG B 597 20.70 -49.39 16.27
C ARG B 597 20.11 -49.61 17.65
N ARG B 598 19.36 -50.70 17.82
CA ARG B 598 18.87 -51.02 19.15
C ARG B 598 19.93 -51.65 20.03
N SER B 599 20.96 -52.25 19.45
CA SER B 599 21.95 -52.99 20.22
C SER B 599 23.01 -52.05 20.78
N GLY B 600 23.20 -50.91 20.13
CA GLY B 600 23.99 -49.84 20.71
C GLY B 600 25.28 -49.58 19.99
N ALA B 601 25.79 -50.57 19.25
CA ALA B 601 27.05 -50.39 18.56
C ALA B 601 27.00 -49.22 17.60
N ILE B 602 25.85 -48.99 16.98
CA ILE B 602 25.62 -47.81 16.20
C ILE B 602 25.11 -46.74 17.15
N SER B 603 25.35 -45.50 16.79
CA SER B 603 24.89 -44.41 17.62
C SER B 603 23.40 -44.59 17.92
N PRO B 604 22.97 -44.34 19.15
CA PRO B 604 21.57 -44.56 19.49
C PRO B 604 20.61 -43.54 18.91
N GLU B 605 21.03 -42.71 17.97
CA GLU B 605 20.17 -41.67 17.43
C GLU B 605 20.32 -41.50 15.92
N VAL B 606 20.81 -42.51 15.23
CA VAL B 606 20.75 -42.62 13.78
C VAL B 606 19.28 -42.78 13.43
N SER B 607 18.88 -42.43 12.20
CA SER B 607 17.48 -42.61 11.85
C SER B 607 17.30 -43.47 10.62
N ILE B 608 17.55 -44.76 10.72
CA ILE B 608 17.32 -45.66 9.60
C ILE B 608 15.87 -45.53 9.17
N ILE B 609 15.63 -45.49 7.85
CA ILE B 609 14.30 -45.36 7.29
C ILE B 609 14.21 -46.19 6.03
N ARG B 610 13.16 -46.99 5.90
CA ARG B 610 12.86 -47.67 4.66
C ARG B 610 11.54 -47.18 4.12
N ASP B 611 11.51 -46.85 2.85
CA ASP B 611 10.31 -46.28 2.26
C ASP B 611 10.04 -46.96 0.93
N ILE B 612 9.21 -48.00 0.97
CA ILE B 612 9.11 -48.93 -0.15
C ILE B 612 8.34 -48.35 -1.32
N ARG B 613 7.70 -47.20 -1.17
CA ARG B 613 7.07 -46.52 -2.29
C ARG B 613 8.10 -46.06 -3.30
N GLU B 614 9.37 -46.07 -2.93
CA GLU B 614 10.37 -45.46 -3.80
C GLU B 614 11.59 -46.31 -4.06
N ARG B 615 11.66 -47.51 -3.48
CA ARG B 615 12.89 -48.31 -3.47
C ARG B 615 14.03 -47.51 -2.88
N GLU B 616 13.68 -46.51 -2.07
CA GLU B 616 14.64 -45.69 -1.37
C GLU B 616 14.86 -46.28 0.00
N PHE B 617 16.04 -46.03 0.55
CA PHE B 617 16.39 -46.57 1.85
C PHE B 617 17.39 -45.64 2.50
N LYS B 618 16.91 -44.75 3.35
CA LYS B 618 17.78 -43.70 3.84
C LYS B 618 18.33 -44.09 5.19
N ILE B 619 19.50 -43.54 5.50
CA ILE B 619 20.08 -43.56 6.83
C ILE B 619 20.60 -42.18 7.05
N PHE B 620 19.86 -41.35 7.73
CA PHE B 620 20.43 -40.09 8.11
C PHE B 620 21.48 -40.32 9.18
N THR B 621 22.58 -39.56 9.11
CA THR B 621 23.46 -39.34 10.25
C THR B 621 23.73 -37.86 10.44
N ASP B 622 22.69 -37.06 10.45
CA ASP B 622 22.85 -35.63 10.59
C ASP B 622 22.85 -35.21 12.05
N VAL B 623 23.28 -33.98 12.27
CA VAL B 623 23.04 -33.27 13.52
C VAL B 623 21.94 -32.23 13.32
N GLY B 624 20.94 -32.26 14.18
CA GLY B 624 19.86 -31.29 14.11
C GLY B 624 18.48 -31.84 13.83
N ARG B 625 18.35 -33.16 13.67
CA ARG B 625 17.05 -33.82 13.50
C ARG B 625 16.33 -33.82 14.83
N VAL B 626 15.03 -33.59 14.83
CA VAL B 626 14.24 -33.59 16.07
C VAL B 626 13.74 -35.00 16.31
N TYR B 627 13.68 -35.45 17.57
CA TYR B 627 13.16 -36.78 17.81
C TYR B 627 12.59 -36.99 19.20
N ARG B 628 11.88 -38.10 19.35
CA ARG B 628 11.33 -38.56 20.62
C ARG B 628 11.45 -40.07 20.67
N PRO B 629 11.34 -40.68 21.84
CA PRO B 629 11.50 -42.11 21.98
C PRO B 629 10.18 -42.86 22.01
N LEU B 630 10.26 -44.18 22.01
CA LEU B 630 9.07 -45.03 22.02
C LEU B 630 9.40 -46.45 22.45
N PHE B 631 8.37 -47.19 22.86
CA PHE B 631 8.53 -48.58 23.25
C PHE B 631 8.64 -49.46 22.02
N ILE B 632 9.25 -50.63 22.17
CA ILE B 632 9.56 -51.47 21.04
C ILE B 632 8.65 -52.66 20.97
N VAL B 633 7.51 -52.51 20.32
CA VAL B 633 6.62 -53.63 20.08
C VAL B 633 7.38 -54.76 19.43
N GLU B 634 7.33 -55.94 20.03
CA GLU B 634 8.01 -57.05 19.39
C GLU B 634 7.31 -57.37 18.09
N ASP B 635 8.04 -57.29 16.99
CA ASP B 635 7.44 -57.26 15.67
C ASP B 635 7.76 -58.47 14.82
N ASP B 636 7.97 -59.64 15.42
CA ASP B 636 8.27 -60.83 14.65
C ASP B 636 7.30 -61.94 15.05
N GLU B 637 7.00 -62.82 14.09
CA GLU B 637 6.31 -64.07 14.41
C GLU B 637 7.30 -65.22 14.30
N SER B 638 8.34 -65.15 15.13
CA SER B 638 9.25 -66.27 15.32
C SER B 638 9.29 -66.53 16.82
N LYS B 639 8.70 -65.61 17.56
CA LYS B 639 8.52 -65.75 18.98
C LYS B 639 7.12 -65.25 19.32
N ASP B 640 6.41 -66.02 20.13
CA ASP B 640 5.06 -65.64 20.48
C ASP B 640 5.02 -64.41 21.36
N ASN B 641 6.16 -63.75 21.56
CA ASN B 641 6.16 -62.43 22.13
C ASN B 641 5.40 -61.44 21.26
N LYS B 642 5.04 -61.84 20.03
CA LYS B 642 4.46 -60.91 19.07
C LYS B 642 3.27 -60.18 19.68
N GLY B 643 3.09 -58.94 19.28
CA GLY B 643 2.01 -58.15 19.83
C GLY B 643 2.33 -57.62 21.20
N GLU B 644 3.07 -58.38 22.00
CA GLU B 644 3.35 -57.92 23.34
C GLU B 644 4.50 -56.92 23.32
N LEU B 645 4.49 -56.02 24.29
CA LEU B 645 5.59 -55.10 24.51
C LEU B 645 6.84 -55.87 24.84
N ARG B 646 7.99 -55.21 24.73
CA ARG B 646 9.21 -55.93 25.06
C ARG B 646 9.71 -55.58 26.44
N ILE B 647 9.31 -54.44 26.99
CA ILE B 647 9.72 -54.10 28.35
C ILE B 647 8.85 -54.87 29.34
N THR B 648 9.33 -56.05 29.74
CA THR B 648 8.71 -56.87 30.77
C THR B 648 8.75 -56.14 32.10
N LYS B 649 8.16 -56.73 33.13
CA LYS B 649 8.26 -56.10 34.43
C LYS B 649 9.65 -56.21 35.02
N GLU B 650 10.47 -57.13 34.51
CA GLU B 650 11.86 -57.17 34.90
C GLU B 650 12.46 -55.78 34.87
N HIS B 651 12.21 -55.06 33.81
CA HIS B 651 12.90 -53.80 33.64
C HIS B 651 12.40 -52.77 34.62
N ILE B 652 11.09 -52.72 34.86
CA ILE B 652 10.62 -51.77 35.85
C ILE B 652 11.23 -52.09 37.20
N ARG B 653 11.31 -53.38 37.55
CA ARG B 653 11.91 -53.70 38.84
C ARG B 653 13.32 -53.17 38.92
N LYS B 654 14.15 -53.48 37.93
CA LYS B 654 15.52 -53.01 37.98
C LYS B 654 15.57 -51.50 38.10
N ILE B 655 14.84 -50.80 37.26
CA ILE B 655 14.86 -49.34 37.31
C ILE B 655 14.42 -48.86 38.68
N GLN B 656 13.64 -49.67 39.38
CA GLN B 656 13.29 -49.35 40.75
C GLN B 656 14.46 -49.49 41.70
N GLN B 657 15.19 -50.59 41.63
CA GLN B 657 16.36 -50.72 42.50
C GLN B 657 17.38 -49.66 42.22
N GLY B 658 17.67 -49.37 40.96
CA GLY B 658 18.74 -48.47 40.61
C GLY B 658 20.04 -49.15 40.28
N TYR B 659 20.05 -50.47 40.17
CA TYR B 659 21.28 -51.19 39.89
C TYR B 659 20.93 -52.48 39.20
N ASP B 660 21.91 -53.05 38.50
CA ASP B 660 21.65 -54.23 37.71
C ASP B 660 21.86 -55.47 38.56
N ASP B 661 20.97 -56.44 38.38
CA ASP B 661 21.05 -57.67 39.16
C ASP B 661 21.78 -58.75 38.39
N ASP B 662 23.03 -58.45 38.02
CA ASP B 662 24.03 -59.40 37.55
C ASP B 662 23.49 -60.49 36.63
N VAL B 675 25.44 -48.34 37.66
CA VAL B 675 24.19 -47.61 37.64
C VAL B 675 23.40 -48.12 36.45
N TYR B 676 22.07 -48.01 36.48
CA TYR B 676 21.24 -48.59 35.43
C TYR B 676 20.03 -47.69 35.20
N GLY B 677 20.23 -46.63 34.43
CA GLY B 677 19.19 -45.66 34.20
C GLY B 677 18.86 -45.51 32.73
N TRP B 678 18.23 -44.37 32.42
CA TRP B 678 17.60 -44.19 31.12
C TRP B 678 18.44 -44.71 29.97
N SER B 679 19.61 -44.11 29.77
CA SER B 679 20.40 -44.45 28.59
C SER B 679 20.66 -45.93 28.53
N SER B 680 20.68 -46.59 29.67
CA SER B 680 20.84 -48.02 29.61
C SER B 680 19.57 -48.70 29.11
N LEU B 681 18.40 -48.15 29.39
CA LEU B 681 17.22 -48.65 28.70
C LEU B 681 17.43 -48.60 27.21
N VAL B 682 17.66 -47.40 26.69
CA VAL B 682 17.76 -47.27 25.24
C VAL B 682 18.76 -48.25 24.67
N THR B 683 20.00 -48.20 25.14
CA THR B 683 21.00 -49.10 24.59
C THR B 683 20.70 -50.56 24.88
N SER B 684 19.76 -50.84 25.76
CA SER B 684 19.49 -52.22 26.13
C SER B 684 18.61 -52.94 25.14
N GLY B 685 17.62 -52.26 24.58
CA GLY B 685 16.80 -52.87 23.55
C GLY B 685 15.31 -52.75 23.76
N VAL B 686 14.86 -51.77 24.54
CA VAL B 686 13.44 -51.71 24.85
C VAL B 686 12.81 -50.39 24.51
N ILE B 687 13.59 -49.37 24.23
CA ILE B 687 13.06 -48.09 23.79
C ILE B 687 13.97 -47.62 22.68
N GLU B 688 13.41 -47.16 21.59
CA GLU B 688 14.25 -46.67 20.53
C GLU B 688 13.73 -45.32 20.10
N TYR B 689 14.59 -44.56 19.46
CA TYR B 689 14.23 -43.22 19.08
C TYR B 689 13.68 -43.21 17.67
N VAL B 690 12.66 -42.40 17.47
CA VAL B 690 12.16 -42.12 16.14
C VAL B 690 12.18 -40.62 15.99
N ASP B 691 12.53 -40.17 14.81
CA ASP B 691 12.68 -38.76 14.55
C ASP B 691 11.48 -38.23 13.78
N GLY B 692 11.66 -37.09 13.12
CA GLY B 692 10.58 -36.53 12.35
C GLY B 692 10.23 -37.28 11.09
N GLU B 693 11.12 -38.12 10.58
CA GLU B 693 10.75 -38.80 9.35
C GLU B 693 10.36 -40.24 9.58
N GLU B 694 11.25 -41.05 10.16
CA GLU B 694 10.93 -42.45 10.34
C GLU B 694 9.55 -42.63 10.91
N GLU B 695 9.06 -41.65 11.65
CA GLU B 695 7.71 -41.69 12.16
C GLU B 695 6.69 -41.73 11.05
N GLU B 696 7.14 -41.75 9.80
CA GLU B 696 6.24 -42.06 8.71
C GLU B 696 5.97 -43.54 8.59
N THR B 697 7.00 -44.35 8.59
CA THR B 697 6.88 -45.72 8.10
C THR B 697 6.76 -46.72 9.24
N ILE B 698 6.05 -46.35 10.30
CA ILE B 698 5.87 -47.19 11.47
C ILE B 698 4.41 -47.18 11.88
N MET B 699 4.15 -47.72 13.06
CA MET B 699 2.77 -47.92 13.49
C MET B 699 2.69 -47.77 15.00
N ILE B 700 1.79 -46.93 15.49
CA ILE B 700 1.73 -46.62 16.91
C ILE B 700 0.37 -46.96 17.48
N ALA B 701 0.36 -47.77 18.52
CA ALA B 701 -0.80 -47.91 19.38
C ALA B 701 -0.74 -46.85 20.46
N MET B 702 -1.90 -46.38 20.86
CA MET B 702 -1.90 -45.27 21.79
C MET B 702 -1.38 -45.70 23.16
N THR B 703 -2.11 -46.54 23.86
CA THR B 703 -1.52 -46.98 25.11
C THR B 703 -1.34 -48.48 25.09
N PRO B 704 -0.41 -49.01 25.88
CA PRO B 704 -0.12 -50.44 25.83
C PRO B 704 -1.32 -51.33 26.05
N GLU B 705 -2.47 -50.74 26.33
CA GLU B 705 -3.70 -51.51 26.46
C GLU B 705 -4.31 -51.85 25.11
N ASP B 706 -3.87 -51.21 24.03
CA ASP B 706 -4.38 -51.53 22.72
C ASP B 706 -3.52 -52.48 21.94
N LEU B 707 -2.51 -53.07 22.54
CA LEU B 707 -1.79 -54.10 21.81
C LEU B 707 -2.74 -55.23 21.40
N GLN B 708 -3.29 -55.92 22.39
CA GLN B 708 -4.22 -56.99 22.08
C GLN B 708 -5.45 -56.42 21.41
N THR B 709 -6.05 -57.17 20.51
CA THR B 709 -7.34 -56.78 19.96
C THR B 709 -8.32 -56.68 21.12
N ARG B 710 -8.78 -55.46 21.40
CA ARG B 710 -9.54 -55.20 22.60
C ARG B 710 -11.04 -55.36 22.32
N SER B 711 -11.78 -55.74 23.36
CA SER B 711 -13.21 -55.98 23.27
C SER B 711 -13.96 -54.87 23.98
N LEU B 719 -20.64 -54.46 27.33
CA LEU B 719 -20.27 -53.30 26.52
C LEU B 719 -21.32 -52.20 26.57
N ASN B 720 -20.95 -51.04 26.03
CA ASN B 720 -21.80 -49.85 25.96
C ASN B 720 -22.24 -49.40 27.35
N ASP B 721 -21.26 -48.96 28.13
CA ASP B 721 -21.51 -48.21 29.35
C ASP B 721 -20.98 -46.79 29.17
N THR B 722 -21.73 -45.81 29.69
CA THR B 722 -21.58 -44.40 29.32
C THR B 722 -20.50 -43.70 30.12
N ALA B 723 -19.53 -44.43 30.66
CA ALA B 723 -18.56 -43.83 31.56
C ALA B 723 -17.22 -43.51 30.92
N LYS B 724 -16.71 -44.41 30.09
CA LYS B 724 -15.38 -44.22 29.52
C LYS B 724 -15.48 -43.47 28.20
N ARG B 725 -14.37 -43.48 27.47
CA ARG B 725 -14.19 -42.79 26.20
C ARG B 725 -14.04 -43.81 25.09
N ILE B 726 -14.18 -43.35 23.85
CA ILE B 726 -14.33 -44.24 22.71
C ILE B 726 -13.00 -44.33 21.98
N LYS B 727 -12.32 -45.47 22.12
CA LYS B 727 -11.19 -45.76 21.26
C LYS B 727 -11.69 -46.49 20.01
N PRO B 728 -10.95 -46.43 18.90
CA PRO B 728 -11.22 -47.32 17.77
C PRO B 728 -10.72 -48.73 18.06
N GLU B 729 -11.48 -49.72 17.61
CA GLU B 729 -11.13 -51.09 17.95
C GLU B 729 -10.06 -51.65 17.00
N MET B 730 -9.71 -50.90 15.95
CA MET B 730 -8.91 -51.41 14.83
C MET B 730 -9.71 -52.43 14.00
N SER B 731 -10.72 -51.94 13.29
CA SER B 731 -11.63 -52.77 12.50
C SER B 731 -11.15 -53.05 11.08
N THR B 732 -9.90 -52.74 10.74
CA THR B 732 -9.41 -53.02 9.39
C THR B 732 -8.86 -54.43 9.26
N SER B 733 -7.86 -54.77 10.08
CA SER B 733 -7.14 -56.02 9.91
C SER B 733 -7.55 -57.02 10.99
N SER B 734 -7.99 -58.20 10.58
CA SER B 734 -8.25 -59.26 11.55
C SER B 734 -6.97 -59.74 12.22
N HIS B 735 -5.80 -59.32 11.72
CA HIS B 735 -4.53 -59.56 12.38
C HIS B 735 -3.61 -58.38 12.10
N HIS B 736 -3.46 -57.50 13.09
CA HIS B 736 -2.69 -56.27 12.89
C HIS B 736 -1.21 -56.50 13.09
N THR B 737 -0.44 -55.46 12.78
CA THR B 737 1.00 -55.45 12.95
C THR B 737 1.40 -54.11 13.51
N PHE B 738 1.42 -54.00 14.83
CA PHE B 738 2.07 -52.87 15.45
C PHE B 738 3.57 -53.10 15.48
N THR B 739 4.35 -52.01 15.52
CA THR B 739 5.76 -52.10 15.84
C THR B 739 6.22 -51.03 16.79
N HIS B 740 5.31 -50.24 17.34
CA HIS B 740 5.69 -49.24 18.34
C HIS B 740 4.47 -48.92 19.17
N CYS B 741 4.70 -48.65 20.45
CA CYS B 741 3.62 -48.31 21.35
C CYS B 741 4.04 -47.17 22.26
N GLU B 742 3.21 -46.12 22.34
CA GLU B 742 3.58 -44.95 23.10
C GLU B 742 3.99 -45.28 24.52
N ILE B 743 4.72 -44.36 25.13
CA ILE B 743 4.87 -44.40 26.58
C ILE B 743 3.59 -43.95 27.24
N HIS B 744 3.25 -42.69 27.07
CA HIS B 744 2.01 -42.22 27.63
C HIS B 744 1.73 -40.87 27.01
N PRO B 745 0.61 -40.69 26.35
CA PRO B 745 0.46 -39.58 25.43
C PRO B 745 0.25 -38.26 26.12
N SER B 746 0.01 -38.25 27.41
CA SER B 746 0.09 -36.96 28.07
C SER B 746 1.43 -36.31 27.89
N MET B 747 2.40 -37.01 27.33
CA MET B 747 3.64 -36.41 26.90
C MET B 747 3.59 -35.90 25.48
N ILE B 748 2.50 -35.26 25.06
CA ILE B 748 2.64 -34.40 23.90
C ILE B 748 2.67 -32.95 24.31
N LEU B 749 2.41 -32.64 25.56
CA LEU B 749 2.24 -31.24 25.85
C LEU B 749 3.59 -30.57 26.02
N GLY B 750 3.56 -29.25 26.14
CA GLY B 750 4.77 -28.51 26.40
C GLY B 750 5.02 -28.35 27.87
N VAL B 751 6.20 -27.84 28.18
CA VAL B 751 6.61 -27.72 29.56
C VAL B 751 5.74 -26.73 30.29
N ALA B 752 5.12 -25.81 29.58
CA ALA B 752 4.18 -24.90 30.21
C ALA B 752 2.75 -25.29 29.97
N ALA B 753 2.50 -26.54 29.65
CA ALA B 753 1.15 -26.99 29.37
C ALA B 753 0.76 -28.25 30.12
N SER B 754 1.71 -29.06 30.56
CA SER B 754 1.32 -30.10 31.46
C SER B 754 0.70 -29.54 32.72
N ILE B 755 0.98 -28.27 33.00
CA ILE B 755 0.39 -27.59 34.15
C ILE B 755 -1.10 -27.54 34.06
N ILE B 756 -1.66 -27.47 32.88
CA ILE B 756 -3.11 -27.40 32.77
C ILE B 756 -3.66 -28.72 33.28
N PRO B 757 -4.54 -28.71 34.27
CA PRO B 757 -5.02 -29.97 34.82
C PRO B 757 -6.30 -30.38 34.12
N PHE B 758 -6.37 -31.64 33.72
CA PHE B 758 -7.42 -32.06 32.81
C PHE B 758 -7.39 -31.15 31.61
N PRO B 759 -6.41 -31.26 30.74
CA PRO B 759 -6.39 -30.39 29.58
C PRO B 759 -7.39 -30.82 28.55
N ASP B 760 -7.58 -32.12 28.38
CA ASP B 760 -8.28 -32.67 27.24
C ASP B 760 -9.79 -32.57 27.36
N HIS B 761 -10.29 -31.97 28.42
CA HIS B 761 -11.70 -31.63 28.51
C HIS B 761 -11.84 -30.16 28.17
N ASN B 762 -11.13 -29.69 27.16
CA ASN B 762 -11.15 -28.28 26.81
C ASN B 762 -11.16 -27.97 25.32
N GLN B 763 -11.38 -26.68 25.05
CA GLN B 763 -11.36 -26.09 23.72
C GLN B 763 -10.01 -25.44 23.51
N SER B 764 -9.33 -25.79 22.43
CA SER B 764 -7.90 -25.50 22.39
C SER B 764 -7.58 -24.04 22.63
N PRO B 765 -8.31 -23.05 22.08
CA PRO B 765 -7.94 -21.66 22.37
C PRO B 765 -7.79 -21.40 23.86
N ARG B 766 -8.41 -22.23 24.68
CA ARG B 766 -8.11 -22.06 26.09
C ARG B 766 -6.81 -22.70 26.50
N ASN B 767 -6.46 -23.90 26.04
CA ASN B 767 -5.11 -24.35 26.31
C ASN B 767 -4.10 -23.29 25.93
N THR B 768 -4.35 -22.64 24.82
CA THR B 768 -3.39 -21.67 24.35
C THR B 768 -3.29 -20.49 25.31
N TYR B 769 -4.42 -19.87 25.68
CA TYR B 769 -4.27 -18.80 26.65
C TYR B 769 -3.66 -19.31 27.95
N GLN B 770 -3.81 -20.60 28.24
CA GLN B 770 -3.17 -21.08 29.45
C GLN B 770 -1.67 -21.01 29.32
N SER B 771 -1.11 -21.79 28.43
CA SER B 771 0.33 -21.78 28.33
C SER B 771 0.86 -20.46 27.80
N ALA B 772 -0.01 -19.46 27.66
CA ALA B 772 0.52 -18.10 27.53
C ALA B 772 0.20 -17.22 28.72
N MET B 773 -0.43 -17.74 29.76
CA MET B 773 -0.52 -16.98 31.00
C MET B 773 0.20 -17.61 32.17
N GLY B 774 0.12 -18.93 32.32
CA GLY B 774 0.87 -19.59 33.38
C GLY B 774 2.33 -19.15 33.41
N LYS B 775 2.87 -18.80 32.26
CA LYS B 775 4.22 -18.27 32.22
C LYS B 775 4.28 -16.82 32.62
N GLN B 776 3.29 -16.32 33.34
CA GLN B 776 3.40 -15.00 33.93
C GLN B 776 3.01 -15.00 35.39
N ALA B 777 3.04 -16.16 36.03
CA ALA B 777 2.57 -16.26 37.40
C ALA B 777 3.56 -15.69 38.38
N MET B 778 3.10 -14.78 39.25
CA MET B 778 3.91 -14.41 40.39
C MET B 778 4.19 -15.67 41.18
N GLY B 779 5.38 -15.75 41.75
CA GLY B 779 5.72 -16.98 42.43
C GLY B 779 7.11 -16.98 42.99
N VAL B 780 7.77 -18.12 42.93
CA VAL B 780 9.05 -18.31 43.56
C VAL B 780 9.94 -19.01 42.57
N PHE B 781 10.81 -18.23 41.92
CA PHE B 781 11.47 -18.76 40.74
C PHE B 781 12.77 -19.47 41.06
N LEU B 782 13.64 -18.86 41.86
CA LEU B 782 14.75 -19.62 42.38
C LEU B 782 14.89 -19.30 43.85
N THR B 783 15.28 -20.30 44.59
CA THR B 783 15.25 -20.20 46.04
C THR B 783 16.36 -19.33 46.59
N ASN B 784 16.93 -18.42 45.81
CA ASN B 784 17.95 -17.53 46.38
C ASN B 784 17.72 -16.10 46.00
N TYR B 785 16.50 -15.62 46.01
CA TYR B 785 16.32 -14.21 45.72
C TYR B 785 17.14 -13.31 46.62
N ASN B 786 17.64 -13.81 47.75
CA ASN B 786 18.38 -12.93 48.63
C ASN B 786 19.66 -12.43 47.99
N VAL B 787 20.36 -13.29 47.28
CA VAL B 787 21.67 -12.90 46.78
C VAL B 787 21.63 -12.35 45.36
N ARG B 788 20.97 -13.02 44.43
CA ARG B 788 20.77 -12.43 43.11
C ARG B 788 20.29 -11.00 43.29
N MET B 789 20.73 -10.12 42.43
CA MET B 789 20.21 -8.77 42.42
C MET B 789 19.77 -8.45 41.01
N ASP B 790 18.48 -8.57 40.76
CA ASP B 790 17.93 -8.53 39.41
C ASP B 790 16.98 -7.36 39.26
N THR B 791 16.68 -7.05 38.02
CA THR B 791 15.94 -5.83 37.75
C THR B 791 14.49 -5.95 38.18
N MET B 792 13.86 -7.09 37.95
CA MET B 792 12.59 -7.44 38.54
C MET B 792 12.77 -8.73 39.31
N ALA B 793 11.92 -8.92 40.30
CA ALA B 793 11.67 -10.25 40.80
C ALA B 793 10.34 -10.15 41.52
N ASN B 794 9.64 -11.26 41.67
CA ASN B 794 8.42 -11.15 42.44
C ASN B 794 8.17 -12.40 43.22
N ILE B 795 8.24 -12.31 44.53
CA ILE B 795 7.90 -13.43 45.38
C ILE B 795 6.51 -13.21 45.92
N LEU B 796 5.68 -14.21 45.70
CA LEU B 796 4.37 -14.27 46.30
C LEU B 796 4.57 -14.76 47.73
N TYR B 797 3.88 -14.13 48.67
CA TYR B 797 4.10 -14.51 50.06
C TYR B 797 3.99 -16.00 50.28
N TYR B 798 2.79 -16.55 50.15
CA TYR B 798 2.45 -17.86 50.67
C TYR B 798 2.07 -18.79 49.54
N PRO B 799 2.97 -19.49 49.00
CA PRO B 799 2.68 -20.31 47.83
C PRO B 799 1.97 -21.54 48.27
N GLN B 800 1.39 -22.32 47.34
CA GLN B 800 0.74 -23.57 47.69
C GLN B 800 0.78 -24.52 46.52
N LYS B 801 1.37 -25.67 46.70
CA LYS B 801 1.24 -26.70 45.70
C LYS B 801 -0.24 -26.99 45.52
N PRO B 802 -0.71 -27.10 44.30
CA PRO B 802 -2.14 -27.20 44.09
C PRO B 802 -2.55 -28.64 43.99
N LEU B 803 -3.87 -28.86 43.96
CA LEU B 803 -4.44 -30.18 44.13
C LEU B 803 -4.62 -30.91 42.80
N ALA B 804 -4.87 -30.18 41.73
CA ALA B 804 -5.15 -30.82 40.46
C ALA B 804 -3.85 -31.16 39.75
N LYS B 805 -2.95 -31.77 40.50
CA LYS B 805 -1.63 -32.06 39.96
C LYS B 805 -1.72 -33.07 38.84
N THR B 806 -0.65 -33.19 38.08
CA THR B 806 -0.55 -34.24 37.10
C THR B 806 0.42 -35.30 37.60
N GLN B 807 0.85 -36.18 36.70
CA GLN B 807 2.03 -36.96 36.95
C GLN B 807 3.27 -36.29 36.41
N ALA B 808 3.17 -35.07 35.88
CA ALA B 808 4.36 -34.40 35.40
C ALA B 808 4.89 -33.35 36.36
N MET B 809 4.03 -32.71 37.15
CA MET B 809 4.60 -31.87 38.19
C MET B 809 5.41 -32.66 39.18
N GLU B 810 5.36 -33.98 39.09
CA GLU B 810 6.38 -34.83 39.69
C GLU B 810 7.74 -34.65 39.02
N TYR B 811 7.86 -33.75 38.04
CA TYR B 811 9.13 -33.58 37.38
C TYR B 811 9.48 -32.13 37.12
N LEU B 812 8.50 -31.24 37.08
CA LEU B 812 8.83 -29.83 36.90
C LEU B 812 9.06 -29.13 38.22
N LYS B 813 9.15 -29.87 39.31
CA LYS B 813 9.42 -29.26 40.59
C LYS B 813 8.39 -28.19 40.94
N PHE B 814 7.34 -28.05 40.13
CA PHE B 814 6.35 -27.01 40.35
C PHE B 814 5.70 -27.14 41.71
N ARG B 815 5.70 -28.32 42.31
CA ARG B 815 5.11 -28.50 43.62
C ARG B 815 6.08 -28.20 44.74
N GLU B 816 7.38 -28.24 44.49
CA GLU B 816 8.34 -27.75 45.46
C GLU B 816 8.57 -26.26 45.28
N LEU B 817 7.93 -25.67 44.30
CA LEU B 817 8.21 -24.30 43.88
C LEU B 817 6.98 -23.76 43.17
N PRO B 818 5.87 -23.72 43.82
CA PRO B 818 4.66 -23.31 43.12
C PRO B 818 4.66 -21.84 42.82
N ALA B 819 3.61 -21.36 42.18
CA ALA B 819 3.43 -19.95 41.93
C ALA B 819 1.96 -19.60 41.98
N GLY B 820 1.20 -20.32 42.79
CA GLY B 820 -0.22 -20.03 42.81
C GLY B 820 -0.88 -20.52 44.07
N GLN B 821 -2.13 -20.13 44.24
CA GLN B 821 -2.81 -20.33 45.51
C GLN B 821 -4.12 -21.05 45.26
N ASN B 822 -4.75 -21.55 46.33
CA ASN B 822 -6.03 -22.23 46.21
C ASN B 822 -7.11 -21.47 46.96
N ALA B 823 -8.04 -20.90 46.23
CA ALA B 823 -9.09 -20.15 46.89
C ALA B 823 -10.45 -20.77 46.60
N ILE B 824 -11.41 -20.47 47.49
CA ILE B 824 -12.76 -20.99 47.38
C ILE B 824 -13.51 -20.21 46.31
N VAL B 825 -13.71 -20.86 45.19
CA VAL B 825 -14.38 -20.29 44.04
C VAL B 825 -15.84 -20.66 44.08
N ALA B 826 -16.70 -19.68 43.86
CA ALA B 826 -18.13 -19.88 44.02
C ALA B 826 -18.83 -19.35 42.77
N ILE B 827 -19.07 -20.25 41.82
CA ILE B 827 -19.49 -19.80 40.50
C ILE B 827 -20.94 -19.42 40.50
N ALA B 828 -21.24 -18.16 40.76
CA ALA B 828 -22.62 -17.76 40.94
C ALA B 828 -22.76 -16.27 40.88
N CYS B 829 -23.47 -15.78 39.89
CA CYS B 829 -23.72 -14.35 39.81
C CYS B 829 -24.24 -13.88 41.13
N TYR B 830 -23.73 -12.77 41.63
CA TYR B 830 -24.04 -12.40 43.01
C TYR B 830 -24.74 -11.05 43.10
N SER B 831 -24.10 -9.96 42.72
CA SER B 831 -24.82 -8.71 42.70
C SER B 831 -24.42 -7.93 41.49
N GLY B 832 -24.06 -8.64 40.44
CA GLY B 832 -23.76 -7.99 39.19
C GLY B 832 -22.44 -7.26 39.14
N TYR B 833 -21.70 -7.18 40.23
CA TYR B 833 -20.37 -6.64 40.06
C TYR B 833 -19.45 -7.59 39.35
N ASN B 834 -19.82 -8.84 39.18
CA ASN B 834 -18.85 -9.69 38.50
C ASN B 834 -19.22 -9.93 37.04
N GLN B 835 -19.90 -9.01 36.38
CA GLN B 835 -20.32 -9.20 34.99
C GLN B 835 -19.18 -9.06 34.00
N GLU B 836 -19.18 -9.87 32.95
CA GLU B 836 -18.19 -9.80 31.87
C GLU B 836 -16.78 -10.05 32.40
N ASP B 837 -16.63 -11.19 33.06
CA ASP B 837 -15.38 -11.71 33.56
C ASP B 837 -14.78 -10.92 34.72
N SER B 838 -15.36 -9.83 35.19
CA SER B 838 -14.85 -9.34 36.46
C SER B 838 -15.22 -10.34 37.54
N MET B 839 -14.41 -10.44 38.57
CA MET B 839 -14.66 -11.40 39.63
C MET B 839 -14.57 -10.64 40.93
N ILE B 840 -14.82 -11.30 42.03
CA ILE B 840 -14.88 -10.62 43.30
C ILE B 840 -14.04 -11.35 44.33
N MET B 841 -13.48 -10.60 45.27
CA MET B 841 -12.59 -11.15 46.27
C MET B 841 -13.01 -10.62 47.62
N ASN B 842 -13.02 -11.49 48.62
CA ASN B 842 -13.46 -11.15 49.95
C ASN B 842 -12.35 -10.41 50.69
N GLN B 843 -12.58 -9.13 50.99
CA GLN B 843 -11.49 -8.28 51.43
C GLN B 843 -10.76 -8.87 52.63
N SER B 844 -11.50 -9.19 53.69
CA SER B 844 -10.83 -9.83 54.80
C SER B 844 -10.08 -11.06 54.34
N SER B 845 -10.60 -11.76 53.34
CA SER B 845 -9.92 -12.94 52.89
C SER B 845 -8.62 -12.61 52.18
N ILE B 846 -8.38 -11.32 51.88
CA ILE B 846 -7.06 -10.90 51.46
C ILE B 846 -6.21 -10.62 52.68
N ASP B 847 -6.76 -9.86 53.62
CA ASP B 847 -5.98 -9.43 54.76
C ASP B 847 -5.37 -10.58 55.52
N ARG B 848 -5.85 -11.78 55.29
CA ARG B 848 -5.17 -12.94 55.82
C ARG B 848 -4.04 -13.39 54.92
N GLY B 849 -3.62 -12.56 53.98
CA GLY B 849 -2.37 -12.80 53.29
C GLY B 849 -2.55 -13.45 51.95
N LEU B 850 -3.72 -13.34 51.37
CA LEU B 850 -3.96 -14.06 50.13
C LEU B 850 -3.28 -13.30 49.00
N PHE B 851 -2.49 -14.00 48.20
CA PHE B 851 -1.85 -13.41 47.04
C PHE B 851 -1.08 -12.14 47.37
N ARG B 852 -0.36 -12.10 48.48
CA ARG B 852 0.37 -10.88 48.82
C ARG B 852 1.78 -10.93 48.24
N SER B 853 2.17 -9.88 47.52
CA SER B 853 3.29 -9.91 46.59
C SER B 853 4.50 -9.12 47.07
N LEU B 854 5.67 -9.76 47.11
CA LEU B 854 6.91 -9.00 47.28
C LEU B 854 7.43 -8.55 45.93
N PHE B 855 8.18 -7.46 45.93
CA PHE B 855 8.63 -6.81 44.70
C PHE B 855 10.03 -6.27 44.87
N PHE B 856 10.92 -6.72 43.99
CA PHE B 856 12.35 -6.47 44.02
C PHE B 856 12.77 -5.73 42.75
N ARG B 857 13.52 -4.65 42.91
CA ARG B 857 14.00 -3.91 41.76
C ARG B 857 15.43 -3.46 41.98
N SER B 858 16.32 -3.91 41.11
CA SER B 858 17.75 -3.67 41.27
C SER B 858 18.17 -2.52 40.38
N TYR B 859 18.30 -1.34 40.97
CA TYR B 859 18.91 -0.25 40.26
C TYR B 859 20.37 -0.60 39.97
N MET B 860 21.09 0.32 39.37
CA MET B 860 22.54 0.17 39.25
C MET B 860 23.07 1.44 38.64
N ASP B 861 24.27 1.83 39.04
CA ASP B 861 24.90 3.00 38.46
C ASP B 861 26.38 2.94 38.73
N GLN B 862 27.15 3.72 37.97
CA GLN B 862 28.61 3.70 38.08
C GLN B 862 29.18 4.97 37.47
N GLU B 863 30.49 5.16 37.66
CA GLU B 863 31.20 6.29 37.10
C GLU B 863 31.76 5.95 35.73
N LYS B 864 32.20 6.95 35.00
CA LYS B 864 32.94 6.73 33.77
C LYS B 864 34.24 7.54 33.80
N ARG B 865 35.28 6.95 33.21
CA ARG B 865 36.60 7.57 33.19
C ARG B 865 36.70 8.44 31.94
N PHE B 866 36.21 9.67 32.04
CA PHE B 866 36.21 10.63 30.94
C PHE B 866 37.59 11.01 30.47
N GLY B 867 38.54 11.14 31.38
CA GLY B 867 39.92 11.39 31.06
C GLY B 867 40.68 11.07 32.32
N ILE B 868 41.88 10.53 32.14
CA ILE B 868 42.59 9.88 33.24
C ILE B 868 42.68 10.80 34.45
N SER B 869 42.42 12.09 34.27
CA SER B 869 42.41 13.04 35.37
C SER B 869 41.03 13.61 35.65
N ILE B 870 40.04 13.30 34.81
CA ILE B 870 38.66 13.75 35.02
C ILE B 870 37.78 12.52 35.11
N VAL B 871 37.40 12.17 36.34
CA VAL B 871 36.44 11.10 36.56
C VAL B 871 35.31 11.65 37.42
N GLU B 872 34.27 10.88 37.59
CA GLU B 872 33.07 11.29 38.29
C GLU B 872 33.19 10.96 39.77
N GLU B 873 32.25 11.44 40.56
CA GLU B 873 32.43 11.40 42.01
C GLU B 873 31.14 10.99 42.70
N PHE B 874 31.21 9.98 43.56
CA PHE B 874 30.09 9.64 44.43
C PHE B 874 30.14 10.56 45.63
N GLU B 875 29.26 11.57 45.65
CA GLU B 875 29.18 12.44 46.81
C GLU B 875 27.77 12.96 46.93
N LYS B 876 27.41 13.29 48.16
CA LYS B 876 26.31 14.20 48.37
C LYS B 876 26.67 15.54 47.74
N PRO B 877 26.03 15.91 46.66
CA PRO B 877 26.36 17.17 46.01
C PRO B 877 25.85 18.34 46.83
N THR B 878 26.60 19.44 46.78
CA THR B 878 26.18 20.64 47.47
C THR B 878 25.09 21.34 46.67
N ARG B 879 24.89 22.60 46.99
CA ARG B 879 23.96 23.44 46.26
C ARG B 879 24.65 24.65 45.67
N ALA B 880 25.97 24.75 45.80
CA ALA B 880 26.76 25.83 45.24
C ALA B 880 27.88 25.30 44.35
N THR B 881 28.48 24.16 44.71
CA THR B 881 29.57 23.58 43.93
C THR B 881 29.09 22.73 42.77
N THR B 882 27.78 22.65 42.55
CA THR B 882 27.18 21.86 41.49
C THR B 882 26.03 22.64 40.85
N LEU B 883 25.77 22.38 39.57
CA LEU B 883 24.73 23.08 38.83
C LEU B 883 23.59 22.14 38.47
N ARG B 884 22.44 22.72 38.13
CA ARG B 884 21.27 21.97 37.66
C ARG B 884 20.90 20.83 38.61
N LEU B 885 20.49 21.24 39.81
CA LEU B 885 20.08 20.28 40.82
C LEU B 885 18.67 19.78 40.56
N LYS B 886 18.47 18.48 40.74
CA LYS B 886 17.18 17.86 40.51
C LYS B 886 16.08 18.57 41.29
N HIS B 887 14.87 18.48 40.77
CA HIS B 887 13.73 19.08 41.45
C HIS B 887 13.38 18.37 42.74
N GLY B 888 13.77 17.11 42.89
CA GLY B 888 13.54 16.41 44.12
C GLY B 888 14.46 16.88 45.23
N THR B 889 14.48 16.12 46.32
CA THR B 889 15.36 16.43 47.43
C THR B 889 16.40 15.33 47.60
N TYR B 890 17.42 15.61 48.40
CA TYR B 890 18.57 14.74 48.56
C TYR B 890 18.74 14.24 49.97
N GLU B 891 17.80 14.55 50.86
CA GLU B 891 18.03 14.41 52.30
C GLU B 891 18.70 13.08 52.63
N LYS B 892 18.28 12.02 51.97
CA LYS B 892 18.52 10.70 52.52
C LYS B 892 19.91 10.19 52.20
N LEU B 893 20.65 10.85 51.32
CA LEU B 893 21.96 10.38 50.96
C LEU B 893 22.86 10.33 52.18
N ASP B 894 23.99 9.63 52.05
CA ASP B 894 24.97 9.51 53.11
C ASP B 894 26.16 10.42 52.86
N GLU B 895 27.18 10.27 53.71
CA GLU B 895 28.45 10.94 53.49
C GLU B 895 28.98 10.65 52.11
N ASP B 896 28.83 9.41 51.64
CA ASP B 896 29.24 9.05 50.30
C ASP B 896 28.05 8.84 49.38
N GLY B 897 26.95 9.57 49.63
CA GLY B 897 25.84 9.67 48.70
C GLY B 897 24.93 8.46 48.61
N LEU B 898 25.48 7.25 48.68
CA LEU B 898 24.69 6.04 48.69
C LEU B 898 23.82 6.05 49.93
N ILE B 899 22.51 6.01 49.73
CA ILE B 899 21.61 5.91 50.87
C ILE B 899 21.85 4.59 51.58
N ALA B 900 21.69 4.59 52.90
CA ALA B 900 21.88 3.37 53.67
C ALA B 900 20.56 2.65 53.84
N PRO B 901 20.56 1.32 53.88
CA PRO B 901 19.31 0.57 53.92
C PRO B 901 18.48 0.96 55.12
N GLY B 902 17.17 0.82 54.95
CA GLY B 902 16.25 1.02 56.03
C GLY B 902 15.48 2.32 55.98
N VAL B 903 15.96 3.32 55.26
CA VAL B 903 15.25 4.58 55.17
C VAL B 903 13.97 4.34 54.41
N ARG B 904 12.90 5.00 54.83
CA ARG B 904 11.69 4.99 54.04
C ARG B 904 11.89 5.83 52.80
N VAL B 905 11.72 5.23 51.62
CA VAL B 905 11.85 5.97 50.37
C VAL B 905 10.47 6.15 49.76
N SER B 906 10.17 7.38 49.37
CA SER B 906 9.04 7.70 48.54
C SER B 906 9.51 7.80 47.10
N GLY B 907 8.62 8.20 46.22
CA GLY B 907 9.05 8.53 44.88
C GLY B 907 9.94 9.76 44.90
N ASP B 908 10.80 9.86 43.88
CA ASP B 908 11.54 11.08 43.54
C ASP B 908 12.65 11.45 44.52
N ASP B 909 13.07 10.55 45.41
CA ASP B 909 14.18 10.84 46.29
C ASP B 909 15.41 10.08 45.83
N ILE B 910 16.53 10.80 45.74
CA ILE B 910 17.68 10.23 45.08
C ILE B 910 18.19 9.04 45.88
N ILE B 911 18.92 8.15 45.23
CA ILE B 911 19.63 7.10 45.93
C ILE B 911 21.12 7.13 45.67
N ILE B 912 21.55 7.35 44.43
CA ILE B 912 22.96 7.34 44.11
C ILE B 912 23.33 8.73 43.64
N GLY B 913 24.13 9.42 44.44
CA GLY B 913 24.51 10.79 44.16
C GLY B 913 25.85 10.90 43.47
N LYS B 914 25.81 11.04 42.16
CA LYS B 914 27.00 11.03 41.33
C LYS B 914 27.03 12.32 40.53
N THR B 915 28.12 13.07 40.63
CA THR B 915 28.24 14.34 39.92
C THR B 915 29.33 14.21 38.87
N THR B 916 29.23 14.98 37.86
CA THR B 916 30.30 14.95 36.89
C THR B 916 30.96 16.30 36.79
N PRO B 917 32.28 16.37 36.90
CA PRO B 917 32.94 17.69 36.90
C PRO B 917 32.83 18.33 35.52
N ILE B 918 32.53 19.63 35.53
CA ILE B 918 32.47 20.38 34.28
C ILE B 918 33.87 20.67 33.79
N PRO B 919 34.24 20.26 32.58
CA PRO B 919 35.51 20.70 32.01
C PRO B 919 35.49 22.21 31.78
N PRO B 920 36.50 22.93 32.27
CA PRO B 920 36.49 24.40 32.31
C PRO B 920 36.47 25.05 30.94
N TYR B 931 34.50 29.07 40.73
CA TYR B 931 34.12 27.79 41.31
C TYR B 931 33.07 27.12 40.45
N HIS B 932 32.23 26.32 41.09
CA HIS B 932 30.96 25.92 40.49
C HIS B 932 31.18 25.14 39.20
N THR B 933 31.87 24.01 39.33
CA THR B 933 32.31 23.23 38.17
C THR B 933 31.80 21.81 38.17
N LYS B 934 30.77 21.48 38.95
CA LYS B 934 30.16 20.17 38.90
C LYS B 934 28.76 20.24 38.34
N ARG B 935 28.42 19.21 37.57
CA ARG B 935 27.09 19.06 36.99
C ARG B 935 26.41 17.96 37.78
N ASP B 936 25.15 18.20 38.15
CA ASP B 936 24.36 17.26 38.93
C ASP B 936 23.95 16.09 38.03
N ALA B 937 24.31 14.87 38.44
CA ALA B 937 24.07 13.73 37.56
C ALA B 937 23.64 12.48 38.32
N SER B 938 22.76 12.64 39.30
CA SER B 938 22.42 11.51 40.16
C SER B 938 21.22 10.73 39.61
N THR B 939 21.06 9.51 40.11
CA THR B 939 20.00 8.60 39.67
C THR B 939 18.76 8.76 40.55
N PRO B 940 17.59 8.97 39.98
CA PRO B 940 16.40 9.11 40.80
C PRO B 940 15.73 7.77 41.06
N LEU B 941 14.87 7.76 42.07
CA LEU B 941 13.89 6.72 42.28
C LEU B 941 12.58 7.14 41.64
N ARG B 942 11.94 6.20 40.94
CA ARG B 942 10.91 6.54 39.97
C ARG B 942 9.70 7.20 40.61
N SER B 943 8.75 7.58 39.76
CA SER B 943 7.74 8.56 40.12
C SER B 943 6.49 7.97 40.75
N THR B 944 6.35 6.66 40.86
CA THR B 944 5.14 6.10 41.44
C THR B 944 5.37 5.06 42.51
N GLU B 945 6.61 4.76 42.84
CA GLU B 945 6.89 3.63 43.72
C GLU B 945 7.23 4.11 45.11
N ASN B 946 7.03 3.23 46.08
CA ASN B 946 7.39 3.46 47.46
C ASN B 946 8.28 2.33 47.91
N GLY B 947 8.78 2.41 49.13
CA GLY B 947 9.34 1.20 49.70
C GLY B 947 10.50 1.46 50.63
N ILE B 948 11.32 0.43 50.73
CA ILE B 948 12.38 0.38 51.72
C ILE B 948 13.64 -0.17 51.09
N VAL B 949 14.66 0.64 51.02
CA VAL B 949 15.94 0.22 50.47
C VAL B 949 16.42 -0.99 51.24
N ASP B 950 17.12 -1.90 50.57
CA ASP B 950 17.47 -3.14 51.24
C ASP B 950 18.95 -3.45 51.34
N GLN B 951 19.64 -3.68 50.22
CA GLN B 951 20.94 -4.35 50.29
C GLN B 951 21.89 -3.74 49.28
N VAL B 952 22.61 -2.71 49.70
CA VAL B 952 23.44 -1.95 48.78
C VAL B 952 24.74 -2.70 48.57
N LEU B 953 24.82 -3.45 47.49
CA LEU B 953 26.08 -4.06 47.11
C LEU B 953 27.02 -3.00 46.58
N LEU B 954 28.27 -3.10 47.01
CA LEU B 954 29.32 -2.19 46.57
C LEU B 954 30.58 -2.99 46.27
N THR B 955 31.15 -2.73 45.10
CA THR B 955 32.37 -3.37 44.67
C THR B 955 32.99 -2.51 43.58
N THR B 956 33.97 -3.05 42.89
CA THR B 956 34.66 -2.31 41.85
C THR B 956 34.41 -2.95 40.50
N ASN B 957 34.00 -2.14 39.55
CA ASN B 957 33.83 -2.60 38.18
C ASN B 957 35.14 -3.16 37.66
N GLN B 958 35.07 -3.83 36.52
CA GLN B 958 36.28 -4.28 35.86
C GLN B 958 37.21 -3.12 35.56
N GLU B 959 36.65 -1.93 35.45
CA GLU B 959 37.42 -0.77 35.01
C GLU B 959 38.38 -0.27 36.07
N GLY B 960 38.08 -0.52 37.34
CA GLY B 960 38.79 0.11 38.42
C GLY B 960 38.03 1.26 39.06
N LEU B 961 36.76 1.43 38.71
CA LEU B 961 35.92 2.42 39.37
C LEU B 961 35.10 1.74 40.44
N LYS B 962 34.47 2.52 41.32
CA LYS B 962 33.47 1.94 42.18
C LYS B 962 32.32 1.42 41.34
N PHE B 963 31.37 0.81 42.02
CA PHE B 963 30.33 0.06 41.34
C PHE B 963 29.30 -0.35 42.37
N VAL B 964 28.06 0.09 42.16
CA VAL B 964 27.03 -0.11 43.14
C VAL B 964 25.84 -0.81 42.50
N LYS B 965 25.26 -1.74 43.24
CA LYS B 965 23.94 -2.24 42.92
C LYS B 965 23.06 -2.01 44.13
N VAL B 966 21.83 -1.59 43.87
CA VAL B 966 20.87 -1.27 44.89
C VAL B 966 19.63 -2.11 44.61
N ARG B 967 19.18 -2.85 45.61
CA ARG B 967 17.95 -3.64 45.51
C ARG B 967 16.88 -3.04 46.40
N MET B 968 16.02 -2.22 45.82
CA MET B 968 14.92 -1.67 46.59
C MET B 968 13.73 -2.62 46.49
N ARG B 969 12.87 -2.61 47.51
CA ARG B 969 11.78 -3.55 47.45
C ARG B 969 10.57 -3.07 48.24
N THR B 970 9.42 -3.70 47.98
CA THR B 970 8.15 -3.35 48.62
C THR B 970 7.16 -4.51 48.49
N THR B 971 5.93 -4.31 48.99
CA THR B 971 4.90 -5.34 49.02
C THR B 971 3.57 -4.81 48.52
N LYS B 972 3.11 -5.36 47.39
CA LYS B 972 1.88 -4.96 46.73
C LYS B 972 0.80 -5.99 46.97
N VAL B 973 -0.44 -5.53 47.10
CA VAL B 973 -1.52 -6.34 47.66
C VAL B 973 -2.75 -6.22 46.79
N PRO B 974 -3.36 -7.32 46.40
CA PRO B 974 -4.53 -7.29 45.51
C PRO B 974 -5.54 -6.20 45.81
N GLN B 975 -5.76 -5.34 44.85
CA GLN B 975 -6.75 -4.29 44.93
C GLN B 975 -7.46 -4.25 43.58
N ILE B 976 -8.34 -3.26 43.40
CA ILE B 976 -9.20 -3.27 42.22
C ILE B 976 -8.36 -3.12 40.97
N GLY B 977 -8.42 -4.13 40.13
CA GLY B 977 -7.62 -4.18 38.92
C GLY B 977 -6.55 -5.25 38.96
N ASP B 978 -5.97 -5.50 40.11
CA ASP B 978 -4.90 -6.48 40.23
C ASP B 978 -5.37 -7.78 39.61
N LYS B 979 -4.71 -8.21 38.55
CA LYS B 979 -5.26 -9.26 37.71
C LYS B 979 -5.14 -10.63 38.35
N PHE B 980 -5.76 -11.64 37.73
CA PHE B 980 -5.80 -13.05 38.13
C PHE B 980 -6.17 -13.89 36.94
N ALA B 981 -6.00 -15.20 37.06
CA ALA B 981 -6.40 -16.07 35.98
C ALA B 981 -6.23 -17.51 36.40
N SER B 982 -7.27 -18.30 36.21
CA SER B 982 -7.24 -19.68 36.64
C SER B 982 -6.37 -20.45 35.70
N ARG B 983 -6.43 -21.75 35.75
CA ARG B 983 -5.66 -22.50 34.79
C ARG B 983 -6.50 -22.94 33.60
N HIS B 984 -7.46 -22.12 33.19
CA HIS B 984 -8.15 -22.39 31.93
C HIS B 984 -8.55 -21.12 31.22
N GLY B 985 -7.77 -20.07 31.32
CA GLY B 985 -8.08 -18.85 30.61
C GLY B 985 -9.19 -18.04 31.20
N GLN B 986 -9.92 -18.58 32.17
CA GLN B 986 -11.05 -17.86 32.71
C GLN B 986 -10.60 -16.59 33.41
N LYS B 987 -9.76 -15.80 32.76
CA LYS B 987 -9.00 -14.76 33.42
C LYS B 987 -9.92 -13.60 33.77
N GLY B 988 -9.33 -12.50 34.15
CA GLY B 988 -10.11 -11.34 34.47
C GLY B 988 -9.70 -10.78 35.81
N THR B 989 -10.10 -9.57 36.12
CA THR B 989 -9.56 -8.89 37.28
C THR B 989 -10.62 -8.67 38.33
N ILE B 990 -10.16 -8.21 39.49
CA ILE B 990 -10.99 -7.95 40.66
C ILE B 990 -11.87 -6.76 40.37
N GLY B 991 -13.17 -6.88 40.61
CA GLY B 991 -14.06 -5.79 40.34
C GLY B 991 -14.38 -4.97 41.57
N VAL B 992 -14.36 -5.59 42.75
CA VAL B 992 -14.83 -4.93 43.96
C VAL B 992 -14.49 -5.81 45.15
N THR B 993 -14.57 -5.25 46.34
CA THR B 993 -14.18 -5.94 47.56
C THR B 993 -15.32 -5.91 48.58
N TYR B 994 -15.65 -7.09 49.10
CA TYR B 994 -16.61 -7.24 50.18
C TYR B 994 -15.91 -7.73 51.43
N ARG B 995 -16.39 -7.29 52.58
CA ARG B 995 -15.83 -7.73 53.86
C ARG B 995 -16.29 -9.16 54.11
N HIS B 996 -15.93 -9.72 55.26
CA HIS B 996 -16.04 -11.17 55.39
C HIS B 996 -17.48 -11.62 55.52
N GLU B 997 -18.35 -10.79 56.07
CA GLU B 997 -19.70 -11.26 56.19
C GLU B 997 -20.48 -11.11 54.90
N ASP B 998 -20.34 -10.00 54.19
CA ASP B 998 -21.31 -9.68 53.15
C ASP B 998 -21.31 -10.68 52.02
N MET B 999 -20.39 -11.61 52.00
CA MET B 999 -20.40 -12.61 50.98
C MET B 999 -21.56 -13.55 51.24
N PRO B 1000 -21.85 -14.48 50.34
CA PRO B 1000 -22.66 -15.61 50.72
C PRO B 1000 -21.88 -16.45 51.69
N PHE B 1001 -22.50 -17.55 52.13
CA PHE B 1001 -21.77 -18.50 52.96
C PHE B 1001 -22.62 -19.72 53.22
N SER B 1002 -22.06 -20.89 52.99
CA SER B 1002 -22.85 -22.10 53.06
C SER B 1002 -23.18 -22.39 54.51
N ALA B 1003 -23.63 -23.61 54.76
CA ALA B 1003 -24.21 -23.94 56.05
C ALA B 1003 -23.15 -24.09 57.12
N GLU B 1004 -22.06 -24.78 56.82
CA GLU B 1004 -21.06 -25.10 57.82
C GLU B 1004 -20.34 -23.88 58.35
N GLY B 1005 -20.39 -22.76 57.65
CA GLY B 1005 -19.60 -21.59 58.00
C GLY B 1005 -18.59 -21.19 56.94
N ILE B 1006 -18.31 -22.05 55.96
CA ILE B 1006 -17.44 -21.67 54.86
C ILE B 1006 -17.93 -20.37 54.27
N VAL B 1007 -17.04 -19.63 53.61
CA VAL B 1007 -17.48 -18.48 52.83
C VAL B 1007 -16.89 -18.69 51.44
N PRO B 1008 -17.12 -17.85 50.49
CA PRO B 1008 -16.42 -18.01 49.23
C PRO B 1008 -15.13 -17.25 49.33
N ASP B 1009 -14.24 -17.36 48.37
CA ASP B 1009 -13.08 -16.49 48.31
C ASP B 1009 -13.10 -15.56 47.15
N LEU B 1010 -13.33 -16.09 45.96
CA LEU B 1010 -13.07 -15.42 44.71
C LEU B 1010 -14.15 -15.87 43.75
N ILE B 1011 -15.09 -14.99 43.41
CA ILE B 1011 -16.38 -15.39 42.82
C ILE B 1011 -16.36 -15.12 41.31
N ILE B 1012 -16.05 -16.14 40.51
CA ILE B 1012 -16.08 -15.90 39.08
C ILE B 1012 -17.53 -15.65 38.71
N ASN B 1013 -17.79 -15.33 37.45
CA ASN B 1013 -19.15 -15.10 36.98
C ASN B 1013 -19.57 -16.16 35.98
N PRO B 1014 -20.60 -16.94 36.31
CA PRO B 1014 -20.93 -18.11 35.49
C PRO B 1014 -20.97 -17.83 34.02
N HIS B 1015 -21.59 -16.73 33.62
CA HIS B 1015 -21.66 -16.33 32.22
C HIS B 1015 -20.34 -16.50 31.50
N ALA B 1016 -19.24 -16.64 32.20
CA ALA B 1016 -18.06 -17.00 31.49
C ALA B 1016 -18.19 -18.37 30.86
N ILE B 1017 -18.88 -19.29 31.51
CA ILE B 1017 -18.63 -20.68 31.15
C ILE B 1017 -19.33 -21.15 29.88
N PRO B 1018 -20.64 -20.96 29.71
CA PRO B 1018 -21.34 -21.75 28.70
C PRO B 1018 -20.89 -21.43 27.30
N SER B 1019 -20.40 -20.23 27.03
CA SER B 1019 -19.87 -19.98 25.69
C SER B 1019 -18.41 -20.34 25.57
N ARG B 1020 -17.72 -20.61 26.67
CA ARG B 1020 -16.31 -20.86 26.49
C ARG B 1020 -16.00 -22.34 26.44
N MET B 1021 -17.00 -23.19 26.62
CA MET B 1021 -16.82 -24.62 26.50
C MET B 1021 -15.54 -25.08 27.17
N THR B 1022 -15.36 -24.73 28.45
CA THR B 1022 -14.21 -25.19 29.23
C THR B 1022 -14.71 -25.96 30.44
N VAL B 1023 -15.02 -27.23 30.19
CA VAL B 1023 -15.55 -28.08 31.23
C VAL B 1023 -14.48 -28.44 32.21
N ALA B 1024 -13.22 -28.38 31.78
CA ALA B 1024 -12.13 -28.71 32.68
C ALA B 1024 -12.19 -27.90 33.94
N HIS B 1025 -12.63 -26.66 33.88
CA HIS B 1025 -12.60 -25.86 35.09
C HIS B 1025 -13.57 -26.41 36.12
N LEU B 1026 -14.77 -26.75 35.70
CA LEU B 1026 -15.65 -27.38 36.66
C LEU B 1026 -15.04 -28.70 37.14
N ILE B 1027 -14.73 -29.60 36.22
CA ILE B 1027 -14.24 -30.91 36.65
C ILE B 1027 -13.11 -30.75 37.65
N GLU B 1028 -12.27 -29.73 37.47
CA GLU B 1028 -11.23 -29.49 38.44
C GLU B 1028 -11.83 -29.16 39.78
N CYS B 1029 -12.70 -28.16 39.84
CA CYS B 1029 -13.18 -27.71 41.14
C CYS B 1029 -13.84 -28.86 41.88
N LEU B 1030 -14.56 -29.71 41.17
CA LEU B 1030 -15.08 -30.93 41.79
C LEU B 1030 -13.95 -31.75 42.38
N LEU B 1031 -13.00 -32.16 41.53
CA LEU B 1031 -11.90 -32.98 42.00
C LEU B 1031 -11.24 -32.37 43.22
N SER B 1032 -11.08 -31.06 43.26
CA SER B 1032 -10.44 -30.46 44.42
C SER B 1032 -11.27 -30.66 45.65
N LYS B 1033 -12.59 -30.46 45.54
CA LYS B 1033 -13.42 -30.64 46.72
C LYS B 1033 -13.22 -32.04 47.28
N VAL B 1034 -13.16 -33.02 46.39
CA VAL B 1034 -12.86 -34.38 46.86
C VAL B 1034 -11.47 -34.47 47.46
N GLY B 1035 -10.47 -33.92 46.76
CA GLY B 1035 -9.11 -34.04 47.24
C GLY B 1035 -8.92 -33.47 48.62
N SER B 1036 -9.57 -32.35 48.93
CA SER B 1036 -9.46 -31.82 50.27
C SER B 1036 -10.17 -32.72 51.26
N ILE B 1037 -11.37 -33.15 50.94
CA ILE B 1037 -12.13 -33.92 51.93
C ILE B 1037 -11.41 -35.23 52.27
N ARG B 1038 -11.23 -36.12 51.31
CA ARG B 1038 -10.50 -37.32 51.68
C ARG B 1038 -9.08 -37.01 52.08
N GLY B 1039 -8.51 -35.93 51.58
CA GLY B 1039 -7.16 -35.59 51.95
C GLY B 1039 -6.07 -36.23 51.12
N TYR B 1040 -6.12 -36.10 49.81
CA TYR B 1040 -4.98 -36.45 48.99
C TYR B 1040 -5.18 -35.86 47.61
N GLU B 1041 -4.07 -35.62 46.95
CA GLU B 1041 -4.03 -34.82 45.73
C GLU B 1041 -4.57 -35.66 44.58
N GLY B 1042 -5.55 -35.11 43.86
CA GLY B 1042 -6.26 -35.89 42.87
C GLY B 1042 -5.54 -35.93 41.53
N ASP B 1043 -5.48 -37.11 40.95
CA ASP B 1043 -4.67 -37.32 39.75
C ASP B 1043 -5.42 -36.82 38.53
N ALA B 1044 -5.03 -35.66 38.02
CA ALA B 1044 -5.62 -35.09 36.83
C ALA B 1044 -4.80 -35.38 35.59
N THR B 1045 -4.09 -36.49 35.56
CA THR B 1045 -3.37 -36.80 34.34
C THR B 1045 -4.36 -36.91 33.20
N PRO B 1046 -4.21 -36.13 32.15
CA PRO B 1046 -5.06 -36.30 30.97
C PRO B 1046 -4.96 -37.70 30.42
N PHE B 1047 -5.91 -38.04 29.55
CA PHE B 1047 -5.87 -39.28 28.79
C PHE B 1047 -5.84 -40.51 29.68
N THR B 1048 -6.37 -40.39 30.88
CA THR B 1048 -6.48 -41.49 31.82
C THR B 1048 -7.91 -41.97 31.90
N ASP B 1049 -8.20 -42.76 32.93
CA ASP B 1049 -9.48 -43.41 33.02
C ASP B 1049 -10.39 -42.84 34.11
N LEU B 1050 -10.15 -41.62 34.53
CA LEU B 1050 -10.96 -41.03 35.59
C LEU B 1050 -12.20 -40.41 34.97
N THR B 1051 -13.36 -40.91 35.35
CA THR B 1051 -14.62 -40.44 34.79
C THR B 1051 -15.01 -39.12 35.46
N VAL B 1052 -16.25 -38.70 35.25
CA VAL B 1052 -16.88 -37.72 36.13
C VAL B 1052 -17.75 -38.39 37.17
N ASP B 1053 -18.21 -39.62 36.91
CA ASP B 1053 -19.00 -40.30 37.91
C ASP B 1053 -18.15 -40.70 39.11
N ALA B 1054 -17.14 -41.56 38.90
CA ALA B 1054 -16.38 -42.07 40.01
C ALA B 1054 -16.01 -40.96 40.98
N VAL B 1055 -15.65 -39.79 40.44
CA VAL B 1055 -15.48 -38.62 41.29
C VAL B 1055 -16.76 -38.33 42.03
N SER B 1056 -17.89 -38.31 41.34
CA SER B 1056 -19.14 -37.93 41.99
C SER B 1056 -19.47 -38.88 43.14
N ASN B 1057 -19.31 -40.18 42.92
CA ASN B 1057 -19.59 -41.12 44.00
C ASN B 1057 -18.70 -40.85 45.18
N LEU B 1058 -17.38 -40.80 44.95
CA LEU B 1058 -16.50 -40.54 46.07
C LEU B 1058 -16.94 -39.30 46.80
N LEU B 1059 -17.48 -38.34 46.08
CA LEU B 1059 -17.93 -37.13 46.74
C LEU B 1059 -19.13 -37.41 47.63
N ARG B 1060 -20.14 -38.07 47.10
CA ARG B 1060 -21.39 -38.14 47.85
C ARG B 1060 -21.24 -39.05 49.06
N ASP B 1061 -20.35 -40.03 48.96
CA ASP B 1061 -20.06 -40.89 50.10
C ASP B 1061 -19.64 -40.11 51.33
N ASN B 1062 -19.03 -38.94 51.16
CA ASN B 1062 -18.60 -38.10 52.27
C ASN B 1062 -19.66 -37.11 52.68
N GLY B 1063 -20.88 -37.30 52.20
CA GLY B 1063 -21.94 -36.42 52.62
C GLY B 1063 -21.90 -35.07 51.94
N TYR B 1064 -21.91 -35.08 50.62
CA TYR B 1064 -22.10 -33.85 49.86
C TYR B 1064 -22.83 -34.18 48.57
N GLN B 1065 -23.51 -33.18 48.01
CA GLN B 1065 -24.29 -33.39 46.81
C GLN B 1065 -23.43 -33.77 45.63
N SER B 1066 -23.75 -34.89 45.00
CA SER B 1066 -22.76 -35.59 44.19
C SER B 1066 -22.50 -34.90 42.86
N ARG B 1067 -23.11 -33.76 42.62
CA ARG B 1067 -22.82 -32.96 41.44
C ARG B 1067 -22.38 -31.57 41.81
N GLY B 1068 -21.55 -31.45 42.84
CA GLY B 1068 -20.86 -30.23 43.18
C GLY B 1068 -21.60 -29.30 44.10
N PHE B 1069 -22.89 -29.10 43.90
CA PHE B 1069 -23.60 -27.99 44.51
C PHE B 1069 -23.54 -27.99 46.02
N GLU B 1070 -23.74 -26.82 46.61
CA GLU B 1070 -24.16 -26.75 47.99
C GLU B 1070 -25.13 -25.61 48.19
N VAL B 1071 -26.05 -25.84 49.13
CA VAL B 1071 -27.08 -24.88 49.51
C VAL B 1071 -26.36 -23.68 50.07
N MET B 1072 -26.51 -22.53 49.47
CA MET B 1072 -25.85 -21.38 50.03
C MET B 1072 -26.84 -20.33 50.46
N TYR B 1073 -26.31 -19.33 51.14
CA TYR B 1073 -27.02 -18.35 51.91
C TYR B 1073 -26.61 -16.96 51.48
N ASN B 1074 -27.59 -16.09 51.31
CA ASN B 1074 -27.27 -14.69 51.21
C ASN B 1074 -26.71 -14.19 52.51
N GLY B 1075 -25.83 -13.21 52.42
CA GLY B 1075 -25.22 -12.62 53.59
C GLY B 1075 -25.84 -11.35 54.06
N HIS B 1076 -26.67 -10.72 53.25
CA HIS B 1076 -27.30 -9.48 53.66
C HIS B 1076 -28.62 -9.69 54.39
N THR B 1077 -29.28 -10.78 54.19
CA THR B 1077 -30.55 -10.99 54.87
C THR B 1077 -30.73 -12.41 55.38
N GLY B 1078 -29.74 -13.25 55.22
CA GLY B 1078 -29.85 -14.62 55.65
C GLY B 1078 -30.84 -15.43 54.87
N LYS B 1079 -31.80 -14.78 54.24
CA LYS B 1079 -32.80 -15.44 53.44
C LYS B 1079 -32.15 -16.32 52.40
N LYS B 1080 -32.46 -17.61 52.43
CA LYS B 1080 -31.77 -18.52 51.53
C LYS B 1080 -31.78 -18.01 50.11
N LEU B 1081 -30.69 -18.23 49.40
CA LEU B 1081 -30.70 -17.99 47.97
C LEU B 1081 -31.51 -19.07 47.29
N MET B 1082 -32.50 -18.64 46.51
CA MET B 1082 -33.47 -19.57 45.94
C MET B 1082 -32.82 -20.66 45.12
N ALA B 1083 -31.63 -20.40 44.61
CA ALA B 1083 -30.96 -21.38 43.78
C ALA B 1083 -29.78 -21.97 44.52
N GLN B 1084 -29.34 -23.12 44.05
CA GLN B 1084 -28.18 -23.75 44.62
C GLN B 1084 -26.96 -23.45 43.76
N VAL B 1085 -25.80 -23.41 44.40
CA VAL B 1085 -24.61 -22.79 43.83
C VAL B 1085 -23.47 -23.78 43.80
N PHE B 1086 -22.63 -23.70 42.77
CA PHE B 1086 -21.44 -24.53 42.69
C PHE B 1086 -20.44 -23.96 43.68
N PHE B 1087 -19.48 -24.76 44.11
CA PHE B 1087 -18.70 -24.29 45.25
C PHE B 1087 -17.49 -25.13 45.57
N GLY B 1088 -16.28 -24.60 45.52
CA GLY B 1088 -15.17 -25.42 45.90
C GLY B 1088 -13.87 -24.66 46.11
N PRO B 1089 -12.77 -25.38 46.28
CA PRO B 1089 -11.47 -24.76 46.16
C PRO B 1089 -10.92 -25.00 44.76
N THR B 1090 -10.41 -23.94 44.16
CA THR B 1090 -9.82 -24.05 42.83
C THR B 1090 -8.59 -23.18 42.81
N TYR B 1091 -7.69 -23.48 41.88
CA TYR B 1091 -6.33 -23.00 41.92
C TYR B 1091 -6.16 -21.79 41.04
N TYR B 1092 -6.04 -20.62 41.62
CA TYR B 1092 -5.73 -19.52 40.75
C TYR B 1092 -4.26 -19.21 40.85
N GLN B 1093 -3.83 -18.25 40.05
CA GLN B 1093 -2.44 -17.84 40.06
C GLN B 1093 -2.33 -16.40 39.59
N ARG B 1094 -1.78 -15.57 40.45
CA ARG B 1094 -1.65 -14.14 40.24
C ARG B 1094 -0.95 -13.88 38.91
N LEU B 1095 -1.28 -12.75 38.26
CA LEU B 1095 -0.61 -12.33 37.05
C LEU B 1095 -0.07 -10.91 37.16
N ARG B 1096 0.98 -10.65 36.40
CA ARG B 1096 1.77 -9.46 36.63
C ARG B 1096 0.97 -8.19 36.49
N HIS B 1097 0.15 -8.06 35.49
CA HIS B 1097 -0.19 -6.73 35.03
C HIS B 1097 -0.99 -6.00 36.07
N MET B 1098 -0.28 -5.35 36.97
CA MET B 1098 -0.88 -4.77 38.16
C MET B 1098 -1.43 -3.42 37.76
N VAL B 1099 -2.40 -2.92 38.52
CA VAL B 1099 -3.02 -1.68 38.12
C VAL B 1099 -2.07 -0.50 38.20
N ASP B 1100 -0.95 -0.63 38.91
CA ASP B 1100 0.02 0.45 38.90
C ASP B 1100 1.17 0.21 37.94
N ASP B 1101 1.04 -0.76 37.05
CA ASP B 1101 1.94 -0.82 35.91
C ASP B 1101 1.26 -0.41 34.61
N LYS B 1102 0.08 0.21 34.67
CA LYS B 1102 -0.53 0.79 33.48
C LYS B 1102 -1.18 2.14 33.73
N ILE B 1103 -1.68 2.41 34.93
CA ILE B 1103 -2.32 3.67 35.17
C ILE B 1103 -1.31 4.78 35.04
N HIS B 1104 -1.79 6.01 34.92
CA HIS B 1104 -1.02 7.02 34.23
C HIS B 1104 -1.83 8.30 34.19
N ALA B 1105 -1.20 9.38 33.79
CA ALA B 1105 -1.92 10.61 33.53
C ALA B 1105 -0.97 11.57 32.85
N ARG B 1106 -1.48 12.74 32.48
CA ARG B 1106 -0.60 13.81 32.09
C ARG B 1106 -1.30 15.14 32.10
N ALA B 1107 -0.87 16.02 32.99
CA ALA B 1107 -1.34 17.38 32.94
C ALA B 1107 -0.75 18.09 31.73
N ARG B 1108 0.56 18.29 31.74
CA ARG B 1108 1.37 18.88 30.68
C ARG B 1108 2.73 18.23 30.78
N GLY B 1109 3.77 18.99 30.57
CA GLY B 1109 5.05 18.58 31.09
C GLY B 1109 6.13 18.55 30.06
N PRO B 1110 6.91 17.47 30.09
CA PRO B 1110 8.08 17.34 29.22
C PRO B 1110 7.64 17.10 27.78
N VAL B 1111 8.33 17.75 26.86
CA VAL B 1111 8.03 17.72 25.44
C VAL B 1111 9.26 17.22 24.73
N GLN B 1112 9.10 16.72 23.52
CA GLN B 1112 10.31 16.48 22.77
C GLN B 1112 10.92 17.80 22.39
N VAL B 1113 12.15 17.78 21.88
CA VAL B 1113 12.72 19.01 21.36
C VAL B 1113 12.51 19.10 19.86
N LEU B 1114 12.54 17.95 19.16
CA LEU B 1114 12.43 17.99 17.71
C LEU B 1114 11.08 18.53 17.26
N THR B 1115 10.05 18.39 18.08
CA THR B 1115 8.73 18.80 17.65
C THR B 1115 7.92 19.57 18.68
N ARG B 1116 8.32 19.60 19.93
CA ARG B 1116 7.45 20.01 21.02
C ARG B 1116 6.20 19.15 21.11
N GLN B 1117 6.15 18.05 20.39
CA GLN B 1117 4.94 17.33 20.76
C GLN B 1117 5.20 16.48 22.00
N PRO B 1118 4.26 16.46 22.94
CA PRO B 1118 4.48 15.77 24.22
C PRO B 1118 5.01 14.35 24.08
N VAL B 1119 5.82 13.94 25.05
CA VAL B 1119 6.81 12.88 24.82
C VAL B 1119 6.21 11.51 24.93
N GLU B 1120 7.04 10.51 24.69
CA GLU B 1120 6.62 9.13 24.51
C GLU B 1120 6.88 8.31 25.75
N GLY B 1121 5.92 7.48 26.12
CA GLY B 1121 6.14 6.53 27.19
C GLY B 1121 5.44 6.89 28.47
N ARG B 1122 5.44 5.96 29.41
CA ARG B 1122 4.72 6.19 30.66
C ARG B 1122 5.61 6.80 31.72
N SER B 1123 6.82 6.24 31.89
CA SER B 1123 7.67 6.65 32.99
C SER B 1123 8.19 8.08 32.84
N ARG B 1124 7.65 8.85 31.90
CA ARG B 1124 8.17 10.17 31.62
C ARG B 1124 7.10 11.26 31.60
N ASP B 1125 5.99 11.06 32.30
CA ASP B 1125 4.84 11.94 32.17
C ASP B 1125 4.45 12.11 30.72
N GLY B 1126 4.46 11.00 29.99
CA GLY B 1126 4.10 11.02 28.60
C GLY B 1126 2.64 11.34 28.43
N GLY B 1127 2.19 11.27 27.17
CA GLY B 1127 0.84 11.58 26.82
C GLY B 1127 0.29 10.57 25.84
N LEU B 1128 -0.95 10.76 25.46
CA LEU B 1128 -1.62 9.75 24.64
C LEU B 1128 -1.78 10.19 23.19
N ARG B 1129 -1.98 9.20 22.33
CA ARG B 1129 -1.97 9.40 20.89
C ARG B 1129 -3.39 9.59 20.43
N PHE B 1130 -3.71 10.77 19.93
CA PHE B 1130 -4.99 11.00 19.31
C PHE B 1130 -4.84 10.52 17.88
N GLY B 1131 -4.80 9.21 17.72
CA GLY B 1131 -4.39 8.61 16.46
C GLY B 1131 -5.42 8.79 15.37
N GLU B 1132 -4.97 8.56 14.13
CA GLU B 1132 -5.81 8.70 12.95
C GLU B 1132 -7.24 8.30 13.21
N MET B 1133 -7.45 7.04 13.56
CA MET B 1133 -8.79 6.55 13.63
C MET B 1133 -9.64 7.36 14.59
N GLU B 1134 -9.01 7.98 15.58
CA GLU B 1134 -9.75 8.96 16.35
C GLU B 1134 -10.08 10.19 15.52
N ARG B 1135 -9.19 10.58 14.61
CA ARG B 1135 -9.63 11.63 13.70
C ARG B 1135 -10.86 11.17 12.93
N ASP B 1136 -10.90 9.91 12.52
CA ASP B 1136 -12.09 9.38 11.85
C ASP B 1136 -13.32 9.60 12.70
N CYS B 1137 -13.28 9.11 13.92
CA CYS B 1137 -14.43 9.25 14.77
C CYS B 1137 -14.82 10.71 14.94
N MET B 1138 -13.94 11.52 15.49
CA MET B 1138 -14.32 12.87 15.83
C MET B 1138 -14.70 13.68 14.61
N ILE B 1139 -14.36 13.19 13.42
CA ILE B 1139 -15.02 13.69 12.24
C ILE B 1139 -16.45 13.23 12.20
N ALA B 1140 -16.68 11.93 12.29
CA ALA B 1140 -18.03 11.43 12.08
C ALA B 1140 -19.00 12.07 13.04
N HIS B 1141 -18.60 12.24 14.28
CA HIS B 1141 -19.43 13.02 15.18
C HIS B 1141 -19.54 14.46 14.71
N GLY B 1142 -18.68 14.86 13.78
CA GLY B 1142 -18.78 16.19 13.25
C GLY B 1142 -18.25 17.29 14.13
N ALA B 1143 -18.24 17.12 15.44
CA ALA B 1143 -17.91 18.28 16.23
C ALA B 1143 -16.46 18.65 16.03
N ALA B 1144 -16.18 19.62 15.14
CA ALA B 1144 -14.80 19.94 14.86
C ALA B 1144 -14.20 20.96 15.79
N GLY B 1145 -15.00 21.81 16.45
CA GLY B 1145 -14.41 22.70 17.43
C GLY B 1145 -13.52 21.90 18.36
N PHE B 1146 -13.94 20.69 18.68
CA PHE B 1146 -13.09 19.82 19.47
C PHE B 1146 -11.89 19.35 18.68
N LEU B 1147 -12.08 18.92 17.45
CA LEU B 1147 -10.94 18.37 16.72
C LEU B 1147 -9.87 19.41 16.53
N LYS B 1148 -10.25 20.68 16.56
CA LYS B 1148 -9.24 21.72 16.65
C LYS B 1148 -8.63 21.76 18.03
N GLU B 1149 -9.43 21.93 19.06
CA GLU B 1149 -8.86 22.04 20.39
C GLU B 1149 -8.22 20.73 20.83
N ARG B 1150 -8.00 19.81 19.92
CA ARG B 1150 -6.99 18.78 20.18
C ARG B 1150 -5.69 19.08 19.48
N LEU B 1151 -5.64 18.92 18.16
CA LEU B 1151 -4.37 18.85 17.47
C LEU B 1151 -3.67 20.20 17.38
N MET B 1152 -4.05 21.15 18.21
CA MET B 1152 -3.50 22.50 18.22
C MET B 1152 -3.09 22.99 19.58
N GLU B 1153 -3.69 22.48 20.64
CA GLU B 1153 -3.52 23.06 21.95
C GLU B 1153 -3.14 22.05 23.02
N ALA B 1154 -3.45 20.78 22.85
CA ALA B 1154 -2.79 19.77 23.65
C ALA B 1154 -1.47 19.37 23.03
N SER B 1155 -0.92 20.27 22.25
CA SER B 1155 0.32 20.09 21.50
C SER B 1155 0.98 21.44 21.36
N ASP B 1156 1.79 21.56 20.33
CA ASP B 1156 2.54 22.76 20.01
C ASP B 1156 1.70 23.92 19.51
N ALA B 1157 0.94 24.57 20.37
CA ALA B 1157 0.34 25.83 19.97
C ALA B 1157 1.44 26.80 19.61
N PHE B 1158 1.56 27.11 18.33
CA PHE B 1158 2.77 27.76 17.87
C PHE B 1158 2.39 28.94 17.00
N ARG B 1159 3.31 29.88 16.84
CA ARG B 1159 3.05 31.08 16.09
C ARG B 1159 4.17 31.34 15.11
N VAL B 1160 3.82 31.74 13.89
CA VAL B 1160 4.75 32.12 12.84
C VAL B 1160 4.21 33.36 12.15
N HIS B 1161 5.03 33.98 11.31
CA HIS B 1161 4.64 35.18 10.58
C HIS B 1161 4.71 34.92 9.08
N VAL B 1162 4.05 35.77 8.30
CA VAL B 1162 4.10 35.70 6.84
C VAL B 1162 4.14 37.08 6.22
N CYS B 1163 4.92 37.20 5.14
CA CYS B 1163 4.87 38.34 4.25
C CYS B 1163 3.73 38.15 3.28
N GLY B 1164 2.81 39.09 3.25
CA GLY B 1164 1.63 38.87 2.45
C GLY B 1164 1.87 38.73 0.97
N ILE B 1165 3.09 38.99 0.49
CA ILE B 1165 3.31 39.05 -0.94
C ILE B 1165 4.10 37.84 -1.40
N CYS B 1166 5.32 37.67 -0.91
CA CYS B 1166 6.02 36.44 -1.22
C CYS B 1166 5.36 35.26 -0.56
N GLY B 1167 4.59 35.49 0.49
CA GLY B 1167 3.89 34.42 1.14
C GLY B 1167 4.77 33.38 1.78
N LEU B 1168 5.71 33.76 2.61
CA LEU B 1168 6.50 32.76 3.29
C LEU B 1168 6.63 33.02 4.78
N MET B 1169 7.30 32.07 5.43
CA MET B 1169 7.74 32.13 6.81
C MET B 1169 9.19 32.58 6.87
N SER B 1170 9.48 33.76 6.38
CA SER B 1170 10.85 34.23 6.31
C SER B 1170 11.08 35.41 7.24
N VAL B 1171 10.02 36.04 7.68
CA VAL B 1171 10.12 37.35 8.28
C VAL B 1171 11.11 37.31 9.44
N ILE B 1172 12.15 38.08 9.33
CA ILE B 1172 12.91 38.48 10.49
C ILE B 1172 12.04 39.45 11.26
N ALA B 1173 11.79 39.15 12.53
CA ALA B 1173 10.85 39.91 13.33
C ALA B 1173 11.36 40.07 14.75
N ASN B 1174 11.83 41.27 15.09
CA ASN B 1174 12.05 41.62 16.48
C ASN B 1174 10.77 42.17 17.07
N LEU B 1175 10.50 41.76 18.28
CA LEU B 1175 9.32 42.23 18.97
C LEU B 1175 9.60 43.39 19.91
N LYS B 1176 10.62 43.28 20.76
CA LYS B 1176 10.78 44.32 21.77
C LYS B 1176 11.18 45.65 21.15
N LYS B 1177 11.67 45.66 19.91
CA LYS B 1177 11.82 46.91 19.16
C LYS B 1177 10.76 47.07 18.09
N ASN B 1178 9.91 46.07 17.87
CA ASN B 1178 8.77 46.15 16.97
C ASN B 1178 9.21 46.42 15.53
N GLN B 1179 10.01 45.53 14.98
CA GLN B 1179 10.43 45.65 13.60
C GLN B 1179 10.08 44.38 12.86
N PHE B 1180 10.07 44.46 11.54
CA PHE B 1180 9.72 43.34 10.69
C PHE B 1180 10.38 43.53 9.34
N GLU B 1181 10.61 42.43 8.65
CA GLU B 1181 11.28 42.55 7.36
C GLU B 1181 11.16 41.23 6.61
N CYS B 1182 10.84 41.31 5.33
CA CYS B 1182 10.90 40.16 4.45
C CYS B 1182 12.15 40.30 3.60
N ARG B 1183 13.29 39.85 4.10
CA ARG B 1183 14.52 40.22 3.43
C ARG B 1183 14.71 39.54 2.09
N SER B 1184 13.71 38.83 1.60
CA SER B 1184 13.73 38.42 0.21
C SER B 1184 13.00 39.38 -0.70
N CYS B 1185 12.20 40.28 -0.15
CA CYS B 1185 11.32 41.11 -0.94
C CYS B 1185 11.25 42.54 -0.47
N LYS B 1186 11.99 42.91 0.57
CA LYS B 1186 11.96 44.28 1.05
C LYS B 1186 10.54 44.72 1.38
N ASN B 1187 9.78 43.83 2.01
CA ASN B 1187 8.47 44.19 2.52
C ASN B 1187 8.55 44.45 4.01
N LYS B 1188 7.89 45.50 4.46
CA LYS B 1188 7.89 45.87 5.86
C LYS B 1188 6.52 46.21 6.41
N THR B 1189 5.45 46.04 5.65
CA THR B 1189 4.15 46.33 6.22
C THR B 1189 3.20 45.17 6.07
N ASN B 1190 3.15 44.60 4.89
CA ASN B 1190 2.18 43.55 4.58
C ASN B 1190 2.64 42.25 5.22
N ILE B 1191 2.37 42.13 6.52
CA ILE B 1191 2.83 40.99 7.30
C ILE B 1191 1.75 40.60 8.27
N TYR B 1192 1.60 39.30 8.50
CA TYR B 1192 0.58 38.82 9.42
C TYR B 1192 1.17 37.77 10.33
N GLN B 1193 0.44 37.41 11.38
CA GLN B 1193 0.79 36.23 12.15
C GLN B 1193 -0.26 35.15 11.99
N LEU B 1194 0.21 33.92 11.90
CA LEU B 1194 -0.66 32.76 11.84
C LEU B 1194 -0.69 32.07 13.19
N HIS B 1195 -1.34 30.91 13.21
CA HIS B 1195 -1.37 29.99 14.35
C HIS B 1195 -1.36 28.60 13.76
N ILE B 1196 -0.21 27.95 13.72
CA ILE B 1196 -0.19 26.63 13.11
C ILE B 1196 0.54 25.68 14.04
N PRO B 1197 0.35 24.40 13.86
CA PRO B 1197 0.99 23.43 14.73
C PRO B 1197 2.46 23.33 14.44
N TYR B 1198 3.28 23.63 15.46
CA TYR B 1198 4.72 23.66 15.28
C TYR B 1198 5.23 22.42 14.56
N ALA B 1199 4.46 21.34 14.59
CA ALA B 1199 4.79 20.24 13.69
C ALA B 1199 4.56 20.62 12.23
N ALA B 1200 3.55 21.42 11.95
CA ALA B 1200 3.38 21.88 10.58
C ALA B 1200 4.54 22.75 10.15
N LYS B 1201 4.97 23.66 11.00
CA LYS B 1201 6.05 24.52 10.59
C LYS B 1201 7.32 23.72 10.38
N LEU B 1202 7.55 22.70 11.21
CA LEU B 1202 8.66 21.79 10.95
C LEU B 1202 8.54 21.18 9.57
N LEU B 1203 7.34 20.73 9.23
CA LEU B 1203 7.16 20.16 7.90
C LEU B 1203 7.58 21.16 6.83
N PHE B 1204 7.06 22.38 6.92
CA PHE B 1204 7.36 23.36 5.89
C PHE B 1204 8.86 23.55 5.73
N GLN B 1205 9.59 23.59 6.83
CA GLN B 1205 11.03 23.79 6.71
C GLN B 1205 11.71 22.58 6.10
N GLU B 1206 11.32 21.36 6.47
CA GLU B 1206 11.97 20.22 5.82
C GLU B 1206 11.74 20.30 4.31
N LEU B 1207 10.56 20.74 3.92
CA LEU B 1207 10.31 20.98 2.50
C LEU B 1207 11.28 21.99 1.94
N MET B 1208 11.28 23.21 2.47
CA MET B 1208 12.14 24.23 1.90
C MET B 1208 13.59 23.81 1.92
N ALA B 1209 13.91 22.75 2.61
CA ALA B 1209 15.22 22.17 2.39
C ALA B 1209 15.23 21.16 1.24
N MET B 1210 14.09 20.71 0.78
CA MET B 1210 14.11 19.89 -0.43
C MET B 1210 13.77 20.66 -1.71
N ASN B 1211 13.76 21.98 -1.68
CA ASN B 1211 13.35 22.80 -2.83
C ASN B 1211 11.91 22.50 -3.26
N ILE B 1212 10.99 22.85 -2.38
CA ILE B 1212 9.58 23.03 -2.68
C ILE B 1212 9.16 24.23 -1.85
N ALA B 1213 8.29 25.06 -2.38
CA ALA B 1213 8.07 26.37 -1.77
C ALA B 1213 6.64 26.50 -1.30
N PRO B 1214 6.28 25.95 -0.15
CA PRO B 1214 4.88 26.03 0.26
C PRO B 1214 4.54 27.46 0.62
N ARG B 1215 3.97 28.18 -0.31
CA ARG B 1215 3.54 29.53 -0.04
C ARG B 1215 2.20 29.46 0.65
N LEU B 1216 2.09 30.10 1.79
CA LEU B 1216 0.83 30.22 2.50
C LEU B 1216 0.27 31.59 2.16
N TYR B 1217 -0.75 31.62 1.34
CA TYR B 1217 -1.45 32.88 1.09
C TYR B 1217 -2.64 32.94 2.02
N THR B 1218 -2.98 34.15 2.47
CA THR B 1218 -4.07 34.29 3.40
C THR B 1218 -5.37 34.73 2.74
N GLU B 1219 -5.35 35.02 1.45
CA GLU B 1219 -6.56 35.53 0.81
C GLU B 1219 -6.93 34.69 -0.39
N ARG B 1220 -8.24 34.56 -0.62
CA ARG B 1220 -8.72 33.79 -1.74
C ARG B 1220 -8.68 34.61 -3.02
N SER B 1221 -8.05 34.05 -4.04
CA SER B 1221 -8.09 34.63 -5.37
C SER B 1221 -8.53 33.64 -6.43
N GLY B 1222 -8.17 32.38 -6.29
CA GLY B 1222 -8.56 31.35 -7.25
C GLY B 1222 -8.09 31.62 -8.66
N GLU C 4 -40.22 -13.22 74.97
CA GLU C 4 -40.59 -14.22 73.98
C GLU C 4 -39.39 -15.01 73.43
N PRO C 5 -38.36 -14.36 72.93
CA PRO C 5 -37.25 -15.09 72.33
C PRO C 5 -36.65 -16.05 73.32
N LYS C 6 -36.06 -17.12 72.82
CA LYS C 6 -35.57 -18.16 73.71
C LYS C 6 -34.23 -18.67 73.23
N VAL C 7 -33.56 -19.40 74.06
CA VAL C 7 -32.22 -19.87 73.76
C VAL C 7 -32.06 -21.30 74.18
N ASN C 8 -31.24 -22.02 73.46
CA ASN C 8 -31.00 -23.39 73.82
C ASN C 8 -29.62 -23.79 73.32
N ILE C 9 -28.62 -23.63 74.17
CA ILE C 9 -27.33 -24.30 73.97
C ILE C 9 -27.58 -25.76 73.69
N ILE C 10 -26.65 -26.41 73.01
CA ILE C 10 -26.71 -27.86 72.87
C ILE C 10 -25.38 -28.50 73.21
N ASN C 11 -24.33 -28.17 72.49
CA ASN C 11 -22.99 -28.57 72.87
C ASN C 11 -22.13 -27.34 73.03
N ALA C 12 -21.35 -27.34 74.10
CA ALA C 12 -20.67 -26.11 74.49
C ALA C 12 -19.31 -26.44 75.04
N GLN C 13 -18.38 -25.55 74.77
CA GLN C 13 -17.08 -25.54 75.42
C GLN C 13 -16.65 -24.08 75.38
N ASP C 14 -15.36 -23.81 75.45
CA ASP C 14 -14.99 -22.40 75.44
C ASP C 14 -14.86 -21.83 74.05
N ASP C 15 -14.72 -22.66 73.02
CA ASP C 15 -14.55 -22.13 71.69
C ASP C 15 -15.78 -22.27 70.81
N GLU C 16 -16.48 -23.41 70.84
CA GLU C 16 -17.63 -23.57 69.96
C GLU C 16 -18.86 -23.76 70.82
N VAL C 17 -19.96 -23.21 70.37
CA VAL C 17 -21.17 -23.14 71.18
C VAL C 17 -22.37 -23.31 70.28
N GLU C 18 -22.79 -24.55 70.10
CA GLU C 18 -23.79 -24.90 69.11
C GLU C 18 -25.16 -24.64 69.70
N LEU C 19 -25.65 -23.42 69.56
CA LEU C 19 -26.88 -23.03 70.21
C LEU C 19 -28.01 -23.08 69.22
N MET C 20 -29.24 -22.94 69.71
CA MET C 20 -30.45 -23.02 68.89
C MET C 20 -31.35 -21.86 69.22
N LEU C 21 -30.98 -20.69 68.72
CA LEU C 21 -31.80 -19.52 68.93
C LEU C 21 -33.10 -19.73 68.21
N SER C 22 -34.20 -19.68 68.93
CA SER C 22 -35.48 -19.95 68.33
C SER C 22 -36.46 -18.83 68.61
N ASP C 23 -37.46 -18.73 67.73
CA ASP C 23 -38.62 -17.87 67.94
C ASP C 23 -38.24 -16.40 67.89
N VAL C 24 -37.32 -16.11 66.96
CA VAL C 24 -37.01 -14.75 66.56
C VAL C 24 -36.94 -14.70 65.05
N ASN C 25 -36.91 -13.49 64.53
CA ASN C 25 -37.00 -13.23 63.11
C ASN C 25 -35.83 -13.85 62.37
N LEU C 26 -35.81 -13.61 61.06
CA LEU C 26 -34.62 -13.97 60.31
C LEU C 26 -33.59 -12.85 60.32
N SER C 27 -34.04 -11.62 60.11
CA SER C 27 -33.09 -10.54 60.11
C SER C 27 -32.37 -10.44 61.43
N LEU C 28 -33.02 -10.82 62.51
CA LEU C 28 -32.36 -10.64 63.79
C LEU C 28 -31.21 -11.61 63.93
N ALA C 29 -31.40 -12.87 63.55
CA ALA C 29 -30.28 -13.77 63.56
C ALA C 29 -29.20 -13.29 62.61
N ASN C 30 -29.59 -12.70 61.49
CA ASN C 30 -28.54 -12.29 60.57
C ASN C 30 -27.74 -11.12 61.10
N SER C 31 -28.42 -10.11 61.64
CA SER C 31 -27.72 -9.01 62.29
C SER C 31 -26.77 -9.54 63.35
N LEU C 32 -27.24 -10.49 64.15
CA LEU C 32 -26.37 -11.05 65.16
C LEU C 32 -25.14 -11.69 64.53
N ARG C 33 -25.32 -12.39 63.42
CA ARG C 33 -24.16 -13.04 62.81
C ARG C 33 -23.16 -12.01 62.34
N ARG C 34 -23.63 -11.00 61.63
CA ARG C 34 -22.70 -9.98 61.18
C ARG C 34 -22.02 -9.27 62.34
N THR C 35 -22.70 -9.15 63.48
CA THR C 35 -22.04 -8.51 64.60
C THR C 35 -20.95 -9.38 65.17
N MET C 36 -21.25 -10.65 65.39
CA MET C 36 -20.19 -11.51 65.88
C MET C 36 -19.04 -11.64 64.91
N LEU C 37 -19.22 -11.30 63.64
CA LEU C 37 -17.98 -11.34 62.87
C LEU C 37 -17.32 -10.00 62.67
N ALA C 38 -18.06 -8.90 62.71
CA ALA C 38 -17.43 -7.62 62.47
C ALA C 38 -17.13 -6.86 63.74
N GLU C 39 -18.16 -6.42 64.45
CA GLU C 39 -18.00 -5.25 65.32
C GLU C 39 -17.83 -5.62 66.78
N VAL C 40 -17.08 -6.66 67.10
CA VAL C 40 -16.77 -7.01 68.49
C VAL C 40 -15.30 -6.68 68.75
N PRO C 41 -15.00 -5.61 69.48
CA PRO C 41 -13.62 -5.12 69.52
C PRO C 41 -12.67 -6.10 70.17
N THR C 42 -11.49 -6.25 69.58
CA THR C 42 -10.39 -6.91 70.24
C THR C 42 -9.12 -6.07 70.17
N LEU C 43 -8.00 -6.73 70.45
CA LEU C 43 -6.75 -6.09 70.78
C LEU C 43 -5.63 -6.81 70.07
N ALA C 44 -4.97 -6.13 69.16
CA ALA C 44 -4.01 -6.84 68.35
C ALA C 44 -2.88 -5.91 67.96
N ILE C 45 -1.85 -6.49 67.38
CA ILE C 45 -0.60 -5.81 67.05
C ILE C 45 -0.84 -4.86 65.89
N ASP C 46 -0.46 -3.60 66.08
CA ASP C 46 -0.77 -2.55 65.12
C ASP C 46 0.42 -1.76 64.62
N LEU C 47 1.49 -1.61 65.40
CA LEU C 47 2.69 -0.91 64.94
C LEU C 47 3.92 -1.69 65.32
N VAL C 48 4.35 -2.60 64.48
CA VAL C 48 5.66 -3.21 64.62
C VAL C 48 6.66 -2.08 64.51
N GLU C 49 7.73 -2.13 65.31
CA GLU C 49 8.86 -1.22 65.17
C GLU C 49 10.14 -2.03 65.28
N ILE C 50 10.61 -2.54 64.16
CA ILE C 50 11.78 -3.38 64.16
C ILE C 50 12.99 -2.59 64.61
N LYS C 51 13.77 -3.18 65.51
CA LYS C 51 15.06 -2.60 65.84
C LYS C 51 16.19 -3.42 65.23
N MET C 52 16.02 -4.73 65.08
CA MET C 52 17.10 -5.45 64.44
C MET C 52 16.60 -6.73 63.81
N ASN C 53 16.95 -6.92 62.55
CA ASN C 53 16.64 -8.15 61.84
C ASN C 53 17.87 -8.67 61.15
N THR C 54 18.08 -9.97 61.29
CA THR C 54 19.11 -10.69 60.59
C THR C 54 18.59 -12.05 60.19
N SER C 55 17.28 -12.13 60.02
CA SER C 55 16.63 -13.38 59.67
C SER C 55 16.97 -13.76 58.24
N VAL C 56 16.13 -14.61 57.65
CA VAL C 56 16.05 -14.68 56.20
C VAL C 56 14.77 -14.09 55.67
N LEU C 57 13.82 -13.77 56.55
CA LEU C 57 12.52 -13.28 56.15
C LEU C 57 12.56 -11.77 56.07
N ALA C 58 11.72 -11.22 55.22
CA ALA C 58 11.58 -9.78 55.11
C ALA C 58 11.09 -9.20 56.42
N ASP C 59 10.97 -7.88 56.49
CA ASP C 59 10.61 -7.18 57.71
C ASP C 59 9.11 -7.05 57.87
N GLU C 60 8.49 -6.28 56.98
CA GLU C 60 7.05 -6.16 56.91
C GLU C 60 6.36 -7.51 56.95
N PHE C 61 7.06 -8.57 56.55
CA PHE C 61 6.50 -9.91 56.63
C PHE C 61 6.22 -10.31 58.07
N ILE C 62 7.26 -10.27 58.91
CA ILE C 62 7.05 -10.62 60.29
C ILE C 62 6.17 -9.59 60.93
N SER C 63 6.22 -8.36 60.46
CA SER C 63 5.20 -7.41 60.86
C SER C 63 3.81 -7.97 60.60
N HIS C 64 3.60 -8.43 59.37
CA HIS C 64 2.31 -8.97 58.99
C HIS C 64 1.86 -10.09 59.92
N ARG C 65 2.70 -11.09 60.12
CA ARG C 65 2.24 -12.20 60.95
C ARG C 65 1.96 -11.74 62.36
N LEU C 66 2.90 -11.07 63.01
CA LEU C 66 2.61 -10.59 64.36
C LEU C 66 1.34 -9.76 64.39
N GLY C 67 1.01 -9.11 63.29
CA GLY C 67 -0.19 -8.30 63.27
C GLY C 67 -1.46 -9.11 63.41
N LEU C 68 -1.36 -10.42 63.32
CA LEU C 68 -2.58 -11.22 63.38
C LEU C 68 -2.78 -11.90 64.71
N ILE C 69 -1.72 -12.17 65.44
CA ILE C 69 -1.71 -13.12 66.54
C ILE C 69 -2.91 -12.95 67.46
N PRO C 70 -3.54 -14.05 67.89
CA PRO C 70 -4.63 -13.92 68.86
C PRO C 70 -4.09 -13.45 70.20
N LEU C 71 -4.76 -12.47 70.79
CA LEU C 71 -4.35 -11.91 72.06
C LEU C 71 -5.46 -12.01 73.10
N VAL C 72 -5.10 -12.51 74.28
CA VAL C 72 -6.08 -12.68 75.34
C VAL C 72 -6.67 -11.33 75.64
N SER C 73 -7.90 -11.13 75.21
CA SER C 73 -8.45 -9.78 75.17
C SER C 73 -9.69 -9.69 76.01
N GLU C 74 -9.76 -10.53 77.04
CA GLU C 74 -10.97 -10.64 77.84
C GLU C 74 -11.38 -9.30 78.44
N ASP C 75 -10.43 -8.41 78.69
CA ASP C 75 -10.69 -7.15 79.37
C ASP C 75 -10.64 -5.98 78.43
N VAL C 76 -10.57 -6.27 77.13
CA VAL C 76 -10.24 -5.25 76.15
C VAL C 76 -11.24 -4.10 76.15
N GLU C 77 -12.46 -4.33 76.62
CA GLU C 77 -13.51 -3.33 76.51
C GLU C 77 -13.48 -2.29 77.62
N GLU C 78 -12.33 -2.08 78.25
CA GLU C 78 -12.15 -0.99 79.20
C GLU C 78 -10.96 -0.12 78.84
N MET C 79 -10.66 -0.01 77.55
CA MET C 79 -9.40 0.53 77.06
C MET C 79 -9.67 1.38 75.84
N LYS C 80 -9.53 2.70 75.97
CA LYS C 80 -10.09 3.63 74.98
C LYS C 80 -9.51 3.38 73.60
N TYR C 81 -10.22 3.89 72.58
CA TYR C 81 -9.83 3.70 71.19
C TYR C 81 -8.55 4.42 70.85
N SER C 82 -7.84 3.86 69.87
CA SER C 82 -6.52 4.35 69.51
C SER C 82 -6.58 5.78 69.01
N ARG C 83 -7.63 6.13 68.29
CA ARG C 83 -7.70 7.45 67.69
C ARG C 83 -8.30 8.49 68.62
N ASP C 84 -8.68 8.10 69.83
CA ASP C 84 -9.45 9.01 70.68
C ASP C 84 -8.91 9.05 72.11
N CYS C 85 -7.67 8.65 72.32
CA CYS C 85 -7.05 8.74 73.64
C CYS C 85 -6.51 10.15 73.85
N THR C 86 -6.76 10.71 75.03
CA THR C 86 -6.45 12.11 75.29
C THR C 86 -4.97 12.40 75.28
N CYS C 87 -4.14 11.42 74.98
CA CYS C 87 -2.70 11.60 74.93
C CYS C 87 -2.25 11.64 73.48
N GLU C 88 -0.94 11.81 73.29
CA GLU C 88 -0.35 11.67 71.97
C GLU C 88 -0.11 10.19 71.66
N ASP C 89 0.66 9.96 70.58
CA ASP C 89 0.98 8.61 70.13
C ASP C 89 1.50 7.76 71.27
N TYR C 90 1.40 6.44 71.11
CA TYR C 90 1.18 5.50 72.21
C TYR C 90 1.77 5.87 73.56
N CYS C 91 0.92 5.85 74.58
CA CYS C 91 1.35 5.75 75.96
C CYS C 91 0.82 4.42 76.46
N ASP C 92 0.90 4.15 77.76
CA ASP C 92 0.46 2.86 78.26
C ASP C 92 -1.01 2.87 78.69
N GLU C 93 -1.77 3.87 78.27
CA GLU C 93 -3.20 3.88 78.54
C GLU C 93 -3.99 3.15 77.47
N CYS C 94 -3.71 3.41 76.19
CA CYS C 94 -4.41 2.81 75.06
C CYS C 94 -3.47 1.95 74.23
N SER C 95 -2.61 1.20 74.88
CA SER C 95 -1.69 0.33 74.19
C SER C 95 -1.08 -0.63 75.18
N VAL C 96 -0.78 -1.81 74.70
CA VAL C 96 0.02 -2.74 75.47
C VAL C 96 1.20 -3.10 74.58
N VAL C 97 2.40 -2.97 75.13
CA VAL C 97 3.63 -3.07 74.36
C VAL C 97 4.24 -4.44 74.60
N LEU C 98 4.69 -5.08 73.53
CA LEU C 98 5.22 -6.43 73.62
C LEU C 98 6.56 -6.50 72.91
N GLU C 99 7.60 -6.90 73.61
CA GLU C 99 8.92 -7.00 72.98
C GLU C 99 9.38 -8.44 72.89
N LEU C 100 9.86 -8.81 71.72
CA LEU C 100 10.43 -10.12 71.52
C LEU C 100 11.80 -9.96 70.91
N SER C 101 12.72 -10.83 71.28
CA SER C 101 14.07 -10.77 70.73
C SER C 101 14.80 -12.07 71.01
N ALA C 102 14.80 -12.97 70.05
CA ALA C 102 15.58 -14.18 70.19
C ALA C 102 16.78 -14.13 69.26
N ARG C 103 17.72 -15.04 69.49
CA ARG C 103 18.96 -14.98 68.75
C ARG C 103 19.57 -16.37 68.76
N HIS C 104 19.53 -17.06 67.64
CA HIS C 104 20.07 -18.42 67.61
C HIS C 104 21.58 -18.31 67.72
N GLU C 105 22.02 -18.02 68.93
CA GLU C 105 23.42 -17.89 69.23
C GLU C 105 24.04 -19.27 69.37
N GLY C 106 25.25 -19.41 68.87
CA GLY C 106 25.82 -20.73 68.72
C GLY C 106 25.69 -21.12 67.28
N GLU C 107 26.79 -21.54 66.66
CA GLU C 107 26.87 -21.65 65.22
C GLU C 107 26.46 -23.02 64.71
N GLU C 108 25.41 -23.61 65.27
CA GLU C 108 24.84 -24.82 64.70
C GLU C 108 23.41 -25.02 65.23
N GLY C 109 22.48 -25.25 64.31
CA GLY C 109 21.12 -25.61 64.66
C GLY C 109 20.13 -24.55 64.24
N THR C 110 18.85 -24.85 64.50
CA THR C 110 17.73 -24.01 64.09
C THR C 110 16.99 -23.59 65.34
N THR C 111 16.40 -22.39 65.30
CA THR C 111 15.59 -21.90 66.41
C THR C 111 14.22 -21.49 65.89
N ASP C 112 13.18 -22.10 66.44
CA ASP C 112 11.79 -21.78 66.08
C ASP C 112 11.33 -20.63 66.95
N VAL C 113 11.32 -19.42 66.40
CA VAL C 113 10.88 -18.33 67.25
C VAL C 113 9.37 -18.37 67.34
N TYR C 114 8.83 -19.03 68.35
CA TYR C 114 7.40 -19.19 68.44
C TYR C 114 6.72 -17.91 68.87
N SER C 115 5.46 -18.03 69.25
CA SER C 115 4.76 -16.90 69.82
C SER C 115 4.85 -16.91 71.32
N SER C 116 4.95 -18.09 71.93
CA SER C 116 5.07 -18.16 73.38
C SER C 116 6.22 -17.30 73.88
N SER C 117 7.24 -17.09 73.05
CA SER C 117 8.37 -16.27 73.44
C SER C 117 8.02 -14.80 73.57
N LEU C 118 6.89 -14.36 73.06
CA LEU C 118 6.49 -12.98 73.29
C LEU C 118 6.26 -12.72 74.75
N ILE C 119 7.02 -11.78 75.29
CA ILE C 119 6.92 -11.40 76.69
C ILE C 119 6.26 -10.04 76.73
N LYS C 120 5.13 -9.95 77.42
CA LYS C 120 4.59 -8.64 77.70
C LYS C 120 5.60 -7.84 78.49
N VAL C 121 5.96 -6.66 78.00
CA VAL C 121 6.77 -5.75 78.78
C VAL C 121 5.92 -4.96 79.75
N SER C 122 4.95 -4.23 79.24
CA SER C 122 4.13 -3.37 80.08
C SER C 122 2.73 -3.39 79.52
N GLY C 123 1.84 -2.61 80.14
CA GLY C 123 0.45 -2.56 79.76
C GLY C 123 -0.42 -2.11 80.91
N PRO C 124 -1.51 -1.39 80.62
CA PRO C 124 -2.35 -0.89 81.73
C PRO C 124 -3.01 -2.07 82.45
N GLY C 125 -2.25 -2.65 83.38
CA GLY C 125 -2.70 -3.80 84.10
C GLY C 125 -3.57 -3.47 85.30
N ASN C 126 -3.93 -4.52 86.02
CA ASN C 126 -3.54 -5.87 85.63
C ASN C 126 -4.65 -6.55 84.86
N LEU C 127 -5.37 -5.74 84.10
CA LEU C 127 -6.35 -6.25 83.15
C LEU C 127 -5.69 -7.33 82.33
N ASN C 128 -6.21 -8.56 82.42
CA ASN C 128 -5.52 -9.70 81.83
C ASN C 128 -5.57 -9.59 80.31
N VAL C 129 -4.77 -8.68 79.78
CA VAL C 129 -4.78 -8.37 78.37
C VAL C 129 -3.43 -8.69 77.77
N GLY C 130 -3.35 -8.49 76.47
CA GLY C 130 -2.08 -8.40 75.78
C GLY C 130 -1.30 -9.67 75.64
N GLU C 131 -1.48 -10.64 76.51
CA GLU C 131 -0.69 -11.84 76.40
C GLU C 131 -1.00 -12.52 75.08
N PRO C 132 -0.11 -13.33 74.55
CA PRO C 132 -0.50 -14.22 73.48
C PRO C 132 -1.42 -15.28 74.05
N VAL C 133 -2.16 -15.94 73.17
CA VAL C 133 -3.14 -16.91 73.62
C VAL C 133 -2.57 -18.31 73.50
N ARG C 134 -2.93 -19.17 74.46
CA ARG C 134 -2.36 -20.50 74.56
C ARG C 134 -3.48 -21.52 74.51
N ARG C 135 -3.31 -22.56 73.68
CA ARG C 135 -4.25 -23.68 73.71
C ARG C 135 -4.13 -24.30 75.08
N ASP C 136 -2.99 -24.90 75.32
CA ASP C 136 -2.66 -25.55 76.55
C ASP C 136 -1.66 -24.65 77.24
N ASP C 137 -1.10 -25.09 78.37
CA ASP C 137 -0.04 -24.28 78.95
C ASP C 137 1.34 -24.75 78.53
N TYR C 138 1.44 -25.92 77.90
CA TYR C 138 2.61 -26.37 77.17
C TYR C 138 2.46 -26.13 75.69
N ASP C 139 1.84 -25.01 75.33
CA ASP C 139 1.42 -24.76 73.96
C ASP C 139 2.36 -23.70 73.38
N GLN C 140 3.31 -24.16 72.57
CA GLN C 140 4.31 -23.27 72.00
C GLN C 140 3.64 -22.16 71.20
N GLY C 141 2.85 -22.54 70.20
CA GLY C 141 2.01 -21.58 69.53
C GLY C 141 2.38 -21.28 68.09
N ILE C 142 2.16 -20.03 67.68
CA ILE C 142 2.39 -19.63 66.30
C ILE C 142 3.87 -19.81 65.97
N LEU C 143 4.18 -19.96 64.67
CA LEU C 143 5.54 -20.25 64.20
C LEU C 143 6.10 -19.06 63.44
N LEU C 144 6.49 -18.02 64.17
CA LEU C 144 6.78 -16.71 63.59
C LEU C 144 7.98 -16.68 62.67
N CYS C 145 8.92 -17.60 62.83
CA CYS C 145 10.16 -17.50 62.08
C CYS C 145 11.06 -18.66 62.41
N LYS C 146 11.98 -18.95 61.51
CA LYS C 146 13.07 -19.86 61.80
C LYS C 146 14.38 -19.09 61.70
N LEU C 147 15.31 -19.37 62.60
CA LEU C 147 16.61 -18.76 62.56
C LEU C 147 17.71 -19.81 62.52
N ARG C 148 18.83 -19.41 61.95
CA ARG C 148 20.10 -20.12 61.99
C ARG C 148 21.18 -19.21 62.55
N ASN C 149 22.41 -19.69 62.46
CA ASN C 149 23.61 -19.04 62.99
C ASN C 149 23.59 -17.53 62.84
N HIS C 150 23.81 -16.83 63.95
CA HIS C 150 23.97 -15.37 64.03
C HIS C 150 22.75 -14.60 63.58
N GLN C 151 21.66 -15.28 63.25
CA GLN C 151 20.51 -14.58 62.72
C GLN C 151 19.71 -14.01 63.88
N GLU C 152 20.15 -12.87 64.38
CA GLU C 152 19.45 -12.22 65.48
C GLU C 152 18.15 -11.62 64.99
N LEU C 153 17.14 -11.60 65.86
CA LEU C 153 15.88 -10.92 65.62
C LEU C 153 15.46 -10.20 66.89
N ASN C 154 15.03 -8.95 66.77
CA ASN C 154 14.69 -8.11 67.93
C ASN C 154 13.68 -7.07 67.49
N ILE C 155 12.51 -7.10 68.11
CA ILE C 155 11.32 -6.40 67.63
C ILE C 155 10.50 -5.94 68.81
N ARG C 156 9.84 -4.81 68.60
CA ARG C 156 8.98 -4.21 69.62
C ARG C 156 7.62 -4.03 68.98
N CYS C 157 6.55 -4.14 69.75
CA CYS C 157 5.21 -4.08 69.21
C CYS C 157 4.29 -3.23 70.05
N ILE C 158 3.54 -2.38 69.39
CA ILE C 158 2.35 -1.78 69.95
C ILE C 158 1.19 -2.72 69.72
N ALA C 159 0.20 -2.66 70.59
CA ALA C 159 -1.05 -3.39 70.39
C ALA C 159 -2.20 -2.47 70.74
N LYS C 160 -3.16 -2.36 69.84
CA LYS C 160 -4.26 -1.42 70.01
C LYS C 160 -5.59 -2.14 69.87
N LYS C 161 -6.66 -1.39 70.05
CA LYS C 161 -8.00 -1.94 70.13
C LYS C 161 -8.82 -1.49 68.94
N GLY C 162 -9.19 -2.45 68.09
CA GLY C 162 -9.86 -2.14 66.86
C GLY C 162 -10.98 -3.11 66.57
N ILE C 163 -11.77 -2.80 65.54
CA ILE C 163 -12.94 -3.58 65.20
C ILE C 163 -12.56 -4.40 63.99
N ALA C 164 -13.52 -5.09 63.36
CA ALA C 164 -13.14 -5.82 62.17
C ALA C 164 -13.23 -5.01 60.89
N LYS C 165 -14.09 -4.00 60.82
CA LYS C 165 -14.10 -3.14 59.64
C LYS C 165 -12.72 -2.57 59.37
N GLU C 166 -11.90 -2.44 60.39
CA GLU C 166 -10.54 -1.98 60.18
C GLU C 166 -9.76 -3.00 59.39
N HIS C 167 -9.89 -4.27 59.76
CA HIS C 167 -9.01 -5.22 59.13
C HIS C 167 -9.48 -6.59 59.55
N ALA C 168 -8.81 -7.62 59.04
CA ALA C 168 -9.14 -8.98 59.40
C ALA C 168 -8.37 -9.46 60.61
N LYS C 169 -7.87 -8.56 61.43
CA LYS C 169 -7.14 -9.04 62.57
C LYS C 169 -7.88 -8.79 63.87
N TRP C 170 -8.72 -7.79 63.94
CA TRP C 170 -9.62 -7.73 65.08
C TRP C 170 -10.85 -8.57 64.81
N SER C 171 -10.68 -9.67 64.08
CA SER C 171 -11.75 -10.63 63.84
C SER C 171 -11.89 -11.58 65.01
N PRO C 172 -12.71 -11.26 66.00
CA PRO C 172 -12.68 -12.08 67.21
C PRO C 172 -13.05 -13.51 66.95
N CYS C 173 -14.08 -13.74 66.14
CA CYS C 173 -14.63 -15.06 65.97
C CYS C 173 -14.30 -15.53 64.57
N SER C 174 -14.17 -16.82 64.39
CA SER C 174 -13.63 -17.25 63.12
C SER C 174 -14.74 -17.53 62.12
N ALA C 175 -15.54 -18.55 62.34
CA ALA C 175 -16.32 -19.08 61.23
C ALA C 175 -17.70 -19.46 61.71
N ILE C 176 -18.65 -18.57 61.57
CA ILE C 176 -20.00 -18.74 62.07
C ILE C 176 -20.75 -19.67 61.14
N ALA C 177 -21.23 -20.79 61.67
CA ALA C 177 -22.14 -21.64 60.95
C ALA C 177 -23.54 -21.09 61.00
N PHE C 178 -24.48 -21.75 60.32
CA PHE C 178 -25.84 -21.24 60.29
C PHE C 178 -26.71 -22.22 59.52
N GLU C 179 -27.95 -22.48 59.96
CA GLU C 179 -28.98 -22.99 59.06
C GLU C 179 -30.30 -23.16 59.80
N TYR C 180 -31.40 -22.98 59.07
CA TYR C 180 -32.73 -23.04 59.65
C TYR C 180 -33.69 -23.65 58.65
N ASP C 181 -34.68 -24.38 59.17
CA ASP C 181 -35.61 -25.10 58.31
C ASP C 181 -34.84 -26.05 57.41
N PRO C 182 -34.18 -27.05 57.98
CA PRO C 182 -33.45 -28.00 57.15
C PRO C 182 -34.32 -28.81 56.23
N HIS C 183 -35.62 -28.88 56.46
CA HIS C 183 -36.49 -29.59 55.53
C HIS C 183 -37.30 -28.68 54.63
N ASN C 184 -36.75 -27.53 54.25
CA ASN C 184 -37.33 -26.80 53.13
C ASN C 184 -38.77 -26.41 53.41
N LYS C 185 -39.23 -26.64 54.62
CA LYS C 185 -40.67 -26.60 54.83
C LYS C 185 -41.24 -25.23 54.64
N LEU C 186 -40.44 -24.31 54.14
CA LEU C 186 -40.92 -23.03 53.69
C LEU C 186 -40.84 -22.90 52.18
N LYS C 187 -40.24 -23.87 51.50
CA LYS C 187 -40.00 -23.75 50.08
C LYS C 187 -39.25 -22.46 49.78
N HIS C 188 -38.32 -22.10 50.66
CA HIS C 188 -37.44 -21.00 50.34
C HIS C 188 -36.38 -21.40 49.34
N THR C 189 -36.09 -22.68 49.24
CA THR C 189 -35.10 -23.10 48.26
C THR C 189 -35.79 -23.74 47.10
N ASP C 190 -35.00 -24.34 46.22
CA ASP C 190 -35.58 -25.00 45.05
C ASP C 190 -34.57 -26.03 44.56
N PHE C 191 -34.57 -27.20 45.16
CA PHE C 191 -33.45 -28.11 44.96
C PHE C 191 -33.30 -28.47 43.50
N TRP C 192 -32.08 -28.32 43.00
CA TRP C 192 -31.70 -28.90 41.73
C TRP C 192 -31.78 -30.40 41.87
N PHE C 193 -32.06 -31.08 40.77
CA PHE C 193 -32.21 -32.52 40.85
C PHE C 193 -32.26 -33.05 39.45
N GLU C 194 -31.86 -34.29 39.28
CA GLU C 194 -32.03 -34.93 37.98
C GLU C 194 -33.12 -35.98 38.06
N VAL C 195 -32.97 -36.91 38.98
CA VAL C 195 -33.83 -38.08 39.07
C VAL C 195 -34.89 -37.89 40.14
N ASP C 196 -34.50 -37.36 41.29
CA ASP C 196 -35.44 -37.08 42.36
C ASP C 196 -34.81 -36.11 43.33
N ALA C 197 -35.61 -35.26 43.95
CA ALA C 197 -35.04 -34.37 44.95
C ALA C 197 -34.59 -35.13 46.17
N LYS C 198 -35.50 -35.80 46.86
CA LYS C 198 -35.19 -36.32 48.18
C LYS C 198 -34.00 -37.26 48.20
N LYS C 199 -33.59 -37.79 47.08
CA LYS C 199 -32.41 -38.63 47.15
C LYS C 199 -31.17 -37.81 47.44
N GLU C 200 -30.76 -36.94 46.53
CA GLU C 200 -29.37 -36.53 46.48
C GLU C 200 -28.97 -35.54 47.56
N TRP C 201 -29.74 -34.50 47.81
CA TRP C 201 -29.35 -33.53 48.82
C TRP C 201 -29.27 -34.20 50.18
N PRO C 202 -28.10 -34.52 50.67
CA PRO C 202 -28.01 -35.26 51.93
C PRO C 202 -28.61 -34.42 53.04
N ASP C 203 -29.23 -35.10 53.99
CA ASP C 203 -29.96 -34.37 54.98
C ASP C 203 -29.01 -33.70 55.95
N SER C 204 -29.37 -32.48 56.35
CA SER C 204 -28.50 -31.68 57.17
C SER C 204 -28.30 -32.32 58.53
N LYS C 205 -27.18 -31.97 59.15
CA LYS C 205 -26.89 -32.39 60.51
C LYS C 205 -27.98 -32.03 61.49
N TYR C 206 -29.03 -31.36 61.02
CA TYR C 206 -30.20 -31.04 61.83
C TYR C 206 -31.43 -31.79 61.38
N ALA C 207 -31.29 -33.06 61.05
CA ALA C 207 -32.47 -33.83 60.72
C ALA C 207 -33.41 -33.95 61.91
N THR C 208 -32.94 -34.55 62.99
CA THR C 208 -33.85 -34.97 64.03
C THR C 208 -34.48 -33.81 64.79
N TRP C 209 -33.96 -32.60 64.68
CA TRP C 209 -34.49 -31.55 65.52
C TRP C 209 -35.86 -31.07 65.09
N GLU C 210 -36.28 -31.38 63.87
CA GLU C 210 -37.65 -31.09 63.44
C GLU C 210 -38.15 -32.29 62.64
N GLU C 211 -39.46 -32.52 62.67
CA GLU C 211 -40.04 -33.77 62.21
C GLU C 211 -40.38 -33.70 60.73
N PRO C 212 -40.21 -34.81 60.03
CA PRO C 212 -40.26 -34.78 58.56
C PRO C 212 -41.62 -34.32 58.07
N PRO C 213 -41.75 -33.96 56.80
CA PRO C 213 -43.01 -33.40 56.32
C PRO C 213 -44.04 -34.47 56.07
N LYS C 214 -45.30 -34.11 56.30
CA LYS C 214 -46.15 -35.24 55.96
C LYS C 214 -46.50 -35.24 54.49
N PRO C 215 -46.73 -36.42 53.90
CA PRO C 215 -47.00 -36.49 52.46
C PRO C 215 -48.22 -35.67 52.02
N GLY C 216 -49.36 -35.83 52.67
CA GLY C 216 -50.53 -35.05 52.28
C GLY C 216 -50.51 -33.61 52.73
N GLU C 217 -49.47 -33.20 53.44
CA GLU C 217 -49.42 -31.83 53.94
C GLU C 217 -49.42 -30.84 52.77
N VAL C 218 -50.26 -29.83 52.88
CA VAL C 218 -50.30 -28.75 51.91
C VAL C 218 -49.19 -27.75 52.26
N PHE C 219 -48.94 -26.80 51.38
CA PHE C 219 -48.02 -25.72 51.69
C PHE C 219 -48.64 -24.80 52.73
N ASP C 220 -47.94 -24.61 53.85
CA ASP C 220 -48.37 -23.56 54.75
C ASP C 220 -47.97 -22.22 54.16
N TYR C 221 -48.93 -21.50 53.61
CA TYR C 221 -48.62 -20.21 53.02
C TYR C 221 -48.43 -19.12 54.07
N LYS C 222 -48.51 -19.45 55.35
CA LYS C 222 -48.38 -18.42 56.37
C LYS C 222 -47.19 -18.63 57.29
N ALA C 223 -46.53 -19.78 57.21
CA ALA C 223 -45.43 -20.10 58.11
C ALA C 223 -44.26 -19.12 57.90
N LYS C 224 -43.26 -19.25 58.75
CA LYS C 224 -42.06 -18.42 58.70
C LYS C 224 -40.85 -19.22 59.13
N PRO C 225 -39.65 -18.73 58.83
CA PRO C 225 -38.47 -19.30 59.47
C PRO C 225 -38.50 -18.92 60.93
N ASN C 226 -38.55 -19.91 61.79
CA ASN C 226 -38.81 -19.59 63.18
C ASN C 226 -37.79 -20.17 64.13
N ARG C 227 -37.03 -21.15 63.71
CA ARG C 227 -35.94 -21.68 64.51
C ARG C 227 -34.66 -21.46 63.75
N PHE C 228 -33.53 -21.66 64.40
CA PHE C 228 -32.23 -21.53 63.76
C PHE C 228 -31.28 -22.53 64.39
N TYR C 229 -30.09 -22.63 63.83
CA TYR C 229 -29.01 -23.27 64.56
C TYR C 229 -27.75 -22.60 64.10
N MET C 230 -27.01 -21.99 65.03
CA MET C 230 -25.76 -21.37 64.65
C MET C 230 -24.67 -21.92 65.56
N THR C 231 -23.44 -21.45 65.36
CA THR C 231 -22.30 -22.16 65.92
C THR C 231 -21.07 -21.26 65.93
N VAL C 232 -20.89 -20.50 67.00
CA VAL C 232 -19.88 -19.45 67.02
C VAL C 232 -18.58 -20.14 67.43
N GLU C 233 -17.60 -20.16 66.55
CA GLU C 233 -16.25 -20.51 66.97
C GLU C 233 -15.41 -19.27 67.23
N THR C 234 -14.37 -19.45 68.02
CA THR C 234 -13.34 -18.46 68.23
C THR C 234 -11.98 -19.13 68.31
N THR C 235 -10.98 -18.43 67.80
CA THR C 235 -9.60 -18.89 67.87
C THR C 235 -9.08 -18.97 69.29
N GLY C 236 -9.79 -18.38 70.25
CA GLY C 236 -9.35 -18.34 71.62
C GLY C 236 -9.19 -16.94 72.16
N SER C 237 -9.09 -15.94 71.29
CA SER C 237 -8.87 -14.58 71.75
C SER C 237 -9.91 -14.13 72.76
N LEU C 238 -11.12 -14.67 72.70
CA LEU C 238 -12.14 -14.35 73.68
C LEU C 238 -12.82 -15.63 74.13
N LYS C 239 -13.70 -15.52 75.09
CA LYS C 239 -14.49 -16.66 75.54
C LYS C 239 -15.88 -16.61 74.91
N ALA C 240 -16.21 -17.70 74.20
CA ALA C 240 -17.35 -17.70 73.29
C ALA C 240 -18.57 -17.05 73.90
N ASN C 241 -18.82 -17.32 75.17
CA ASN C 241 -19.94 -16.65 75.83
C ASN C 241 -19.72 -15.15 75.84
N GLN C 242 -18.49 -14.69 76.04
CA GLN C 242 -18.27 -13.26 75.89
C GLN C 242 -18.53 -12.81 74.47
N VAL C 243 -18.21 -13.66 73.50
CA VAL C 243 -18.56 -13.33 72.13
C VAL C 243 -20.01 -12.90 72.08
N PHE C 244 -20.89 -13.82 72.44
CA PHE C 244 -22.30 -13.58 72.24
C PHE C 244 -22.76 -12.41 73.10
N SER C 245 -22.33 -12.40 74.36
CA SER C 245 -22.77 -11.35 75.26
C SER C 245 -22.36 -9.99 74.74
N ARG C 246 -21.21 -9.93 74.10
CA ARG C 246 -20.70 -8.66 73.60
C ARG C 246 -21.31 -8.28 72.28
N GLY C 247 -21.60 -9.25 71.42
CA GLY C 247 -22.38 -8.92 70.25
C GLY C 247 -23.65 -8.23 70.67
N ILE C 248 -24.31 -8.80 71.67
CA ILE C 248 -25.55 -8.21 72.15
C ILE C 248 -25.30 -6.82 72.71
N LYS C 249 -24.26 -6.67 73.52
CA LYS C 249 -24.01 -5.36 74.09
C LYS C 249 -23.78 -4.34 73.00
N THR C 250 -22.95 -4.69 72.02
CA THR C 250 -22.62 -3.75 70.98
C THR C 250 -23.86 -3.33 70.24
N LEU C 251 -24.73 -4.28 69.96
CA LEU C 251 -25.86 -3.96 69.12
C LEU C 251 -26.84 -3.09 69.90
N GLN C 252 -27.01 -3.39 71.18
CA GLN C 252 -27.70 -2.47 72.05
C GLN C 252 -27.10 -1.09 71.95
N GLU C 253 -25.77 -0.99 72.00
CA GLU C 253 -25.18 0.33 72.07
C GLU C 253 -25.35 1.07 70.76
N LYS C 254 -25.34 0.35 69.65
CA LYS C 254 -25.55 0.99 68.36
C LYS C 254 -26.95 1.54 68.24
N LEU C 255 -27.95 0.71 68.54
CA LEU C 255 -29.32 1.21 68.50
C LEU C 255 -29.54 2.31 69.51
N ALA C 256 -28.86 2.25 70.64
CA ALA C 256 -28.99 3.34 71.58
C ALA C 256 -28.45 4.61 70.98
N ASN C 257 -27.32 4.53 70.30
CA ASN C 257 -26.78 5.68 69.60
C ASN C 257 -27.79 6.23 68.62
N VAL C 258 -28.47 5.36 67.90
CA VAL C 258 -29.43 5.83 66.90
C VAL C 258 -30.61 6.51 67.56
N LEU C 259 -31.17 5.89 68.58
CA LEU C 259 -32.28 6.50 69.30
C LEU C 259 -31.87 7.87 69.80
N PHE C 260 -30.64 7.96 70.31
CA PHE C 260 -30.15 9.24 70.77
C PHE C 260 -30.03 10.23 69.64
N GLU C 261 -29.65 9.79 68.45
CA GLU C 261 -29.52 10.73 67.35
C GLU C 261 -30.87 11.28 66.94
N LEU C 262 -31.87 10.40 66.84
CA LEU C 262 -33.22 10.87 66.58
C LEU C 262 -33.62 11.90 67.61
N GLU C 263 -33.48 11.56 68.89
CA GLU C 263 -33.79 12.53 69.93
C GLU C 263 -32.94 13.78 69.81
N ASN C 264 -31.75 13.67 69.22
CA ASN C 264 -30.86 14.81 69.10
C ASN C 264 -31.40 15.81 68.12
N SER C 265 -31.79 15.36 66.93
CA SER C 265 -32.55 16.23 66.04
C SER C 265 -33.74 16.81 66.79
N ARG C 266 -34.35 16.01 67.66
CA ARG C 266 -35.45 16.44 68.50
C ARG C 266 -34.93 17.35 69.60
N VAL D 3 -0.60 46.73 8.02
CA VAL D 3 -1.71 46.37 8.89
C VAL D 3 -3.02 46.68 8.20
N SER D 4 -3.26 47.96 7.93
CA SER D 4 -4.47 48.40 7.25
C SER D 4 -4.29 48.29 5.74
N THR D 5 -5.38 48.04 5.03
CA THR D 5 -5.31 47.65 3.63
C THR D 5 -6.25 48.51 2.78
N SER D 6 -6.40 48.09 1.52
CA SER D 6 -7.33 48.69 0.58
C SER D 6 -8.09 47.59 -0.16
N THR D 7 -8.89 47.97 -1.16
CA THR D 7 -9.69 47.00 -1.87
C THR D 7 -8.83 46.07 -2.74
N VAL D 8 -7.74 46.60 -3.28
CA VAL D 8 -6.85 45.78 -4.11
C VAL D 8 -5.55 45.53 -3.35
N GLY D 9 -4.98 44.34 -3.52
CA GLY D 9 -3.73 43.98 -2.88
C GLY D 9 -2.79 43.18 -3.77
N GLU D 22 7.83 53.27 -9.15
CA GLU D 22 8.26 54.47 -8.43
C GLU D 22 7.45 55.71 -8.82
N GLU D 23 7.24 56.60 -7.85
CA GLU D 23 6.59 57.87 -8.11
C GLU D 23 7.55 58.84 -8.78
N ASN D 24 7.01 59.65 -9.69
CA ASN D 24 7.72 60.80 -10.25
C ASN D 24 6.68 61.85 -10.59
N ALA D 25 6.75 63.00 -9.92
CA ALA D 25 5.88 64.11 -10.27
C ALA D 25 6.11 64.58 -11.70
N THR D 26 7.28 64.25 -12.26
CA THR D 26 7.57 64.64 -13.64
C THR D 26 7.21 63.54 -14.62
N LEU D 27 7.33 62.26 -14.21
CA LEU D 27 7.05 61.16 -15.11
C LEU D 27 5.86 60.29 -14.69
N LEU D 28 4.79 60.89 -14.20
CA LEU D 28 3.42 60.38 -14.39
C LEU D 28 3.23 58.96 -13.87
N ARG D 29 3.58 58.73 -12.60
CA ARG D 29 3.36 57.45 -11.93
C ARG D 29 3.05 57.78 -10.47
N LEU D 30 2.25 56.95 -9.80
CA LEU D 30 1.99 57.15 -8.38
C LEU D 30 1.97 55.88 -7.54
N GLY D 31 1.88 54.69 -8.14
CA GLY D 31 1.92 53.48 -7.35
C GLY D 31 0.62 52.70 -7.31
N PRO D 32 0.47 51.86 -6.29
CA PRO D 32 -0.56 50.79 -6.35
C PRO D 32 -1.97 51.30 -6.19
N GLU D 33 -2.23 52.21 -5.25
CA GLU D 33 -3.58 52.70 -5.06
C GLU D 33 -3.99 53.68 -6.14
N PHE D 34 -3.00 54.27 -6.83
CA PHE D 34 -3.25 55.47 -7.61
C PHE D 34 -3.06 55.22 -9.10
N ALA D 35 -3.49 54.04 -9.56
CA ALA D 35 -3.86 53.87 -10.95
C ALA D 35 -5.23 54.52 -11.16
N LEU D 36 -5.72 54.48 -12.40
CA LEU D 36 -6.87 55.30 -12.73
C LEU D 36 -8.10 54.90 -11.93
N LYS D 37 -8.64 53.71 -12.17
CA LYS D 37 -9.97 53.34 -11.72
C LYS D 37 -9.85 52.40 -10.53
N GLN D 38 -10.54 52.74 -9.44
CA GLN D 38 -10.68 51.85 -8.29
C GLN D 38 -11.98 51.08 -8.40
N TYR D 39 -12.17 50.14 -7.50
CA TYR D 39 -13.43 49.40 -7.38
C TYR D 39 -13.99 49.64 -6.00
N ASP D 40 -15.23 50.10 -5.93
CA ASP D 40 -15.78 50.49 -4.65
C ASP D 40 -16.29 49.26 -3.90
N HIS D 41 -16.87 49.50 -2.72
CA HIS D 41 -17.25 48.47 -1.77
C HIS D 41 -18.46 47.68 -2.20
N ASP D 42 -18.81 47.72 -3.49
CA ASP D 42 -20.03 47.09 -3.98
C ASP D 42 -19.81 46.25 -5.22
N GLY D 43 -18.76 46.53 -5.99
CA GLY D 43 -18.61 45.99 -7.33
C GLY D 43 -18.71 47.02 -8.43
N ASN D 44 -18.99 48.28 -8.09
CA ASN D 44 -18.98 49.36 -9.08
C ASN D 44 -17.57 49.90 -9.27
N GLU D 45 -17.29 50.33 -10.49
CA GLU D 45 -16.03 50.99 -10.78
C GLU D 45 -16.10 52.45 -10.33
N HIS D 46 -14.93 53.03 -10.02
CA HIS D 46 -14.89 54.39 -9.52
C HIS D 46 -13.66 55.12 -10.04
N ASP D 47 -13.79 56.44 -10.20
CA ASP D 47 -12.63 57.30 -10.37
C ASP D 47 -11.95 57.53 -9.03
N LEU D 48 -10.65 57.76 -9.08
CA LEU D 48 -9.91 58.18 -7.89
C LEU D 48 -10.47 59.49 -7.38
N ILE D 49 -10.30 59.74 -6.09
CA ILE D 49 -10.62 61.03 -5.50
C ILE D 49 -9.33 61.83 -5.56
N ALA D 50 -9.34 62.88 -6.37
CA ALA D 50 -8.30 63.92 -6.32
C ALA D 50 -8.91 65.22 -5.85
N LEU D 51 -8.37 65.76 -4.76
CA LEU D 51 -9.01 66.84 -4.02
C LEU D 51 -8.10 68.05 -3.92
N SER D 52 -8.66 69.23 -4.20
CA SER D 52 -7.94 70.48 -4.11
C SER D 52 -8.12 71.11 -2.72
N LEU D 53 -7.47 72.26 -2.53
CA LEU D 53 -7.51 72.93 -1.24
C LEU D 53 -8.91 73.43 -0.89
N SER D 54 -9.60 74.06 -1.85
CA SER D 54 -10.93 74.60 -1.57
C SER D 54 -11.95 73.49 -1.34
N GLU D 55 -12.00 72.50 -2.25
CA GLU D 55 -12.97 71.42 -2.14
C GLU D 55 -12.79 70.66 -0.82
N SER D 56 -11.56 70.19 -0.58
CA SER D 56 -11.27 69.48 0.65
C SER D 56 -11.54 70.34 1.86
N ARG D 57 -11.16 71.62 1.80
CA ARG D 57 -11.32 72.49 2.95
C ARG D 57 -12.79 72.66 3.30
N LEU D 58 -13.64 72.86 2.29
CA LEU D 58 -15.07 72.92 2.53
C LEU D 58 -15.56 71.64 3.18
N LEU D 59 -15.12 70.49 2.67
CA LEU D 59 -15.59 69.21 3.19
C LEU D 59 -15.18 69.02 4.65
N ILE D 60 -13.91 69.32 4.96
CA ILE D 60 -13.42 69.19 6.33
C ILE D 60 -14.18 70.11 7.27
N ARG D 61 -14.35 71.37 6.86
CA ARG D 61 -15.03 72.33 7.72
C ARG D 61 -16.46 71.91 8.00
N GLU D 62 -17.25 71.61 6.95
CA GLU D 62 -18.65 71.25 7.16
C GLU D 62 -18.77 69.94 7.93
N ALA D 63 -17.89 68.98 7.64
CA ALA D 63 -17.93 67.73 8.40
C ALA D 63 -17.65 67.98 9.87
N LEU D 64 -16.60 68.73 10.19
CA LEU D 64 -16.28 69.01 11.59
C LEU D 64 -17.43 69.69 12.30
N LYS D 65 -18.03 70.70 11.66
CA LYS D 65 -19.07 71.45 12.34
C LYS D 65 -20.36 70.65 12.50
N ALA D 66 -20.76 69.88 11.50
CA ALA D 66 -21.93 69.01 11.67
C ALA D 66 -21.66 67.96 12.74
N ARG D 67 -20.45 67.41 12.77
CA ARG D 67 -20.15 66.36 13.73
C ARG D 67 -20.14 66.92 15.16
N SER D 68 -19.59 68.13 15.35
CA SER D 68 -19.64 68.74 16.68
C SER D 68 -21.08 69.08 17.07
N ARG D 69 -21.87 69.59 16.13
CA ARG D 69 -23.26 69.90 16.44
C ARG D 69 -24.01 68.64 16.83
N ALA D 70 -23.60 67.50 16.27
CA ALA D 70 -24.11 66.22 16.73
C ALA D 70 -23.57 65.87 18.11
N ARG D 71 -22.31 66.23 18.38
CA ARG D 71 -21.73 66.04 19.70
C ARG D 71 -22.54 66.73 20.79
N ASN D 72 -23.07 67.93 20.50
CA ASN D 72 -23.88 68.69 21.44
C ASN D 72 -25.36 68.68 21.11
N GLY D 73 -25.77 68.11 19.97
CA GLY D 73 -27.17 67.74 19.82
C GLY D 73 -28.13 68.84 19.45
N GLY D 74 -27.90 69.54 18.35
CA GLY D 74 -28.87 70.53 17.87
C GLY D 74 -28.54 71.94 18.30
N VAL D 75 -27.24 72.28 18.31
CA VAL D 75 -26.78 73.59 18.74
C VAL D 75 -25.69 74.06 17.77
N ILE D 84 -16.84 77.85 14.10
CA ILE D 84 -16.70 79.22 13.59
C ILE D 84 -15.22 79.52 13.27
N ASP D 85 -14.29 79.16 14.15
CA ASP D 85 -12.86 79.34 13.91
C ASP D 85 -12.26 78.01 13.48
N ASP D 86 -10.94 77.96 13.36
CA ASP D 86 -10.23 76.69 13.49
C ASP D 86 -10.17 76.24 14.94
N ASP D 87 -10.21 77.20 15.87
CA ASP D 87 -10.05 76.87 17.29
C ASP D 87 -11.18 75.98 17.80
N GLU D 88 -12.43 76.41 17.69
CA GLU D 88 -13.51 75.53 18.12
C GLU D 88 -13.59 74.28 17.27
N LEU D 89 -13.24 74.41 15.99
CA LEU D 89 -13.64 73.40 15.01
C LEU D 89 -12.68 72.23 14.97
N ALA D 90 -11.43 72.42 15.39
CA ALA D 90 -10.50 71.31 15.53
C ALA D 90 -10.84 70.41 16.72
N LYS D 91 -11.77 70.85 17.58
CA LYS D 91 -12.20 70.04 18.71
C LYS D 91 -12.86 68.75 18.27
N VAL D 92 -13.30 68.68 17.01
CA VAL D 92 -14.24 67.65 16.61
C VAL D 92 -13.52 66.33 16.36
N THR D 93 -12.23 66.38 16.04
CA THR D 93 -11.49 65.14 15.86
C THR D 93 -11.26 64.46 17.20
N SER D 94 -10.63 63.29 17.14
CA SER D 94 -10.39 62.45 18.31
C SER D 94 -8.89 62.22 18.43
N GLY D 95 -8.28 62.80 19.46
CA GLY D 95 -6.90 62.47 19.76
C GLY D 95 -6.00 63.64 20.07
N ALA D 96 -5.17 63.49 21.10
CA ALA D 96 -4.13 64.50 21.36
C ALA D 96 -3.14 64.55 20.20
N VAL D 97 -2.69 63.38 19.72
CA VAL D 97 -1.96 63.33 18.46
C VAL D 97 -2.80 63.94 17.36
N ALA D 98 -4.11 63.71 17.40
CA ALA D 98 -5.00 64.34 16.43
C ALA D 98 -5.15 65.83 16.70
N ASN D 99 -5.11 66.26 17.96
CA ASN D 99 -5.02 67.70 18.23
C ASN D 99 -3.84 68.30 17.51
N GLY D 100 -2.65 67.71 17.67
CA GLY D 100 -1.48 68.21 16.98
C GLY D 100 -1.60 68.18 15.46
N VAL D 101 -2.03 67.04 14.92
CA VAL D 101 -2.12 66.88 13.48
C VAL D 101 -3.11 67.87 12.89
N VAL D 102 -4.30 67.96 13.49
CA VAL D 102 -5.32 68.86 12.98
C VAL D 102 -4.90 70.31 13.15
N LYS D 103 -4.15 70.62 14.22
CA LYS D 103 -3.69 71.98 14.42
C LYS D 103 -2.71 72.40 13.33
N LYS D 104 -1.67 71.59 13.11
CA LYS D 104 -0.71 71.88 12.05
C LYS D 104 -1.36 71.90 10.68
N THR D 105 -2.20 70.91 10.37
CA THR D 105 -2.80 70.87 9.05
C THR D 105 -3.79 72.01 8.86
N LEU D 106 -4.45 72.46 9.93
CA LEU D 106 -5.34 73.60 9.81
C LEU D 106 -4.58 74.88 9.51
N ASP D 107 -3.44 75.07 10.17
CA ASP D 107 -2.59 76.18 9.74
C ASP D 107 -2.27 76.07 8.27
N TYR D 108 -1.91 74.86 7.83
CA TYR D 108 -1.37 74.63 6.50
C TYR D 108 -2.45 74.69 5.41
N LEU D 109 -3.72 74.57 5.81
CA LEU D 109 -4.81 74.82 4.87
C LEU D 109 -5.48 76.16 5.09
N ASN D 110 -5.15 76.84 6.19
CA ASN D 110 -5.84 78.09 6.50
C ASN D 110 -5.11 79.28 5.91
N THR D 111 -3.78 79.25 5.85
CA THR D 111 -3.06 80.36 5.23
C THR D 111 -2.95 80.22 3.71
N PHE D 112 -3.74 79.33 3.10
CA PHE D 112 -3.63 79.08 1.67
C PHE D 112 -4.98 78.92 0.96
N ALA D 113 -6.09 79.28 1.58
CA ALA D 113 -7.40 79.00 1.00
C ALA D 113 -7.64 79.95 -0.16
N ARG D 114 -7.85 79.39 -1.36
CA ARG D 114 -8.06 80.22 -2.54
C ARG D 114 -9.53 80.57 -2.72
N PHE D 115 -10.39 79.56 -2.84
CA PHE D 115 -11.83 79.77 -3.00
C PHE D 115 -12.48 79.27 -1.73
N LYS D 116 -13.14 80.19 -1.02
CA LYS D 116 -13.44 79.93 0.38
C LYS D 116 -14.91 79.57 0.64
N ASP D 117 -15.74 79.44 -0.41
CA ASP D 117 -17.11 78.96 -0.26
C ASP D 117 -17.46 78.08 -1.45
N GLU D 118 -18.68 77.56 -1.44
CA GLU D 118 -19.05 76.49 -2.37
C GLU D 118 -19.39 77.03 -3.76
N GLU D 119 -19.84 78.28 -3.86
CA GLU D 119 -20.37 78.79 -5.12
C GLU D 119 -19.32 78.74 -6.24
N THR D 120 -18.30 79.57 -6.12
CA THR D 120 -17.28 79.57 -7.16
C THR D 120 -16.43 78.31 -7.10
N CYS D 121 -16.61 77.51 -6.05
CA CYS D 121 -16.04 76.16 -6.06
C CYS D 121 -16.74 75.27 -7.11
N THR D 122 -18.08 75.33 -7.16
CA THR D 122 -18.79 74.64 -8.23
C THR D 122 -18.51 75.30 -9.57
N ALA D 123 -18.30 76.61 -9.57
CA ALA D 123 -17.77 77.25 -10.76
C ALA D 123 -16.44 76.62 -11.19
N VAL D 124 -15.54 76.35 -10.23
CA VAL D 124 -14.27 75.74 -10.57
C VAL D 124 -14.48 74.30 -11.05
N ASP D 125 -15.50 73.61 -10.52
CA ASP D 125 -15.82 72.29 -11.05
C ASP D 125 -16.29 72.39 -12.49
N GLN D 126 -17.00 73.47 -12.82
CA GLN D 126 -17.26 73.79 -14.21
C GLN D 126 -15.95 74.07 -14.94
N LEU D 127 -14.97 74.64 -14.23
CA LEU D 127 -13.79 75.22 -14.84
C LEU D 127 -12.73 74.18 -15.15
N LEU D 128 -12.04 73.69 -14.12
CA LEU D 128 -10.92 72.77 -14.25
C LEU D 128 -11.39 71.33 -14.43
N HIS D 129 -12.70 71.11 -14.41
CA HIS D 129 -13.25 69.81 -14.74
C HIS D 129 -14.09 69.94 -16.00
N LEU D 137 -7.58 66.52 -18.74
CA LEU D 137 -7.93 66.97 -17.40
C LEU D 137 -7.59 65.91 -16.38
N HIS D 138 -6.35 65.89 -15.93
CA HIS D 138 -5.93 64.89 -14.96
C HIS D 138 -6.34 65.33 -13.55
N PRO D 139 -7.02 64.47 -12.79
CA PRO D 139 -7.55 64.92 -11.49
C PRO D 139 -6.49 65.49 -10.55
N PHE D 140 -5.34 64.82 -10.46
CA PHE D 140 -4.25 65.33 -9.62
C PHE D 140 -3.74 66.67 -10.16
N GLU D 141 -3.61 66.78 -11.48
CA GLU D 141 -3.21 68.08 -12.03
C GLU D 141 -4.31 69.10 -11.77
N ILE D 142 -5.56 68.67 -11.68
CA ILE D 142 -6.64 69.61 -11.39
C ILE D 142 -6.45 70.23 -10.02
N ALA D 143 -6.26 69.40 -9.00
CA ALA D 143 -5.98 69.95 -7.67
C ALA D 143 -4.72 70.79 -7.63
N GLN D 144 -3.71 70.44 -8.45
CA GLN D 144 -2.53 71.30 -8.57
C GLN D 144 -2.89 72.64 -9.21
N LEU D 145 -3.88 72.65 -10.10
CA LEU D 145 -4.28 73.88 -10.75
C LEU D 145 -5.06 74.78 -9.80
N SER D 146 -5.73 74.18 -8.82
CA SER D 146 -6.21 74.95 -7.66
C SER D 146 -5.12 75.06 -6.61
N SER D 147 -3.93 74.54 -6.89
CA SER D 147 -2.83 74.60 -5.93
C SER D 147 -1.81 75.68 -6.30
N LEU D 148 -1.46 75.78 -7.59
CA LEU D 148 -0.35 76.61 -8.05
C LEU D 148 -0.84 77.57 -9.14
N GLY D 149 -0.91 78.86 -8.82
CA GLY D 149 -1.27 79.85 -9.82
C GLY D 149 -0.10 80.75 -10.16
N CYS D 150 0.09 80.99 -11.46
CA CYS D 150 1.32 81.62 -11.95
C CYS D 150 1.03 82.51 -13.15
N GLU D 151 2.09 82.86 -13.87
CA GLU D 151 2.02 83.81 -14.99
C GLU D 151 1.87 83.11 -16.34
N ASP D 152 2.90 82.37 -16.77
CA ASP D 152 2.99 81.78 -18.10
C ASP D 152 3.21 80.28 -17.99
N VAL D 153 2.70 79.56 -19.01
CA VAL D 153 2.88 78.12 -19.06
C VAL D 153 4.36 77.77 -18.98
N ASP D 154 5.23 78.69 -19.41
CA ASP D 154 6.66 78.41 -19.42
C ASP D 154 7.16 78.03 -18.03
N GLU D 155 6.40 78.40 -17.00
CA GLU D 155 6.56 77.76 -15.70
C GLU D 155 5.75 76.48 -15.57
N ALA D 156 4.60 76.42 -16.25
CA ALA D 156 3.64 75.34 -16.00
C ALA D 156 4.18 73.99 -16.48
N ILE D 157 4.79 73.94 -17.66
CA ILE D 157 5.44 72.73 -18.12
C ILE D 157 6.77 72.52 -17.42
N THR D 158 7.21 73.44 -16.56
CA THR D 158 8.40 73.22 -15.77
C THR D 158 8.07 72.51 -14.46
N LEU D 159 7.22 73.13 -13.64
CA LEU D 159 6.80 72.51 -12.39
C LEU D 159 6.02 71.22 -12.64
N ILE D 160 5.00 71.27 -13.48
CA ILE D 160 4.21 70.10 -13.83
C ILE D 160 4.31 69.88 -15.33
N PRO D 161 5.25 69.09 -15.78
CA PRO D 161 5.41 68.87 -17.22
C PRO D 161 4.36 67.91 -17.78
N SER D 162 3.37 67.57 -16.97
CA SER D 162 2.28 66.72 -17.45
C SER D 162 1.53 67.34 -18.63
N LEU D 163 1.44 68.66 -18.67
CA LEU D 163 0.84 69.40 -19.77
C LEU D 163 1.86 69.81 -20.82
N ALA D 164 3.01 69.15 -20.89
CA ALA D 164 4.07 69.57 -21.80
C ALA D 164 3.63 69.50 -23.25
N ALA D 165 3.43 68.29 -23.77
CA ALA D 165 3.03 68.09 -25.15
C ALA D 165 1.53 67.90 -25.29
N LYS D 166 0.73 68.93 -25.01
CA LYS D 166 -0.72 68.83 -25.14
C LYS D 166 -1.32 69.81 -26.14
N LYS D 167 -0.88 71.06 -26.13
CA LYS D 167 -1.23 72.05 -27.15
C LYS D 167 -2.72 72.39 -27.14
N GLU D 168 -3.37 72.25 -25.99
CA GLU D 168 -4.68 72.86 -25.73
C GLU D 168 -4.50 73.68 -24.46
N VAL D 169 -4.07 74.93 -24.62
CA VAL D 169 -3.44 75.65 -23.53
C VAL D 169 -4.48 76.31 -22.64
N ASN D 170 -5.15 77.35 -23.14
CA ASN D 170 -6.23 78.04 -22.43
C ASN D 170 -5.72 78.56 -21.09
N LEU D 171 -4.44 78.39 -20.84
CA LEU D 171 -3.85 78.31 -19.52
C LEU D 171 -3.43 79.69 -19.01
N GLN D 172 -2.96 80.55 -19.90
CA GLN D 172 -2.79 81.96 -19.55
C GLN D 172 -4.08 82.54 -19.00
N ARG D 173 -5.16 82.39 -19.76
CA ARG D 173 -6.46 82.81 -19.27
C ARG D 173 -6.84 82.06 -18.00
N ILE D 174 -6.43 80.80 -17.88
CA ILE D 174 -6.69 80.04 -16.66
C ILE D 174 -6.09 80.76 -15.45
N LEU D 175 -4.78 81.00 -15.50
CA LEU D 175 -4.08 81.53 -14.34
C LEU D 175 -4.53 82.96 -14.03
N ASP D 176 -4.84 83.74 -15.06
CA ASP D 176 -5.28 85.11 -14.79
C ASP D 176 -6.71 85.15 -14.27
N GLU D 177 -7.60 84.32 -14.83
CA GLU D 177 -8.94 84.18 -14.27
C GLU D 177 -8.88 83.75 -12.82
N LEU D 178 -7.94 82.86 -12.49
CA LEU D 178 -7.79 82.44 -11.11
C LEU D 178 -7.31 83.59 -10.24
N ASN D 179 -6.21 84.25 -10.64
CA ASN D 179 -5.72 85.40 -9.90
C ASN D 179 -6.81 86.43 -9.66
N ARG D 180 -7.72 86.60 -10.61
CA ARG D 180 -8.84 87.51 -10.35
C ARG D 180 -9.81 86.93 -9.33
N LEU D 181 -10.31 85.71 -9.58
CA LEU D 181 -11.21 85.07 -8.61
C LEU D 181 -10.48 84.68 -7.35
N GLU D 182 -9.15 84.61 -7.40
CA GLU D 182 -8.36 84.54 -6.19
C GLU D 182 -8.75 85.73 -5.33
N ASP D 183 -9.47 85.50 -4.25
CA ASP D 183 -9.97 86.60 -3.45
C ASP D 183 -8.87 87.21 -2.60
N PRO D 184 -8.90 88.53 -2.39
CA PRO D 184 -7.81 89.20 -1.68
C PRO D 184 -7.70 88.73 -0.24
N TYR D 185 -6.49 88.88 0.30
CA TYR D 185 -6.16 88.34 1.61
C TYR D 185 -5.18 89.23 2.38
N GLU E 2 -30.38 -23.45 -41.27
CA GLU E 2 -28.98 -23.81 -41.15
C GLU E 2 -28.17 -22.61 -40.67
N ASP E 3 -26.85 -22.70 -40.83
CA ASP E 3 -25.99 -21.59 -40.46
C ASP E 3 -26.33 -20.34 -41.27
N ASN E 4 -26.93 -20.49 -42.45
CA ASN E 4 -27.46 -19.33 -43.13
C ASN E 4 -28.54 -18.65 -42.33
N ASN E 5 -29.47 -19.44 -41.78
CA ASN E 5 -30.56 -18.84 -41.03
C ASN E 5 -30.07 -18.11 -39.81
N ARG E 6 -29.09 -18.68 -39.10
CA ARG E 6 -28.62 -17.96 -37.93
C ARG E 6 -27.96 -16.65 -38.32
N ILE E 7 -27.14 -16.64 -39.37
CA ILE E 7 -26.50 -15.40 -39.78
C ILE E 7 -27.54 -14.38 -40.19
N ILE E 8 -28.52 -14.81 -40.97
CA ILE E 8 -29.53 -13.86 -41.42
C ILE E 8 -30.31 -13.35 -40.23
N SER E 9 -30.61 -14.21 -39.27
CA SER E 9 -31.31 -13.75 -38.09
C SER E 9 -30.49 -12.72 -37.35
N ARG E 10 -29.19 -12.96 -37.23
CA ARG E 10 -28.35 -11.98 -36.59
C ARG E 10 -28.40 -10.66 -37.33
N LEU E 11 -28.29 -10.72 -38.64
CA LEU E 11 -28.36 -9.50 -39.43
C LEU E 11 -29.69 -8.81 -39.22
N TRP E 12 -30.76 -9.58 -39.16
CA TRP E 12 -32.08 -9.02 -38.97
C TRP E 12 -32.16 -8.32 -37.63
N ARG E 13 -31.68 -8.95 -36.58
CA ARG E 13 -31.73 -8.32 -35.28
C ARG E 13 -30.87 -7.09 -35.28
N SER E 14 -29.76 -7.14 -36.00
CA SER E 14 -28.96 -5.96 -36.18
C SER E 14 -29.79 -4.84 -36.74
N PHE E 15 -30.48 -5.13 -37.83
CA PHE E 15 -31.22 -4.09 -38.52
C PHE E 15 -32.31 -3.54 -37.63
N ARG E 16 -32.99 -4.41 -36.91
CA ARG E 16 -34.06 -3.92 -36.04
C ARG E 16 -33.47 -3.06 -34.94
N THR E 17 -32.34 -3.47 -34.38
CA THR E 17 -31.69 -2.65 -33.38
C THR E 17 -31.41 -1.27 -33.94
N VAL E 18 -30.92 -1.24 -35.17
CA VAL E 18 -30.46 0.03 -35.70
C VAL E 18 -31.63 0.94 -35.95
N LYS E 19 -32.72 0.39 -36.46
CA LYS E 19 -33.91 1.20 -36.61
C LYS E 19 -34.38 1.69 -35.25
N GLU E 20 -34.30 0.85 -34.23
CA GLU E 20 -34.66 1.34 -32.92
C GLU E 20 -33.78 2.49 -32.52
N MET E 21 -32.49 2.40 -32.83
CA MET E 21 -31.59 3.48 -32.49
C MET E 21 -32.06 4.76 -33.12
N ALA E 22 -32.31 4.72 -34.41
CA ALA E 22 -32.71 5.93 -35.11
C ALA E 22 -34.02 6.44 -34.57
N ALA E 23 -34.87 5.54 -34.10
CA ALA E 23 -36.10 6.01 -33.47
C ALA E 23 -35.80 6.70 -32.16
N ASP E 24 -34.84 6.16 -31.41
CA ASP E 24 -34.54 6.69 -30.10
C ASP E 24 -33.96 8.08 -30.22
N ARG E 25 -33.13 8.30 -31.22
CA ARG E 25 -32.35 9.50 -31.23
C ARG E 25 -33.21 10.70 -31.56
N GLY E 26 -34.45 10.46 -31.99
CA GLY E 26 -35.39 11.53 -32.23
C GLY E 26 -35.99 11.45 -33.61
N TYR E 27 -35.44 10.61 -34.47
CA TYR E 27 -35.81 10.58 -35.87
C TYR E 27 -37.18 10.01 -36.10
N PHE E 28 -37.71 10.28 -37.28
CA PHE E 28 -39.01 9.78 -37.72
C PHE E 28 -38.82 8.45 -38.42
N ILE E 29 -39.52 7.43 -37.95
CA ILE E 29 -39.69 6.20 -38.69
C ILE E 29 -41.16 5.89 -38.75
N SER E 30 -41.64 5.56 -39.95
CA SER E 30 -43.01 5.12 -40.09
C SER E 30 -43.21 3.77 -39.42
N GLN E 31 -44.29 3.65 -38.65
CA GLN E 31 -44.48 2.49 -37.81
C GLN E 31 -44.58 1.20 -38.60
N GLU E 32 -44.94 1.28 -39.88
CA GLU E 32 -44.98 0.05 -40.66
C GLU E 32 -43.59 -0.46 -40.96
N GLU E 33 -42.59 0.41 -40.93
CA GLU E 33 -41.25 -0.08 -41.15
C GLU E 33 -40.60 -0.55 -39.87
N MET E 34 -40.94 0.08 -38.74
CA MET E 34 -40.42 -0.36 -37.46
C MET E 34 -40.49 -1.87 -37.30
N ASP E 35 -41.52 -2.49 -37.85
CA ASP E 35 -41.88 -3.86 -37.46
C ASP E 35 -41.72 -4.86 -38.60
N GLN E 36 -40.60 -4.81 -39.30
CA GLN E 36 -40.33 -5.81 -40.32
C GLN E 36 -40.16 -7.17 -39.66
N SER E 37 -40.71 -8.20 -40.29
CA SER E 37 -40.70 -9.54 -39.72
C SER E 37 -39.33 -10.15 -39.81
N LEU E 38 -39.28 -11.47 -39.92
CA LEU E 38 -38.03 -12.09 -40.35
C LEU E 38 -38.02 -12.34 -41.85
N GLU E 39 -39.16 -12.70 -42.41
CA GLU E 39 -39.10 -13.28 -43.75
C GLU E 39 -39.15 -12.26 -44.86
N GLU E 40 -39.93 -11.19 -44.70
CA GLU E 40 -39.85 -10.09 -45.66
C GLU E 40 -38.41 -9.69 -45.86
N PHE E 41 -37.63 -9.77 -44.80
CA PHE E 41 -36.22 -9.50 -44.85
C PHE E 41 -35.52 -10.37 -45.88
N ARG E 42 -35.66 -11.68 -45.75
CA ARG E 42 -35.05 -12.58 -46.72
C ARG E 42 -35.64 -12.42 -48.10
N SER E 43 -36.83 -11.85 -48.20
CA SER E 43 -37.36 -11.52 -49.51
C SER E 43 -36.57 -10.38 -50.14
N LYS E 44 -36.34 -9.31 -49.38
CA LYS E 44 -35.70 -8.14 -49.96
C LYS E 44 -34.19 -8.32 -50.05
N ILE E 45 -33.57 -8.69 -48.95
CA ILE E 45 -32.15 -8.49 -48.78
C ILE E 45 -31.36 -9.75 -49.05
N CYS E 46 -32.03 -10.90 -49.16
CA CYS E 46 -31.31 -12.09 -49.56
C CYS E 46 -31.11 -12.13 -51.06
N ASP E 47 -30.21 -13.01 -51.49
CA ASP E 47 -29.95 -13.20 -52.91
C ASP E 47 -30.78 -14.32 -53.49
N SER E 48 -30.33 -14.83 -54.65
CA SER E 48 -30.85 -16.08 -55.19
C SER E 48 -30.47 -17.29 -54.33
N MET E 49 -29.65 -17.07 -53.32
CA MET E 49 -29.18 -18.10 -52.42
C MET E 49 -29.72 -17.93 -51.00
N GLY E 50 -30.06 -16.71 -50.62
CA GLY E 50 -30.41 -16.43 -49.25
C GLY E 50 -29.24 -15.79 -48.54
N ASN E 51 -28.54 -14.89 -49.21
CA ASN E 51 -27.37 -14.27 -48.63
C ASN E 51 -27.54 -12.75 -48.60
N PRO E 52 -26.88 -12.07 -47.67
CA PRO E 52 -27.17 -10.66 -47.45
C PRO E 52 -26.70 -9.79 -48.59
N GLN E 53 -27.37 -8.65 -48.74
CA GLN E 53 -27.03 -7.62 -49.72
C GLN E 53 -26.79 -6.34 -48.94
N ARG E 54 -25.64 -6.27 -48.28
CA ARG E 54 -25.45 -5.24 -47.26
C ARG E 54 -25.72 -3.85 -47.81
N LYS E 55 -25.06 -3.48 -48.89
CA LYS E 55 -25.16 -2.12 -49.41
C LYS E 55 -26.59 -1.72 -49.69
N LEU E 56 -27.48 -2.68 -49.91
CA LEU E 56 -28.89 -2.42 -50.19
C LEU E 56 -29.65 -1.95 -48.95
N MET E 57 -29.07 -2.10 -47.78
CA MET E 57 -29.75 -1.76 -46.55
C MET E 57 -29.49 -0.33 -46.12
N SER E 58 -28.47 0.30 -46.68
CA SER E 58 -28.19 1.69 -46.40
C SER E 58 -29.47 2.48 -46.56
N PHE E 59 -29.62 3.54 -45.79
CA PHE E 59 -30.82 4.32 -45.98
C PHE E 59 -30.69 5.68 -45.34
N LEU E 60 -31.47 6.59 -45.87
CA LEU E 60 -31.63 7.92 -45.30
C LEU E 60 -32.76 7.86 -44.29
N ALA E 61 -32.71 8.77 -43.34
CA ALA E 61 -33.74 8.94 -42.36
C ALA E 61 -33.76 10.40 -41.94
N ASN E 62 -34.89 10.80 -41.38
CA ASN E 62 -35.21 12.20 -41.21
C ASN E 62 -35.77 12.37 -39.80
N PRO E 63 -35.81 13.59 -39.30
CA PRO E 63 -36.33 13.78 -37.94
C PRO E 63 -37.83 13.64 -37.89
N THR E 64 -38.31 13.15 -36.76
CA THR E 64 -39.66 13.51 -36.38
C THR E 64 -39.74 15.03 -36.31
N PRO E 65 -40.92 15.59 -36.48
CA PRO E 65 -41.04 17.04 -36.24
C PRO E 65 -40.83 17.42 -34.80
N GLU E 66 -40.92 16.48 -33.85
CA GLU E 66 -40.79 16.85 -32.44
C GLU E 66 -39.37 16.88 -31.95
N ALA E 67 -38.55 15.89 -32.31
CA ALA E 67 -37.13 16.03 -32.05
C ALA E 67 -36.62 17.32 -32.66
N LEU E 68 -36.89 17.52 -33.94
CA LEU E 68 -36.52 18.75 -34.60
C LEU E 68 -37.12 19.96 -33.93
N GLU E 69 -38.30 19.79 -33.34
CA GLU E 69 -38.89 20.82 -32.50
C GLU E 69 -38.00 21.12 -31.32
N LYS E 70 -37.32 20.09 -30.81
CA LYS E 70 -36.75 20.16 -29.49
C LYS E 70 -35.26 20.49 -29.54
N TYR E 71 -34.47 19.63 -30.18
CA TYR E 71 -33.01 19.79 -30.21
C TYR E 71 -32.65 20.44 -31.55
N SER E 72 -32.32 21.72 -31.52
CA SER E 72 -32.26 22.52 -32.73
C SER E 72 -31.37 21.94 -33.81
N ASP E 73 -30.66 20.87 -33.54
CA ASP E 73 -29.53 20.51 -34.37
C ASP E 73 -29.66 19.20 -35.11
N LEU E 74 -30.74 18.47 -34.90
CA LEU E 74 -30.77 17.17 -35.56
C LEU E 74 -30.88 17.47 -37.05
N GLY E 75 -29.85 17.08 -37.78
CA GLY E 75 -29.82 17.27 -39.22
C GLY E 75 -30.52 16.14 -39.93
N THR E 76 -29.82 15.43 -40.80
CA THR E 76 -30.35 14.25 -41.45
C THR E 76 -29.43 13.06 -41.25
N LEU E 77 -29.98 11.87 -41.30
CA LEU E 77 -29.28 10.69 -40.81
C LEU E 77 -29.08 9.70 -41.94
N TRP E 78 -27.85 9.45 -42.31
CA TRP E 78 -27.53 8.42 -43.28
C TRP E 78 -26.92 7.26 -42.54
N VAL E 79 -27.37 6.05 -42.82
CA VAL E 79 -26.91 4.86 -42.12
C VAL E 79 -26.50 3.84 -43.16
N GLU E 80 -25.36 3.17 -42.96
CA GLU E 80 -24.82 2.37 -44.04
C GLU E 80 -24.02 1.20 -43.52
N PHE E 81 -24.03 0.09 -44.25
CA PHE E 81 -23.26 -1.10 -43.89
C PHE E 81 -22.15 -1.30 -44.91
N CYS E 82 -21.48 -2.45 -44.87
CA CYS E 82 -20.41 -2.73 -45.82
C CYS E 82 -20.04 -4.21 -45.82
N ASP E 83 -19.93 -4.80 -47.02
CA ASP E 83 -19.51 -6.19 -47.18
C ASP E 83 -18.04 -6.41 -46.85
N GLU E 84 -17.31 -5.39 -46.71
CA GLU E 84 -15.89 -5.59 -46.55
C GLU E 84 -15.61 -6.07 -45.14
N PRO E 85 -15.10 -7.27 -44.96
CA PRO E 85 -14.86 -7.77 -43.61
C PRO E 85 -13.89 -6.92 -42.80
N SER E 86 -12.77 -6.54 -43.39
CA SER E 86 -11.91 -5.55 -42.76
C SER E 86 -11.90 -4.28 -43.59
N VAL E 87 -12.19 -3.14 -42.96
CA VAL E 87 -12.32 -1.89 -43.68
C VAL E 87 -11.09 -1.05 -43.39
N GLY E 88 -10.43 -0.59 -44.44
CA GLY E 88 -9.31 0.31 -44.30
C GLY E 88 -9.67 1.74 -44.65
N ILE E 89 -8.66 2.59 -44.83
CA ILE E 89 -8.95 3.98 -45.13
C ILE E 89 -9.61 4.14 -46.50
N LYS E 90 -9.34 3.22 -47.41
CA LYS E 90 -9.95 3.26 -48.74
C LYS E 90 -11.44 3.49 -48.65
N THR E 91 -12.15 2.54 -48.05
CA THR E 91 -13.60 2.61 -48.10
C THR E 91 -14.11 3.72 -47.22
N MET E 92 -13.41 3.99 -46.12
CA MET E 92 -13.84 5.08 -45.25
C MET E 92 -13.81 6.40 -45.97
N ARG E 93 -12.76 6.67 -46.72
CA ARG E 93 -12.68 7.92 -47.46
C ARG E 93 -13.74 7.97 -48.55
N ASN E 94 -13.96 6.87 -49.25
CA ASN E 94 -15.07 6.82 -50.19
C ASN E 94 -16.36 7.21 -49.50
N PHE E 95 -16.58 6.67 -48.31
CA PHE E 95 -17.76 7.01 -47.54
C PHE E 95 -17.78 8.49 -47.19
N CYS E 96 -16.61 9.04 -46.86
CA CYS E 96 -16.52 10.45 -46.52
C CYS E 96 -17.03 11.30 -47.67
N LEU E 97 -16.55 10.98 -48.87
CA LEU E 97 -17.10 11.60 -50.08
C LEU E 97 -18.61 11.47 -50.13
N ARG E 98 -19.09 10.23 -50.07
CA ARG E 98 -20.50 10.00 -50.30
C ARG E 98 -21.35 10.77 -49.31
N ILE E 99 -20.80 11.03 -48.13
CA ILE E 99 -21.50 11.85 -47.15
C ILE E 99 -21.48 13.31 -47.55
N GLN E 100 -20.28 13.84 -47.82
CA GLN E 100 -20.20 15.25 -48.18
C GLN E 100 -21.07 15.56 -49.39
N GLU E 101 -21.42 14.53 -50.17
CA GLU E 101 -22.36 14.73 -51.26
C GLU E 101 -23.72 15.20 -50.76
N LYS E 102 -24.42 14.34 -50.05
CA LYS E 102 -25.82 14.59 -49.77
C LYS E 102 -26.04 15.52 -48.59
N ASN E 103 -25.04 16.32 -48.25
CA ASN E 103 -25.07 17.28 -47.14
C ASN E 103 -25.97 16.80 -46.00
N PHE E 104 -25.61 15.62 -45.50
CA PHE E 104 -26.22 15.06 -44.31
C PHE E 104 -25.87 15.90 -43.09
N SER E 105 -26.00 15.29 -41.93
CA SER E 105 -25.44 15.88 -40.73
C SER E 105 -24.98 14.86 -39.70
N THR E 106 -25.18 13.57 -39.95
CA THR E 106 -24.74 12.57 -38.98
C THR E 106 -24.63 11.23 -39.67
N GLY E 107 -23.42 10.67 -39.73
CA GLY E 107 -23.18 9.41 -40.40
C GLY E 107 -23.04 8.29 -39.39
N ILE E 108 -23.35 7.08 -39.84
CA ILE E 108 -23.30 5.89 -39.00
C ILE E 108 -22.86 4.73 -39.87
N PHE E 109 -21.71 4.18 -39.56
CA PHE E 109 -21.08 3.22 -40.46
C PHE E 109 -20.86 1.93 -39.70
N ILE E 110 -21.73 0.97 -39.91
CA ILE E 110 -21.66 -0.31 -39.22
C ILE E 110 -20.86 -1.27 -40.06
N TYR E 111 -19.65 -1.54 -39.63
CA TYR E 111 -18.78 -2.53 -40.24
C TYR E 111 -19.08 -3.90 -39.69
N GLN E 112 -18.17 -4.84 -39.95
CA GLN E 112 -18.27 -6.12 -39.29
C GLN E 112 -17.14 -6.37 -38.30
N ASN E 113 -15.89 -6.20 -38.72
CA ASN E 113 -14.77 -6.63 -37.90
C ASN E 113 -13.97 -5.48 -37.29
N ASN E 114 -13.50 -4.53 -38.07
CA ASN E 114 -12.60 -3.55 -37.48
C ASN E 114 -12.35 -2.41 -38.44
N ILE E 115 -11.65 -1.39 -37.94
CA ILE E 115 -11.22 -0.27 -38.75
C ILE E 115 -9.73 -0.05 -38.52
N THR E 116 -9.00 0.14 -39.61
CA THR E 116 -7.62 0.55 -39.48
C THR E 116 -7.58 1.89 -38.76
N PRO E 117 -6.86 1.98 -37.64
CA PRO E 117 -6.86 3.23 -36.88
C PRO E 117 -6.44 4.40 -37.72
N SER E 118 -5.50 4.18 -38.64
CA SER E 118 -5.17 5.18 -39.63
C SER E 118 -6.42 5.73 -40.28
N ALA E 119 -7.38 4.86 -40.60
CA ALA E 119 -8.66 5.35 -41.06
C ALA E 119 -9.47 5.95 -39.94
N ASN E 120 -9.28 5.44 -38.72
CA ASN E 120 -10.08 5.93 -37.61
C ASN E 120 -9.76 7.39 -37.31
N LYS E 121 -8.67 7.90 -37.87
CA LYS E 121 -8.35 9.30 -37.68
C LYS E 121 -9.29 10.23 -38.45
N MET E 122 -9.77 9.80 -39.61
CA MET E 122 -10.47 10.68 -40.55
C MET E 122 -11.81 11.15 -40.05
N ILE E 123 -12.14 10.85 -38.80
CA ILE E 123 -13.50 11.10 -38.34
C ILE E 123 -13.67 12.57 -38.01
N PRO E 124 -12.93 13.17 -37.07
CA PRO E 124 -13.15 14.60 -36.79
C PRO E 124 -12.88 15.49 -37.98
N THR E 125 -11.95 15.10 -38.86
CA THR E 125 -11.53 15.96 -39.97
C THR E 125 -12.58 16.05 -41.06
N VAL E 126 -13.81 15.60 -40.81
CA VAL E 126 -14.89 15.78 -41.78
C VAL E 126 -16.06 16.51 -41.13
N SER E 127 -15.81 17.26 -40.08
CA SER E 127 -16.82 18.12 -39.49
C SER E 127 -17.24 19.19 -40.49
N PRO E 128 -18.41 19.81 -40.32
CA PRO E 128 -19.42 19.56 -39.28
C PRO E 128 -20.20 18.31 -39.60
N ALA E 129 -19.87 17.69 -40.72
CA ALA E 129 -20.47 16.41 -41.06
C ALA E 129 -19.92 15.41 -40.06
N ILE E 130 -20.64 15.24 -38.95
CA ILE E 130 -20.16 14.42 -37.85
C ILE E 130 -20.33 12.95 -38.20
N ILE E 131 -19.42 12.13 -37.70
CA ILE E 131 -19.34 10.73 -38.08
C ILE E 131 -19.26 9.89 -36.83
N GLU E 132 -19.71 8.66 -36.91
CA GLU E 132 -19.71 7.73 -35.79
C GLU E 132 -19.37 6.35 -36.31
N THR E 133 -19.18 5.41 -35.41
CA THR E 133 -19.30 4.02 -35.75
C THR E 133 -20.15 3.31 -34.71
N PHE E 134 -20.38 2.04 -34.98
CA PHE E 134 -20.80 1.05 -34.02
C PHE E 134 -20.28 -0.26 -34.59
N GLN E 135 -19.95 -1.19 -33.74
CA GLN E 135 -19.72 -2.46 -34.36
C GLN E 135 -21.06 -3.18 -34.48
N GLU E 136 -21.20 -3.95 -35.56
CA GLU E 136 -22.41 -4.74 -35.74
C GLU E 136 -22.70 -5.61 -34.53
N SER E 137 -21.82 -6.59 -34.28
CA SER E 137 -22.09 -7.58 -33.25
C SER E 137 -22.27 -6.95 -31.89
N ASP E 138 -21.99 -5.67 -31.76
CA ASP E 138 -22.34 -5.01 -30.51
C ASP E 138 -23.72 -4.40 -30.58
N LEU E 139 -24.41 -4.54 -31.72
CA LEU E 139 -25.77 -4.03 -31.85
C LEU E 139 -26.77 -5.15 -31.99
N VAL E 140 -26.39 -6.35 -31.56
CA VAL E 140 -27.28 -7.49 -31.68
C VAL E 140 -28.42 -7.40 -30.68
N VAL E 141 -28.23 -6.62 -29.62
CA VAL E 141 -29.28 -6.43 -28.61
C VAL E 141 -29.39 -4.98 -28.24
N ASN E 142 -30.55 -4.38 -28.48
CA ASN E 142 -30.76 -3.03 -28.00
C ASN E 142 -30.64 -3.04 -26.50
N ILE E 143 -29.47 -2.68 -26.00
CA ILE E 143 -29.24 -2.86 -24.59
C ILE E 143 -30.15 -1.97 -23.77
N THR E 144 -30.53 -0.79 -24.25
CA THR E 144 -31.39 0.04 -23.43
C THR E 144 -32.75 -0.58 -23.16
N HIS E 145 -33.04 -1.77 -23.67
CA HIS E 145 -34.24 -2.45 -23.20
C HIS E 145 -33.94 -3.39 -22.05
N HIS E 146 -32.67 -3.71 -21.82
CA HIS E 146 -32.28 -4.65 -20.78
C HIS E 146 -32.73 -4.15 -19.41
N GLU E 147 -32.90 -5.09 -18.48
CA GLU E 147 -33.35 -4.73 -17.13
C GLU E 147 -32.42 -3.74 -16.46
N LEU E 148 -31.13 -4.07 -16.44
CA LEU E 148 -30.20 -3.32 -15.61
C LEU E 148 -29.94 -1.92 -16.14
N VAL E 149 -29.76 -1.76 -17.44
CA VAL E 149 -29.50 -0.43 -17.97
C VAL E 149 -30.84 0.30 -18.00
N PRO E 150 -30.94 1.46 -17.43
CA PRO E 150 -32.19 2.21 -17.52
C PRO E 150 -32.21 3.15 -18.70
N LYS E 151 -33.24 3.99 -18.77
CA LYS E 151 -33.49 4.85 -19.91
C LYS E 151 -32.50 5.99 -19.98
N HIS E 152 -32.67 6.83 -20.98
CA HIS E 152 -31.83 8.00 -21.15
C HIS E 152 -32.59 9.02 -21.95
N ILE E 153 -32.92 10.14 -21.33
CA ILE E 153 -33.47 11.23 -22.09
C ILE E 153 -32.35 12.25 -22.19
N ARG E 154 -31.89 12.51 -23.39
CA ARG E 154 -30.94 13.59 -23.57
C ARG E 154 -31.63 14.89 -23.23
N LEU E 155 -30.85 15.90 -22.84
CA LEU E 155 -31.45 17.17 -22.54
C LEU E 155 -31.32 18.12 -23.70
N SER E 156 -32.29 19.03 -23.77
CA SER E 156 -32.24 20.19 -24.63
C SER E 156 -31.41 21.27 -23.97
N ASP E 157 -31.12 22.33 -24.72
CA ASP E 157 -30.26 23.38 -24.20
C ASP E 157 -30.99 24.23 -23.16
N GLY E 158 -32.22 24.64 -23.48
CA GLY E 158 -32.97 25.43 -22.51
C GLY E 158 -33.08 24.71 -21.18
N GLU E 159 -33.40 23.41 -21.22
CA GLU E 159 -33.53 22.66 -19.99
C GLU E 159 -32.18 22.39 -19.33
N LYS E 160 -31.12 22.16 -20.10
CA LYS E 160 -29.83 22.02 -19.45
C LYS E 160 -29.46 23.27 -18.67
N SER E 161 -29.41 24.42 -19.33
CA SER E 161 -29.02 25.61 -18.61
C SER E 161 -29.96 25.91 -17.46
N GLN E 162 -31.24 25.59 -17.60
CA GLN E 162 -32.12 25.72 -16.44
C GLN E 162 -31.64 24.85 -15.29
N LEU E 163 -31.30 23.59 -15.58
CA LEU E 163 -30.76 22.72 -14.54
C LEU E 163 -29.64 23.42 -13.80
N LEU E 164 -28.62 23.84 -14.53
CA LEU E 164 -27.50 24.45 -13.83
C LEU E 164 -27.93 25.63 -12.98
N GLN E 165 -28.86 26.44 -13.43
CA GLN E 165 -29.25 27.53 -12.55
C GLN E 165 -30.05 27.03 -11.36
N ARG E 166 -30.48 25.78 -11.38
CA ARG E 166 -31.04 25.22 -10.16
C ARG E 166 -29.93 24.92 -9.15
N TYR E 167 -29.01 24.03 -9.50
CA TYR E 167 -27.97 23.58 -8.58
C TYR E 167 -26.80 24.53 -8.45
N LYS E 168 -26.66 25.52 -9.33
CA LYS E 168 -25.61 26.52 -9.23
C LYS E 168 -24.23 25.85 -9.31
N LEU E 169 -23.94 25.37 -10.51
CA LEU E 169 -22.76 24.56 -10.77
C LEU E 169 -21.89 25.19 -11.83
N LYS E 170 -20.92 24.43 -12.29
CA LYS E 170 -20.25 24.67 -13.55
C LYS E 170 -20.04 23.33 -14.22
N GLU E 171 -20.44 23.29 -15.49
CA GLU E 171 -20.67 22.06 -16.22
C GLU E 171 -19.68 20.95 -15.93
N SER E 172 -18.47 21.27 -15.49
CA SER E 172 -17.53 20.22 -15.16
C SER E 172 -17.88 19.47 -13.89
N GLN E 173 -18.79 20.03 -13.10
CA GLN E 173 -19.10 19.53 -11.75
C GLN E 173 -20.30 18.61 -11.73
N LEU E 174 -20.48 17.80 -12.70
CA LEU E 174 -21.51 16.80 -12.53
C LEU E 174 -20.86 15.45 -12.51
N PRO E 175 -21.58 14.39 -12.19
CA PRO E 175 -21.03 13.08 -12.46
C PRO E 175 -20.82 12.98 -13.96
N ARG E 176 -19.93 12.10 -14.38
CA ARG E 176 -19.50 12.11 -15.75
C ARG E 176 -19.59 10.73 -16.39
N ILE E 177 -20.18 10.70 -17.56
CA ILE E 177 -20.20 9.49 -18.36
C ILE E 177 -19.14 9.57 -19.43
N GLN E 178 -18.38 8.49 -19.60
CA GLN E 178 -17.40 8.45 -20.66
C GLN E 178 -18.05 8.67 -22.00
N ARG E 179 -17.24 8.90 -23.03
CA ARG E 179 -17.83 9.21 -24.33
C ARG E 179 -18.28 7.94 -25.03
N GLU E 180 -17.43 6.91 -25.10
CA GLU E 180 -17.85 5.67 -25.75
C GLU E 180 -18.44 4.67 -24.77
N ASP E 181 -19.09 5.15 -23.73
CA ASP E 181 -19.85 4.27 -22.87
C ASP E 181 -21.10 3.82 -23.62
N PRO E 182 -21.18 2.55 -24.02
CA PRO E 182 -22.15 2.13 -25.03
C PRO E 182 -23.47 2.86 -25.05
N VAL E 183 -24.04 3.27 -23.92
CA VAL E 183 -25.26 4.05 -24.03
C VAL E 183 -24.97 5.43 -24.57
N ALA E 184 -23.87 6.04 -24.16
CA ALA E 184 -23.54 7.38 -24.66
C ALA E 184 -23.29 7.41 -26.15
N ARG E 185 -22.67 6.37 -26.70
CA ARG E 185 -22.66 6.19 -28.14
C ARG E 185 -24.06 6.00 -28.69
N TYR E 186 -24.86 5.19 -28.00
CA TYR E 186 -26.16 4.84 -28.52
C TYR E 186 -27.05 6.05 -28.68
N LEU E 187 -26.71 7.18 -28.08
CA LEU E 187 -27.47 8.38 -28.30
C LEU E 187 -26.67 9.47 -28.99
N GLY E 188 -25.42 9.20 -29.31
CA GLY E 188 -24.56 10.19 -29.91
C GLY E 188 -24.45 11.40 -29.03
N LEU E 189 -23.84 11.23 -27.87
CA LEU E 189 -23.57 12.41 -27.10
C LEU E 189 -22.39 13.16 -27.67
N LYS E 190 -22.31 14.43 -27.31
CA LYS E 190 -21.11 15.21 -27.49
C LYS E 190 -20.90 16.05 -26.24
N ARG E 191 -19.72 16.62 -26.13
CA ARG E 191 -19.35 17.36 -24.94
C ARG E 191 -20.37 18.43 -24.62
N GLY E 192 -20.61 18.65 -23.33
CA GLY E 192 -21.54 19.66 -22.88
C GLY E 192 -22.98 19.23 -22.81
N GLN E 193 -23.26 17.95 -22.99
CA GLN E 193 -24.63 17.46 -23.04
C GLN E 193 -24.96 16.70 -21.75
N VAL E 194 -26.17 16.86 -21.26
CA VAL E 194 -26.51 16.44 -19.91
C VAL E 194 -27.60 15.40 -20.02
N VAL E 195 -27.26 14.13 -19.87
CA VAL E 195 -28.30 13.12 -20.07
C VAL E 195 -28.97 12.84 -18.75
N LYS E 196 -30.24 12.49 -18.80
CA LYS E 196 -31.06 12.34 -17.62
C LYS E 196 -31.46 10.89 -17.53
N ILE E 197 -31.26 10.33 -16.36
CA ILE E 197 -31.54 8.92 -16.13
C ILE E 197 -32.54 8.86 -15.00
N ILE E 198 -33.41 7.88 -15.01
CA ILE E 198 -34.32 7.67 -13.90
C ILE E 198 -34.20 6.24 -13.41
N ARG E 199 -34.17 6.07 -12.10
CA ARG E 199 -33.89 4.79 -11.48
C ARG E 199 -34.90 4.41 -10.40
N ARG E 200 -35.04 3.10 -10.28
CA ARG E 200 -35.73 2.41 -9.23
C ARG E 200 -35.02 2.53 -7.89
N SER E 201 -35.43 3.48 -7.09
CA SER E 201 -34.95 3.63 -5.73
C SER E 201 -35.62 2.59 -4.86
N GLU E 202 -34.87 1.62 -4.44
CA GLU E 202 -35.63 0.80 -3.52
C GLU E 202 -35.84 1.45 -2.20
N THR E 203 -35.64 2.76 -2.04
CA THR E 203 -35.91 3.43 -0.79
C THR E 203 -36.59 4.78 -0.95
N SER E 204 -36.76 5.29 -2.17
CA SER E 204 -37.74 6.35 -2.39
C SER E 204 -38.46 6.24 -3.72
N GLY E 205 -38.40 5.10 -4.39
CA GLY E 205 -39.18 4.94 -5.58
C GLY E 205 -38.51 5.47 -6.82
N ARG E 206 -38.55 6.77 -7.02
CA ARG E 206 -38.13 7.32 -8.30
C ARG E 206 -37.07 8.37 -8.13
N TYR E 207 -35.83 7.99 -8.41
CA TYR E 207 -34.72 8.92 -8.26
C TYR E 207 -34.17 9.27 -9.63
N ALA E 208 -34.16 10.56 -9.93
CA ALA E 208 -33.91 11.05 -11.27
C ALA E 208 -32.55 11.71 -11.30
N SER E 209 -31.56 10.96 -11.73
CA SER E 209 -30.16 11.36 -11.69
C SER E 209 -29.77 12.12 -12.95
N TYR E 210 -28.75 12.94 -12.83
CA TYR E 210 -28.18 13.67 -13.95
C TYR E 210 -26.73 13.27 -14.12
N ARG E 211 -26.41 12.67 -15.25
CA ARG E 211 -25.04 12.39 -15.62
C ARG E 211 -24.67 13.22 -16.83
N ILE E 212 -23.47 13.79 -16.79
CA ILE E 212 -22.97 14.61 -17.89
C ILE E 212 -22.01 13.77 -18.72
N CYS E 213 -21.96 14.07 -20.00
CA CYS E 213 -20.97 13.45 -20.85
C CYS E 213 -19.77 14.36 -21.00
N LEU E 214 -18.80 13.87 -21.76
CA LEU E 214 -17.60 14.65 -22.01
C LEU E 214 -17.47 14.99 -23.48
N GLU F 71 -22.07 41.21 -4.33
CA GLU F 71 -21.73 40.21 -5.33
C GLU F 71 -22.43 38.91 -5.03
N LEU F 72 -22.50 38.58 -3.75
CA LEU F 72 -23.01 37.27 -3.34
C LEU F 72 -24.17 37.37 -2.37
N ALA F 73 -24.17 38.37 -1.48
CA ALA F 73 -25.05 38.36 -0.32
C ALA F 73 -26.51 38.24 -0.73
N ILE F 74 -27.15 37.18 -0.24
CA ILE F 74 -28.48 36.83 -0.68
C ILE F 74 -29.49 37.45 0.27
N LEU F 75 -30.56 37.96 -0.33
CA LEU F 75 -31.63 38.61 0.40
C LEU F 75 -32.31 37.60 1.31
N LYS F 76 -33.07 38.09 2.30
CA LYS F 76 -33.69 37.21 3.29
C LYS F 76 -35.03 36.67 2.85
N GLU F 77 -35.33 36.74 1.56
CA GLU F 77 -36.66 36.45 1.05
C GLU F 77 -36.67 35.31 0.05
N GLU F 78 -35.59 35.12 -0.69
CA GLU F 78 -35.41 33.97 -1.55
C GLU F 78 -34.87 32.77 -0.80
N ARG F 79 -35.03 32.76 0.52
CA ARG F 79 -34.32 31.81 1.37
C ARG F 79 -34.90 30.42 1.19
N THR F 80 -34.03 29.47 0.87
CA THR F 80 -34.44 28.14 0.47
C THR F 80 -33.69 27.03 1.19
N THR F 81 -33.46 27.17 2.48
CA THR F 81 -32.80 26.09 3.18
C THR F 81 -33.67 25.54 4.30
N THR F 82 -33.24 24.43 4.86
CA THR F 82 -33.98 23.83 5.96
C THR F 82 -34.17 24.83 7.07
N PRO F 83 -35.38 25.16 7.44
CA PRO F 83 -35.57 26.26 8.37
C PRO F 83 -35.56 25.80 9.81
N TYR F 84 -35.10 24.59 10.07
CA TYR F 84 -35.00 24.08 11.43
C TYR F 84 -33.56 24.08 11.92
N LEU F 85 -33.33 24.78 13.04
CA LEU F 85 -32.00 24.74 13.65
C LEU F 85 -31.61 23.28 13.87
N THR F 86 -30.56 22.85 13.19
CA THR F 86 -30.15 21.47 13.24
C THR F 86 -29.16 21.23 14.34
N LYS F 87 -28.76 19.97 14.49
CA LYS F 87 -27.90 19.62 15.62
C LYS F 87 -26.63 20.44 15.63
N TYR F 88 -25.89 20.50 14.53
CA TYR F 88 -24.61 21.19 14.57
C TYR F 88 -24.82 22.66 14.83
N GLU F 89 -25.82 23.22 14.18
CA GLU F 89 -26.19 24.60 14.41
C GLU F 89 -26.51 24.84 15.87
N ARG F 90 -27.43 24.05 16.42
CA ARG F 90 -27.78 24.22 17.82
C ARG F 90 -26.56 24.09 18.70
N ALA F 91 -25.68 23.17 18.38
CA ALA F 91 -24.54 22.90 19.24
C ALA F 91 -23.66 24.13 19.32
N ARG F 92 -23.27 24.67 18.18
CA ARG F 92 -22.35 25.78 18.27
C ARG F 92 -23.03 27.01 18.80
N ILE F 93 -24.33 27.18 18.51
CA ILE F 93 -25.04 28.29 19.13
C ILE F 93 -24.92 28.22 20.63
N LEU F 94 -25.30 27.08 21.22
CA LEU F 94 -25.22 26.96 22.67
C LEU F 94 -23.81 27.20 23.16
N GLY F 95 -22.84 26.50 22.59
CA GLY F 95 -21.50 26.62 23.09
C GLY F 95 -21.01 28.04 23.09
N THR F 96 -21.26 28.76 22.01
CA THR F 96 -20.70 30.09 21.94
C THR F 96 -21.46 31.06 22.82
N ARG F 97 -22.77 30.90 22.94
CA ARG F 97 -23.48 31.73 23.89
C ARG F 97 -22.93 31.52 25.29
N ALA F 98 -22.63 30.28 25.63
CA ALA F 98 -22.01 30.01 26.92
C ALA F 98 -20.68 30.72 27.04
N LEU F 99 -19.77 30.49 26.09
CA LEU F 99 -18.46 31.11 26.16
C LEU F 99 -18.60 32.61 26.34
N GLN F 100 -19.62 33.20 25.73
CA GLN F 100 -19.82 34.63 25.91
C GLN F 100 -20.25 34.96 27.32
N ILE F 101 -21.11 34.14 27.93
CA ILE F 101 -21.48 34.45 29.30
C ILE F 101 -20.34 34.26 30.27
N SER F 102 -19.60 33.15 30.15
CA SER F 102 -18.52 32.88 31.10
C SER F 102 -17.47 33.98 31.08
N MET F 103 -17.42 34.77 30.03
CA MET F 103 -16.64 35.99 30.00
C MET F 103 -17.50 37.17 30.36
N ASN F 104 -18.50 36.94 31.19
CA ASN F 104 -19.32 38.00 31.78
C ASN F 104 -20.09 38.79 30.71
N ALA F 105 -21.00 38.12 30.03
CA ALA F 105 -21.92 38.81 29.13
C ALA F 105 -23.16 39.22 29.92
N PRO F 106 -23.95 40.16 29.44
CA PRO F 106 -25.27 40.37 30.02
C PRO F 106 -26.11 39.12 29.88
N VAL F 107 -27.04 38.93 30.80
CA VAL F 107 -27.99 37.84 30.70
C VAL F 107 -29.37 38.41 30.43
N LEU F 108 -30.12 37.76 29.55
CA LEU F 108 -31.39 38.28 29.13
C LEU F 108 -32.57 37.64 29.85
N VAL F 109 -32.36 36.50 30.49
CA VAL F 109 -33.45 35.72 31.05
C VAL F 109 -33.34 35.69 32.57
N ASP F 110 -34.24 34.93 33.17
CA ASP F 110 -34.38 34.88 34.61
C ASP F 110 -33.58 33.71 35.16
N ILE F 111 -33.19 33.81 36.43
CA ILE F 111 -32.42 32.78 37.10
C ILE F 111 -33.33 32.17 38.15
N GLU F 112 -33.71 30.93 37.95
CA GLU F 112 -34.46 30.19 38.97
C GLU F 112 -33.48 29.64 40.00
N GLY F 113 -32.58 28.76 39.54
CA GLY F 113 -31.49 28.28 40.35
C GLY F 113 -30.23 28.12 39.52
N GLU F 114 -30.32 28.50 38.25
CA GLU F 114 -29.30 28.19 37.25
C GLU F 114 -28.10 29.09 37.47
N THR F 115 -26.94 28.46 37.68
CA THR F 115 -25.69 29.20 37.75
C THR F 115 -24.58 28.66 36.86
N ASP F 116 -24.66 27.42 36.40
CA ASP F 116 -23.73 26.98 35.38
C ASP F 116 -24.04 27.66 34.06
N PRO F 117 -23.02 27.96 33.24
CA PRO F 117 -23.31 28.67 32.00
C PRO F 117 -24.07 27.82 31.01
N LEU F 118 -23.66 26.58 30.81
CA LEU F 118 -24.24 25.74 29.77
C LEU F 118 -25.76 25.68 29.90
N GLN F 119 -26.27 25.56 31.13
CA GLN F 119 -27.72 25.50 31.25
C GLN F 119 -28.34 26.88 31.12
N ILE F 120 -27.59 27.95 31.37
CA ILE F 120 -28.13 29.25 31.01
C ILE F 120 -28.31 29.33 29.50
N ALA F 121 -27.36 28.78 28.77
CA ALA F 121 -27.53 28.72 27.33
C ALA F 121 -28.80 27.97 26.97
N MET F 122 -28.91 26.72 27.42
CA MET F 122 -30.08 25.93 27.05
C MET F 122 -31.37 26.59 27.50
N LYS F 123 -31.34 27.38 28.56
CA LYS F 123 -32.56 28.07 28.98
C LYS F 123 -32.89 29.24 28.08
N GLU F 124 -31.88 30.03 27.69
CA GLU F 124 -32.18 31.09 26.74
C GLU F 124 -32.66 30.50 25.42
N LEU F 125 -32.20 29.31 25.08
CA LEU F 125 -32.56 28.77 23.78
C LEU F 125 -34.05 28.48 23.69
N SER F 126 -34.58 27.60 24.55
CA SER F 126 -35.97 27.22 24.42
C SER F 126 -36.89 28.42 24.55
N GLN F 127 -36.37 29.53 25.06
CA GLN F 127 -37.11 30.78 24.98
C GLN F 127 -36.78 31.55 23.71
N ARG F 128 -35.67 31.23 23.06
CA ARG F 128 -35.31 31.85 21.79
C ARG F 128 -35.23 33.36 21.93
N LYS F 129 -34.38 33.78 22.86
CA LYS F 129 -34.08 35.18 23.09
C LYS F 129 -32.58 35.43 22.96
N ILE F 130 -31.93 34.77 22.02
CA ILE F 130 -30.48 34.71 21.94
C ILE F 130 -29.98 35.57 20.78
N PRO F 131 -29.31 36.69 21.03
CA PRO F 131 -28.88 37.58 19.94
C PRO F 131 -27.67 37.05 19.20
N LEU F 132 -27.91 36.23 18.20
CA LEU F 132 -26.90 35.78 17.27
C LEU F 132 -27.51 35.58 15.90
N VAL F 133 -26.65 35.32 14.92
CA VAL F 133 -27.10 35.12 13.55
C VAL F 133 -26.28 34.04 12.89
N ILE F 134 -26.95 33.09 12.27
CA ILE F 134 -26.31 32.01 11.55
C ILE F 134 -26.07 32.42 10.12
N ARG F 135 -24.95 31.98 9.58
CA ARG F 135 -24.57 32.25 8.20
C ARG F 135 -24.26 30.91 7.55
N ARG F 136 -25.22 30.38 6.81
CA ARG F 136 -25.03 29.09 6.18
C ARG F 136 -24.40 29.26 4.81
N TYR F 137 -23.12 28.95 4.69
CA TYR F 137 -22.43 29.06 3.42
C TYR F 137 -22.88 27.95 2.49
N LEU F 138 -23.73 28.29 1.53
CA LEU F 138 -24.06 27.34 0.48
C LEU F 138 -22.80 27.03 -0.32
N PRO F 139 -22.76 25.91 -1.03
CA PRO F 139 -21.52 25.48 -1.67
C PRO F 139 -20.98 26.47 -2.67
N ASP F 140 -21.85 27.21 -3.36
CA ASP F 140 -21.34 28.10 -4.39
C ASP F 140 -20.47 29.18 -3.81
N GLY F 141 -20.72 29.56 -2.56
CA GLY F 141 -20.00 30.69 -2.00
C GLY F 141 -20.98 31.74 -1.54
N SER F 142 -22.21 31.69 -2.02
CA SER F 142 -23.22 32.58 -1.49
C SER F 142 -23.59 32.14 -0.07
N TYR F 143 -24.50 32.87 0.57
CA TYR F 143 -24.75 32.62 1.98
C TYR F 143 -26.00 33.34 2.44
N GLU F 144 -26.87 32.61 3.16
CA GLU F 144 -28.10 33.17 3.70
C GLU F 144 -27.85 33.59 5.14
N ASP F 145 -28.57 34.60 5.61
CA ASP F 145 -28.42 35.00 6.99
C ASP F 145 -29.66 34.75 7.81
N TRP F 146 -29.64 33.71 8.62
CA TRP F 146 -30.80 33.42 9.44
C TRP F 146 -30.66 34.06 10.81
N GLY F 147 -31.73 34.69 11.28
CA GLY F 147 -31.77 35.10 12.67
C GLY F 147 -32.17 33.96 13.57
N CYS F 148 -31.52 33.85 14.72
CA CYS F 148 -31.81 32.74 15.63
C CYS F 148 -33.28 32.71 15.96
N ASP F 149 -33.86 33.88 16.22
CA ASP F 149 -35.23 33.96 16.66
C ASP F 149 -36.20 33.61 15.54
N GLU F 150 -35.82 33.83 14.29
CA GLU F 150 -36.73 33.45 13.22
C GLU F 150 -36.60 31.96 12.89
N LEU F 151 -35.50 31.34 13.27
CA LEU F 151 -35.40 29.90 13.19
C LEU F 151 -36.39 29.21 14.10
N ILE F 152 -36.72 27.98 13.74
CA ILE F 152 -37.51 27.10 14.60
C ILE F 152 -36.57 26.08 15.22
N VAL F 153 -36.20 26.30 16.49
CA VAL F 153 -35.55 25.27 17.28
C VAL F 153 -36.47 24.07 17.37
N ASP F 154 -35.87 22.89 17.50
CA ASP F 154 -36.63 21.66 17.63
C ASP F 154 -37.63 21.74 18.78
N MET G 1 -0.60 67.47 -0.04
CA MET G 1 -1.57 67.02 -1.03
C MET G 1 -2.76 66.34 -0.35
N PHE G 2 -3.96 66.53 -0.87
CA PHE G 2 -5.16 65.99 -0.23
C PHE G 2 -5.92 65.05 -1.13
N PHE G 3 -6.48 64.00 -0.53
CA PHE G 3 -7.32 63.02 -1.21
C PHE G 3 -8.38 62.51 -0.26
N LEU G 4 -9.44 61.92 -0.82
CA LEU G 4 -10.29 61.00 -0.09
C LEU G 4 -9.87 59.60 -0.49
N LYS G 5 -9.93 58.66 0.45
CA LYS G 5 -9.57 57.29 0.14
C LYS G 5 -10.54 56.34 0.82
N ASP G 6 -10.78 55.21 0.14
CA ASP G 6 -11.73 54.20 0.58
C ASP G 6 -10.99 53.15 1.41
N LEU G 7 -11.23 53.15 2.72
CA LEU G 7 -10.46 52.39 3.69
C LEU G 7 -11.25 51.19 4.21
N SER G 8 -10.50 50.24 4.76
CA SER G 8 -11.06 49.09 5.42
C SER G 8 -10.14 48.67 6.57
N LEU G 9 -10.75 48.44 7.73
CA LEU G 9 -10.03 48.20 8.96
C LEU G 9 -10.62 46.98 9.66
N ILE G 10 -9.82 46.27 10.43
CA ILE G 10 -10.28 45.06 11.11
C ILE G 10 -10.20 45.27 12.62
N LEU G 11 -11.26 44.88 13.33
CA LEU G 11 -11.33 45.04 14.78
C LEU G 11 -11.76 43.76 15.45
N THR G 12 -11.39 43.61 16.72
CA THR G 12 -11.76 42.47 17.54
C THR G 12 -12.39 42.99 18.83
N LEU G 13 -13.57 42.50 19.15
CA LEU G 13 -14.41 43.08 20.19
C LEU G 13 -14.65 42.08 21.32
N HIS G 14 -14.32 42.52 22.54
CA HIS G 14 -14.62 41.77 23.75
C HIS G 14 -16.12 41.70 23.95
N PRO G 15 -16.63 40.63 24.56
CA PRO G 15 -18.09 40.45 24.62
C PRO G 15 -18.81 41.48 25.45
N SER G 16 -18.31 41.79 26.65
CA SER G 16 -19.12 42.53 27.63
C SER G 16 -19.58 43.88 27.12
N TYR G 17 -19.12 44.32 25.95
CA TYR G 17 -19.57 45.55 25.32
C TYR G 17 -20.85 45.34 24.52
N PHE G 18 -21.52 44.20 24.70
CA PHE G 18 -22.70 43.83 23.93
C PHE G 18 -23.97 44.33 24.65
N GLY G 19 -24.32 45.57 24.35
CA GLY G 19 -25.50 46.18 24.90
C GLY G 19 -26.33 46.88 23.84
N PRO G 20 -26.95 48.00 24.22
CA PRO G 20 -27.73 48.78 23.25
C PRO G 20 -26.87 49.68 22.39
N GLN G 21 -25.76 50.20 22.93
CA GLN G 21 -24.98 51.28 22.36
C GLN G 21 -23.96 50.76 21.36
N MET G 22 -24.22 49.60 20.78
CA MET G 22 -23.16 48.84 20.12
C MET G 22 -22.55 49.64 18.97
N ASN G 23 -23.30 49.79 17.88
CA ASN G 23 -22.74 50.38 16.66
C ASN G 23 -22.11 51.73 16.95
N GLN G 24 -22.67 52.46 17.91
CA GLN G 24 -22.12 53.78 18.20
C GLN G 24 -20.84 53.67 19.01
N TYR G 25 -20.75 52.72 19.94
CA TYR G 25 -19.46 52.50 20.58
C TYR G 25 -18.43 52.09 19.55
N LEU G 26 -18.86 51.40 18.50
CA LEU G 26 -17.95 50.99 17.44
C LEU G 26 -17.42 52.20 16.68
N ARG G 27 -18.32 53.06 16.23
CA ARG G 27 -17.91 54.26 15.50
C ARG G 27 -17.07 55.18 16.38
N GLU G 28 -17.33 55.19 17.69
CA GLU G 28 -16.54 55.99 18.59
C GLU G 28 -15.13 55.43 18.76
N LYS G 29 -15.01 54.10 18.82
CA LYS G 29 -13.68 53.49 18.80
C LYS G 29 -12.95 53.84 17.51
N LEU G 30 -13.66 53.78 16.38
CA LEU G 30 -13.04 54.07 15.09
C LEU G 30 -12.51 55.50 15.07
N LEU G 31 -13.31 56.45 15.54
CA LEU G 31 -12.80 57.81 15.65
C LEU G 31 -11.59 57.85 16.58
N THR G 32 -11.75 57.36 17.81
CA THR G 32 -10.73 57.54 18.84
C THR G 32 -9.37 57.05 18.37
N ASP G 33 -9.32 55.99 17.58
CA ASP G 33 -8.02 55.45 17.18
C ASP G 33 -7.72 55.56 15.69
N VAL G 34 -8.53 56.25 14.89
CA VAL G 34 -8.30 56.34 13.46
C VAL G 34 -7.84 57.71 13.01
N GLU G 35 -8.48 58.79 13.48
CA GLU G 35 -8.13 60.12 12.99
C GLU G 35 -6.80 60.59 13.55
N GLY G 36 -5.99 61.19 12.68
CA GLY G 36 -4.75 61.81 13.09
C GLY G 36 -3.51 60.96 12.91
N THR G 37 -3.64 59.65 12.70
CA THR G 37 -2.49 58.76 12.70
C THR G 37 -1.69 58.88 11.40
N CYS G 38 -0.52 58.24 11.40
CA CYS G 38 0.39 58.25 10.28
C CYS G 38 0.50 56.88 9.65
N THR G 39 0.25 56.82 8.33
CA THR G 39 0.38 55.58 7.58
C THR G 39 1.26 55.83 6.37
N GLY G 40 2.34 55.06 6.26
CA GLY G 40 3.17 55.12 5.07
C GLY G 40 2.44 54.73 3.81
N GLN G 41 1.22 54.22 3.93
CA GLN G 41 0.47 53.79 2.76
C GLN G 41 -0.49 54.88 2.29
N PHE G 42 -1.21 55.50 3.21
CA PHE G 42 -2.26 56.46 2.87
C PHE G 42 -1.89 57.91 3.17
N GLY G 43 -0.77 58.15 3.82
CA GLY G 43 -0.50 59.44 4.40
C GLY G 43 -1.02 59.51 5.81
N TYR G 44 -1.46 60.69 6.18
CA TYR G 44 -2.12 60.87 7.46
C TYR G 44 -3.62 60.67 7.28
N ILE G 45 -4.22 59.81 8.11
CA ILE G 45 -5.67 59.74 8.17
C ILE G 45 -6.13 61.03 8.84
N VAL G 46 -6.63 61.96 8.03
CA VAL G 46 -6.88 63.29 8.55
C VAL G 46 -8.18 63.33 9.35
N THR G 47 -9.31 63.18 8.67
CA THR G 47 -10.59 63.15 9.34
C THR G 47 -11.55 62.23 8.57
N VAL G 48 -12.73 62.08 9.15
CA VAL G 48 -13.79 61.25 8.60
C VAL G 48 -14.85 62.17 8.03
N LEU G 49 -15.44 61.76 6.90
CA LEU G 49 -16.72 62.32 6.49
C LEU G 49 -17.84 61.46 7.06
N ASP G 50 -18.87 62.11 7.58
CA ASP G 50 -20.04 61.39 8.07
C ASP G 50 -19.64 60.42 9.18
N GLY G 51 -19.13 60.97 10.28
CA GLY G 51 -18.63 60.12 11.34
C GLY G 51 -19.74 59.44 12.13
N MET G 52 -20.92 60.07 12.15
CA MET G 52 -22.01 59.56 12.97
C MET G 52 -22.91 58.58 12.24
N ASN G 53 -22.74 58.42 10.92
CA ASN G 53 -23.49 57.42 10.15
C ASN G 53 -22.57 56.41 9.46
N ILE G 54 -21.56 55.90 10.17
CA ILE G 54 -20.66 54.92 9.60
C ILE G 54 -21.30 53.54 9.70
N ASP G 55 -21.21 52.76 8.62
CA ASP G 55 -21.71 51.39 8.63
C ASP G 55 -20.55 50.44 8.84
N VAL G 56 -20.82 49.34 9.56
CA VAL G 56 -19.85 48.26 9.69
C VAL G 56 -20.28 47.01 8.97
N GLY G 57 -21.56 46.82 8.72
CA GLY G 57 -22.04 45.56 8.19
C GLY G 57 -22.34 44.58 9.30
N LYS G 58 -22.24 43.30 8.98
CA LYS G 58 -22.47 42.23 9.94
C LYS G 58 -21.16 41.72 10.48
N GLY G 59 -21.03 41.72 11.81
CA GLY G 59 -19.78 41.35 12.44
C GLY G 59 -19.74 39.88 12.81
N ARG G 60 -18.56 39.28 12.70
CA ARG G 60 -18.41 37.85 12.89
C ARG G 60 -17.74 37.57 14.23
N ILE G 61 -18.34 36.68 15.00
CA ILE G 61 -17.81 36.32 16.31
C ILE G 61 -16.58 35.44 16.12
N ILE G 62 -15.47 35.84 16.72
CA ILE G 62 -14.19 35.14 16.56
C ILE G 62 -14.36 33.67 16.91
N PRO G 63 -14.21 32.76 15.96
CA PRO G 63 -14.40 31.35 16.25
C PRO G 63 -13.34 30.80 17.20
N GLY G 64 -13.70 30.75 18.48
CA GLY G 64 -12.81 30.22 19.49
C GLY G 64 -12.51 31.13 20.65
N SER G 65 -12.97 32.37 20.62
CA SER G 65 -12.71 33.28 21.73
C SER G 65 -13.92 34.08 22.18
N GLY G 66 -15.05 34.00 21.48
CA GLY G 66 -16.20 34.77 21.86
C GLY G 66 -16.18 36.18 21.29
N SER G 67 -14.98 36.70 21.05
CA SER G 67 -14.82 38.04 20.54
C SER G 67 -15.41 38.15 19.13
N ALA G 68 -15.48 39.39 18.63
CA ALA G 68 -16.09 39.67 17.34
C ALA G 68 -15.07 40.26 16.36
N GLU G 69 -15.21 39.92 15.09
CA GLU G 69 -14.39 40.50 14.02
C GLU G 69 -15.24 41.49 13.24
N PHE G 70 -14.77 42.73 13.18
CA PHE G 70 -15.45 43.79 12.45
C PHE G 70 -14.60 44.28 11.28
N GLU G 71 -15.20 44.29 10.09
CA GLU G 71 -14.58 44.85 8.90
C GLU G 71 -15.21 46.21 8.66
N VAL G 72 -14.54 47.25 9.17
CA VAL G 72 -15.01 48.63 9.06
C VAL G 72 -14.64 49.13 7.66
N LYS G 73 -15.64 49.24 6.80
CA LYS G 73 -15.50 49.96 5.55
C LYS G 73 -15.76 51.45 5.80
N TYR G 74 -14.96 52.31 5.20
CA TYR G 74 -15.27 53.73 5.25
C TYR G 74 -14.50 54.45 4.15
N ARG G 75 -14.51 55.77 4.22
CA ARG G 75 -13.89 56.65 3.24
C ARG G 75 -13.52 57.95 3.92
N ALA G 76 -12.22 58.19 4.07
CA ALA G 76 -11.75 59.29 4.91
C ALA G 76 -10.76 60.16 4.16
N VAL G 77 -10.55 61.36 4.70
CA VAL G 77 -9.67 62.34 4.09
C VAL G 77 -8.24 62.03 4.50
N VAL G 78 -7.32 62.05 3.53
CA VAL G 78 -5.91 61.83 3.77
C VAL G 78 -5.10 62.98 3.20
N TRP G 79 -4.04 63.35 3.91
CA TRP G 79 -3.01 64.27 3.45
C TRP G 79 -1.76 63.43 3.24
N LYS G 80 -1.11 63.56 2.09
CA LYS G 80 0.14 62.83 1.89
C LYS G 80 1.02 63.57 0.89
N PRO G 81 2.25 63.89 1.27
CA PRO G 81 3.15 64.58 0.36
C PRO G 81 3.81 63.61 -0.61
N PHE G 82 4.31 64.17 -1.70
CA PHE G 82 4.91 63.41 -2.78
C PHE G 82 6.31 63.95 -3.06
N LYS G 83 7.17 63.10 -3.60
CA LYS G 83 8.56 63.48 -3.84
C LYS G 83 8.68 64.26 -5.15
N GLY G 84 8.91 65.56 -5.03
CA GLY G 84 8.92 66.47 -6.16
C GLY G 84 7.88 67.57 -6.08
N GLU G 85 7.37 67.88 -4.88
CA GLU G 85 6.17 68.69 -4.74
C GLU G 85 6.48 70.16 -4.52
N VAL G 86 5.77 71.03 -5.25
CA VAL G 86 5.86 72.48 -5.07
C VAL G 86 4.97 72.89 -3.89
N VAL G 87 5.58 73.33 -2.80
CA VAL G 87 4.83 73.64 -1.58
C VAL G 87 5.31 74.95 -0.96
N ASP G 88 4.36 75.74 -0.47
CA ASP G 88 4.69 76.82 0.45
C ASP G 88 4.67 76.32 1.88
N ALA G 89 5.39 77.04 2.73
CA ALA G 89 5.72 76.56 4.06
C ALA G 89 6.07 77.75 4.93
N ILE G 90 6.16 77.52 6.23
CA ILE G 90 6.51 78.61 7.17
C ILE G 90 7.72 78.17 7.98
N VAL G 91 8.80 78.94 7.91
CA VAL G 91 10.05 78.54 8.57
C VAL G 91 9.85 78.54 10.08
N SER G 92 10.34 77.49 10.72
CA SER G 92 10.17 77.25 12.15
C SER G 92 11.35 77.73 12.98
N ASN G 93 12.56 77.35 12.60
CA ASN G 93 13.78 77.87 13.21
C ASN G 93 14.75 78.19 12.09
N VAL G 94 15.88 78.79 12.46
CA VAL G 94 16.98 79.05 11.54
C VAL G 94 18.27 78.63 12.22
N SER G 95 19.18 78.06 11.46
CA SER G 95 20.43 77.57 12.03
C SER G 95 21.61 78.09 11.22
N PRO G 96 22.79 78.21 11.82
CA PRO G 96 23.97 78.67 11.06
C PRO G 96 24.30 77.80 9.86
N ILE G 97 23.59 76.69 9.66
CA ILE G 97 23.96 75.64 8.72
C ILE G 97 22.85 75.34 7.72
N GLY G 98 21.78 76.11 7.72
CA GLY G 98 20.64 75.81 6.87
C GLY G 98 19.34 76.15 7.56
N PHE G 99 18.20 75.79 6.96
CA PHE G 99 16.94 76.29 7.47
C PHE G 99 15.89 75.18 7.55
N PHE G 100 15.06 75.26 8.59
CA PHE G 100 13.97 74.35 8.87
C PHE G 100 12.65 75.08 8.66
N ALA G 101 11.76 74.50 7.87
CA ALA G 101 10.46 75.12 7.59
C ALA G 101 9.36 74.08 7.68
N ASP G 102 8.30 74.38 8.43
CA ASP G 102 7.10 73.57 8.43
C ASP G 102 6.55 73.51 7.02
N VAL G 103 6.68 72.31 6.41
CA VAL G 103 6.11 71.92 5.12
C VAL G 103 5.01 70.91 5.38
N GLY G 104 3.77 71.31 5.14
CA GLY G 104 2.65 70.49 5.53
C GLY G 104 2.72 70.19 7.00
N PRO G 105 2.07 69.11 7.42
CA PRO G 105 2.19 68.70 8.82
C PRO G 105 3.61 68.42 9.26
N LEU G 106 4.50 68.08 8.33
CA LEU G 106 5.85 67.77 8.77
C LEU G 106 6.76 68.99 8.55
N ASN G 107 8.03 68.81 8.84
CA ASN G 107 9.02 69.87 8.81
C ASN G 107 10.18 69.43 7.92
N VAL G 108 10.69 70.35 7.11
CA VAL G 108 11.71 70.04 6.11
C VAL G 108 12.92 70.93 6.32
N PHE G 109 14.11 70.34 6.20
CA PHE G 109 15.36 71.07 6.30
C PHE G 109 16.03 71.18 4.93
N VAL G 110 16.59 72.36 4.65
CA VAL G 110 17.33 72.63 3.42
C VAL G 110 18.63 73.31 3.81
N SER G 111 19.76 72.70 3.47
CA SER G 111 21.05 73.14 3.99
C SER G 111 21.75 74.11 3.05
N THR G 112 23.03 74.35 3.37
CA THR G 112 23.83 75.32 2.65
C THR G 112 24.02 74.95 1.18
N ARG G 113 24.54 73.74 0.93
CA ARG G 113 24.89 73.28 -0.41
C ARG G 113 23.72 73.32 -1.38
N LEU G 114 22.52 73.64 -0.92
CA LEU G 114 21.34 73.73 -1.76
C LEU G 114 20.76 75.14 -1.77
N ILE G 115 21.56 76.13 -1.37
CA ILE G 115 21.14 77.53 -1.28
C ILE G 115 21.87 78.32 -2.35
N PRO G 116 21.18 79.15 -3.14
CA PRO G 116 21.89 79.98 -4.13
C PRO G 116 22.77 81.00 -3.43
N ASP G 117 24.04 81.05 -3.85
CA ASP G 117 25.06 81.77 -3.10
C ASP G 117 24.99 83.27 -3.29
N ASN G 118 23.88 83.79 -3.81
CA ASN G 118 23.60 85.20 -3.60
C ASN G 118 22.85 85.46 -2.30
N LEU G 119 22.17 84.44 -1.75
CA LEU G 119 21.40 84.57 -0.51
C LEU G 119 22.24 84.10 0.66
N VAL G 120 22.72 85.04 1.48
CA VAL G 120 23.62 84.73 2.58
C VAL G 120 22.84 84.69 3.88
N TYR G 121 23.08 83.66 4.68
CA TYR G 121 22.51 83.56 6.01
C TYR G 121 22.94 84.80 6.81
N ASN G 122 22.05 85.30 7.66
CA ASN G 122 22.34 86.50 8.43
C ASN G 122 21.78 86.34 9.83
N PRO G 123 22.60 85.89 10.80
CA PRO G 123 22.07 85.66 12.15
C PRO G 123 21.68 86.93 12.88
N SER G 124 22.49 87.98 12.80
CA SER G 124 22.17 89.21 13.53
C SER G 124 21.03 89.98 12.88
N ASN G 125 20.56 89.52 11.73
CA ASN G 125 19.36 90.08 11.14
C ASN G 125 18.16 89.76 12.01
N SER G 126 17.16 90.63 12.00
CA SER G 126 15.99 90.49 12.87
C SER G 126 14.72 90.44 12.05
N PRO G 127 14.13 89.26 11.82
CA PRO G 127 14.62 87.96 12.27
C PRO G 127 15.68 87.42 11.31
N PRO G 128 16.46 86.43 11.74
CA PRO G 128 17.51 85.90 10.86
C PRO G 128 16.94 85.46 9.53
N ALA G 129 17.68 85.78 8.47
CA ALA G 129 17.16 85.62 7.11
C ALA G 129 18.32 85.39 6.16
N TYR G 130 18.00 84.76 5.03
CA TYR G 130 18.92 84.61 3.91
C TYR G 130 18.70 85.80 2.98
N MET G 131 19.74 86.62 2.84
CA MET G 131 19.62 87.96 2.27
C MET G 131 20.25 88.01 0.89
N SER G 132 19.54 88.70 0.00
CA SER G 132 20.09 89.22 -1.24
C SER G 132 19.45 90.58 -1.47
N ASN G 133 19.71 91.16 -2.63
CA ASN G 133 19.26 92.50 -2.96
C ASN G 133 18.01 92.36 -3.82
N ASP G 134 16.88 92.82 -3.26
CA ASP G 134 15.51 92.57 -3.74
C ASP G 134 15.03 91.19 -3.35
N GLU G 135 15.83 90.45 -2.58
CA GLU G 135 15.51 89.09 -2.17
C GLU G 135 15.54 88.96 -0.66
N LEU G 136 14.73 88.04 -0.14
CA LEU G 136 14.62 87.83 1.31
C LEU G 136 14.04 86.45 1.56
N ILE G 137 14.67 85.69 2.46
CA ILE G 137 14.05 84.48 2.99
C ILE G 137 14.08 84.54 4.51
N THR G 138 12.93 84.79 5.15
CA THR G 138 12.93 85.13 6.56
C THR G 138 11.80 84.43 7.32
N LYS G 139 11.83 84.59 8.63
CA LYS G 139 10.72 84.18 9.49
C LYS G 139 9.54 85.10 9.32
N GLY G 140 8.35 84.52 9.21
CA GLY G 140 7.12 85.26 9.04
C GLY G 140 6.66 85.42 7.62
N SER G 141 7.57 85.69 6.69
CA SER G 141 7.28 85.58 5.27
C SER G 141 7.51 84.14 4.84
N LYS G 142 6.48 83.52 4.28
CA LYS G 142 6.52 82.10 3.96
C LYS G 142 7.61 81.79 2.94
N VAL G 143 8.00 80.53 2.87
CA VAL G 143 9.07 80.07 2.00
C VAL G 143 8.60 78.83 1.24
N ARG G 144 8.91 78.79 -0.06
CA ARG G 144 8.52 77.67 -0.92
C ARG G 144 9.68 76.68 -0.98
N LEU G 145 9.35 75.39 -1.07
CA LEU G 145 10.34 74.37 -1.38
C LEU G 145 9.73 73.18 -2.12
N LYS G 146 10.60 72.19 -2.37
CA LYS G 146 10.31 70.99 -3.15
C LYS G 146 10.88 69.76 -2.46
N VAL G 147 9.99 68.83 -2.10
CA VAL G 147 10.39 67.54 -1.52
C VAL G 147 11.08 66.70 -2.60
N VAL G 148 12.35 66.36 -2.38
CA VAL G 148 13.13 65.66 -3.39
C VAL G 148 13.69 64.33 -2.90
N GLY G 149 13.72 64.07 -1.60
CA GLY G 149 14.30 62.82 -1.15
C GLY G 149 13.58 62.12 -0.01
N THR G 150 13.38 60.80 -0.12
CA THR G 150 12.51 60.05 0.78
C THR G 150 13.27 58.90 1.44
N ARG G 151 13.27 58.88 2.77
CA ARG G 151 13.73 57.75 3.56
C ARG G 151 12.62 57.31 4.52
N THR G 152 12.13 56.08 4.33
CA THR G 152 10.87 55.64 4.94
C THR G 152 11.14 54.94 6.26
N ASP G 153 11.10 55.71 7.34
CA ASP G 153 10.92 55.20 8.69
C ASP G 153 9.44 55.14 9.06
N VAL G 154 8.74 54.08 8.66
CA VAL G 154 7.31 54.09 8.34
C VAL G 154 6.48 54.83 9.38
N ASN G 155 6.93 54.84 10.64
CA ASN G 155 6.24 55.57 11.69
C ASN G 155 6.17 57.06 11.41
N GLU G 156 7.23 57.64 10.86
CA GLU G 156 7.18 58.91 10.16
C GLU G 156 8.16 58.83 9.00
N ILE G 157 7.64 58.82 7.78
CA ILE G 157 8.51 58.85 6.61
C ILE G 157 9.24 60.17 6.66
N TYR G 158 10.46 60.22 6.12
CA TYR G 158 11.25 61.43 6.20
C TYR G 158 11.57 61.94 4.81
N ALA G 159 11.25 63.20 4.56
CA ALA G 159 11.47 63.84 3.28
C ALA G 159 12.40 65.03 3.46
N ILE G 160 13.28 65.22 2.49
CA ILE G 160 14.20 66.35 2.45
C ILE G 160 13.92 67.14 1.18
N GLY G 161 13.88 68.47 1.32
CA GLY G 161 13.53 69.37 0.25
C GLY G 161 14.67 70.32 -0.11
N SER G 162 14.40 71.14 -1.12
CA SER G 162 15.38 72.10 -1.62
C SER G 162 14.70 73.08 -2.56
N ILE G 163 15.41 74.17 -2.88
CA ILE G 163 14.88 75.23 -3.71
C ILE G 163 15.78 75.51 -4.92
N LYS G 164 16.48 74.50 -5.42
CA LYS G 164 17.53 74.70 -6.43
C LYS G 164 17.07 74.35 -7.86
N GLU G 165 15.80 74.56 -8.20
CA GLU G 165 15.38 74.40 -9.59
C GLU G 165 14.68 75.66 -10.05
N ASP G 166 13.94 75.51 -11.14
CA ASP G 166 13.31 76.65 -11.79
C ASP G 166 12.21 77.25 -10.93
N PHE G 167 12.28 78.57 -10.75
CA PHE G 167 11.23 79.45 -10.25
C PHE G 167 11.00 79.33 -8.75
N LEU G 168 11.68 78.41 -8.06
CA LEU G 168 11.50 78.22 -6.63
C LEU G 168 12.36 79.24 -5.90
N GLY G 169 11.83 79.79 -4.81
CA GLY G 169 12.60 80.73 -4.01
C GLY G 169 11.70 81.67 -3.24
N ALA G 170 12.13 82.92 -3.15
CA ALA G 170 11.47 83.92 -2.33
C ALA G 170 10.15 84.39 -2.94
N ILE G 171 9.13 84.52 -2.10
CA ILE G 171 7.85 85.07 -2.51
C ILE G 171 7.45 86.16 -1.53
N SER H 3 -71.81 -5.65 44.07
CA SER H 3 -71.31 -4.92 42.90
C SER H 3 -70.84 -5.91 41.87
N ALA H 4 -71.11 -7.19 42.14
CA ALA H 4 -70.76 -8.25 41.22
C ALA H 4 -71.33 -7.97 39.84
N LEU H 5 -70.47 -8.02 38.84
CA LEU H 5 -70.87 -7.80 37.47
C LEU H 5 -70.94 -9.08 36.67
N PHE H 6 -71.19 -10.20 37.35
CA PHE H 6 -71.26 -11.51 36.77
C PHE H 6 -71.53 -12.45 37.92
N ASP H 7 -71.87 -13.70 37.61
CA ASP H 7 -71.76 -14.77 38.58
C ASP H 7 -72.03 -16.09 37.89
N ASP H 8 -71.24 -17.09 38.21
CA ASP H 8 -71.62 -18.40 37.72
C ASP H 8 -70.88 -19.46 38.51
N ILE H 9 -71.22 -20.71 38.22
CA ILE H 9 -70.64 -21.87 38.85
C ILE H 9 -70.04 -22.76 37.78
N PHE H 10 -68.84 -23.27 38.02
CA PHE H 10 -68.13 -23.98 36.97
C PHE H 10 -67.64 -25.33 37.44
N THR H 11 -67.55 -26.23 36.47
CA THR H 11 -66.85 -27.49 36.60
C THR H 11 -65.55 -27.39 35.84
N VAL H 12 -64.48 -27.87 36.46
CA VAL H 12 -63.17 -27.86 35.85
C VAL H 12 -63.00 -29.14 35.07
N GLN H 13 -62.72 -29.04 33.79
CA GLN H 13 -62.54 -30.25 33.02
C GLN H 13 -61.09 -30.70 32.94
N THR H 14 -60.16 -29.85 32.51
CA THR H 14 -58.77 -30.23 32.46
C THR H 14 -57.88 -29.18 33.09
N VAL H 15 -56.91 -29.65 33.84
CA VAL H 15 -55.90 -28.81 34.48
C VAL H 15 -54.53 -29.32 34.10
N ASP H 16 -53.73 -28.47 33.48
CA ASP H 16 -52.38 -28.84 33.08
C ASP H 16 -51.37 -28.01 33.85
N ASN H 17 -50.46 -28.72 34.54
CA ASN H 17 -49.25 -28.09 35.04
C ASN H 17 -48.26 -27.92 33.90
N GLY H 18 -47.67 -29.03 33.45
CA GLY H 18 -46.75 -28.99 32.35
C GLY H 18 -45.59 -28.04 32.55
N ARG H 19 -45.77 -26.81 32.08
CA ARG H 19 -44.67 -25.88 31.97
C ARG H 19 -44.31 -25.22 33.29
N TYR H 20 -44.97 -25.53 34.38
CA TYR H 20 -44.69 -24.78 35.59
C TYR H 20 -44.79 -25.65 36.82
N ASN H 21 -44.30 -25.14 37.93
CA ASN H 21 -44.49 -25.83 39.18
C ASN H 21 -45.52 -25.16 40.07
N LYS H 22 -45.82 -23.89 39.84
CA LYS H 22 -46.78 -23.23 40.71
C LYS H 22 -48.06 -22.81 40.01
N VAL H 23 -48.05 -22.57 38.71
CA VAL H 23 -49.24 -22.07 38.05
C VAL H 23 -49.73 -23.08 37.05
N SER H 24 -50.98 -23.48 37.17
CA SER H 24 -51.57 -24.41 36.24
C SER H 24 -52.83 -23.79 35.65
N ARG H 25 -53.13 -24.21 34.43
CA ARG H 25 -54.23 -23.65 33.67
C ARG H 25 -55.44 -24.54 33.81
N ILE H 26 -56.60 -23.92 33.99
CA ILE H 26 -57.85 -24.62 34.14
C ILE H 26 -58.77 -24.22 33.02
N ILE H 27 -59.62 -25.16 32.64
CA ILE H 27 -60.64 -24.98 31.62
C ILE H 27 -61.98 -25.25 32.28
N GLY H 28 -62.70 -24.18 32.60
CA GLY H 28 -63.97 -24.28 33.27
C GLY H 28 -65.15 -24.16 32.32
N ILE H 29 -66.17 -24.96 32.55
CA ILE H 29 -67.41 -24.85 31.79
C ILE H 29 -68.56 -24.78 32.77
N SER H 30 -69.55 -23.94 32.47
CA SER H 30 -70.65 -23.74 33.37
C SER H 30 -71.55 -24.96 33.40
N THR H 31 -72.53 -24.92 34.29
CA THR H 31 -73.61 -25.89 34.31
C THR H 31 -74.97 -25.23 34.11
N THR H 32 -75.16 -24.01 34.63
CA THR H 32 -76.38 -23.25 34.33
C THR H 32 -76.54 -23.01 32.84
N ASN H 33 -75.43 -23.01 32.08
CA ASN H 33 -75.49 -22.74 30.65
C ASN H 33 -74.13 -23.05 30.05
N SER H 34 -74.06 -24.03 29.15
CA SER H 34 -72.82 -24.17 28.41
C SER H 34 -72.70 -22.99 27.44
N ALA H 35 -71.72 -23.08 26.54
CA ALA H 35 -71.37 -21.95 25.68
C ALA H 35 -70.95 -20.74 26.50
N ILE H 36 -70.41 -20.99 27.68
CA ILE H 36 -69.63 -20.00 28.43
C ILE H 36 -68.35 -20.70 28.80
N LYS H 37 -67.35 -20.65 27.93
CA LYS H 37 -66.13 -21.40 28.16
C LYS H 37 -65.18 -20.50 28.93
N LEU H 38 -64.33 -21.10 29.75
CA LEU H 38 -63.51 -20.33 30.66
C LEU H 38 -62.13 -20.91 30.72
N THR H 39 -61.12 -20.05 30.71
CA THR H 39 -59.74 -20.50 30.83
C THR H 39 -58.96 -19.57 31.73
N LEU H 40 -58.36 -20.14 32.77
CA LEU H 40 -57.83 -19.33 33.85
C LEU H 40 -56.55 -19.95 34.39
N ASP H 41 -55.58 -19.13 34.74
CA ASP H 41 -54.37 -19.67 35.34
C ASP H 41 -54.38 -19.43 36.84
N ILE H 42 -53.87 -20.40 37.61
CA ILE H 42 -54.00 -20.34 39.06
C ILE H 42 -52.74 -20.83 39.73
N ASN H 43 -52.61 -20.49 41.00
CA ASN H 43 -51.40 -20.69 41.76
C ASN H 43 -51.51 -21.91 42.65
N ASN H 44 -50.89 -23.00 42.24
CA ASN H 44 -51.12 -24.29 42.89
C ASN H 44 -50.75 -24.25 44.36
N GLU H 45 -49.79 -23.43 44.73
CA GLU H 45 -49.41 -23.35 46.13
C GLU H 45 -50.35 -22.49 46.97
N MET H 46 -51.14 -21.63 46.36
CA MET H 46 -52.03 -20.78 47.14
C MET H 46 -53.48 -21.15 46.96
N PHE H 47 -53.79 -22.02 46.01
CA PHE H 47 -55.16 -22.46 45.80
C PHE H 47 -55.15 -23.73 44.98
N PRO H 48 -54.86 -24.87 45.56
CA PRO H 48 -54.79 -26.09 44.75
C PRO H 48 -56.18 -26.46 44.28
N VAL H 49 -56.23 -27.13 43.14
CA VAL H 49 -57.47 -27.67 42.61
C VAL H 49 -57.20 -29.06 42.05
N SER H 50 -58.27 -29.73 41.66
CA SER H 50 -58.17 -31.03 41.04
C SER H 50 -59.26 -31.13 39.98
N GLN H 51 -59.15 -32.16 39.16
CA GLN H 51 -60.01 -32.25 38.00
C GLN H 51 -61.46 -32.47 38.44
N ASP H 52 -62.39 -31.96 37.64
CA ASP H 52 -63.81 -32.27 37.77
C ASP H 52 -64.37 -31.75 39.09
N ASP H 53 -63.81 -30.65 39.55
CA ASP H 53 -64.27 -30.05 40.78
C ASP H 53 -65.13 -28.83 40.45
N SER H 54 -65.37 -27.98 41.45
CA SER H 54 -66.31 -26.88 41.29
C SER H 54 -65.69 -25.58 41.76
N LEU H 55 -66.12 -24.49 41.14
CA LEU H 55 -65.65 -23.14 41.45
C LEU H 55 -66.83 -22.20 41.36
N THR H 56 -66.87 -21.19 42.22
CA THR H 56 -67.96 -20.21 42.17
C THR H 56 -67.42 -18.85 41.79
N VAL H 57 -67.43 -18.53 40.51
CA VAL H 57 -66.68 -17.40 39.98
C VAL H 57 -67.53 -16.15 40.02
N THR H 58 -66.89 -15.03 40.33
CA THR H 58 -67.54 -13.73 40.45
C THR H 58 -66.57 -12.68 39.95
N LEU H 59 -67.06 -11.65 39.27
CA LEU H 59 -66.20 -10.63 38.69
C LEU H 59 -66.66 -9.24 39.09
N ALA H 60 -65.87 -8.55 39.89
CA ALA H 60 -66.23 -7.24 40.36
C ALA H 60 -65.34 -6.20 39.70
N ASN H 61 -65.82 -4.96 39.70
CA ASN H 61 -65.01 -3.83 39.32
C ASN H 61 -64.73 -2.88 40.46
N SER H 62 -65.13 -3.23 41.68
CA SER H 62 -64.64 -2.52 42.85
C SER H 62 -64.99 -3.31 44.10
N LEU H 63 -63.98 -3.81 44.79
CA LEU H 63 -64.24 -4.63 45.96
C LEU H 63 -64.90 -3.87 47.09
N SER H 64 -65.06 -2.56 46.95
CA SER H 64 -65.77 -1.81 47.97
C SER H 64 -67.23 -2.20 47.94
N LEU H 65 -67.91 -2.02 49.06
CA LEU H 65 -69.29 -2.46 49.16
C LEU H 65 -70.23 -1.28 49.38
N LYS H 76 -53.99 6.22 46.34
CA LYS H 76 -54.43 4.99 45.70
C LYS H 76 -53.44 3.88 45.93
N SER H 77 -52.48 4.17 46.79
CA SER H 77 -51.39 3.25 47.03
C SER H 77 -51.83 2.09 47.90
N TRP H 78 -51.89 0.91 47.30
CA TRP H 78 -52.36 -0.25 48.04
C TRP H 78 -51.52 -0.59 49.24
N ARG H 79 -51.98 -0.29 50.37
CA ARG H 79 -51.31 -0.84 51.51
C ARG H 79 -51.83 -2.23 51.80
N PRO H 80 -51.14 -3.02 52.61
CA PRO H 80 -51.77 -4.20 53.17
C PRO H 80 -52.96 -3.79 54.03
N PRO H 81 -53.99 -4.61 54.08
CA PRO H 81 -55.26 -4.16 54.63
C PRO H 81 -55.25 -4.17 56.14
N LYS H 82 -56.08 -3.33 56.71
CA LYS H 82 -56.38 -3.41 58.12
C LYS H 82 -57.10 -4.72 58.40
N PRO H 83 -57.14 -5.16 59.63
CA PRO H 83 -57.96 -6.33 59.95
C PRO H 83 -59.41 -5.93 60.07
N THR H 84 -59.64 -4.67 60.46
CA THR H 84 -60.96 -4.23 60.86
C THR H 84 -61.88 -3.91 59.70
N ASP H 85 -61.33 -3.50 58.55
CA ASP H 85 -62.15 -3.12 57.42
C ASP H 85 -62.60 -4.39 56.67
N LYS H 86 -63.57 -4.21 55.77
CA LYS H 86 -64.27 -5.35 55.23
C LYS H 86 -64.37 -5.24 53.72
N SER H 87 -64.42 -6.39 53.07
CA SER H 87 -64.32 -6.47 51.62
C SER H 87 -65.50 -7.22 51.06
N LEU H 88 -65.57 -7.21 49.74
CA LEU H 88 -66.32 -8.26 49.08
C LEU H 88 -65.58 -9.57 49.14
N ALA H 89 -64.27 -9.52 49.28
CA ALA H 89 -63.50 -10.75 49.22
C ALA H 89 -63.76 -11.64 50.40
N ASP H 90 -64.39 -11.11 51.44
CA ASP H 90 -64.40 -11.79 52.71
C ASP H 90 -65.19 -13.09 52.68
N ASP H 91 -65.52 -13.59 51.49
CA ASP H 91 -66.34 -14.78 51.36
C ASP H 91 -65.70 -15.79 50.41
N TYR H 92 -64.41 -15.65 50.12
CA TYR H 92 -63.79 -16.44 49.09
C TYR H 92 -62.39 -16.81 49.52
N ASP H 93 -61.58 -17.23 48.56
CA ASP H 93 -60.29 -17.77 48.87
C ASP H 93 -59.20 -17.40 47.89
N TYR H 94 -59.49 -16.58 46.88
CA TYR H 94 -58.48 -16.31 45.87
C TYR H 94 -59.03 -15.13 45.06
N VAL H 95 -58.57 -13.94 45.38
CA VAL H 95 -59.14 -12.72 44.86
C VAL H 95 -58.05 -11.98 44.11
N MET H 96 -57.99 -12.16 42.80
CA MET H 96 -56.89 -11.68 41.99
C MET H 96 -57.31 -10.38 41.32
N PHE H 97 -56.33 -9.59 40.92
CA PHE H 97 -56.60 -8.34 40.24
C PHE H 97 -55.99 -8.36 38.84
N GLY H 98 -56.64 -7.68 37.91
CA GLY H 98 -56.16 -7.71 36.54
C GLY H 98 -56.70 -6.62 35.64
N THR H 99 -56.42 -6.72 34.35
CA THR H 99 -56.82 -5.65 33.46
C THR H 99 -57.51 -6.24 32.24
N VAL H 100 -58.63 -5.63 31.86
CA VAL H 100 -59.30 -5.94 30.61
C VAL H 100 -58.39 -5.45 29.49
N TYR H 101 -57.87 -6.36 28.68
CA TYR H 101 -56.95 -5.91 27.68
C TYR H 101 -57.35 -6.29 26.27
N LYS H 102 -58.47 -6.99 26.10
CA LYS H 102 -58.99 -7.31 24.77
C LYS H 102 -60.48 -7.57 24.90
N PHE H 103 -61.27 -6.98 24.03
CA PHE H 103 -62.73 -7.12 24.10
C PHE H 103 -63.27 -7.29 22.70
N GLU H 104 -63.30 -8.52 22.21
CA GLU H 104 -63.46 -8.75 20.77
C GLU H 104 -64.90 -9.11 20.46
N GLU H 105 -65.71 -8.09 20.21
CA GLU H 105 -67.13 -8.26 19.95
C GLU H 105 -67.34 -8.85 18.56
N GLY H 106 -67.24 -10.18 18.45
CA GLY H 106 -67.23 -10.77 17.13
C GLY H 106 -68.61 -11.05 16.59
N ASP H 107 -68.92 -12.34 16.38
CA ASP H 107 -70.20 -12.74 15.81
C ASP H 107 -71.32 -12.50 16.80
N GLU H 108 -72.47 -13.10 16.51
CA GLU H 108 -73.65 -12.94 17.34
C GLU H 108 -73.32 -13.15 18.82
N ASP H 109 -72.59 -14.22 19.13
CA ASP H 109 -72.32 -14.44 20.55
C ASP H 109 -70.96 -15.07 20.82
N LYS H 110 -70.02 -15.00 19.89
CA LYS H 110 -68.65 -15.39 20.20
C LYS H 110 -67.95 -14.13 20.68
N ILE H 111 -68.16 -13.81 21.95
CA ILE H 111 -67.58 -12.63 22.58
C ILE H 111 -66.53 -13.13 23.53
N LYS H 112 -65.28 -13.02 23.13
CA LYS H 112 -64.15 -13.42 23.94
C LYS H 112 -63.61 -12.18 24.63
N VAL H 113 -63.36 -12.29 25.92
CA VAL H 113 -62.76 -11.22 26.70
C VAL H 113 -61.46 -11.73 27.27
N TYR H 114 -60.41 -10.97 27.10
CA TYR H 114 -59.10 -11.36 27.60
C TYR H 114 -58.68 -10.36 28.67
N VAL H 115 -58.60 -10.84 29.90
CA VAL H 115 -58.13 -10.06 31.02
C VAL H 115 -56.84 -10.69 31.49
N SER H 116 -55.84 -9.85 31.75
CA SER H 116 -54.55 -10.32 32.16
C SER H 116 -54.30 -9.92 33.61
N PHE H 117 -53.98 -10.90 34.44
CA PHE H 117 -53.67 -10.67 35.84
C PHE H 117 -52.17 -10.67 36.05
N GLY H 118 -51.51 -9.67 35.51
CA GLY H 118 -50.08 -9.54 35.68
C GLY H 118 -49.41 -10.83 35.34
N GLY H 119 -49.40 -11.19 34.08
CA GLY H 119 -48.89 -12.47 33.67
C GLY H 119 -49.90 -13.59 33.77
N LEU H 120 -50.90 -13.44 34.61
CA LEU H 120 -52.01 -14.38 34.62
C LEU H 120 -53.08 -13.91 33.64
N LEU H 121 -53.66 -14.85 32.92
CA LEU H 121 -54.52 -14.54 31.79
C LEU H 121 -55.96 -14.88 32.13
N MET H 122 -56.87 -14.63 31.19
CA MET H 122 -58.23 -15.11 31.38
C MET H 122 -58.99 -15.07 30.07
N CYS H 123 -59.31 -16.23 29.52
CA CYS H 123 -60.18 -16.33 28.36
C CYS H 123 -61.61 -16.53 28.81
N LEU H 124 -62.43 -15.51 28.60
CA LEU H 124 -63.82 -15.57 29.01
C LEU H 124 -64.69 -15.29 27.80
N GLU H 125 -65.80 -16.00 27.70
CA GLU H 125 -66.66 -15.97 26.52
C GLU H 125 -68.11 -15.96 26.97
N GLY H 126 -69.04 -15.98 26.03
CA GLY H 126 -70.40 -16.27 26.41
C GLY H 126 -71.37 -15.24 25.89
N GLY H 127 -72.53 -15.19 26.53
CA GLY H 127 -73.64 -14.41 26.00
C GLY H 127 -73.37 -12.93 26.03
N TYR H 128 -73.67 -12.27 24.91
CA TYR H 128 -73.48 -10.83 24.82
C TYR H 128 -74.10 -10.12 26.00
N LYS H 129 -75.36 -10.42 26.28
CA LYS H 129 -76.08 -9.80 27.37
C LYS H 129 -75.39 -10.01 28.70
N SER H 130 -74.59 -11.07 28.80
CA SER H 130 -73.90 -11.36 30.05
C SER H 130 -72.64 -10.52 30.17
N LEU H 131 -71.74 -10.67 29.24
CA LEU H 131 -70.43 -10.07 29.36
C LEU H 131 -70.47 -8.58 29.08
N ALA H 132 -71.58 -8.08 28.53
CA ALA H 132 -71.56 -6.75 27.94
C ALA H 132 -71.10 -5.67 28.90
N SER H 133 -71.26 -5.85 30.20
CA SER H 133 -70.80 -4.84 31.12
C SER H 133 -69.30 -4.90 31.37
N LEU H 134 -68.65 -6.01 31.02
CA LEU H 134 -67.23 -6.19 31.30
C LEU H 134 -66.33 -5.24 30.51
N LYS H 135 -66.88 -4.24 29.84
CA LYS H 135 -66.05 -3.28 29.14
C LYS H 135 -65.49 -2.31 30.19
N GLN H 136 -64.59 -2.83 31.02
CA GLN H 136 -63.98 -2.03 32.08
C GLN H 136 -62.47 -2.13 31.98
N ASP H 137 -61.74 -1.75 33.02
CA ASP H 137 -60.30 -1.90 33.01
C ASP H 137 -59.77 -2.69 34.20
N ASN H 138 -60.49 -2.71 35.31
CA ASN H 138 -60.06 -3.38 36.52
C ASN H 138 -61.09 -4.44 36.86
N LEU H 139 -60.68 -5.69 36.91
CA LEU H 139 -61.61 -6.75 37.27
C LEU H 139 -61.02 -7.61 38.37
N TYR H 140 -61.50 -7.43 39.58
CA TYR H 140 -61.18 -8.43 40.60
C TYR H 140 -61.77 -9.74 40.13
N ILE H 141 -61.38 -10.84 40.76
CA ILE H 141 -61.98 -12.13 40.47
C ILE H 141 -61.91 -12.99 41.72
N LEU H 142 -63.02 -13.65 42.05
CA LEU H 142 -63.19 -14.12 43.42
C LEU H 142 -63.49 -15.62 43.42
N ILE H 143 -62.46 -16.44 43.26
CA ILE H 143 -62.70 -17.87 43.16
C ILE H 143 -63.12 -18.40 44.53
N ARG H 144 -63.89 -19.47 44.53
CA ARG H 144 -64.47 -20.06 45.72
C ARG H 144 -64.12 -21.54 45.78
N ARG H 145 -64.08 -22.10 46.97
CA ARG H 145 -63.94 -23.54 47.16
C ARG H 145 -62.63 -24.14 46.69
N SER I 3 8.68 -42.61 -28.52
CA SER I 3 9.51 -43.74 -28.12
C SER I 3 10.64 -43.93 -29.12
N PHE I 4 11.84 -43.47 -28.78
CA PHE I 4 12.96 -43.48 -29.70
C PHE I 4 13.98 -44.52 -29.25
N ARG I 5 14.44 -45.34 -30.19
CA ARG I 5 15.47 -46.33 -29.94
C ARG I 5 16.82 -45.82 -30.45
N PHE I 6 17.88 -46.50 -30.04
CA PHE I 6 19.21 -45.90 -30.08
C PHE I 6 20.05 -46.36 -31.26
N CYS I 7 21.25 -45.79 -31.33
CA CYS I 7 22.24 -46.15 -32.33
C CYS I 7 23.18 -47.23 -31.80
N LEU I 8 23.92 -47.85 -32.70
CA LEU I 8 24.88 -48.89 -32.36
C LEU I 8 26.31 -48.53 -32.71
N GLU I 9 26.55 -47.33 -33.22
CA GLU I 9 27.84 -46.97 -33.79
C GLU I 9 28.45 -45.75 -33.14
N CYS I 10 27.67 -44.72 -32.87
CA CYS I 10 28.14 -43.55 -32.16
C CYS I 10 27.31 -43.28 -30.92
N ASN I 11 26.54 -44.27 -30.45
CA ASN I 11 25.80 -44.23 -29.21
C ASN I 11 24.78 -43.10 -29.17
N ASN I 12 24.19 -42.77 -30.31
CA ASN I 12 23.30 -41.63 -30.35
C ASN I 12 21.84 -42.08 -30.41
N MET I 13 20.96 -41.08 -30.37
CA MET I 13 19.56 -41.31 -30.64
C MET I 13 19.31 -41.31 -32.14
N LEU I 14 18.08 -41.59 -32.53
CA LEU I 14 17.76 -41.68 -33.94
C LEU I 14 16.73 -40.64 -34.34
N TYR I 15 16.27 -40.74 -35.58
CA TYR I 15 15.20 -39.94 -36.13
C TYR I 15 14.41 -40.76 -37.14
N PRO I 16 13.13 -40.45 -37.31
CA PRO I 16 12.41 -40.92 -38.48
C PRO I 16 12.86 -40.18 -39.73
N LYS I 17 12.79 -40.88 -40.86
CA LYS I 17 13.18 -40.29 -42.12
C LYS I 17 12.51 -41.06 -43.26
N GLU I 18 11.80 -40.32 -44.09
CA GLU I 18 10.95 -40.91 -45.12
C GLU I 18 11.78 -41.31 -46.34
N ASP I 19 11.89 -42.61 -46.59
CA ASP I 19 12.61 -43.08 -47.77
C ASP I 19 11.67 -43.00 -48.96
N LYS I 20 11.78 -41.92 -49.72
CA LYS I 20 10.74 -41.58 -50.67
C LYS I 20 10.80 -42.43 -51.93
N GLU I 21 11.96 -43.00 -52.25
CA GLU I 21 12.05 -43.86 -53.42
C GLU I 21 11.25 -45.14 -53.23
N ASN I 22 11.60 -45.92 -52.21
CA ASN I 22 11.04 -47.24 -52.04
C ASN I 22 9.69 -47.22 -51.31
N GLN I 23 9.16 -46.03 -51.05
CA GLN I 23 7.90 -45.86 -50.33
C GLN I 23 7.89 -46.61 -49.00
N ARG I 24 8.73 -46.19 -48.08
CA ARG I 24 8.73 -46.67 -46.71
C ARG I 24 9.27 -45.59 -45.78
N LEU I 25 9.24 -45.89 -44.49
CA LEU I 25 9.86 -45.06 -43.49
C LEU I 25 11.19 -45.69 -43.09
N LEU I 26 12.04 -44.91 -42.43
CA LEU I 26 13.32 -45.39 -41.95
C LEU I 26 13.56 -44.84 -40.54
N TYR I 27 14.77 -45.09 -40.05
CA TYR I 27 15.32 -44.42 -38.89
C TYR I 27 16.79 -44.19 -39.18
N SER I 28 17.21 -42.94 -39.12
CA SER I 28 18.59 -42.62 -39.39
C SER I 28 19.20 -41.93 -38.19
N CYS I 29 20.52 -42.05 -38.09
CA CYS I 29 21.27 -41.30 -37.11
C CYS I 29 21.56 -39.92 -37.65
N ARG I 30 22.28 -39.17 -36.85
CA ARG I 30 22.77 -37.86 -37.25
C ARG I 30 24.25 -37.72 -36.97
N ASN I 31 24.79 -38.51 -36.04
CA ASN I 31 26.22 -38.50 -35.79
C ASN I 31 26.93 -39.71 -36.34
N CYS I 32 26.24 -40.60 -37.03
CA CYS I 32 26.91 -41.60 -37.85
C CYS I 32 26.12 -41.73 -39.14
N ASP I 33 26.39 -42.78 -39.90
CA ASP I 33 25.72 -43.00 -41.17
C ASP I 33 25.06 -44.37 -41.20
N TYR I 34 24.86 -44.95 -40.03
CA TYR I 34 23.98 -46.10 -39.90
C TYR I 34 22.61 -45.70 -40.38
N THR I 35 21.89 -46.64 -40.96
CA THR I 35 20.59 -46.34 -41.53
C THR I 35 19.74 -47.58 -41.39
N GLU I 36 18.47 -47.45 -41.02
CA GLU I 36 17.73 -48.69 -40.83
C GLU I 36 16.29 -48.52 -41.27
N LEU I 37 15.66 -49.65 -41.50
CA LEU I 37 14.25 -49.82 -41.83
C LEU I 37 13.38 -49.35 -40.67
N ALA I 38 12.10 -49.20 -40.94
CA ALA I 38 11.14 -48.74 -39.96
C ALA I 38 10.31 -49.91 -39.42
N GLU I 39 9.50 -49.61 -38.41
CA GLU I 39 8.70 -50.61 -37.70
C GLU I 39 7.31 -50.14 -37.31
N ASP I 40 6.95 -48.87 -37.47
CA ASP I 40 5.67 -48.36 -36.99
C ASP I 40 5.29 -47.09 -37.74
N PRO I 41 4.10 -47.02 -38.33
CA PRO I 41 3.62 -45.72 -38.79
C PRO I 41 3.48 -44.75 -37.66
N LYS I 42 3.02 -45.18 -36.49
CA LYS I 42 2.92 -44.27 -35.36
C LYS I 42 4.33 -43.97 -34.84
N VAL I 43 4.92 -42.89 -35.32
CA VAL I 43 6.24 -42.50 -34.84
C VAL I 43 6.02 -41.65 -33.61
N TYR I 44 4.99 -40.84 -33.64
CA TYR I 44 4.67 -39.96 -32.54
C TYR I 44 3.33 -40.34 -31.94
N ARG I 45 3.15 -39.98 -30.68
CA ARG I 45 1.89 -40.13 -29.99
C ARG I 45 1.90 -39.16 -28.83
N HIS I 46 0.72 -38.74 -28.40
CA HIS I 46 0.59 -38.00 -27.15
C HIS I 46 -0.83 -38.19 -26.67
N GLU I 47 -0.97 -38.63 -25.43
CA GLU I 47 -2.29 -38.97 -24.95
C GLU I 47 -2.91 -37.81 -24.18
N LEU I 48 -4.22 -37.70 -24.28
CA LEU I 48 -4.98 -36.72 -23.53
C LEU I 48 -5.74 -37.36 -22.37
N ILE I 49 -6.26 -38.56 -22.56
CA ILE I 49 -6.97 -39.28 -21.51
C ILE I 49 -6.22 -40.58 -21.24
N THR I 50 -5.73 -40.72 -20.01
CA THR I 50 -5.10 -41.96 -19.58
C THR I 50 -5.47 -42.21 -18.13
N ASN I 51 -5.15 -43.41 -17.66
CA ASN I 51 -5.39 -43.81 -16.29
C ASN I 51 -4.15 -44.50 -15.73
N ILE I 52 -3.01 -44.27 -16.38
CA ILE I 52 -1.76 -44.95 -16.08
C ILE I 52 -1.00 -44.17 -15.01
N GLY I 53 -0.33 -44.90 -14.13
CA GLY I 53 0.16 -44.38 -12.88
C GLY I 53 -0.60 -44.90 -11.68
N GLU I 54 -1.11 -46.13 -11.76
CA GLU I 54 -2.28 -46.57 -11.02
C GLU I 54 -1.93 -47.50 -9.87
N THR I 55 -1.30 -48.62 -10.17
CA THR I 55 -0.92 -49.62 -9.17
C THR I 55 0.52 -49.40 -8.74
N ALA I 56 0.88 -48.12 -8.56
CA ALA I 56 2.28 -47.74 -8.43
C ALA I 56 2.97 -48.47 -7.30
N GLY I 57 2.62 -48.13 -6.06
CA GLY I 57 3.42 -48.55 -4.91
C GLY I 57 3.36 -50.02 -4.60
N ILE I 58 3.63 -50.86 -5.60
CA ILE I 58 3.58 -52.32 -5.45
C ILE I 58 4.97 -52.88 -5.76
N VAL I 59 5.47 -53.69 -4.83
CA VAL I 59 6.67 -54.51 -5.01
C VAL I 59 6.38 -55.85 -4.35
N ASP I 60 7.38 -56.73 -4.29
CA ASP I 60 7.14 -57.99 -3.60
C ASP I 60 7.12 -57.82 -2.08
N ASP I 61 7.82 -56.81 -1.56
CA ASP I 61 7.71 -56.50 -0.13
C ASP I 61 6.77 -55.34 0.13
N ILE I 62 5.69 -55.23 -0.64
CA ILE I 62 4.71 -54.19 -0.39
C ILE I 62 4.04 -54.41 0.96
N GLY I 63 3.60 -55.64 1.23
CA GLY I 63 2.83 -55.91 2.42
C GLY I 63 3.57 -55.68 3.71
N GLN I 64 4.88 -55.89 3.71
CA GLN I 64 5.64 -55.70 4.93
C GLN I 64 5.63 -54.24 5.36
N ASP I 65 5.02 -53.38 4.58
CA ASP I 65 4.70 -52.08 5.16
C ASP I 65 3.53 -52.27 6.11
N PRO I 66 3.69 -51.93 7.36
CA PRO I 66 2.56 -52.03 8.28
C PRO I 66 1.73 -50.76 8.31
N THR I 67 1.98 -49.84 7.39
CA THR I 67 1.05 -48.73 7.26
C THR I 67 -0.06 -49.03 6.26
N LEU I 68 -0.01 -50.20 5.62
CA LEU I 68 -1.02 -50.60 4.67
C LEU I 68 -2.01 -51.50 5.38
N PRO I 69 -3.28 -51.12 5.44
CA PRO I 69 -4.26 -51.96 6.14
C PRO I 69 -4.43 -53.30 5.46
N ARG I 70 -4.52 -54.34 6.28
CA ARG I 70 -4.81 -55.68 5.82
C ARG I 70 -6.32 -55.86 5.76
N SER I 71 -6.82 -56.39 4.65
CA SER I 71 -8.25 -56.42 4.41
C SER I 71 -8.77 -57.85 4.27
N ASP I 72 -10.06 -57.95 3.95
CA ASP I 72 -10.82 -59.20 4.06
C ASP I 72 -11.62 -59.52 2.81
N LYS I 73 -10.99 -59.58 1.64
CA LYS I 73 -11.68 -60.12 0.48
C LYS I 73 -11.18 -61.50 0.11
N GLU I 74 -11.87 -62.11 -0.83
CA GLU I 74 -11.55 -63.41 -1.35
C GLU I 74 -10.42 -63.25 -2.37
N CYS I 75 -9.37 -64.03 -2.22
CA CYS I 75 -8.30 -63.94 -3.20
C CYS I 75 -8.75 -64.62 -4.49
N PRO I 76 -8.62 -63.94 -5.63
CA PRO I 76 -8.92 -64.59 -6.91
C PRO I 76 -8.00 -65.75 -7.22
N GLU I 77 -6.81 -65.81 -6.62
CA GLU I 77 -5.84 -66.84 -6.98
C GLU I 77 -5.78 -67.96 -5.95
N CYS I 78 -5.52 -67.63 -4.69
CA CYS I 78 -5.41 -68.63 -3.65
C CYS I 78 -6.60 -68.65 -2.71
N HIS I 79 -7.67 -67.94 -3.03
CA HIS I 79 -8.93 -68.02 -2.29
C HIS I 79 -8.81 -67.52 -0.86
N SER I 80 -7.74 -66.76 -0.56
CA SER I 80 -7.50 -66.31 0.79
C SER I 80 -8.49 -65.22 1.18
N ARG I 81 -8.61 -65.01 2.49
CA ARG I 81 -9.34 -63.87 3.05
C ARG I 81 -8.39 -62.72 3.33
N ASP I 82 -7.10 -62.95 3.13
CA ASP I 82 -6.07 -62.07 3.67
C ASP I 82 -5.35 -61.36 2.54
N CYS I 83 -5.52 -60.05 2.49
CA CYS I 83 -4.94 -59.22 1.45
C CYS I 83 -5.02 -57.77 1.91
N VAL I 84 -4.20 -56.91 1.29
CA VAL I 84 -4.14 -55.50 1.66
C VAL I 84 -4.66 -54.67 0.50
N PHE I 85 -5.13 -53.46 0.78
CA PHE I 85 -5.60 -52.63 -0.33
C PHE I 85 -5.17 -51.19 -0.14
N PHE I 86 -5.29 -50.43 -1.22
CA PHE I 86 -4.93 -49.02 -1.27
C PHE I 86 -5.42 -48.47 -2.59
N GLN I 87 -5.75 -47.18 -2.58
CA GLN I 87 -6.30 -46.55 -3.77
C GLN I 87 -5.20 -46.42 -4.83
N SER I 88 -5.58 -45.93 -5.99
CA SER I 88 -4.60 -45.61 -7.02
C SER I 88 -3.77 -44.41 -6.60
N GLN I 89 -2.45 -44.58 -6.58
CA GLN I 89 -1.55 -43.49 -6.23
C GLN I 89 -1.42 -42.43 -7.32
N GLN I 90 -2.07 -42.61 -8.46
CA GLN I 90 -2.33 -41.49 -9.36
C GLN I 90 -2.93 -40.34 -8.58
N ARG I 91 -2.46 -39.13 -8.83
CA ARG I 91 -2.86 -38.02 -7.99
C ARG I 91 -3.59 -36.92 -8.76
N ARG I 92 -4.05 -37.21 -9.96
CA ARG I 92 -4.96 -36.29 -10.63
C ARG I 92 -6.23 -36.14 -9.80
N LYS I 93 -6.86 -34.97 -9.91
CA LYS I 93 -8.06 -34.68 -9.11
C LYS I 93 -9.16 -35.70 -9.39
N ASP I 94 -9.02 -36.49 -10.44
CA ASP I 94 -9.95 -37.57 -10.78
C ASP I 94 -9.44 -38.94 -10.38
N THR I 95 -8.74 -39.06 -9.25
CA THR I 95 -8.16 -40.34 -8.88
C THR I 95 -9.24 -41.42 -8.82
N ASN I 96 -9.10 -42.41 -9.69
CA ASN I 96 -10.02 -43.52 -9.73
C ASN I 96 -10.01 -44.22 -8.38
N MET I 97 -10.78 -43.72 -7.42
CA MET I 97 -10.60 -44.08 -6.02
C MET I 97 -10.80 -45.56 -5.75
N THR I 98 -10.89 -46.38 -6.77
CA THR I 98 -11.17 -47.78 -6.60
C THR I 98 -10.08 -48.47 -5.79
N LEU I 99 -10.54 -49.31 -4.87
CA LEU I 99 -9.68 -50.08 -3.98
C LEU I 99 -8.92 -51.14 -4.75
N PHE I 100 -7.63 -51.21 -4.50
CA PHE I 100 -6.80 -52.19 -5.17
C PHE I 100 -6.46 -53.27 -4.18
N TYR I 101 -7.29 -54.30 -4.10
CA TYR I 101 -6.98 -55.41 -3.21
C TYR I 101 -5.73 -56.06 -3.74
N VAL I 102 -4.60 -55.42 -3.49
CA VAL I 102 -3.32 -56.02 -3.81
C VAL I 102 -3.03 -57.10 -2.78
N CYS I 103 -3.13 -58.35 -3.23
CA CYS I 103 -3.28 -59.48 -2.31
C CYS I 103 -2.02 -59.68 -1.50
N LEU I 104 -2.07 -60.70 -0.64
CA LEU I 104 -0.90 -61.13 0.12
C LEU I 104 -0.41 -62.52 -0.31
N ASN I 105 -0.84 -63.00 -1.48
CA ASN I 105 -0.21 -64.15 -2.13
C ASN I 105 0.45 -63.76 -3.45
N CYS I 106 -0.37 -63.42 -4.46
CA CYS I 106 0.12 -63.04 -5.77
C CYS I 106 -0.11 -61.58 -6.07
N LYS I 107 -0.97 -60.92 -5.27
CA LYS I 107 -1.13 -59.48 -5.29
C LYS I 107 -1.88 -59.02 -6.54
N LYS I 108 -2.81 -59.85 -6.99
CA LYS I 108 -3.62 -59.56 -8.17
C LYS I 108 -4.51 -58.36 -7.89
N THR I 109 -4.12 -57.23 -8.45
CA THR I 109 -4.74 -55.96 -8.11
C THR I 109 -6.13 -55.87 -8.72
N PHE I 110 -7.13 -56.34 -7.99
CA PHE I 110 -8.50 -56.22 -8.46
C PHE I 110 -9.17 -55.11 -7.66
N ARG I 111 -10.46 -54.91 -7.93
CA ARG I 111 -11.11 -53.63 -7.68
C ARG I 111 -12.49 -53.85 -7.10
N ASP I 112 -13.29 -52.79 -7.15
CA ASP I 112 -14.65 -52.78 -6.62
C ASP I 112 -15.68 -52.31 -7.63
N GLU I 113 -15.32 -52.16 -8.90
CA GLU I 113 -16.31 -51.93 -9.96
C GLU I 113 -17.22 -53.15 -10.13
N MET J 1 7.23 -21.51 51.79
CA MET J 1 7.46 -20.55 52.86
C MET J 1 6.68 -21.06 54.05
N ILE J 2 6.60 -20.30 55.13
CA ILE J 2 6.26 -20.88 56.41
C ILE J 2 4.76 -20.80 56.63
N ILE J 3 4.22 -21.85 57.25
CA ILE J 3 2.78 -22.09 57.37
C ILE J 3 2.08 -20.82 57.83
N PRO J 4 0.91 -20.52 57.35
CA PRO J 4 0.36 -19.19 57.59
C PRO J 4 -0.14 -19.00 58.99
N VAL J 5 -0.78 -17.87 59.20
CA VAL J 5 -1.31 -17.54 60.52
C VAL J 5 -2.74 -17.98 60.59
N ARG J 6 -3.57 -17.38 59.76
CA ARG J 6 -4.96 -17.79 59.73
C ARG J 6 -5.21 -18.64 58.49
N CYS J 7 -6.05 -19.65 58.59
CA CYS J 7 -6.58 -20.19 57.37
C CYS J 7 -7.16 -19.08 56.53
N PHE J 8 -7.07 -19.24 55.22
CA PHE J 8 -7.43 -18.12 54.36
C PHE J 8 -8.91 -17.82 54.39
N SER J 9 -9.74 -18.82 54.10
CA SER J 9 -11.18 -18.62 53.98
C SER J 9 -11.83 -18.41 55.34
N CYS J 10 -11.71 -19.39 56.23
CA CYS J 10 -12.40 -19.27 57.49
C CYS J 10 -11.68 -18.28 58.40
N GLY J 11 -10.62 -18.73 59.06
CA GLY J 11 -10.00 -17.90 60.07
C GLY J 11 -9.80 -18.58 61.39
N LYS J 12 -9.54 -19.87 61.35
CA LYS J 12 -9.13 -20.62 62.52
C LYS J 12 -7.61 -20.78 62.50
N VAL J 13 -6.94 -20.31 63.55
CA VAL J 13 -5.49 -20.35 63.61
C VAL J 13 -5.00 -21.72 63.20
N VAL J 14 -4.09 -21.76 62.24
CA VAL J 14 -3.53 -23.01 61.76
C VAL J 14 -2.04 -23.14 62.03
N GLY J 15 -1.33 -22.04 62.22
CA GLY J 15 0.12 -22.12 62.26
C GLY J 15 0.65 -23.19 63.19
N ASP J 16 0.37 -23.06 64.49
CA ASP J 16 0.84 -24.04 65.45
C ASP J 16 0.66 -25.45 64.95
N LYS J 17 -0.51 -25.76 64.42
CA LYS J 17 -0.85 -27.13 64.10
C LYS J 17 0.06 -27.72 63.04
N TRP J 18 1.09 -27.00 62.64
CA TRP J 18 1.96 -27.56 61.62
C TRP J 18 2.84 -28.67 62.17
N ASP J 19 3.62 -28.36 63.20
CA ASP J 19 4.63 -29.29 63.69
C ASP J 19 4.05 -30.66 63.97
N ALA J 20 3.10 -30.71 64.90
CA ALA J 20 2.45 -31.98 65.22
C ALA J 20 2.12 -32.73 63.95
N TYR J 21 1.57 -32.04 62.96
CA TYR J 21 1.17 -32.71 61.74
C TYR J 21 2.32 -33.47 61.12
N LEU J 22 3.46 -32.81 60.89
CA LEU J 22 4.60 -33.57 60.38
C LEU J 22 4.91 -34.75 61.27
N ARG J 23 4.96 -34.52 62.58
CA ARG J 23 5.18 -35.60 63.54
C ARG J 23 4.20 -36.74 63.35
N LEU J 24 2.93 -36.41 63.07
CA LEU J 24 1.97 -37.47 62.84
C LEU J 24 2.36 -38.29 61.63
N LEU J 25 2.78 -37.63 60.56
CA LEU J 25 3.24 -38.35 59.38
C LEU J 25 4.37 -39.29 59.72
N GLU J 26 5.10 -39.01 60.79
CA GLU J 26 6.28 -39.79 61.09
C GLU J 26 5.90 -41.15 61.63
N GLU J 27 4.62 -41.36 61.91
CA GLU J 27 4.18 -42.65 62.42
C GLU J 27 3.47 -43.49 61.37
N GLY J 28 3.28 -42.95 60.17
CA GLY J 28 2.55 -43.63 59.13
C GLY J 28 1.10 -43.24 59.00
N LYS J 29 0.69 -42.10 59.55
CA LYS J 29 -0.71 -41.71 59.51
C LYS J 29 -1.19 -41.48 58.09
N GLN J 30 -2.43 -41.00 58.00
CA GLN J 30 -2.99 -40.48 56.77
C GLN J 30 -3.45 -39.05 56.95
N GLU J 31 -3.23 -38.27 55.91
CA GLU J 31 -3.53 -36.86 55.93
C GLU J 31 -4.97 -36.62 56.34
N GLY J 32 -5.88 -37.47 55.85
CA GLY J 32 -7.23 -37.42 56.35
C GLY J 32 -7.29 -37.69 57.84
N ASP J 33 -6.79 -38.85 58.25
CA ASP J 33 -6.80 -39.18 59.67
C ASP J 33 -5.99 -38.18 60.47
N ALA J 34 -4.89 -37.72 59.92
CA ALA J 34 -4.09 -36.71 60.63
C ALA J 34 -4.90 -35.46 60.87
N LEU J 35 -5.37 -34.82 59.80
CA LEU J 35 -6.19 -33.64 59.93
C LEU J 35 -7.33 -33.86 60.90
N ASP J 36 -8.00 -35.00 60.81
CA ASP J 36 -9.13 -35.23 61.69
C ASP J 36 -8.66 -35.26 63.13
N GLU J 37 -7.52 -35.86 63.39
CA GLU J 37 -6.98 -35.82 64.72
C GLU J 37 -6.50 -34.42 65.07
N LEU J 38 -6.05 -33.67 64.08
CA LEU J 38 -5.77 -32.28 64.41
C LEU J 38 -7.02 -31.44 64.46
N LYS J 39 -8.18 -32.05 64.23
CA LYS J 39 -9.47 -31.39 64.40
C LYS J 39 -9.58 -30.17 63.47
N LEU J 40 -9.50 -30.48 62.17
CA LEU J 40 -9.84 -29.53 61.12
C LEU J 40 -11.00 -30.13 60.35
N LYS J 41 -12.21 -29.70 60.69
CA LYS J 41 -13.41 -30.32 60.16
C LYS J 41 -13.86 -29.76 58.83
N ARG J 42 -13.86 -28.45 58.64
CA ARG J 42 -14.16 -27.91 57.34
C ARG J 42 -13.03 -28.21 56.38
N TYR J 43 -13.24 -27.94 55.10
CA TYR J 43 -12.08 -28.14 54.26
C TYR J 43 -11.23 -26.88 54.08
N CYS J 44 -11.80 -25.68 54.25
CA CYS J 44 -11.00 -24.48 54.08
C CYS J 44 -9.72 -24.57 54.87
N CYS J 45 -9.84 -24.77 56.17
CA CYS J 45 -8.66 -25.15 56.91
C CYS J 45 -8.00 -26.37 56.33
N ARG J 46 -8.72 -27.38 55.85
CA ARG J 46 -8.04 -28.61 55.47
C ARG J 46 -7.17 -28.43 54.24
N ARG J 47 -7.45 -27.44 53.40
CA ARG J 47 -6.44 -27.13 52.40
C ARG J 47 -5.36 -26.24 52.95
N MET J 48 -5.67 -25.33 53.88
CA MET J 48 -4.57 -24.51 54.37
C MET J 48 -3.51 -25.32 55.07
N VAL J 49 -3.64 -26.62 55.15
CA VAL J 49 -2.56 -27.43 55.68
C VAL J 49 -2.26 -28.59 54.75
N LEU J 50 -3.27 -29.08 54.04
CA LEU J 50 -2.99 -30.21 53.16
C LEU J 50 -2.17 -29.76 51.97
N THR J 51 -2.35 -28.52 51.54
CA THR J 51 -1.50 -28.10 50.44
C THR J 51 -0.15 -27.66 50.93
N HIS J 52 -0.11 -26.90 52.02
CA HIS J 52 0.98 -25.97 52.21
C HIS J 52 2.34 -26.60 52.04
N VAL J 53 3.13 -25.96 51.21
CA VAL J 53 4.52 -26.31 50.99
C VAL J 53 5.36 -25.33 51.77
N ASP J 54 6.36 -25.86 52.47
CA ASP J 54 7.19 -25.11 53.39
C ASP J 54 8.57 -24.98 52.76
N LEU J 55 8.86 -23.80 52.22
CA LEU J 55 10.14 -23.53 51.57
C LEU J 55 11.25 -23.23 52.55
N ILE J 56 10.97 -22.46 53.59
CA ILE J 56 12.01 -21.73 54.28
C ILE J 56 13.21 -22.60 54.60
N GLU J 57 13.10 -23.92 54.50
CA GLU J 57 14.26 -24.76 54.70
C GLU J 57 15.34 -24.46 53.68
N LYS J 58 14.98 -24.39 52.41
CA LYS J 58 15.96 -23.94 51.46
C LYS J 58 16.45 -22.55 51.84
N PHE J 59 15.54 -21.57 51.94
CA PHE J 59 15.95 -20.19 52.16
C PHE J 59 16.95 -20.04 53.27
N LEU J 60 16.95 -20.96 54.22
CA LEU J 60 18.06 -20.93 55.15
C LEU J 60 19.29 -21.57 54.57
N ARG J 61 19.17 -22.72 53.92
CA ARG J 61 20.33 -23.58 53.72
C ARG J 61 21.58 -22.88 53.21
N TYR J 62 21.54 -21.58 52.94
CA TYR J 62 22.75 -20.85 52.57
C TYR J 62 23.51 -20.48 53.82
N ASN J 63 24.77 -20.86 53.87
CA ASN J 63 25.60 -20.52 55.01
C ASN J 63 25.58 -19.00 55.21
N PRO J 64 25.91 -18.51 56.40
CA PRO J 64 25.25 -17.30 56.91
C PRO J 64 25.22 -16.19 55.89
N LEU J 65 24.06 -15.55 55.77
CA LEU J 65 24.02 -14.36 54.94
C LEU J 65 24.98 -13.31 55.48
N GLU J 66 25.24 -13.37 56.77
CA GLU J 66 26.32 -12.60 57.37
C GLU J 66 27.56 -13.48 57.48
N MET K 1 -3.61 2.09 45.87
CA MET K 1 -3.19 3.38 46.41
C MET K 1 -4.36 4.22 46.87
N ASN K 2 -5.13 4.73 45.92
CA ASN K 2 -6.10 5.78 46.18
C ASN K 2 -7.28 5.30 47.01
N ALA K 3 -7.12 4.21 47.74
CA ALA K 3 -8.15 3.71 48.63
C ALA K 3 -8.36 4.69 49.78
N PRO K 4 -9.60 4.99 50.17
CA PRO K 4 -9.79 5.87 51.31
C PRO K 4 -9.36 5.14 52.56
N ASP K 5 -9.24 5.84 53.69
CA ASP K 5 -8.78 5.19 54.90
C ASP K 5 -9.71 4.03 55.25
N ARG K 6 -9.14 2.92 55.71
CA ARG K 6 -9.92 1.74 56.05
C ARG K 6 -10.73 1.93 57.33
N PHE K 7 -10.65 3.10 57.94
CA PHE K 7 -11.54 3.43 59.04
C PHE K 7 -12.63 4.42 58.61
N GLU K 8 -12.68 4.78 57.33
CA GLU K 8 -13.79 5.58 56.83
C GLU K 8 -15.10 4.84 56.81
N LEU K 9 -15.15 3.63 57.39
CA LEU K 9 -16.36 2.81 57.42
C LEU K 9 -17.17 2.97 58.69
N PHE K 10 -16.58 3.45 59.77
CA PHE K 10 -17.37 3.67 60.97
C PHE K 10 -17.26 5.07 61.56
N ILE K 11 -16.12 5.73 61.48
CA ILE K 11 -15.99 7.06 62.06
C ILE K 11 -16.86 8.02 61.28
N LEU K 12 -17.88 8.53 61.94
CA LEU K 12 -18.70 9.58 61.37
C LEU K 12 -17.83 10.77 60.99
N PRO K 13 -18.17 11.48 59.93
CA PRO K 13 -17.44 12.72 59.62
C PRO K 13 -17.64 13.77 60.71
N ASP K 14 -16.86 14.84 60.66
CA ASP K 14 -16.88 15.83 61.74
C ASP K 14 -18.23 16.55 61.80
N ASP K 15 -18.63 17.22 60.72
CA ASP K 15 -19.87 17.99 60.70
C ASP K 15 -20.99 17.29 59.93
N VAL K 16 -20.74 16.11 59.40
CA VAL K 16 -21.80 15.28 58.82
C VAL K 16 -22.38 14.46 59.95
N PRO K 17 -23.57 14.77 60.44
CA PRO K 17 -24.08 14.09 61.62
C PRO K 17 -24.34 12.62 61.36
N LYS K 18 -24.59 11.89 62.45
CA LYS K 18 -24.76 10.44 62.36
C LYS K 18 -25.91 10.08 61.43
N LEU K 19 -26.88 10.96 61.27
CA LEU K 19 -28.17 10.57 60.71
C LEU K 19 -28.92 11.81 60.29
N LYS K 20 -29.09 12.00 58.99
CA LYS K 20 -29.72 13.21 58.44
C LYS K 20 -31.11 12.87 57.94
N ILE K 21 -32.07 13.71 58.24
CA ILE K 21 -33.46 13.44 57.90
C ILE K 21 -33.91 14.39 56.80
N THR K 22 -34.61 13.86 55.81
CA THR K 22 -35.17 14.69 54.74
C THR K 22 -36.63 14.32 54.46
N PRO K 23 -37.55 15.27 54.54
CA PRO K 23 -38.97 14.92 54.39
C PRO K 23 -39.29 14.66 52.93
N ASP K 24 -39.92 13.52 52.68
CA ASP K 24 -40.25 13.13 51.31
C ASP K 24 -41.45 13.94 50.85
N SER K 25 -41.43 14.33 49.58
CA SER K 25 -42.41 15.27 49.05
C SER K 25 -43.48 14.60 48.21
N ARG K 26 -43.26 13.34 47.81
CA ARG K 26 -44.16 12.72 46.85
C ARG K 26 -45.50 12.38 47.48
N VAL K 27 -45.52 11.43 48.42
CA VAL K 27 -46.79 11.00 49.01
C VAL K 27 -46.91 11.61 50.40
N PRO K 28 -48.11 11.65 50.99
CA PRO K 28 -48.25 12.31 52.28
C PRO K 28 -47.64 11.49 53.39
N ASN K 29 -47.06 12.18 54.38
CA ASN K 29 -46.61 11.54 55.61
C ASN K 29 -45.58 10.45 55.34
N CYS K 30 -44.47 10.83 54.73
CA CYS K 30 -43.40 9.91 54.43
C CYS K 30 -42.10 10.68 54.37
N ILE K 31 -41.01 10.03 54.78
CA ILE K 31 -39.73 10.71 54.92
C ILE K 31 -38.58 9.80 54.56
N ILE K 32 -37.39 10.37 54.66
CA ILE K 32 -36.13 9.75 54.26
C ILE K 32 -35.13 9.94 55.38
N ILE K 33 -34.30 8.94 55.62
CA ILE K 33 -33.19 9.05 56.53
C ILE K 33 -31.93 8.59 55.81
N LYS K 34 -30.90 9.41 55.87
CA LYS K 34 -29.57 9.09 55.37
C LYS K 34 -28.76 8.66 56.59
N PHE K 35 -28.39 7.39 56.60
CA PHE K 35 -27.52 6.88 57.64
C PHE K 35 -26.06 7.14 57.29
N GLU K 36 -25.18 6.93 58.25
CA GLU K 36 -23.75 7.00 57.99
C GLU K 36 -22.99 5.87 58.64
N ARG K 37 -22.03 5.33 57.90
CA ARG K 37 -21.06 4.39 58.43
C ARG K 37 -21.74 3.11 58.89
N GLU K 38 -22.94 2.88 58.38
CA GLU K 38 -23.69 1.74 58.81
C GLU K 38 -23.81 0.80 57.63
N ASP K 39 -24.28 -0.40 57.89
CA ASP K 39 -24.40 -1.40 56.83
C ASP K 39 -25.74 -2.11 56.99
N HIS K 40 -25.86 -3.19 56.24
CA HIS K 40 -26.99 -4.07 56.39
C HIS K 40 -27.20 -4.47 57.85
N THR K 41 -26.11 -4.66 58.58
CA THR K 41 -26.20 -5.06 59.97
C THR K 41 -27.17 -4.20 60.75
N LEU K 42 -27.34 -2.96 60.37
CA LEU K 42 -28.32 -2.15 61.08
C LEU K 42 -29.59 -1.96 60.28
N ALA K 43 -29.45 -1.66 58.99
CA ALA K 43 -30.62 -1.34 58.19
C ALA K 43 -31.57 -2.51 58.10
N ASN K 44 -31.04 -3.69 57.75
CA ASN K 44 -31.88 -4.87 57.60
C ASN K 44 -32.73 -5.08 58.83
N LEU K 45 -32.15 -4.84 60.00
CA LEU K 45 -32.82 -5.09 61.25
C LEU K 45 -33.90 -4.06 61.51
N LEU K 46 -33.54 -2.78 61.44
CA LEU K 46 -34.56 -1.75 61.57
C LEU K 46 -35.71 -1.97 60.60
N ARG K 47 -35.43 -2.29 59.34
CA ARG K 47 -36.51 -2.53 58.41
C ARG K 47 -37.42 -3.63 58.91
N GLU K 48 -36.89 -4.85 59.05
CA GLU K 48 -37.82 -5.91 59.40
C GLU K 48 -38.64 -5.56 60.61
N GLU K 49 -38.03 -4.98 61.64
CA GLU K 49 -38.86 -4.58 62.77
C GLU K 49 -39.91 -3.55 62.37
N LEU K 50 -39.64 -2.76 61.36
CA LEU K 50 -40.73 -1.91 60.89
C LEU K 50 -41.68 -2.64 59.95
N ALA K 51 -41.38 -3.87 59.56
CA ALA K 51 -42.23 -4.56 58.60
C ALA K 51 -43.27 -5.42 59.30
N LEU K 52 -43.28 -5.42 60.62
CA LEU K 52 -44.32 -6.14 61.33
C LEU K 52 -45.34 -5.21 61.96
N TYR K 53 -45.12 -3.94 61.90
CA TYR K 53 -46.03 -3.11 62.66
C TYR K 53 -47.34 -2.85 61.93
N PRO K 54 -48.39 -2.67 62.66
CA PRO K 54 -49.68 -2.35 62.06
C PRO K 54 -49.63 -1.04 61.32
N ASP K 55 -49.30 0.05 62.00
CA ASP K 55 -49.50 1.33 61.36
C ASP K 55 -48.41 1.69 60.38
N VAL K 56 -47.43 0.82 60.17
CA VAL K 56 -46.39 1.08 59.18
C VAL K 56 -46.87 0.66 57.81
N THR K 57 -46.89 1.60 56.88
CA THR K 57 -47.44 1.32 55.56
C THR K 57 -46.38 0.97 54.54
N PHE K 58 -45.34 1.78 54.42
CA PHE K 58 -44.27 1.47 53.48
C PHE K 58 -42.94 1.95 54.00
N VAL K 59 -41.97 1.04 54.02
CA VAL K 59 -40.65 1.38 54.52
C VAL K 59 -39.63 0.42 53.93
N ALA K 60 -38.51 0.98 53.50
CA ALA K 60 -37.46 0.17 52.90
C ALA K 60 -36.17 0.97 52.82
N TYR K 61 -35.06 0.27 52.69
CA TYR K 61 -33.75 0.89 52.56
C TYR K 61 -33.11 0.48 51.25
N LYS K 62 -32.12 1.24 50.81
CA LYS K 62 -31.18 0.78 49.81
C LYS K 62 -29.79 1.28 50.16
N VAL K 63 -28.79 0.62 49.58
CA VAL K 63 -27.39 0.84 49.91
C VAL K 63 -26.69 1.36 48.67
N GLU K 64 -26.62 2.67 48.52
CA GLU K 64 -26.26 3.26 47.23
C GLU K 64 -25.09 2.55 46.59
N HIS K 65 -23.94 2.55 47.25
CA HIS K 65 -22.86 1.88 46.58
C HIS K 65 -21.81 1.41 47.57
N PRO K 66 -21.44 0.13 47.54
CA PRO K 66 -20.63 -0.43 48.64
C PRO K 66 -19.31 0.25 48.84
N LEU K 67 -18.81 0.99 47.87
CA LEU K 67 -17.63 1.81 48.11
C LEU K 67 -17.96 3.00 48.97
N PHE K 68 -19.08 2.97 49.66
CA PHE K 68 -19.51 4.09 50.48
C PHE K 68 -20.25 3.54 51.67
N ALA K 69 -19.73 3.83 52.85
CA ALA K 69 -20.32 3.30 54.06
C ALA K 69 -21.56 4.08 54.45
N ASN K 70 -22.64 3.93 53.72
CA ASN K 70 -23.89 4.56 54.08
C ASN K 70 -25.04 3.86 53.39
N PHE K 71 -26.24 4.30 53.71
CA PHE K 71 -27.43 3.83 53.05
C PHE K 71 -28.57 4.78 53.42
N VAL K 72 -29.75 4.48 52.89
CA VAL K 72 -30.87 5.38 53.06
C VAL K 72 -32.12 4.56 53.25
N MET K 73 -33.02 5.08 54.10
CA MET K 73 -34.26 4.42 54.45
C MET K 73 -35.41 5.38 54.22
N ARG K 74 -36.58 4.82 53.89
CA ARG K 74 -37.78 5.59 53.62
C ARG K 74 -38.95 5.02 54.38
N LEU K 75 -39.71 5.92 55.00
CA LEU K 75 -40.64 5.56 56.06
C LEU K 75 -41.98 6.25 55.84
N GLN K 76 -43.06 5.49 55.95
CA GLN K 76 -44.41 6.04 55.89
C GLN K 76 -45.38 5.15 56.65
N THR K 77 -45.95 5.71 57.71
CA THR K 77 -47.05 5.11 58.40
C THR K 77 -48.34 5.84 58.03
N GLU K 78 -49.45 5.45 58.64
CA GLU K 78 -50.73 5.99 58.24
C GLU K 78 -50.85 7.41 58.77
N GLU K 79 -52.06 7.96 58.72
CA GLU K 79 -52.24 9.39 58.98
C GLU K 79 -52.03 9.72 60.45
N GLY K 80 -52.08 8.71 61.31
CA GLY K 80 -51.99 8.97 62.74
C GLY K 80 -50.60 9.24 63.27
N THR K 81 -49.64 8.39 62.94
CA THR K 81 -48.37 8.38 63.63
C THR K 81 -47.29 9.15 62.87
N ARG K 82 -46.71 10.15 63.50
CA ARG K 82 -45.52 10.76 62.96
C ARG K 82 -44.46 9.68 62.81
N PRO K 83 -43.75 9.62 61.70
CA PRO K 83 -42.85 8.47 61.47
C PRO K 83 -41.73 8.33 62.48
N LYS K 84 -41.21 9.50 62.87
CA LYS K 84 -40.31 9.61 64.00
C LYS K 84 -40.70 8.67 65.13
N GLN K 85 -41.90 8.85 65.67
CA GLN K 85 -42.32 8.12 66.86
C GLN K 85 -42.26 6.62 66.63
N ALA K 86 -42.73 6.18 65.47
CA ALA K 86 -42.70 4.76 65.18
C ALA K 86 -41.28 4.25 65.22
N LEU K 87 -40.36 5.02 64.65
CA LEU K 87 -38.98 4.57 64.65
C LEU K 87 -38.48 4.41 66.07
N GLU K 88 -38.84 5.35 66.94
CA GLU K 88 -38.46 5.22 68.33
C GLU K 88 -39.02 3.94 68.94
N ARG K 89 -40.28 3.65 68.67
CA ARG K 89 -40.87 2.47 69.30
C ARG K 89 -40.16 1.21 68.81
N ALA K 90 -39.74 1.21 67.55
CA ALA K 90 -39.01 0.06 67.04
C ALA K 90 -37.67 -0.09 67.75
N CYS K 91 -36.97 1.02 67.95
CA CYS K 91 -35.73 0.96 68.71
C CYS K 91 -35.96 0.35 70.09
N ALA K 92 -36.96 0.87 70.80
CA ALA K 92 -37.26 0.33 72.11
C ALA K 92 -37.48 -1.16 72.03
N SER K 93 -38.23 -1.61 71.02
CA SER K 93 -38.57 -3.03 70.99
C SER K 93 -37.36 -3.88 70.72
N ILE K 94 -36.51 -3.46 69.79
CA ILE K 94 -35.37 -4.30 69.47
C ILE K 94 -34.42 -4.34 70.66
N ILE K 95 -34.17 -3.18 71.27
CA ILE K 95 -33.39 -3.17 72.48
C ILE K 95 -33.96 -4.15 73.50
N ASN K 96 -35.26 -4.12 73.70
CA ASN K 96 -35.85 -4.91 74.77
C ASN K 96 -35.72 -6.39 74.47
N LYS K 97 -36.01 -6.77 73.24
CA LYS K 97 -35.83 -8.16 72.84
C LYS K 97 -34.40 -8.59 73.12
N LEU K 98 -33.46 -7.73 72.81
CA LEU K 98 -32.07 -8.13 72.95
C LEU K 98 -31.63 -8.20 74.40
N LYS K 99 -32.07 -7.27 75.23
CA LYS K 99 -31.82 -7.39 76.64
C LYS K 99 -32.31 -8.71 77.18
N THR K 100 -33.56 -9.06 76.86
CA THR K 100 -34.10 -10.34 77.28
C THR K 100 -33.23 -11.48 76.78
N LEU K 101 -32.76 -11.37 75.55
CA LEU K 101 -31.97 -12.43 74.97
C LEU K 101 -30.69 -12.65 75.76
N ASP K 102 -29.96 -11.57 76.00
CA ASP K 102 -28.79 -11.62 76.87
C ASP K 102 -29.10 -12.30 78.18
N HIS K 103 -30.14 -11.82 78.85
CA HIS K 103 -30.52 -12.34 80.15
C HIS K 103 -30.65 -13.85 80.10
N LYS K 104 -31.41 -14.34 79.13
CA LYS K 104 -31.69 -15.75 79.05
C LYS K 104 -30.45 -16.53 78.67
N PHE K 105 -29.57 -15.96 77.86
CA PHE K 105 -28.39 -16.74 77.50
C PHE K 105 -27.44 -16.86 78.67
N ASN K 106 -27.25 -15.81 79.45
CA ASN K 106 -26.44 -15.96 80.65
C ASN K 106 -27.03 -17.04 81.54
N GLU K 107 -28.33 -16.95 81.82
CA GLU K 107 -28.93 -17.93 82.71
C GLU K 107 -28.68 -19.34 82.20
N GLU K 108 -28.90 -19.54 80.91
CA GLU K 108 -28.71 -20.84 80.31
C GLU K 108 -27.28 -21.31 80.37
N TRP K 109 -26.33 -20.42 80.10
CA TRP K 109 -24.94 -20.82 80.09
C TRP K 109 -24.49 -21.23 81.48
N ASN K 110 -24.98 -20.54 82.50
CA ASN K 110 -24.63 -20.95 83.85
C ASN K 110 -25.32 -22.25 84.23
N ILE K 111 -26.49 -22.54 83.65
CA ILE K 111 -27.09 -23.84 83.92
C ILE K 111 -26.28 -24.95 83.28
N LYS K 112 -25.88 -24.79 82.03
CA LYS K 112 -25.16 -25.86 81.36
C LYS K 112 -23.89 -26.25 82.10
N ASN K 113 -23.16 -25.29 82.62
CA ASN K 113 -21.89 -25.59 83.26
C ASN K 113 -22.10 -26.36 84.54
N GLY L 28 33.56 4.92 55.88
CA GLY L 28 33.56 4.73 57.31
C GLY L 28 32.41 3.89 57.82
N VAL L 29 31.26 3.97 57.15
CA VAL L 29 30.09 3.26 57.65
C VAL L 29 30.24 1.78 57.38
N LYS L 30 29.90 0.97 58.37
CA LYS L 30 30.36 -0.41 58.49
C LYS L 30 30.06 -1.18 57.21
N TYR L 31 31.10 -1.48 56.45
CA TYR L 31 30.96 -2.27 55.25
C TYR L 31 31.21 -3.73 55.59
N THR L 32 30.15 -4.52 55.57
CA THR L 32 30.28 -5.94 55.84
C THR L 32 30.76 -6.66 54.60
N CYS L 33 31.72 -7.55 54.78
CA CYS L 33 32.09 -8.41 53.65
C CYS L 33 31.18 -9.61 53.61
N GLY L 34 31.19 -10.31 52.47
CA GLY L 34 30.23 -11.37 52.25
C GLY L 34 30.37 -12.60 53.13
N ALA L 35 31.59 -12.98 53.50
CA ALA L 35 31.82 -14.23 54.21
C ALA L 35 32.27 -13.98 55.64
N CYS L 36 33.27 -13.14 55.81
CA CYS L 36 33.92 -12.95 57.10
C CYS L 36 33.12 -12.07 58.05
N ALA L 37 32.20 -11.28 57.52
CA ALA L 37 31.48 -10.26 58.29
C ALA L 37 32.42 -9.34 59.04
N HIS L 38 33.67 -9.24 58.59
CA HIS L 38 34.62 -8.36 59.26
C HIS L 38 34.15 -6.92 59.10
N ASN L 39 33.54 -6.37 60.14
CA ASN L 39 32.81 -5.12 60.03
C ASN L 39 33.78 -3.96 59.90
N PHE L 40 34.68 -4.05 58.91
CA PHE L 40 35.73 -3.05 58.76
C PHE L 40 35.19 -1.93 57.90
N SER L 41 35.59 -0.71 58.21
CA SER L 41 35.19 0.44 57.43
C SER L 41 36.18 0.69 56.32
N LEU L 42 35.77 1.50 55.36
CA LEU L 42 36.66 2.03 54.36
C LEU L 42 36.68 3.54 54.47
N ASN L 43 37.61 4.16 53.75
CA ASN L 43 38.08 5.51 54.08
C ASN L 43 38.07 6.45 52.88
N LYS L 44 37.20 6.19 51.91
CA LYS L 44 37.14 6.89 50.63
C LYS L 44 38.45 6.80 49.84
N SER L 45 39.39 5.95 50.25
CA SER L 45 40.60 5.77 49.45
C SER L 45 41.10 4.34 49.34
N ASP L 46 40.75 3.45 50.25
CA ASP L 46 41.35 2.12 50.22
C ASP L 46 40.84 1.36 49.00
N PRO L 47 41.62 0.40 48.49
CA PRO L 47 41.10 -0.49 47.45
C PRO L 47 40.00 -1.37 48.01
N VAL L 48 38.84 -1.31 47.39
CA VAL L 48 37.61 -1.79 47.99
C VAL L 48 37.66 -3.32 47.93
N ARG L 49 38.02 -3.92 49.05
CA ARG L 49 38.14 -5.37 49.15
C ARG L 49 38.05 -5.76 50.61
N CYS L 50 37.84 -7.05 50.85
CA CYS L 50 37.76 -7.58 52.19
C CYS L 50 39.10 -7.43 52.88
N LYS L 51 39.09 -7.14 54.17
CA LYS L 51 40.33 -7.20 54.93
C LYS L 51 40.63 -8.60 55.42
N GLU L 52 40.04 -9.62 54.80
CA GLU L 52 40.37 -11.00 55.08
C GLU L 52 40.91 -11.74 53.87
N CYS L 53 40.18 -11.68 52.74
CA CYS L 53 40.48 -12.55 51.60
C CYS L 53 40.37 -11.84 50.26
N GLY L 54 40.72 -10.56 50.18
CA GLY L 54 40.61 -9.83 48.93
C GLY L 54 39.22 -9.80 48.35
N HIS L 55 38.23 -10.26 49.09
CA HIS L 55 36.90 -10.43 48.56
C HIS L 55 36.29 -9.05 48.33
N ARG L 56 36.29 -8.59 47.09
CA ARG L 56 36.03 -7.18 46.77
C ARG L 56 34.56 -6.80 46.83
N VAL L 57 33.76 -7.58 47.52
CA VAL L 57 32.32 -7.39 47.58
C VAL L 57 31.97 -6.93 48.97
N ILE L 58 31.55 -5.68 49.11
CA ILE L 58 31.15 -5.15 50.39
C ILE L 58 29.69 -4.75 50.31
N TYR L 59 29.02 -4.81 51.46
CA TYR L 59 27.66 -4.34 51.54
C TYR L 59 27.64 -3.26 52.59
N LYS L 60 26.82 -2.25 52.36
CA LYS L 60 26.59 -1.35 53.48
C LYS L 60 25.81 -2.08 54.55
N ALA L 61 26.38 -2.12 55.75
CA ALA L 61 25.60 -2.61 56.87
C ALA L 61 24.51 -1.59 57.17
N ARG L 62 23.65 -1.93 58.11
CA ARG L 62 22.32 -1.38 58.20
C ARG L 62 22.33 -0.02 58.90
N THR L 63 21.29 0.76 58.66
CA THR L 63 21.16 2.05 59.32
C THR L 63 21.13 1.85 60.83
N LYS L 64 21.37 2.95 61.57
CA LYS L 64 21.20 2.98 63.02
C LYS L 64 19.76 3.17 63.41
N ARG L 65 18.91 3.56 62.47
CA ARG L 65 17.61 4.04 62.79
C ARG L 65 16.70 2.94 63.33
N MET L 66 15.46 3.33 63.56
CA MET L 66 14.37 2.45 63.95
C MET L 66 13.25 2.62 62.92
N ILE L 67 12.81 1.52 62.32
CA ILE L 67 11.81 1.60 61.28
C ILE L 67 10.47 1.08 61.80
N GLN L 68 9.39 1.54 61.18
CA GLN L 68 8.04 1.17 61.59
C GLN L 68 7.33 0.44 60.47
N PHE L 69 6.11 0.00 60.76
CA PHE L 69 5.26 -0.61 59.75
C PHE L 69 3.81 -0.52 60.20
N ASP L 70 2.97 -1.34 59.58
CA ASP L 70 1.56 -1.43 59.92
C ASP L 70 1.08 -2.86 60.03
N ALA L 71 1.97 -3.84 59.88
CA ALA L 71 1.62 -5.24 59.99
C ALA L 71 0.55 -5.66 59.00
N ARG L 72 0.09 -4.76 58.15
CA ARG L 72 -0.95 -5.08 57.19
C ARG L 72 -0.29 -5.42 55.86
N PRO P 42 35.67 -16.99 -124.04
CA PRO P 42 36.86 -17.43 -123.30
C PRO P 42 36.56 -17.72 -121.82
N HIS P 43 37.36 -17.16 -120.94
CA HIS P 43 37.27 -17.39 -119.51
C HIS P 43 36.66 -16.21 -118.75
N ARG P 44 35.60 -15.61 -119.30
CA ARG P 44 34.90 -14.41 -118.85
C ARG P 44 34.67 -14.30 -117.35
N TYR P 45 34.33 -15.43 -116.71
CA TYR P 45 34.18 -15.55 -115.26
C TYR P 45 33.10 -14.65 -114.66
N ARG P 46 31.85 -15.14 -114.69
CA ARG P 46 30.82 -14.69 -113.76
C ARG P 46 31.41 -14.44 -112.37
N PRO P 47 31.09 -13.30 -111.76
CA PRO P 47 32.06 -12.60 -110.91
C PRO P 47 32.26 -13.26 -109.54
N GLY P 48 33.15 -12.67 -108.77
CA GLY P 48 33.36 -13.05 -107.39
C GLY P 48 34.82 -13.11 -106.97
N THR P 49 35.68 -13.58 -107.87
CA THR P 49 37.10 -13.74 -107.53
C THR P 49 37.85 -12.43 -107.74
N VAL P 50 37.34 -11.58 -108.63
CA VAL P 50 38.02 -10.34 -108.98
C VAL P 50 38.08 -9.39 -107.79
N ALA P 51 36.91 -9.05 -107.24
CA ALA P 51 36.80 -8.08 -106.15
C ALA P 51 37.51 -8.58 -104.90
N LEU P 52 37.23 -9.82 -104.51
CA LEU P 52 37.77 -10.34 -103.26
C LEU P 52 39.25 -10.60 -103.38
N ARG P 53 39.70 -10.98 -104.57
CA ARG P 53 41.11 -11.15 -104.83
C ARG P 53 41.86 -9.84 -104.74
N GLU P 54 41.27 -8.77 -105.26
CA GLU P 54 41.94 -7.48 -105.15
C GLU P 54 41.86 -6.94 -103.73
N ILE P 55 40.85 -7.33 -102.97
CA ILE P 55 40.84 -7.03 -101.53
C ILE P 55 42.01 -7.75 -100.85
N ARG P 56 42.25 -9.01 -101.22
CA ARG P 56 43.40 -9.74 -100.69
C ARG P 56 44.70 -9.08 -101.07
N ARG P 57 44.79 -8.56 -102.29
CA ARG P 57 46.00 -7.89 -102.71
C ARG P 57 46.19 -6.58 -101.96
N TYR P 58 45.15 -5.77 -101.82
CA TYR P 58 45.27 -4.48 -101.18
C TYR P 58 45.36 -4.59 -99.66
N GLN P 59 45.08 -5.76 -99.11
CA GLN P 59 45.36 -5.96 -97.69
C GLN P 59 46.66 -6.71 -97.47
N LYS P 60 47.22 -7.33 -98.51
CA LYS P 60 48.63 -7.68 -98.46
C LYS P 60 49.51 -6.44 -98.60
N SER P 61 48.93 -5.37 -99.13
CA SER P 61 49.68 -4.19 -99.54
C SER P 61 50.18 -3.41 -98.34
N THR P 62 51.04 -2.44 -98.61
CA THR P 62 51.56 -1.53 -97.60
C THR P 62 51.19 -0.09 -97.93
N GLU P 63 51.51 0.36 -99.14
CA GLU P 63 51.61 1.78 -99.43
C GLU P 63 50.27 2.43 -99.79
N LEU P 64 50.34 3.62 -100.38
CA LEU P 64 49.17 4.44 -100.61
C LEU P 64 48.33 3.91 -101.77
N LEU P 65 47.26 4.62 -102.07
CA LEU P 65 46.46 4.33 -103.25
C LEU P 65 46.21 5.56 -104.11
N ILE P 66 45.94 6.71 -103.48
CA ILE P 66 45.74 7.92 -104.25
C ILE P 66 47.10 8.43 -104.70
N ARG P 67 47.25 8.70 -105.98
CA ARG P 67 48.55 9.12 -106.45
C ARG P 67 48.71 10.63 -106.31
N LYS P 68 49.96 11.06 -106.40
CA LYS P 68 50.46 12.17 -105.60
C LYS P 68 49.96 13.54 -106.09
N LEU P 69 50.32 13.90 -107.30
CA LEU P 69 50.08 15.19 -107.93
C LEU P 69 48.66 15.72 -107.89
N PRO P 70 47.60 14.97 -108.23
CA PRO P 70 46.27 15.60 -108.22
C PRO P 70 45.80 15.89 -106.82
N PHE P 71 46.15 15.02 -105.87
CA PHE P 71 45.88 15.27 -104.48
C PHE P 71 46.61 16.50 -103.98
N GLN P 72 47.86 16.68 -104.41
CA GLN P 72 48.63 17.86 -104.02
C GLN P 72 47.98 19.13 -104.56
N ARG P 73 47.53 19.10 -105.81
CA ARG P 73 46.93 20.28 -106.41
C ARG P 73 45.59 20.61 -105.77
N LEU P 74 44.83 19.60 -105.37
CA LEU P 74 43.60 19.84 -104.62
C LEU P 74 43.89 20.47 -103.28
N VAL P 75 44.94 19.99 -102.61
CA VAL P 75 45.37 20.57 -101.34
C VAL P 75 45.71 22.04 -101.52
N ARG P 76 46.45 22.38 -102.57
CA ARG P 76 46.80 23.77 -102.77
C ARG P 76 45.61 24.62 -103.17
N GLU P 77 44.60 24.03 -103.80
CA GLU P 77 43.41 24.81 -104.13
C GLU P 77 42.60 25.13 -102.88
N ILE P 78 42.46 24.14 -101.98
CA ILE P 78 41.85 24.43 -100.68
C ILE P 78 42.73 25.40 -99.90
N ALA P 79 44.04 25.29 -100.05
CA ALA P 79 44.97 26.15 -99.33
C ALA P 79 44.93 27.58 -99.83
N GLN P 80 44.45 27.78 -101.05
CA GLN P 80 44.50 29.12 -101.65
C GLN P 80 43.28 29.94 -101.23
N ASP P 81 42.65 29.60 -100.12
CA ASP P 81 41.37 30.16 -99.77
C ASP P 81 41.39 31.00 -98.50
N PHE P 82 42.31 30.74 -97.57
CA PHE P 82 42.31 31.45 -96.31
C PHE P 82 43.50 32.36 -96.13
N LYS P 83 44.69 31.92 -96.49
CA LYS P 83 45.82 32.81 -96.67
C LYS P 83 46.45 32.44 -97.99
N THR P 84 46.71 33.45 -98.81
CA THR P 84 47.27 33.20 -100.12
C THR P 84 48.73 32.82 -100.00
N ASP P 85 49.22 32.13 -101.04
CA ASP P 85 50.64 32.06 -101.39
C ASP P 85 51.46 31.39 -100.28
N LEU P 86 51.13 30.14 -100.02
CA LEU P 86 51.78 29.43 -98.94
C LEU P 86 52.61 28.27 -99.46
N ARG P 87 53.77 28.07 -98.85
CA ARG P 87 54.69 27.05 -99.30
C ARG P 87 54.73 25.90 -98.33
N PHE P 88 55.17 24.74 -98.80
CA PHE P 88 54.94 23.47 -98.13
C PHE P 88 56.15 22.57 -98.27
N GLN P 89 56.39 21.76 -97.25
CA GLN P 89 57.34 20.67 -97.39
C GLN P 89 56.59 19.38 -97.64
N SER P 90 57.27 18.41 -98.25
CA SER P 90 56.59 17.26 -98.82
C SER P 90 56.04 16.33 -97.76
N ALA P 91 56.71 16.28 -96.60
CA ALA P 91 56.32 15.35 -95.56
C ALA P 91 54.97 15.70 -94.95
N ALA P 92 54.67 17.00 -94.90
CA ALA P 92 53.34 17.45 -94.50
C ALA P 92 52.27 16.90 -95.41
N ILE P 93 52.52 16.96 -96.71
CA ILE P 93 51.56 16.50 -97.71
C ILE P 93 51.39 14.99 -97.61
N GLY P 94 52.50 14.28 -97.35
CA GLY P 94 52.40 12.84 -97.21
C GLY P 94 51.63 12.44 -95.96
N ALA P 95 51.79 13.19 -94.87
CA ALA P 95 50.99 12.95 -93.69
C ALA P 95 49.51 13.20 -93.95
N LEU P 96 49.23 14.27 -94.70
CA LEU P 96 47.86 14.58 -95.07
C LEU P 96 47.23 13.47 -95.90
N GLN P 97 48.01 12.91 -96.82
CA GLN P 97 47.52 11.83 -97.66
C GLN P 97 47.29 10.57 -96.84
N GLU P 98 48.22 10.29 -95.92
CA GLU P 98 48.11 9.14 -95.01
C GLU P 98 46.84 9.20 -94.18
N ALA P 99 46.64 10.32 -93.47
CA ALA P 99 45.50 10.44 -92.58
C ALA P 99 44.20 10.55 -93.35
N SER P 100 44.27 11.08 -94.57
CA SER P 100 43.09 11.14 -95.42
C SER P 100 42.63 9.75 -95.79
N GLU P 101 43.56 8.91 -96.26
CA GLU P 101 43.20 7.56 -96.65
C GLU P 101 42.77 6.73 -95.45
N ALA P 102 43.36 6.99 -94.28
CA ALA P 102 42.92 6.28 -93.08
C ALA P 102 41.50 6.67 -92.69
N TYR P 103 41.18 7.96 -92.78
CA TYR P 103 39.86 8.48 -92.47
C TYR P 103 38.82 7.85 -93.36
N LEU P 104 39.14 7.75 -94.63
CA LEU P 104 38.17 7.18 -95.56
C LEU P 104 38.08 5.68 -95.41
N VAL P 105 39.17 5.02 -95.02
CA VAL P 105 39.14 3.58 -94.76
C VAL P 105 38.21 3.27 -93.61
N GLY P 106 38.27 4.07 -92.55
CA GLY P 106 37.37 3.86 -91.42
C GLY P 106 35.91 4.12 -91.79
N LEU P 107 35.68 5.17 -92.60
CA LEU P 107 34.35 5.40 -93.13
C LEU P 107 33.83 4.20 -93.91
N PHE P 108 34.68 3.64 -94.76
CA PHE P 108 34.30 2.48 -95.55
C PHE P 108 34.03 1.24 -94.69
N GLU P 109 34.80 1.07 -93.61
CA GLU P 109 34.59 -0.11 -92.76
C GLU P 109 33.24 -0.06 -92.08
N ASP P 110 32.92 1.08 -91.44
CA ASP P 110 31.62 1.15 -90.78
C ASP P 110 30.49 1.19 -91.79
N THR P 111 30.73 1.74 -92.98
CA THR P 111 29.74 1.72 -94.04
C THR P 111 29.47 0.31 -94.49
N ASN P 112 30.52 -0.50 -94.56
CA ASN P 112 30.43 -1.90 -94.93
C ASN P 112 29.62 -2.66 -93.90
N LEU P 113 29.83 -2.39 -92.62
CA LEU P 113 29.05 -3.09 -91.62
C LEU P 113 27.60 -2.61 -91.61
N CYS P 114 27.36 -1.34 -91.97
CA CYS P 114 25.99 -0.87 -92.14
C CYS P 114 25.30 -1.60 -93.28
N ALA P 115 26.04 -1.86 -94.35
CA ALA P 115 25.45 -2.56 -95.48
C ALA P 115 25.17 -4.01 -95.15
N ILE P 116 26.07 -4.63 -94.39
CA ILE P 116 25.87 -6.01 -93.98
C ILE P 116 24.66 -6.12 -93.07
N HIS P 117 24.45 -5.12 -92.21
CA HIS P 117 23.23 -5.11 -91.42
C HIS P 117 22.01 -4.78 -92.28
N ALA P 118 22.22 -4.12 -93.41
CA ALA P 118 21.11 -3.85 -94.31
C ALA P 118 20.71 -5.05 -95.17
N LYS P 119 21.31 -6.23 -94.90
CA LYS P 119 21.12 -7.46 -95.68
C LYS P 119 21.42 -7.26 -97.15
N ARG P 120 22.37 -6.39 -97.45
CA ARG P 120 22.76 -6.09 -98.82
C ARG P 120 24.28 -6.09 -98.89
N VAL P 121 24.78 -6.12 -100.12
CA VAL P 121 26.18 -5.87 -100.34
C VAL P 121 26.39 -4.56 -101.08
N THR P 122 25.38 -4.07 -101.80
CA THR P 122 25.44 -2.76 -102.43
C THR P 122 25.43 -1.68 -101.36
N ILE P 123 26.37 -0.76 -101.44
CA ILE P 123 26.40 0.37 -100.53
C ILE P 123 25.36 1.39 -100.94
N MET P 124 25.08 2.34 -100.05
CA MET P 124 24.18 3.45 -100.30
C MET P 124 24.79 4.70 -99.71
N PRO P 125 24.37 5.88 -100.17
CA PRO P 125 24.91 7.11 -99.57
C PRO P 125 24.44 7.34 -98.16
N LYS P 126 23.20 7.00 -97.83
CA LYS P 126 22.72 7.29 -96.49
C LYS P 126 23.34 6.36 -95.46
N ASP P 127 23.94 5.27 -95.90
CA ASP P 127 24.88 4.52 -95.08
C ASP P 127 26.00 5.40 -94.56
N ILE P 128 26.68 6.12 -95.46
CA ILE P 128 27.76 7.02 -95.06
C ILE P 128 27.21 8.14 -94.19
N GLN P 129 26.00 8.61 -94.50
CA GLN P 129 25.41 9.66 -93.69
C GLN P 129 25.08 9.18 -92.28
N LEU P 130 24.65 7.93 -92.16
CA LEU P 130 24.39 7.37 -90.82
C LEU P 130 25.69 7.16 -90.07
N ALA P 131 26.74 6.75 -90.78
CA ALA P 131 28.04 6.51 -90.15
C ALA P 131 28.61 7.80 -89.60
N ARG P 132 28.58 8.86 -90.40
CA ARG P 132 29.02 10.15 -89.90
C ARG P 132 28.07 10.76 -88.89
N ARG P 133 26.79 10.35 -88.90
CA ARG P 133 25.88 10.77 -87.84
C ARG P 133 26.29 10.19 -86.51
N ILE P 134 26.67 8.92 -86.50
CA ILE P 134 27.06 8.29 -85.26
C ILE P 134 28.45 8.76 -84.84
N ARG P 135 29.31 9.09 -85.79
CA ARG P 135 30.64 9.54 -85.41
C ARG P 135 30.67 10.96 -84.85
N GLY P 136 29.56 11.67 -84.88
CA GLY P 136 29.54 13.02 -84.36
C GLY P 136 30.32 14.03 -85.18
N GLU P 137 30.59 13.72 -86.44
CA GLU P 137 31.36 14.58 -87.32
C GLU P 137 30.42 15.07 -88.42
N ARG P 138 29.69 16.14 -88.13
CA ARG P 138 28.48 16.47 -88.86
C ARG P 138 28.78 17.22 -90.15
N ARG Q 27 41.44 24.86 -109.60
CA ARG Q 27 40.10 24.58 -110.11
C ARG Q 27 39.96 23.12 -110.52
N ASP Q 28 38.82 22.53 -110.13
CA ASP Q 28 38.32 21.26 -110.65
C ASP Q 28 39.21 20.07 -110.27
N ASN Q 29 40.18 20.27 -109.37
CA ASN Q 29 40.94 19.16 -108.85
C ASN Q 29 40.13 18.34 -107.85
N ILE Q 30 39.01 18.89 -107.37
CA ILE Q 30 38.00 18.09 -106.71
C ILE Q 30 37.51 16.98 -107.63
N GLN Q 31 37.38 17.27 -108.92
CA GLN Q 31 37.10 16.27 -109.92
C GLN Q 31 38.35 15.51 -110.35
N GLY Q 32 39.51 15.85 -109.80
CA GLY Q 32 40.68 15.04 -110.00
C GLY Q 32 40.62 13.73 -109.24
N ILE Q 33 39.68 13.60 -108.31
CA ILE Q 33 39.42 12.34 -107.63
C ILE Q 33 38.87 11.35 -108.67
N THR Q 34 39.54 10.21 -108.82
CA THR Q 34 39.14 9.25 -109.83
C THR Q 34 38.31 8.14 -109.20
N LYS Q 35 37.34 7.67 -109.97
CA LYS Q 35 36.57 6.48 -109.58
C LYS Q 35 37.43 5.24 -109.30
N PRO Q 36 38.47 4.87 -110.07
CA PRO Q 36 39.28 3.71 -109.65
C PRO Q 36 40.05 3.92 -108.38
N ALA Q 37 40.36 5.16 -108.00
CA ALA Q 37 40.97 5.37 -106.69
C ALA Q 37 39.98 5.08 -105.59
N ILE Q 38 38.73 5.50 -105.78
CA ILE Q 38 37.67 5.22 -104.83
C ILE Q 38 37.44 3.72 -104.74
N ARG Q 39 37.53 3.04 -105.89
CA ARG Q 39 37.49 1.58 -105.92
C ARG Q 39 38.58 0.96 -105.07
N ARG Q 40 39.83 1.42 -105.25
CA ARG Q 40 40.95 0.86 -104.51
C ARG Q 40 40.79 1.09 -103.02
N LEU Q 41 40.30 2.27 -102.65
CA LEU Q 41 40.02 2.55 -101.26
C LEU Q 41 38.91 1.70 -100.70
N ALA Q 42 37.93 1.36 -101.52
CA ALA Q 42 36.88 0.47 -101.06
C ALA Q 42 37.41 -0.94 -100.88
N ARG Q 43 38.36 -1.35 -101.72
CA ARG Q 43 38.84 -2.72 -101.63
C ARG Q 43 39.74 -2.91 -100.42
N ARG Q 44 40.67 -1.97 -100.18
CA ARG Q 44 41.42 -2.05 -98.93
C ARG Q 44 40.50 -1.78 -97.74
N GLY Q 45 39.49 -0.93 -97.96
CA GLY Q 45 38.40 -0.80 -97.01
C GLY Q 45 37.52 -2.03 -96.92
N GLY Q 46 37.64 -2.95 -97.87
CA GLY Q 46 36.99 -4.23 -97.76
C GLY Q 46 35.61 -4.22 -98.37
N VAL Q 47 35.25 -3.12 -98.98
CA VAL Q 47 33.93 -2.98 -99.56
C VAL Q 47 33.87 -3.78 -100.85
N LYS Q 48 32.84 -4.61 -100.97
CA LYS Q 48 32.68 -5.40 -102.18
C LYS Q 48 31.95 -4.65 -103.28
N ARG Q 49 30.70 -4.27 -103.04
CA ARG Q 49 29.81 -3.80 -104.10
C ARG Q 49 29.68 -2.28 -104.00
N ILE Q 50 29.83 -1.60 -105.12
CA ILE Q 50 29.93 -0.15 -105.18
C ILE Q 50 28.73 0.40 -105.92
N SER Q 51 27.99 1.30 -105.29
CA SER Q 51 26.91 1.98 -105.99
C SER Q 51 27.45 3.18 -106.75
N GLY Q 52 26.64 3.75 -107.63
CA GLY Q 52 27.09 4.82 -108.48
C GLY Q 52 26.88 6.20 -107.91
N LEU Q 53 26.01 6.31 -106.92
CA LEU Q 53 25.73 7.60 -106.33
C LEU Q 53 26.64 7.91 -105.15
N ILE Q 54 27.87 7.44 -105.20
CA ILE Q 54 28.71 7.48 -104.01
C ILE Q 54 29.84 8.48 -104.16
N TYR Q 55 30.27 8.70 -105.40
CA TYR Q 55 31.59 9.27 -105.64
C TYR Q 55 31.65 10.74 -105.29
N GLU Q 56 30.64 11.50 -105.67
CA GLU Q 56 30.68 12.92 -105.38
C GLU Q 56 30.37 13.21 -103.92
N GLU Q 57 29.57 12.35 -103.29
CA GLU Q 57 29.37 12.41 -101.85
C GLU Q 57 30.68 12.20 -101.12
N THR Q 58 31.45 11.21 -101.58
CA THR Q 58 32.79 10.95 -101.07
C THR Q 58 33.69 12.16 -101.23
N ARG Q 59 33.64 12.78 -102.41
CA ARG Q 59 34.42 13.98 -102.68
C ARG Q 59 34.07 15.11 -101.72
N GLY Q 60 32.78 15.29 -101.45
CA GLY Q 60 32.35 16.36 -100.55
C GLY Q 60 32.80 16.14 -99.13
N VAL Q 61 32.72 14.89 -98.65
CA VAL Q 61 33.14 14.60 -97.28
C VAL Q 61 34.65 14.78 -97.13
N LEU Q 62 35.41 14.25 -98.11
CA LEU Q 62 36.86 14.44 -98.14
C LEU Q 62 37.25 15.90 -98.16
N LYS Q 63 36.48 16.70 -98.90
CA LYS Q 63 36.75 18.11 -99.03
C LYS Q 63 36.54 18.84 -97.70
N VAL Q 64 35.44 18.56 -97.00
CA VAL Q 64 35.15 19.25 -95.73
C VAL Q 64 36.17 18.87 -94.66
N PHE Q 65 36.54 17.58 -94.63
CA PHE Q 65 37.64 17.10 -93.81
C PHE Q 65 38.89 17.93 -94.02
N LEU Q 66 39.36 17.99 -95.26
CA LEU Q 66 40.60 18.71 -95.55
C LEU Q 66 40.47 20.21 -95.33
N GLU Q 67 39.25 20.74 -95.46
CA GLU Q 67 38.99 22.14 -95.13
C GLU Q 67 39.37 22.44 -93.69
N ASN Q 68 38.77 21.69 -92.75
CA ASN Q 68 39.03 21.94 -91.34
C ASN Q 68 40.49 21.71 -90.99
N VAL Q 69 41.08 20.69 -91.61
CA VAL Q 69 42.49 20.35 -91.37
C VAL Q 69 43.40 21.49 -91.77
N ILE Q 70 43.31 21.92 -93.02
CA ILE Q 70 44.27 22.90 -93.50
C ILE Q 70 43.99 24.28 -92.93
N ARG Q 71 42.72 24.58 -92.58
CA ARG Q 71 42.43 25.81 -91.84
C ARG Q 71 43.21 25.87 -90.55
N ASP Q 72 43.16 24.79 -89.78
CA ASP Q 72 43.85 24.79 -88.49
C ASP Q 72 45.37 24.80 -88.66
N ALA Q 73 45.87 24.09 -89.68
CA ALA Q 73 47.32 24.05 -89.90
C ALA Q 73 47.85 25.41 -90.32
N VAL Q 74 47.12 26.08 -91.20
CA VAL Q 74 47.52 27.41 -91.62
C VAL Q 74 47.40 28.40 -90.48
N THR Q 75 46.46 28.20 -89.55
CA THR Q 75 46.37 29.10 -88.41
C THR Q 75 47.56 28.93 -87.47
N TYR Q 76 47.94 27.68 -87.21
CA TYR Q 76 49.21 27.39 -86.54
C TYR Q 76 50.40 28.02 -87.23
N THR Q 77 50.35 28.11 -88.55
CA THR Q 77 51.49 28.72 -89.22
C THR Q 77 51.38 30.24 -89.24
N GLU Q 78 50.15 30.76 -89.12
CA GLU Q 78 49.92 32.19 -88.99
C GLU Q 78 50.62 32.73 -87.75
N HIS Q 79 50.43 32.05 -86.63
CA HIS Q 79 51.17 32.48 -85.46
C HIS Q 79 52.65 32.14 -85.54
N ALA Q 80 53.03 31.23 -86.44
CA ALA Q 80 54.45 30.90 -86.57
C ALA Q 80 55.26 32.00 -87.22
N LYS Q 81 54.62 32.96 -87.90
CA LYS Q 81 55.28 34.06 -88.61
C LYS Q 81 56.30 33.56 -89.62
N ARG Q 82 55.99 32.43 -90.24
CA ARG Q 82 56.78 31.87 -91.32
C ARG Q 82 55.81 31.48 -92.40
N LYS Q 83 56.10 31.86 -93.64
CA LYS Q 83 55.16 31.69 -94.73
C LYS Q 83 55.12 30.25 -95.25
N THR Q 84 55.82 29.32 -94.60
CA THR Q 84 55.85 27.94 -95.02
C THR Q 84 55.36 27.06 -93.87
N VAL Q 85 54.46 26.13 -94.19
CA VAL Q 85 53.89 25.23 -93.20
C VAL Q 85 54.71 23.96 -93.18
N THR Q 86 55.01 23.45 -91.98
CA THR Q 86 55.82 22.25 -91.85
C THR Q 86 54.95 21.04 -91.59
N ALA Q 87 55.59 19.89 -91.65
CA ALA Q 87 54.96 18.64 -91.26
C ALA Q 87 54.56 18.67 -89.79
N MET Q 88 55.41 19.30 -88.97
CA MET Q 88 55.17 19.37 -87.54
C MET Q 88 53.88 20.13 -87.26
N ASP Q 89 53.62 21.18 -88.05
CA ASP Q 89 52.42 21.99 -87.92
C ASP Q 89 51.17 21.16 -88.12
N VAL Q 90 51.17 20.37 -89.20
CA VAL Q 90 50.02 19.54 -89.52
C VAL Q 90 49.84 18.46 -88.47
N VAL Q 91 50.96 17.96 -87.94
CA VAL Q 91 50.91 17.01 -86.85
C VAL Q 91 50.22 17.60 -85.63
N TYR Q 92 50.60 18.81 -85.26
CA TYR Q 92 50.05 19.44 -84.06
C TYR Q 92 48.57 19.73 -84.25
N ALA Q 93 48.23 20.18 -85.45
CA ALA Q 93 46.84 20.52 -85.77
C ALA Q 93 45.96 19.28 -85.75
N LEU Q 94 46.47 18.16 -86.25
CA LEU Q 94 45.62 17.00 -86.24
C LEU Q 94 45.56 16.37 -84.87
N LYS Q 95 46.57 16.63 -84.04
CA LYS Q 95 46.44 16.25 -82.64
C LYS Q 95 45.35 17.07 -81.97
N ARG Q 96 45.22 18.34 -82.36
CA ARG Q 96 44.14 19.18 -81.85
C ARG Q 96 42.77 18.65 -82.23
N GLN Q 97 42.64 18.00 -83.36
CA GLN Q 97 41.35 17.42 -83.72
C GLN Q 97 41.13 16.08 -83.03
N GLY Q 98 42.20 15.44 -82.57
CA GLY Q 98 42.01 14.19 -81.86
C GLY Q 98 41.99 13.01 -82.81
N ARG Q 99 42.40 13.26 -84.04
CA ARG Q 99 42.54 12.25 -85.08
C ARG Q 99 44.00 11.89 -85.22
N THR Q 100 44.65 11.79 -84.08
CA THR Q 100 46.08 12.02 -83.96
C THR Q 100 46.89 10.93 -84.62
N LEU Q 101 47.84 11.35 -85.43
CA LEU Q 101 48.62 10.48 -86.28
C LEU Q 101 50.08 10.55 -85.88
N TYR Q 102 50.73 9.40 -85.80
CA TYR Q 102 52.14 9.34 -85.49
C TYR Q 102 52.96 9.41 -86.78
N GLY Q 103 54.22 9.03 -86.69
CA GLY Q 103 55.02 8.72 -87.85
C GLY Q 103 56.04 9.74 -88.24
N PHE Q 104 55.69 11.01 -88.18
CA PHE Q 104 56.57 12.05 -88.66
C PHE Q 104 57.11 12.92 -87.54
N GLY Q 105 56.87 12.55 -86.28
CA GLY Q 105 57.36 13.31 -85.16
C GLY Q 105 56.50 14.51 -84.83
N GLY Q 106 56.33 14.80 -83.55
CA GLY Q 106 55.59 15.98 -83.15
C GLY Q 106 54.95 15.94 -81.77
N THR R 20 40.22 49.21 -60.56
CA THR R 20 40.36 47.91 -61.19
C THR R 20 40.57 48.04 -62.68
N ARG R 21 41.50 47.25 -63.20
CA ARG R 21 41.84 47.25 -64.61
C ARG R 21 40.67 46.91 -65.52
N SER R 22 39.69 46.15 -65.02
CA SER R 22 38.51 45.80 -65.78
C SER R 22 37.68 47.05 -66.08
N SER R 23 37.42 47.84 -65.05
CA SER R 23 36.84 49.16 -65.25
C SER R 23 37.73 50.04 -66.10
N ARG R 24 39.05 49.95 -65.93
CA ARG R 24 39.96 50.69 -66.78
C ARG R 24 40.02 50.13 -68.19
N ALA R 25 39.61 48.87 -68.38
CA ALA R 25 39.32 48.36 -69.70
C ALA R 25 37.86 48.51 -70.07
N GLY R 26 37.01 48.97 -69.16
CA GLY R 26 35.60 49.16 -69.43
C GLY R 26 34.86 47.87 -69.64
N LEU R 27 35.23 46.83 -68.89
CA LEU R 27 34.66 45.52 -69.10
C LEU R 27 34.07 45.00 -67.80
N GLN R 28 33.75 43.70 -67.74
CA GLN R 28 33.11 43.17 -66.55
C GLN R 28 33.83 42.00 -65.90
N PHE R 29 34.95 41.53 -66.47
CA PHE R 29 35.51 40.42 -65.72
C PHE R 29 36.78 40.82 -65.00
N PRO R 30 36.97 40.35 -63.78
CA PRO R 30 38.15 40.73 -63.00
C PRO R 30 39.45 40.19 -63.59
N VAL R 31 40.30 41.14 -63.95
CA VAL R 31 41.56 40.86 -64.64
C VAL R 31 42.50 40.12 -63.71
N GLY R 32 42.73 40.68 -62.53
CA GLY R 32 43.80 40.21 -61.68
C GLY R 32 43.56 38.83 -61.12
N ARG R 33 42.30 38.45 -60.95
CA ARG R 33 41.98 37.07 -60.59
C ARG R 33 42.43 36.13 -61.69
N VAL R 34 42.20 36.53 -62.93
CA VAL R 34 42.62 35.72 -64.06
C VAL R 34 44.14 35.72 -64.16
N HIS R 35 44.76 36.87 -63.91
CA HIS R 35 46.21 36.96 -63.91
C HIS R 35 46.83 36.08 -62.83
N ARG R 36 46.16 35.96 -61.70
CA ARG R 36 46.57 35.06 -60.65
C ARG R 36 46.44 33.62 -61.08
N LEU R 37 45.32 33.27 -61.69
CA LEU R 37 45.07 31.89 -62.08
C LEU R 37 45.98 31.47 -63.21
N LEU R 38 46.40 32.40 -64.06
CA LEU R 38 47.38 32.08 -65.08
C LEU R 38 48.72 31.74 -64.46
N ARG R 39 49.12 32.46 -63.41
CA ARG R 39 50.32 32.14 -62.66
C ARG R 39 50.26 30.77 -62.01
N LYS R 40 49.20 30.50 -61.26
CA LYS R 40 49.16 29.25 -60.51
C LYS R 40 48.75 28.06 -61.36
N GLY R 41 48.58 28.23 -62.66
CA GLY R 41 48.23 27.12 -63.52
C GLY R 41 49.43 26.47 -64.17
N ASN R 42 50.62 26.98 -63.86
CA ASN R 42 51.88 26.63 -64.55
C ASN R 42 51.75 26.85 -66.04
N TYR R 43 51.07 27.91 -66.42
CA TYR R 43 50.70 28.08 -67.81
C TYR R 43 51.86 28.57 -68.65
N SER R 44 52.78 29.32 -68.05
CA SER R 44 54.03 29.68 -68.69
C SER R 44 55.04 29.96 -67.59
N GLU R 45 56.13 30.61 -67.96
CA GLU R 45 57.02 31.10 -66.93
C GLU R 45 56.69 32.54 -66.59
N ARG R 46 56.51 33.40 -67.60
CA ARG R 46 56.11 34.77 -67.35
C ARG R 46 54.79 35.09 -68.04
N VAL R 47 54.13 36.13 -67.52
CA VAL R 47 52.79 36.52 -67.92
C VAL R 47 52.81 37.98 -68.34
N GLY R 48 52.31 38.26 -69.54
CA GLY R 48 52.32 39.60 -70.09
C GLY R 48 51.34 40.55 -69.41
N ALA R 49 51.23 41.74 -70.01
CA ALA R 49 50.38 42.76 -69.41
C ALA R 49 48.90 42.54 -69.73
N GLY R 50 48.54 42.59 -71.00
CA GLY R 50 47.14 42.66 -71.38
C GLY R 50 46.51 41.40 -71.91
N ALA R 51 47.27 40.30 -71.98
CA ALA R 51 46.69 39.00 -72.28
C ALA R 51 45.47 38.61 -71.43
N PRO R 52 45.42 38.83 -70.11
CA PRO R 52 44.18 38.51 -69.40
C PRO R 52 43.03 39.40 -69.76
N VAL R 53 43.29 40.62 -70.19
CA VAL R 53 42.21 41.50 -70.65
C VAL R 53 41.55 40.92 -71.89
N TYR R 54 42.38 40.45 -72.83
CA TYR R 54 41.88 39.87 -74.06
C TYR R 54 41.10 38.60 -73.79
N LEU R 55 41.63 37.77 -72.89
CA LEU R 55 40.94 36.53 -72.55
C LEU R 55 39.62 36.79 -71.85
N ALA R 56 39.61 37.79 -70.97
CA ALA R 56 38.40 38.13 -70.23
C ALA R 56 37.33 38.66 -71.16
N ALA R 57 37.74 39.45 -72.15
CA ALA R 57 36.77 39.94 -73.13
C ALA R 57 36.23 38.81 -73.99
N VAL R 58 37.08 37.83 -74.30
CA VAL R 58 36.62 36.65 -75.04
C VAL R 58 35.55 35.92 -74.26
N LEU R 59 35.82 35.67 -72.98
CA LEU R 59 34.86 35.05 -72.09
C LEU R 59 33.57 35.85 -72.03
N GLU R 60 33.70 37.18 -72.00
CA GLU R 60 32.58 38.07 -71.84
C GLU R 60 31.65 38.02 -73.05
N TYR R 61 32.23 38.01 -74.24
CA TYR R 61 31.39 37.93 -75.43
C TYR R 61 30.80 36.54 -75.60
N LEU R 62 31.53 35.50 -75.19
CA LEU R 62 31.01 34.15 -75.27
C LEU R 62 29.78 33.98 -74.39
N THR R 63 29.90 34.37 -73.12
CA THR R 63 28.77 34.22 -72.23
C THR R 63 27.65 35.17 -72.59
N ALA R 64 27.97 36.30 -73.22
CA ALA R 64 26.94 37.21 -73.70
C ALA R 64 26.09 36.54 -74.79
N GLU R 65 26.77 35.90 -75.74
CA GLU R 65 26.06 35.25 -76.84
C GLU R 65 25.22 34.07 -76.35
N ILE R 66 25.83 33.26 -75.46
CA ILE R 66 25.14 32.08 -74.94
C ILE R 66 23.91 32.48 -74.16
N LEU R 67 24.09 33.38 -73.21
CA LEU R 67 22.95 33.73 -72.38
C LEU R 67 21.97 34.62 -73.11
N GLU R 68 22.38 35.24 -74.21
CA GLU R 68 21.44 35.96 -75.04
C GLU R 68 20.47 35.00 -75.70
N LEU R 69 21.01 33.91 -76.25
CA LEU R 69 20.13 32.87 -76.80
C LEU R 69 19.31 32.22 -75.72
N ALA R 70 19.86 32.12 -74.51
CA ALA R 70 19.10 31.59 -73.39
C ALA R 70 17.96 32.51 -73.02
N GLY R 71 18.18 33.82 -73.11
CA GLY R 71 17.13 34.76 -72.86
C GLY R 71 16.02 34.64 -73.89
N ASN R 72 16.39 34.41 -75.14
CA ASN R 72 15.38 34.14 -76.16
C ASN R 72 14.64 32.83 -75.86
N ALA R 73 15.35 31.84 -75.33
CA ALA R 73 14.72 30.59 -74.96
C ALA R 73 13.70 30.77 -73.85
N ALA R 74 13.99 31.66 -72.90
CA ALA R 74 13.02 31.98 -71.87
C ALA R 74 11.86 32.78 -72.45
N ARG R 75 12.14 33.62 -73.45
CA ARG R 75 11.07 34.33 -74.15
C ARG R 75 10.13 33.37 -74.85
N ASP R 76 10.64 32.23 -75.29
CA ASP R 76 9.81 31.25 -75.96
C ASP R 76 8.78 30.66 -75.00
N ASN R 77 9.24 30.12 -73.89
CA ASN R 77 8.38 29.46 -72.93
C ASN R 77 7.63 30.42 -72.05
N LYS R 78 7.93 31.72 -72.16
CA LYS R 78 7.44 32.78 -71.28
C LYS R 78 7.78 32.45 -69.82
N LYS R 79 9.04 32.13 -69.59
CA LYS R 79 9.55 31.90 -68.25
C LYS R 79 10.48 33.05 -67.90
N THR R 80 10.54 33.37 -66.61
CA THR R 80 11.37 34.48 -66.15
C THR R 80 12.70 34.02 -65.59
N ARG R 81 12.69 32.97 -64.79
CA ARG R 81 13.91 32.38 -64.28
C ARG R 81 14.42 31.35 -65.27
N ILE R 82 15.71 31.35 -65.50
CA ILE R 82 16.30 30.43 -66.46
C ILE R 82 16.34 29.04 -65.85
N ILE R 83 15.73 28.08 -66.53
CA ILE R 83 15.94 26.68 -66.17
C ILE R 83 17.06 26.16 -67.07
N PRO R 84 17.79 25.13 -66.65
CA PRO R 84 18.84 24.58 -67.51
C PRO R 84 18.34 23.96 -68.81
N ARG R 85 17.06 23.60 -68.88
CA ARG R 85 16.51 23.07 -70.13
C ARG R 85 16.59 24.10 -71.24
N HIS R 86 16.35 25.36 -70.89
CA HIS R 86 16.57 26.47 -71.81
C HIS R 86 17.99 26.48 -72.33
N LEU R 87 18.95 26.19 -71.44
CA LEU R 87 20.35 26.25 -71.81
C LEU R 87 20.69 25.15 -72.80
N GLN R 88 20.21 23.94 -72.52
CA GLN R 88 20.50 22.81 -73.41
C GLN R 88 19.84 23.00 -74.75
N LEU R 89 18.61 23.54 -74.77
CA LEU R 89 17.91 23.79 -76.02
C LEU R 89 18.64 24.83 -76.86
N ALA R 90 19.06 25.93 -76.23
CA ALA R 90 19.76 26.96 -76.97
C ALA R 90 21.12 26.50 -77.43
N ILE R 91 21.72 25.55 -76.72
CA ILE R 91 22.93 24.94 -77.24
C ILE R 91 22.61 24.09 -78.46
N ARG R 92 21.55 23.29 -78.39
CA ARG R 92 21.25 22.36 -79.46
C ARG R 92 20.59 23.01 -80.67
N ASN R 93 20.25 24.29 -80.60
CA ASN R 93 19.66 24.92 -81.77
C ASN R 93 20.71 25.51 -82.69
N ASP R 94 21.57 26.38 -82.15
CA ASP R 94 22.58 27.06 -82.95
C ASP R 94 23.63 26.08 -83.46
N GLU R 95 24.15 26.36 -84.65
CA GLU R 95 25.05 25.42 -85.29
C GLU R 95 26.42 25.41 -84.63
N GLU R 96 27.13 26.54 -84.70
CA GLU R 96 28.53 26.61 -84.29
C GLU R 96 28.70 26.31 -82.80
N LEU R 97 27.74 26.74 -82.00
CA LEU R 97 27.75 26.45 -80.58
C LEU R 97 27.59 24.98 -80.29
N ASN R 98 26.71 24.30 -81.03
CA ASN R 98 26.53 22.88 -80.84
C ASN R 98 27.71 22.08 -81.36
N LYS R 99 28.40 22.58 -82.38
CA LYS R 99 29.60 21.89 -82.83
C LYS R 99 30.73 22.09 -81.84
N LEU R 100 30.73 23.25 -81.17
CA LEU R 100 31.66 23.48 -80.07
C LEU R 100 31.41 22.51 -78.92
N LEU R 101 30.18 22.51 -78.41
CA LEU R 101 29.90 21.73 -77.21
C LEU R 101 29.32 20.36 -77.56
N GLY R 102 29.98 19.66 -78.48
CA GLY R 102 29.47 18.39 -78.95
C GLY R 102 29.65 17.31 -77.90
N ARG R 103 30.82 17.33 -77.28
CA ARG R 103 31.11 16.39 -76.21
C ARG R 103 30.64 16.87 -74.85
N VAL R 104 29.66 17.76 -74.80
CA VAL R 104 29.25 18.40 -73.57
C VAL R 104 27.86 17.92 -73.24
N THR R 105 27.66 17.48 -72.00
CA THR R 105 26.29 17.32 -71.55
C THR R 105 26.10 18.06 -70.23
N ILE R 106 24.84 18.27 -69.89
CA ILE R 106 24.44 19.06 -68.73
C ILE R 106 23.41 18.28 -67.95
N ALA R 107 23.56 18.22 -66.63
CA ALA R 107 22.51 17.68 -65.77
C ALA R 107 21.25 18.52 -65.91
N GLN R 108 20.10 17.85 -65.81
CA GLN R 108 18.79 18.39 -66.20
C GLN R 108 18.83 18.92 -67.63
N GLY R 109 19.49 18.20 -68.53
CA GLY R 109 19.62 18.66 -69.89
C GLY R 109 18.46 18.33 -70.81
N GLY R 110 18.16 17.05 -70.97
CA GLY R 110 17.22 16.65 -72.00
C GLY R 110 17.85 16.78 -73.38
N VAL R 111 17.04 16.53 -74.40
CA VAL R 111 17.50 16.56 -75.78
C VAL R 111 16.49 17.32 -76.62
N LEU R 112 16.73 17.29 -77.93
CA LEU R 112 15.85 17.87 -78.90
C LEU R 112 14.51 17.16 -78.92
N PRO R 113 13.40 17.89 -78.87
CA PRO R 113 12.11 17.25 -79.10
C PRO R 113 12.03 16.87 -80.56
N ASN R 114 12.27 15.60 -80.86
CA ASN R 114 12.56 15.17 -82.23
C ASN R 114 11.89 13.84 -82.50
N ILE R 115 11.23 13.74 -83.64
CA ILE R 115 10.47 12.57 -84.03
C ILE R 115 10.80 12.24 -85.46
N GLN R 116 11.26 11.02 -85.71
CA GLN R 116 11.43 10.54 -87.06
C GLN R 116 10.06 10.26 -87.66
N ALA R 117 9.68 11.06 -88.67
CA ALA R 117 8.32 11.01 -89.20
C ALA R 117 8.05 9.73 -89.97
N VAL R 118 9.10 8.97 -90.32
CA VAL R 118 8.93 7.62 -90.84
C VAL R 118 8.36 6.67 -89.80
N LEU R 119 8.42 7.04 -88.52
CA LEU R 119 7.80 6.28 -87.47
C LEU R 119 6.47 6.89 -87.03
N LEU R 120 6.11 8.02 -87.60
CA LEU R 120 4.74 8.50 -87.43
C LEU R 120 3.79 7.57 -88.17
N PRO R 121 2.60 7.34 -87.63
CA PRO R 121 1.64 6.46 -88.32
C PRO R 121 1.03 7.13 -89.53
N LYS R 122 0.29 6.33 -90.30
CA LYS R 122 -0.26 6.79 -91.56
C LYS R 122 -1.76 7.02 -91.47
N ARG S 35 36.84 29.43 -41.68
CA ARG S 35 35.99 29.23 -42.85
C ARG S 35 36.79 29.54 -44.11
N SER S 36 37.06 28.51 -44.90
CA SER S 36 37.82 28.68 -46.14
C SER S 36 36.98 29.38 -47.19
N ARG S 37 37.59 30.33 -47.89
CA ARG S 37 36.88 31.19 -48.84
C ARG S 37 36.89 30.51 -50.21
N LYS S 38 35.71 30.18 -50.70
CA LYS S 38 35.58 29.52 -52.00
C LYS S 38 35.27 30.53 -53.09
N GLU S 39 35.41 30.07 -54.34
CA GLU S 39 35.33 30.92 -55.52
C GLU S 39 34.02 30.72 -56.25
N SER S 40 33.61 31.75 -56.98
CA SER S 40 32.53 31.66 -57.96
C SER S 40 32.73 32.76 -58.97
N TYR S 41 32.07 32.65 -60.11
CA TYR S 41 32.10 33.73 -61.08
C TYR S 41 30.70 34.32 -61.22
N SER S 42 29.87 34.09 -60.21
CA SER S 42 28.43 34.28 -60.34
C SER S 42 28.05 35.75 -60.48
N ILE S 43 28.73 36.61 -59.74
CA ILE S 43 28.34 38.01 -59.71
C ILE S 43 28.66 38.71 -61.01
N TYR S 44 29.71 38.26 -61.69
CA TYR S 44 30.21 38.90 -62.90
C TYR S 44 29.27 38.66 -64.07
N VAL S 45 29.07 37.38 -64.37
CA VAL S 45 28.17 36.97 -65.42
C VAL S 45 26.74 37.32 -65.05
N TYR S 46 26.45 37.40 -63.74
CA TYR S 46 25.19 37.93 -63.26
C TYR S 46 24.97 39.36 -63.73
N LYS S 47 25.98 40.22 -63.55
CA LYS S 47 25.93 41.58 -64.06
C LYS S 47 25.78 41.62 -65.57
N VAL S 48 26.48 40.72 -66.27
CA VAL S 48 26.41 40.69 -67.72
C VAL S 48 25.01 40.32 -68.19
N LEU S 49 24.41 39.36 -67.50
CA LEU S 49 23.03 38.98 -67.74
C LEU S 49 22.08 40.14 -67.50
N LYS S 50 22.29 40.86 -66.41
CA LYS S 50 21.50 42.06 -66.13
C LYS S 50 21.67 43.12 -67.20
N GLN S 51 22.87 43.22 -67.79
CA GLN S 51 23.06 44.12 -68.92
C GLN S 51 22.21 43.69 -70.09
N VAL S 52 22.42 42.47 -70.56
CA VAL S 52 21.78 42.04 -71.80
C VAL S 52 20.30 41.76 -71.64
N HIS S 53 19.84 41.50 -70.42
CA HIS S 53 18.42 41.32 -70.15
C HIS S 53 18.15 41.81 -68.75
N PRO S 54 17.63 43.02 -68.61
CA PRO S 54 17.30 43.52 -67.28
C PRO S 54 16.12 42.80 -66.67
N ASP S 55 15.12 42.43 -67.46
CA ASP S 55 13.95 41.74 -66.93
C ASP S 55 14.08 40.23 -67.15
N THR S 56 14.92 39.60 -66.33
CA THR S 56 15.19 38.17 -66.46
C THR S 56 15.77 37.64 -65.16
N GLY S 57 15.17 36.55 -64.64
CA GLY S 57 15.73 35.84 -63.51
C GLY S 57 16.51 34.62 -63.95
N ILE S 58 17.07 33.91 -62.97
CA ILE S 58 17.92 32.77 -63.25
C ILE S 58 17.89 31.84 -62.04
N SER S 59 18.12 30.54 -62.28
CA SER S 59 18.26 29.57 -61.20
C SER S 59 19.72 29.48 -60.76
N SER S 60 19.90 28.99 -59.55
CA SER S 60 21.24 28.94 -58.97
C SER S 60 22.09 27.87 -59.62
N LYS S 61 21.48 26.71 -59.92
CA LYS S 61 22.23 25.62 -60.52
C LYS S 61 22.75 26.02 -61.89
N ALA S 62 21.94 26.75 -62.65
CA ALA S 62 22.38 27.23 -63.95
C ALA S 62 23.52 28.22 -63.82
N MET S 63 23.54 28.98 -62.73
CA MET S 63 24.66 29.87 -62.50
C MET S 63 25.93 29.07 -62.26
N GLY S 64 25.81 27.96 -61.53
CA GLY S 64 26.93 27.07 -61.38
C GLY S 64 27.36 26.44 -62.71
N ILE S 65 26.38 26.16 -63.56
CA ILE S 65 26.66 25.59 -64.88
C ILE S 65 27.48 26.55 -65.69
N MET S 66 27.12 27.83 -65.64
CA MET S 66 27.87 28.83 -66.39
C MET S 66 29.26 29.02 -65.81
N ASN S 67 29.40 28.84 -64.50
CA ASN S 67 30.72 28.91 -63.91
C ASN S 67 31.58 27.77 -64.42
N SER S 68 31.00 26.58 -64.50
CA SER S 68 31.71 25.44 -65.08
C SER S 68 32.02 25.66 -66.55
N PHE S 69 31.13 26.38 -67.24
CA PHE S 69 31.32 26.70 -68.65
C PHE S 69 32.56 27.55 -68.85
N VAL S 70 32.68 28.60 -68.04
CA VAL S 70 33.83 29.48 -68.09
C VAL S 70 35.09 28.70 -67.74
N ASN S 71 34.98 27.80 -66.76
CA ASN S 71 36.09 26.93 -66.39
C ASN S 71 36.58 26.12 -67.58
N ASP S 72 35.65 25.48 -68.29
CA ASP S 72 36.02 24.57 -69.37
C ASP S 72 36.64 25.32 -70.53
N ILE S 73 36.04 26.45 -70.90
CA ILE S 73 36.55 27.20 -72.04
C ILE S 73 37.93 27.76 -71.71
N PHE S 74 38.08 28.28 -70.49
CA PHE S 74 39.36 28.77 -70.02
C PHE S 74 40.43 27.69 -70.04
N GLU S 75 40.07 26.48 -69.63
CA GLU S 75 41.03 25.40 -69.57
C GLU S 75 41.49 24.98 -70.96
N ARG S 76 40.56 24.89 -71.91
CA ARG S 76 40.96 24.51 -73.27
C ARG S 76 41.84 25.57 -73.90
N ILE S 77 41.50 26.84 -73.66
CA ILE S 77 42.32 27.95 -74.14
C ILE S 77 43.71 27.90 -73.56
N ALA S 78 43.80 27.67 -72.26
CA ALA S 78 45.09 27.71 -71.59
C ALA S 78 45.95 26.55 -72.03
N GLY S 79 45.34 25.38 -72.27
CA GLY S 79 46.08 24.27 -72.79
C GLY S 79 46.59 24.53 -74.19
N GLU S 80 45.79 25.21 -74.99
CA GLU S 80 46.28 25.59 -76.30
C GLU S 80 47.38 26.64 -76.18
N ALA S 81 47.33 27.46 -75.14
CA ALA S 81 48.38 28.43 -74.92
C ALA S 81 49.70 27.76 -74.55
N SER S 82 49.61 26.71 -73.74
CA SER S 82 50.83 25.98 -73.37
C SER S 82 51.41 25.27 -74.57
N ARG S 83 50.54 24.70 -75.41
CA ARG S 83 51.05 24.13 -76.65
C ARG S 83 51.57 25.21 -77.59
N LEU S 84 50.98 26.40 -77.56
CA LEU S 84 51.54 27.53 -78.32
C LEU S 84 52.95 27.83 -77.89
N ALA S 85 53.16 27.79 -76.57
CA ALA S 85 54.48 28.02 -76.02
C ALA S 85 55.46 26.97 -76.48
N HIS S 86 55.09 25.70 -76.36
CA HIS S 86 56.06 24.64 -76.61
C HIS S 86 56.27 24.39 -78.09
N TYR S 87 55.29 24.74 -78.91
CA TYR S 87 55.58 24.70 -80.33
C TYR S 87 56.12 26.02 -80.82
N ASN S 88 56.33 26.97 -79.92
CA ASN S 88 57.05 28.17 -80.29
C ASN S 88 58.32 28.37 -79.49
N LYS S 89 58.60 27.49 -78.52
CA LYS S 89 59.84 27.49 -77.72
C LYS S 89 60.02 28.81 -76.97
N ARG S 90 58.90 29.41 -76.58
CA ARG S 90 58.88 30.67 -75.89
C ARG S 90 58.03 30.53 -74.64
N SER S 91 58.24 31.41 -73.67
CA SER S 91 57.52 31.27 -72.41
C SER S 91 56.84 32.56 -71.99
N THR S 92 56.77 33.54 -72.86
CA THR S 92 56.05 34.78 -72.59
C THR S 92 54.66 34.56 -73.15
N ILE S 93 53.65 35.11 -72.48
CA ILE S 93 52.31 35.08 -73.05
C ILE S 93 51.85 36.52 -73.31
N THR S 94 51.57 36.83 -74.57
CA THR S 94 50.90 38.07 -74.91
C THR S 94 49.49 37.78 -75.44
N SER S 95 48.77 38.85 -75.78
CA SER S 95 47.41 38.75 -76.28
C SER S 95 47.32 38.12 -77.66
N ARG S 96 48.41 38.17 -78.43
CA ARG S 96 48.43 37.61 -79.78
C ARG S 96 48.22 36.10 -79.72
N GLU S 97 48.82 35.46 -78.72
CA GLU S 97 48.67 34.03 -78.51
C GLU S 97 47.25 33.70 -78.11
N ILE S 98 46.62 34.58 -77.35
CA ILE S 98 45.24 34.35 -76.96
C ILE S 98 44.33 34.44 -78.17
N GLN S 99 44.60 35.39 -79.06
CA GLN S 99 43.84 35.53 -80.30
C GLN S 99 43.96 34.29 -81.16
N THR S 100 45.19 33.82 -81.37
CA THR S 100 45.36 32.67 -82.24
C THR S 100 44.82 31.41 -81.57
N ALA S 101 44.80 31.38 -80.23
CA ALA S 101 44.20 30.25 -79.54
C ALA S 101 42.70 30.22 -79.73
N VAL S 102 42.05 31.39 -79.63
CA VAL S 102 40.61 31.44 -79.76
C VAL S 102 40.20 31.06 -81.17
N ARG S 103 40.89 31.58 -82.18
CA ARG S 103 40.50 31.19 -83.54
C ARG S 103 41.08 29.85 -83.94
N LEU S 104 41.86 29.21 -83.07
CA LEU S 104 42.06 27.78 -83.25
C LEU S 104 40.90 26.98 -82.67
N LEU S 105 40.36 27.42 -81.54
CA LEU S 105 39.37 26.56 -80.90
C LEU S 105 37.97 26.83 -81.42
N LEU S 106 37.59 28.00 -81.42
CA LEU S 106 36.20 28.28 -81.74
C LEU S 106 35.95 28.29 -83.25
N PRO S 107 34.74 27.95 -83.67
CA PRO S 107 34.41 28.03 -85.10
C PRO S 107 34.27 29.46 -85.57
N GLY S 108 34.49 29.63 -86.87
CA GLY S 108 34.82 30.89 -87.53
C GLY S 108 34.11 32.19 -87.22
N GLU S 109 32.79 32.24 -87.44
CA GLU S 109 32.08 33.51 -87.41
C GLU S 109 31.96 34.05 -86.00
N LEU S 110 31.53 33.17 -85.08
CA LEU S 110 31.56 33.44 -83.66
C LEU S 110 32.94 33.89 -83.20
N ALA S 111 33.98 33.17 -83.66
CA ALA S 111 35.35 33.47 -83.28
C ALA S 111 35.78 34.84 -83.74
N LYS S 112 35.41 35.23 -84.96
CA LYS S 112 35.85 36.51 -85.48
C LYS S 112 35.14 37.65 -84.76
N HIS S 113 33.86 37.45 -84.42
CA HIS S 113 33.17 38.44 -83.59
C HIS S 113 33.82 38.59 -82.23
N ALA S 114 34.20 37.47 -81.63
CA ALA S 114 34.84 37.54 -80.32
C ALA S 114 36.21 38.20 -80.41
N VAL S 115 36.94 37.93 -81.49
CA VAL S 115 38.25 38.56 -81.70
C VAL S 115 38.08 40.06 -81.85
N SER S 116 37.00 40.47 -82.52
CA SER S 116 36.71 41.89 -82.68
C SER S 116 36.45 42.55 -81.33
N GLU S 117 35.64 41.89 -80.50
CA GLU S 117 35.34 42.41 -79.16
C GLU S 117 36.60 42.54 -78.32
N GLY S 118 37.43 41.51 -78.34
CA GLY S 118 38.65 41.53 -77.57
C GLY S 118 39.64 42.56 -78.07
N THR S 119 39.71 42.75 -79.38
CA THR S 119 40.67 43.67 -79.94
C THR S 119 40.28 45.11 -79.65
N LYS S 120 38.98 45.40 -79.74
CA LYS S 120 38.49 46.73 -79.40
C LYS S 120 38.68 47.00 -77.91
N ALA S 121 38.54 45.97 -77.09
CA ALA S 121 38.81 46.14 -75.67
C ALA S 121 40.29 46.39 -75.41
N VAL S 122 41.17 45.73 -76.17
CA VAL S 122 42.62 45.94 -76.06
C VAL S 122 42.96 47.39 -76.39
N THR S 123 42.34 47.90 -77.45
CA THR S 123 42.55 49.28 -77.83
C THR S 123 42.05 50.25 -76.77
N LYS S 124 40.84 50.01 -76.24
CA LYS S 124 40.28 50.95 -75.26
C LYS S 124 41.05 50.94 -73.95
N TYR S 125 41.54 49.77 -73.53
CA TYR S 125 42.36 49.75 -72.33
C TYR S 125 43.74 50.34 -72.56
N THR S 126 44.52 49.76 -73.46
CA THR S 126 45.91 50.16 -73.62
C THR S 126 46.08 51.52 -74.28
N SER S 127 45.01 52.10 -74.84
CA SER S 127 45.09 53.47 -75.32
C SER S 127 45.21 54.44 -74.16
N ALA S 128 44.41 54.24 -73.12
CA ALA S 128 44.64 54.86 -71.83
C ALA S 128 45.64 54.01 -71.06
N LYS S 129 45.74 54.22 -69.75
CA LYS S 129 46.62 53.41 -68.92
C LYS S 129 46.08 51.98 -68.83
N HIS T 43 -12.82 0.37 -74.37
CA HIS T 43 -12.49 -0.40 -75.56
C HIS T 43 -10.98 -0.43 -75.74
N ARG T 44 -10.51 -0.95 -76.87
CA ARG T 44 -9.09 -1.14 -77.07
C ARG T 44 -8.55 -0.11 -78.06
N TYR T 45 -7.40 0.49 -77.74
CA TYR T 45 -6.74 1.43 -78.64
C TYR T 45 -5.82 0.69 -79.61
N ARG T 46 -5.48 1.33 -80.71
CA ARG T 46 -4.66 0.72 -81.72
C ARG T 46 -3.19 1.05 -81.47
N PRO T 47 -2.30 0.06 -81.66
CA PRO T 47 -0.96 0.15 -81.08
C PRO T 47 -0.07 1.17 -81.76
N GLY T 48 0.99 1.55 -81.06
CA GLY T 48 1.94 2.52 -81.52
C GLY T 48 1.63 3.93 -81.08
N THR T 49 0.37 4.22 -80.76
CA THR T 49 -0.06 5.60 -80.56
C THR T 49 0.40 6.13 -79.21
N VAL T 50 0.10 5.38 -78.15
CA VAL T 50 0.37 5.81 -76.79
C VAL T 50 1.87 5.98 -76.56
N ALA T 51 2.66 5.15 -77.23
CA ALA T 51 4.12 5.23 -77.14
C ALA T 51 4.63 6.56 -77.67
N LEU T 52 4.15 6.98 -78.84
CA LEU T 52 4.60 8.24 -79.40
C LEU T 52 4.07 9.41 -78.61
N ARG T 53 2.85 9.28 -78.05
CA ARG T 53 2.30 10.33 -77.23
C ARG T 53 3.14 10.52 -75.98
N GLU T 54 3.60 9.43 -75.38
CA GLU T 54 4.48 9.57 -74.24
C GLU T 54 5.91 9.87 -74.63
N ILE T 55 6.28 9.69 -75.90
CA ILE T 55 7.54 10.28 -76.36
C ILE T 55 7.43 11.79 -76.32
N ARG T 56 6.31 12.32 -76.80
CA ARG T 56 6.09 13.77 -76.72
C ARG T 56 5.96 14.24 -75.28
N ARG T 57 5.50 13.36 -74.40
CA ARG T 57 5.48 13.73 -72.99
C ARG T 57 6.87 13.68 -72.36
N TYR T 58 7.68 12.67 -72.70
CA TYR T 58 8.97 12.41 -72.06
C TYR T 58 10.13 13.15 -72.70
N GLN T 59 9.87 13.93 -73.74
CA GLN T 59 10.83 14.89 -74.22
C GLN T 59 10.72 16.22 -73.49
N LYS T 60 9.98 16.27 -72.39
CA LYS T 60 9.72 17.53 -71.73
C LYS T 60 10.42 17.68 -70.40
N SER T 61 10.17 16.80 -69.45
CA SER T 61 10.78 16.93 -68.12
C SER T 61 12.12 16.21 -68.14
N THR T 62 13.17 16.93 -67.77
CA THR T 62 14.50 16.37 -67.70
C THR T 62 14.78 15.69 -66.38
N GLU T 63 13.75 15.28 -65.66
CA GLU T 63 13.93 14.61 -64.40
C GLU T 63 14.46 13.20 -64.62
N LEU T 64 15.10 12.66 -63.58
CA LEU T 64 15.80 11.39 -63.71
C LEU T 64 14.83 10.24 -63.82
N LEU T 65 15.07 9.38 -64.81
CA LEU T 65 14.20 8.26 -65.08
C LEU T 65 14.35 7.11 -64.10
N ILE T 66 15.56 6.61 -63.91
CA ILE T 66 15.76 5.54 -62.93
C ILE T 66 15.72 6.15 -61.54
N ARG T 67 14.83 5.65 -60.68
CA ARG T 67 14.78 6.23 -59.35
C ARG T 67 15.85 5.63 -58.45
N LYS T 68 15.99 6.22 -57.27
CA LYS T 68 17.31 6.41 -56.66
C LYS T 68 17.86 5.12 -56.07
N LEU T 69 17.18 4.60 -55.05
CA LEU T 69 17.58 3.45 -54.23
C LEU T 69 18.10 2.22 -54.99
N PRO T 70 17.43 1.73 -56.04
CA PRO T 70 17.99 0.55 -56.71
C PRO T 70 19.24 0.88 -57.50
N PHE T 71 19.26 2.05 -58.12
CA PHE T 71 20.44 2.53 -58.83
C PHE T 71 21.60 2.67 -57.89
N GLN T 72 21.34 3.19 -56.70
CA GLN T 72 22.36 3.34 -55.68
C GLN T 72 22.89 1.99 -55.24
N ARG T 73 22.00 1.01 -55.06
CA ARG T 73 22.44 -0.33 -54.69
C ARG T 73 23.31 -0.95 -55.76
N LEU T 74 22.95 -0.74 -57.03
CA LEU T 74 23.73 -1.31 -58.12
C LEU T 74 25.12 -0.70 -58.19
N VAL T 75 25.17 0.62 -58.06
CA VAL T 75 26.45 1.31 -58.07
C VAL T 75 27.31 0.89 -56.89
N ARG T 76 26.70 0.76 -55.70
CA ARG T 76 27.44 0.31 -54.53
C ARG T 76 27.96 -1.10 -54.70
N GLU T 77 27.17 -1.98 -55.32
CA GLU T 77 27.59 -3.36 -55.46
C GLU T 77 28.75 -3.49 -56.41
N ILE T 78 28.75 -2.71 -57.48
CA ILE T 78 29.91 -2.75 -58.38
C ILE T 78 31.11 -2.09 -57.72
N ALA T 79 30.85 -1.08 -56.91
CA ALA T 79 31.93 -0.40 -56.21
C ALA T 79 32.52 -1.24 -55.09
N GLN T 80 31.82 -2.31 -54.70
CA GLN T 80 32.29 -3.14 -53.59
C GLN T 80 33.61 -3.82 -53.91
N ASP T 81 33.85 -4.16 -55.17
CA ASP T 81 34.94 -5.05 -55.52
C ASP T 81 36.19 -4.32 -55.97
N PHE T 82 36.46 -3.16 -55.41
CA PHE T 82 37.74 -2.51 -55.66
C PHE T 82 38.51 -2.23 -54.39
N LYS T 83 37.88 -1.61 -53.40
CA LYS T 83 38.38 -1.58 -52.04
C LYS T 83 37.15 -1.49 -51.15
N THR T 84 37.24 -2.08 -49.97
CA THR T 84 36.06 -2.43 -49.21
C THR T 84 35.36 -1.21 -48.61
N ASP T 85 34.08 -1.07 -48.94
CA ASP T 85 33.11 -0.24 -48.24
C ASP T 85 33.51 1.24 -48.21
N LEU T 86 33.48 1.86 -49.38
CA LEU T 86 33.79 3.26 -49.50
C LEU T 86 32.52 4.09 -49.33
N ARG T 87 32.59 5.14 -48.53
CA ARG T 87 31.46 6.04 -48.39
C ARG T 87 31.28 6.87 -49.65
N PHE T 88 30.11 7.49 -49.77
CA PHE T 88 29.74 8.21 -50.98
C PHE T 88 29.06 9.53 -50.71
N GLN T 89 29.40 10.51 -51.54
CA GLN T 89 28.65 11.75 -51.62
C GLN T 89 27.40 11.53 -52.46
N SER T 90 26.26 11.96 -51.94
CA SER T 90 25.00 11.80 -52.64
C SER T 90 24.92 12.62 -53.91
N ALA T 91 25.58 13.78 -53.91
CA ALA T 91 25.66 14.60 -55.12
C ALA T 91 26.44 13.87 -56.20
N ALA T 92 27.48 13.14 -55.81
CA ALA T 92 28.22 12.32 -56.76
C ALA T 92 27.35 11.22 -57.33
N ILE T 93 26.46 10.67 -56.50
CA ILE T 93 25.52 9.65 -56.96
C ILE T 93 24.56 10.24 -57.98
N GLY T 94 24.08 11.46 -57.74
CA GLY T 94 23.26 12.13 -58.73
C GLY T 94 24.01 12.42 -60.02
N ALA T 95 25.30 12.70 -59.91
CA ALA T 95 26.13 12.93 -61.09
C ALA T 95 26.24 11.69 -61.94
N LEU T 96 26.56 10.56 -61.29
CA LEU T 96 26.59 9.26 -61.96
C LEU T 96 25.26 8.95 -62.63
N GLN T 97 24.17 9.25 -61.95
CA GLN T 97 22.84 8.96 -62.47
C GLN T 97 22.53 9.78 -63.71
N GLU T 98 22.81 11.08 -63.65
CA GLU T 98 22.62 11.97 -64.78
C GLU T 98 23.43 11.53 -65.99
N ALA T 99 24.73 11.29 -65.78
CA ALA T 99 25.63 10.96 -66.88
C ALA T 99 25.24 9.65 -67.51
N SER T 100 24.85 8.69 -66.68
CA SER T 100 24.44 7.38 -67.17
C SER T 100 23.18 7.48 -68.02
N GLU T 101 22.19 8.24 -67.53
CA GLU T 101 20.93 8.30 -68.27
C GLU T 101 21.07 9.04 -69.59
N ALA T 102 21.82 10.14 -69.61
CA ALA T 102 22.00 10.87 -70.86
C ALA T 102 22.80 10.04 -71.87
N TYR T 103 23.84 9.35 -71.37
CA TYR T 103 24.64 8.43 -72.16
C TYR T 103 23.79 7.38 -72.87
N LEU T 104 22.98 6.69 -72.10
CA LEU T 104 22.13 5.66 -72.67
C LEU T 104 21.07 6.23 -73.61
N VAL T 105 20.56 7.43 -73.34
CA VAL T 105 19.56 8.01 -74.23
C VAL T 105 20.17 8.32 -75.60
N GLY T 106 21.36 8.91 -75.60
CA GLY T 106 22.00 9.22 -76.87
C GLY T 106 22.38 7.97 -77.65
N LEU T 107 22.85 6.94 -76.94
CA LEU T 107 23.19 5.69 -77.62
C LEU T 107 21.94 5.03 -78.18
N PHE T 108 20.81 5.18 -77.48
CA PHE T 108 19.54 4.77 -78.05
C PHE T 108 19.17 5.53 -79.29
N GLU T 109 19.47 6.82 -79.34
CA GLU T 109 19.12 7.61 -80.51
C GLU T 109 19.86 7.11 -81.74
N ASP T 110 21.17 6.87 -81.59
CA ASP T 110 21.93 6.33 -82.71
C ASP T 110 21.46 4.92 -83.09
N THR T 111 21.10 4.10 -82.09
CA THR T 111 20.63 2.76 -82.39
C THR T 111 19.30 2.79 -83.12
N ASN T 112 18.43 3.71 -82.72
CA ASN T 112 17.13 3.88 -83.36
C ASN T 112 17.31 4.32 -84.80
N LEU T 113 18.23 5.23 -85.05
CA LEU T 113 18.46 5.66 -86.42
C LEU T 113 19.08 4.55 -87.26
N CYS T 114 19.88 3.68 -86.63
CA CYS T 114 20.37 2.49 -87.32
C CYS T 114 19.23 1.61 -87.78
N ALA T 115 18.27 1.38 -86.89
CA ALA T 115 17.15 0.51 -87.24
C ALA T 115 16.25 1.13 -88.30
N ILE T 116 16.08 2.45 -88.24
CA ILE T 116 15.32 3.17 -89.26
C ILE T 116 16.00 3.03 -90.61
N HIS T 117 17.33 3.08 -90.62
CA HIS T 117 18.06 2.77 -91.84
C HIS T 117 17.90 1.32 -92.24
N ALA T 118 17.68 0.43 -91.28
CA ALA T 118 17.61 -1.00 -91.55
C ALA T 118 16.24 -1.44 -92.07
N LYS T 119 15.44 -0.50 -92.58
CA LYS T 119 14.15 -0.76 -93.24
C LYS T 119 13.17 -1.43 -92.28
N ARG T 120 13.32 -1.11 -91.00
CA ARG T 120 12.52 -1.70 -89.94
C ARG T 120 12.13 -0.61 -88.96
N VAL T 121 11.30 -0.97 -87.99
CA VAL T 121 10.90 -0.06 -86.94
C VAL T 121 11.37 -0.53 -85.57
N THR T 122 11.44 -1.82 -85.34
CA THR T 122 11.74 -2.37 -84.03
C THR T 122 13.24 -2.49 -83.86
N ILE T 123 13.71 -2.27 -82.63
CA ILE T 123 15.12 -2.42 -82.32
C ILE T 123 15.51 -3.89 -82.31
N MET T 124 16.82 -4.12 -82.41
CA MET T 124 17.42 -5.44 -82.29
C MET T 124 18.68 -5.28 -81.47
N PRO T 125 19.15 -6.33 -80.80
CA PRO T 125 20.45 -6.23 -80.11
C PRO T 125 21.61 -6.07 -81.06
N LYS T 126 21.52 -6.65 -82.25
CA LYS T 126 22.54 -6.47 -83.27
C LYS T 126 22.68 -5.01 -83.67
N ASP T 127 21.61 -4.22 -83.53
CA ASP T 127 21.69 -2.80 -83.80
C ASP T 127 22.59 -2.10 -82.80
N ILE T 128 22.47 -2.49 -81.53
CA ILE T 128 23.33 -1.96 -80.50
C ILE T 128 24.77 -2.35 -80.75
N GLN T 129 24.96 -3.58 -81.23
CA GLN T 129 26.30 -4.03 -81.58
C GLN T 129 26.87 -3.22 -82.73
N LEU T 130 26.04 -2.88 -83.71
CA LEU T 130 26.50 -2.08 -84.84
C LEU T 130 26.89 -0.68 -84.40
N ALA T 131 26.06 -0.07 -83.56
CA ALA T 131 26.36 1.28 -83.11
C ALA T 131 27.61 1.32 -82.25
N ARG T 132 27.76 0.34 -81.37
CA ARG T 132 28.94 0.27 -80.54
C ARG T 132 30.18 -0.02 -81.37
N ARG T 133 30.04 -0.82 -82.43
CA ARG T 133 31.14 -1.11 -83.32
C ARG T 133 31.57 0.12 -84.09
N ILE T 134 30.63 1.03 -84.35
CA ILE T 134 31.00 2.29 -84.96
C ILE T 134 31.71 3.18 -83.96
N ARG T 135 31.18 3.28 -82.74
CA ARG T 135 31.83 4.14 -81.76
C ARG T 135 33.16 3.59 -81.26
N GLY T 136 33.27 2.28 -81.09
CA GLY T 136 34.54 1.70 -80.72
C GLY T 136 34.74 1.39 -79.26
N GLU T 137 33.67 1.02 -78.54
CA GLU T 137 33.86 0.54 -77.18
C GLU T 137 34.52 -0.82 -77.17
N ARG T 138 33.83 -1.81 -77.69
CA ARG T 138 34.39 -3.15 -77.86
C ARG T 138 35.37 -3.10 -79.03
N ALA T 139 36.37 -3.96 -79.00
CA ALA T 139 37.21 -4.21 -80.16
C ALA T 139 36.37 -4.86 -81.26
N ASN U 29 20.58 -7.65 -58.06
CA ASN U 29 21.91 -7.17 -58.41
C ASN U 29 21.80 -6.24 -59.61
N ILE U 30 22.26 -6.72 -60.76
CA ILE U 30 22.06 -6.00 -62.01
C ILE U 30 20.60 -6.03 -62.43
N GLN U 31 19.82 -6.96 -61.87
CA GLN U 31 18.42 -7.11 -62.19
C GLN U 31 17.53 -6.11 -61.46
N GLY U 32 18.13 -5.13 -60.79
CA GLY U 32 17.36 -4.02 -60.27
C GLY U 32 16.95 -3.03 -61.33
N ILE U 33 17.40 -3.22 -62.56
CA ILE U 33 16.98 -2.38 -63.68
C ILE U 33 15.66 -2.92 -64.19
N THR U 34 14.59 -2.12 -64.07
CA THR U 34 13.30 -2.60 -64.52
C THR U 34 13.17 -2.44 -66.03
N LYS U 35 12.32 -3.29 -66.61
CA LYS U 35 11.90 -3.15 -68.00
C LYS U 35 11.32 -1.77 -68.34
N PRO U 36 10.37 -1.18 -67.59
CA PRO U 36 9.89 0.14 -67.98
C PRO U 36 10.90 1.24 -67.80
N ALA U 37 11.98 1.01 -67.06
CA ALA U 37 13.05 2.00 -67.01
C ALA U 37 13.76 2.12 -68.35
N ILE U 38 14.17 0.99 -68.93
CA ILE U 38 14.81 1.02 -70.23
C ILE U 38 13.81 1.42 -71.30
N ARG U 39 12.53 1.13 -71.07
CA ARG U 39 11.49 1.66 -71.95
C ARG U 39 11.42 3.18 -71.90
N ARG U 40 11.49 3.76 -70.71
CA ARG U 40 11.54 5.21 -70.57
C ARG U 40 12.79 5.78 -71.20
N LEU U 41 13.89 5.02 -71.14
CA LEU U 41 15.10 5.41 -71.85
C LEU U 41 14.89 5.42 -73.35
N ALA U 42 14.10 4.50 -73.87
CA ALA U 42 13.74 4.57 -75.28
C ALA U 42 12.84 5.76 -75.56
N ARG U 43 12.01 6.11 -74.59
CA ARG U 43 11.03 7.17 -74.82
C ARG U 43 11.71 8.55 -74.86
N ARG U 44 12.64 8.81 -73.94
CA ARG U 44 13.38 10.06 -74.00
C ARG U 44 14.34 10.04 -75.19
N GLY U 45 14.84 8.85 -75.55
CA GLY U 45 15.48 8.72 -76.83
C GLY U 45 14.52 8.87 -77.99
N GLY U 46 13.25 8.57 -77.77
CA GLY U 46 12.26 8.66 -78.81
C GLY U 46 12.12 7.42 -79.64
N VAL U 47 12.18 6.25 -79.04
CA VAL U 47 12.20 5.00 -79.80
C VAL U 47 10.86 4.33 -79.63
N LYS U 48 10.32 3.79 -80.71
CA LYS U 48 8.94 3.35 -80.70
C LYS U 48 8.80 1.90 -80.25
N ARG U 49 9.40 0.96 -80.99
CA ARG U 49 9.02 -0.43 -80.85
C ARG U 49 10.20 -1.27 -80.39
N ILE U 50 9.95 -2.16 -79.43
CA ILE U 50 10.97 -2.74 -78.56
C ILE U 50 11.00 -4.25 -78.75
N SER U 51 12.20 -4.83 -78.85
CA SER U 51 12.37 -6.28 -78.91
C SER U 51 12.60 -6.90 -77.54
N GLY U 52 13.08 -8.15 -77.52
CA GLY U 52 13.22 -8.89 -76.29
C GLY U 52 14.57 -8.82 -75.59
N LEU U 53 15.64 -9.23 -76.28
CA LEU U 53 16.97 -9.40 -75.67
C LEU U 53 17.66 -8.08 -75.34
N ILE U 54 17.05 -6.99 -75.81
CA ILE U 54 17.39 -5.60 -75.55
C ILE U 54 17.70 -5.34 -74.09
N TYR U 55 16.92 -5.95 -73.20
CA TYR U 55 16.96 -5.63 -71.78
C TYR U 55 18.29 -6.06 -71.17
N GLU U 56 18.64 -7.31 -71.40
CA GLU U 56 19.85 -7.86 -70.81
C GLU U 56 21.08 -7.27 -71.49
N GLU U 57 20.97 -7.01 -72.80
CA GLU U 57 22.06 -6.34 -73.49
C GLU U 57 22.31 -4.94 -72.94
N THR U 58 21.23 -4.24 -72.61
CA THR U 58 21.31 -2.90 -72.06
C THR U 58 21.99 -2.91 -70.71
N ARG U 59 21.58 -3.87 -69.85
CA ARG U 59 22.17 -3.98 -68.53
C ARG U 59 23.67 -4.29 -68.63
N GLY U 60 24.05 -5.07 -69.63
CA GLY U 60 25.47 -5.39 -69.79
C GLY U 60 26.31 -4.18 -70.19
N VAL U 61 25.82 -3.40 -71.16
CA VAL U 61 26.62 -2.28 -71.62
C VAL U 61 26.68 -1.20 -70.55
N LEU U 62 25.56 -0.99 -69.84
CA LEU U 62 25.53 -0.08 -68.69
C LEU U 62 26.53 -0.50 -67.63
N LYS U 63 26.65 -1.82 -67.42
CA LYS U 63 27.57 -2.34 -66.43
C LYS U 63 29.00 -2.01 -66.78
N VAL U 64 29.41 -2.26 -68.03
CA VAL U 64 30.79 -2.03 -68.44
C VAL U 64 31.13 -0.53 -68.37
N PHE U 65 30.16 0.30 -68.75
CA PHE U 65 30.27 1.74 -68.63
C PHE U 65 30.58 2.18 -67.21
N LEU U 66 29.74 1.76 -66.27
CA LEU U 66 29.94 2.11 -64.86
C LEU U 66 31.20 1.48 -64.32
N GLU U 67 31.62 0.34 -64.86
CA GLU U 67 32.85 -0.32 -64.42
C GLU U 67 34.05 0.55 -64.66
N ASN U 68 34.22 1.03 -65.89
CA ASN U 68 35.37 1.89 -66.18
C ASN U 68 35.30 3.20 -65.41
N VAL U 69 34.10 3.77 -65.32
CA VAL U 69 33.93 5.07 -64.66
C VAL U 69 34.29 4.97 -63.19
N ILE U 70 33.69 4.02 -62.48
CA ILE U 70 33.90 3.96 -61.05
C ILE U 70 35.27 3.40 -60.72
N ARG U 71 35.87 2.62 -61.63
CA ARG U 71 37.25 2.17 -61.43
C ARG U 71 38.21 3.34 -61.36
N ASP U 72 38.19 4.20 -62.37
CA ASP U 72 39.13 5.32 -62.29
C ASP U 72 38.69 6.36 -61.26
N ALA U 73 37.41 6.39 -60.90
CA ALA U 73 36.98 7.26 -59.81
C ALA U 73 37.59 6.83 -58.48
N VAL U 74 37.56 5.53 -58.21
CA VAL U 74 38.17 5.03 -57.00
C VAL U 74 39.68 5.12 -57.09
N THR U 75 40.23 5.14 -58.31
CA THR U 75 41.66 5.42 -58.45
C THR U 75 42.00 6.84 -58.00
N TYR U 76 41.18 7.81 -58.41
CA TYR U 76 41.29 9.18 -57.90
C TYR U 76 41.21 9.25 -56.40
N THR U 77 40.27 8.51 -55.82
CA THR U 77 40.09 8.60 -54.37
C THR U 77 41.21 7.86 -53.63
N GLU U 78 41.77 6.82 -54.27
CA GLU U 78 42.99 6.19 -53.78
C GLU U 78 44.12 7.17 -53.67
N HIS U 79 44.30 8.01 -54.69
CA HIS U 79 45.32 9.03 -54.55
C HIS U 79 44.92 10.08 -53.53
N ALA U 80 43.63 10.29 -53.32
CA ALA U 80 43.17 11.26 -52.34
C ALA U 80 43.46 10.85 -50.90
N LYS U 81 43.77 9.58 -50.65
CA LYS U 81 44.04 9.01 -49.32
C LYS U 81 42.85 9.18 -48.38
N ARG U 82 41.66 9.25 -48.95
CA ARG U 82 40.46 9.53 -48.19
C ARG U 82 39.42 8.47 -48.52
N LYS U 83 38.45 8.32 -47.62
CA LYS U 83 37.57 7.17 -47.64
C LYS U 83 36.22 7.46 -48.28
N THR U 84 36.07 8.61 -48.93
CA THR U 84 34.85 8.93 -49.66
C THR U 84 35.25 9.46 -51.02
N VAL U 85 34.64 8.92 -52.06
CA VAL U 85 34.89 9.43 -53.41
C VAL U 85 34.23 10.78 -53.54
N THR U 86 34.98 11.77 -53.99
CA THR U 86 34.41 13.10 -54.15
C THR U 86 33.60 13.16 -55.43
N ALA U 87 32.63 14.06 -55.44
CA ALA U 87 31.94 14.38 -56.69
C ALA U 87 32.91 15.00 -57.68
N MET U 88 33.90 15.73 -57.19
CA MET U 88 34.96 16.30 -58.02
C MET U 88 35.68 15.21 -58.79
N ASP U 89 36.06 14.13 -58.10
CA ASP U 89 36.77 13.03 -58.74
C ASP U 89 35.91 12.35 -59.80
N VAL U 90 34.61 12.24 -59.54
CA VAL U 90 33.68 11.73 -60.53
C VAL U 90 33.71 12.59 -61.77
N VAL U 91 33.68 13.91 -61.57
CA VAL U 91 33.70 14.83 -62.69
C VAL U 91 35.00 14.72 -63.46
N TYR U 92 36.12 14.64 -62.74
CA TYR U 92 37.41 14.58 -63.42
C TYR U 92 37.60 13.26 -64.14
N ALA U 93 37.02 12.18 -63.61
CA ALA U 93 37.09 10.91 -64.30
C ALA U 93 36.27 10.93 -65.57
N LEU U 94 35.12 11.62 -65.53
CA LEU U 94 34.36 11.83 -66.74
C LEU U 94 35.14 12.64 -67.76
N LYS U 95 35.90 13.64 -67.29
CA LYS U 95 36.79 14.37 -68.20
C LYS U 95 37.85 13.44 -68.76
N ARG U 96 38.32 12.50 -67.94
CA ARG U 96 39.37 11.60 -68.38
C ARG U 96 38.86 10.64 -69.45
N GLN U 97 37.59 10.30 -69.40
CA GLN U 97 37.02 9.58 -70.52
C GLN U 97 36.43 10.49 -71.58
N GLY U 98 36.72 11.79 -71.53
CA GLY U 98 36.21 12.70 -72.53
C GLY U 98 34.72 12.86 -72.50
N ARG U 99 34.14 12.84 -71.31
CA ARG U 99 32.70 12.83 -71.11
C ARG U 99 32.31 13.96 -70.22
N THR U 100 32.76 15.16 -70.60
CA THR U 100 32.68 16.33 -69.73
C THR U 100 31.24 16.73 -69.45
N LEU U 101 30.91 16.78 -68.17
CA LEU U 101 29.58 17.10 -67.69
C LEU U 101 29.67 18.32 -66.78
N TYR U 102 28.85 19.31 -67.07
CA TYR U 102 28.79 20.52 -66.27
C TYR U 102 27.87 20.28 -65.07
N GLY U 103 27.47 21.37 -64.44
CA GLY U 103 26.39 21.35 -63.51
C GLY U 103 26.77 21.17 -62.06
N PHE U 104 27.70 20.29 -61.76
CA PHE U 104 27.94 19.95 -60.37
C PHE U 104 29.31 20.41 -59.91
N GLY U 105 29.74 21.59 -60.34
CA GLY U 105 31.02 22.11 -59.93
C GLY U 105 32.19 21.35 -60.52
N GLY U 106 32.47 21.56 -61.80
CA GLY U 106 33.58 20.88 -62.44
C GLY U 106 34.49 21.81 -63.23
N ALA V 18 78.68 3.56 -59.03
CA ALA V 18 78.07 4.04 -60.27
C ALA V 18 77.89 5.55 -60.24
N LYS V 19 78.56 6.24 -61.17
CA LYS V 19 78.44 7.69 -61.24
C LYS V 19 77.07 8.10 -61.76
N THR V 20 76.66 7.53 -62.88
CA THR V 20 75.42 7.93 -63.52
C THR V 20 74.22 7.28 -62.84
N ARG V 21 73.14 8.06 -62.72
CA ARG V 21 71.92 7.58 -62.12
C ARG V 21 71.26 6.47 -62.93
N SER V 22 71.52 6.43 -64.23
CA SER V 22 71.05 5.33 -65.05
C SER V 22 71.70 4.03 -64.64
N SER V 23 73.00 4.07 -64.36
CA SER V 23 73.67 2.90 -63.79
C SER V 23 73.23 2.67 -62.35
N ARG V 24 72.87 3.74 -61.64
CA ARG V 24 72.34 3.59 -60.29
C ARG V 24 70.92 3.05 -60.31
N ALA V 25 70.24 3.11 -61.44
CA ALA V 25 68.95 2.48 -61.59
C ALA V 25 69.01 1.17 -62.35
N GLY V 26 70.12 0.89 -63.02
CA GLY V 26 70.22 -0.33 -63.80
C GLY V 26 69.31 -0.35 -65.00
N LEU V 27 69.01 0.80 -65.56
CA LEU V 27 68.04 0.93 -66.62
C LEU V 27 68.71 1.48 -67.88
N GLN V 28 67.91 1.85 -68.86
CA GLN V 28 68.46 2.27 -70.14
C GLN V 28 68.07 3.69 -70.56
N PHE V 29 67.31 4.40 -69.76
CA PHE V 29 66.89 5.74 -70.15
C PHE V 29 67.61 6.81 -69.34
N PRO V 30 67.81 8.00 -69.87
CA PRO V 30 68.43 9.07 -69.06
C PRO V 30 67.41 9.74 -68.17
N VAL V 31 67.66 9.69 -66.86
CA VAL V 31 66.66 10.20 -65.93
C VAL V 31 66.71 11.71 -65.85
N GLY V 32 67.92 12.28 -65.82
CA GLY V 32 68.06 13.73 -65.69
C GLY V 32 67.55 14.46 -66.91
N ARG V 33 67.60 13.79 -68.08
CA ARG V 33 66.79 14.17 -69.23
C ARG V 33 65.35 14.40 -68.85
N VAL V 34 64.73 13.41 -68.21
CA VAL V 34 63.31 13.47 -67.90
C VAL V 34 63.05 14.54 -66.85
N HIS V 35 63.97 14.68 -65.90
CA HIS V 35 63.82 15.70 -64.86
C HIS V 35 63.91 17.10 -65.45
N ARG V 36 64.77 17.28 -66.45
CA ARG V 36 64.85 18.58 -67.11
C ARG V 36 63.61 18.81 -67.97
N LEU V 37 63.10 17.74 -68.57
CA LEU V 37 61.84 17.80 -69.31
C LEU V 37 60.70 18.24 -68.41
N LEU V 38 60.67 17.70 -67.20
CA LEU V 38 59.69 18.13 -66.23
C LEU V 38 59.91 19.57 -65.81
N ARG V 39 61.17 19.97 -65.64
CA ARG V 39 61.48 21.35 -65.31
C ARG V 39 61.19 22.27 -66.48
N LYS V 40 61.68 21.93 -67.66
CA LYS V 40 61.33 22.67 -68.88
C LYS V 40 60.02 22.12 -69.47
N GLY V 41 59.01 22.04 -68.63
CA GLY V 41 57.72 21.57 -69.07
C GLY V 41 56.63 22.53 -68.69
N ASN V 42 56.91 23.37 -67.70
CA ASN V 42 55.90 24.10 -66.93
C ASN V 42 54.85 23.11 -66.42
N TYR V 43 55.31 22.04 -65.84
CA TYR V 43 54.45 20.97 -65.36
C TYR V 43 54.09 21.14 -63.91
N SER V 44 55.07 21.10 -63.02
CA SER V 44 54.89 21.47 -61.63
C SER V 44 55.84 22.61 -61.34
N GLU V 45 55.88 23.07 -60.10
CA GLU V 45 56.92 24.00 -59.73
C GLU V 45 58.17 23.28 -59.28
N ARG V 46 58.02 22.28 -58.43
CA ARG V 46 59.16 21.46 -58.04
C ARG V 46 58.89 20.02 -58.42
N VAL V 47 59.97 19.27 -58.58
CA VAL V 47 59.91 17.87 -58.97
C VAL V 47 60.81 17.09 -58.04
N GLY V 48 60.26 16.06 -57.40
CA GLY V 48 61.02 15.21 -56.51
C GLY V 48 62.01 14.30 -57.22
N ALA V 49 62.59 13.40 -56.43
CA ALA V 49 63.66 12.55 -56.89
C ALA V 49 63.19 11.20 -57.40
N GLY V 50 62.04 10.73 -56.96
CA GLY V 50 61.63 9.37 -57.29
C GLY V 50 60.69 9.28 -58.46
N ALA V 51 59.87 10.32 -58.63
CA ALA V 51 58.98 10.41 -59.79
C ALA V 51 59.67 10.26 -61.16
N PRO V 52 60.80 10.92 -61.48
CA PRO V 52 61.37 10.73 -62.83
C PRO V 52 61.89 9.34 -63.06
N VAL V 53 62.49 8.75 -62.04
CA VAL V 53 62.93 7.36 -62.11
C VAL V 53 61.73 6.45 -62.33
N TYR V 54 60.63 6.72 -61.62
CA TYR V 54 59.43 5.87 -61.68
C TYR V 54 58.82 5.91 -63.07
N LEU V 55 58.71 7.12 -63.62
CA LEU V 55 58.11 7.28 -64.93
C LEU V 55 58.99 6.69 -66.02
N ALA V 56 60.30 6.86 -65.90
CA ALA V 56 61.21 6.28 -66.88
C ALA V 56 61.15 4.76 -66.87
N ALA V 57 61.00 4.17 -65.68
CA ALA V 57 60.84 2.74 -65.58
C ALA V 57 59.55 2.27 -66.25
N VAL V 58 58.47 3.04 -66.07
CA VAL V 58 57.22 2.72 -66.74
C VAL V 58 57.39 2.76 -68.25
N LEU V 59 58.09 3.79 -68.74
CA LEU V 59 58.37 3.91 -70.16
C LEU V 59 59.16 2.73 -70.69
N GLU V 60 60.16 2.32 -69.93
CA GLU V 60 61.02 1.22 -70.36
C GLU V 60 60.24 -0.10 -70.40
N TYR V 61 59.33 -0.28 -69.44
CA TYR V 61 58.47 -1.46 -69.47
C TYR V 61 57.54 -1.44 -70.67
N LEU V 62 57.00 -0.26 -71.01
CA LEU V 62 56.09 -0.16 -72.14
C LEU V 62 56.80 -0.46 -73.45
N THR V 63 58.03 0.05 -73.59
CA THR V 63 58.84 -0.25 -74.76
C THR V 63 59.08 -1.73 -74.89
N ALA V 64 59.55 -2.38 -73.83
CA ALA V 64 59.87 -3.80 -73.91
C ALA V 64 58.62 -4.64 -74.17
N GLU V 65 57.51 -4.27 -73.55
CA GLU V 65 56.26 -4.99 -73.70
C GLU V 65 55.74 -4.94 -75.13
N ILE V 66 55.75 -3.76 -75.75
CA ILE V 66 55.20 -3.68 -77.09
C ILE V 66 56.19 -4.22 -78.11
N LEU V 67 57.48 -4.06 -77.84
CA LEU V 67 58.47 -4.64 -78.73
C LEU V 67 58.49 -6.15 -78.69
N GLU V 68 57.95 -6.78 -77.64
CA GLU V 68 57.73 -8.22 -77.68
C GLU V 68 56.76 -8.60 -78.81
N LEU V 69 55.61 -7.92 -78.86
CA LEU V 69 54.65 -8.20 -79.91
C LEU V 69 55.18 -7.79 -81.27
N ALA V 70 56.03 -6.77 -81.29
CA ALA V 70 56.71 -6.38 -82.52
C ALA V 70 57.64 -7.48 -83.01
N GLY V 71 58.39 -8.10 -82.09
CA GLY V 71 59.32 -9.15 -82.47
C GLY V 71 58.61 -10.37 -83.03
N ASN V 72 57.53 -10.79 -82.37
CA ASN V 72 56.78 -11.93 -82.88
C ASN V 72 56.09 -11.60 -84.20
N ALA V 73 55.55 -10.39 -84.33
CA ALA V 73 54.84 -10.04 -85.54
C ALA V 73 55.78 -9.88 -86.73
N ALA V 74 57.00 -9.41 -86.48
CA ALA V 74 57.97 -9.34 -87.56
C ALA V 74 58.52 -10.72 -87.90
N ARG V 75 58.63 -11.59 -86.90
CA ARG V 75 59.11 -12.95 -87.12
C ARG V 75 58.07 -13.79 -87.87
N ASP V 76 56.81 -13.32 -87.90
CA ASP V 76 55.77 -14.01 -88.67
C ASP V 76 56.06 -14.05 -90.17
N ASN V 77 56.94 -13.18 -90.68
CA ASN V 77 57.13 -13.07 -92.12
C ASN V 77 58.58 -13.22 -92.55
N LYS V 78 59.43 -13.81 -91.70
CA LYS V 78 60.82 -14.15 -92.02
C LYS V 78 61.64 -12.92 -92.38
N LYS V 79 61.37 -11.83 -91.69
CA LYS V 79 62.04 -10.57 -91.96
C LYS V 79 62.67 -10.06 -90.69
N THR V 80 63.95 -9.70 -90.77
CA THR V 80 64.70 -9.31 -89.58
C THR V 80 64.28 -7.92 -89.11
N ARG V 81 63.76 -7.12 -90.02
CA ARG V 81 63.48 -5.72 -89.74
C ARG V 81 62.01 -5.50 -89.46
N ILE V 82 61.71 -4.67 -88.47
CA ILE V 82 60.33 -4.34 -88.15
C ILE V 82 59.85 -3.28 -89.13
N ILE V 83 58.68 -3.51 -89.72
CA ILE V 83 58.11 -2.53 -90.63
C ILE V 83 56.92 -1.91 -89.89
N PRO V 84 56.38 -0.77 -90.34
CA PRO V 84 55.19 -0.23 -89.68
C PRO V 84 53.98 -1.13 -89.72
N ARG V 85 53.81 -1.90 -90.80
CA ARG V 85 52.70 -2.83 -90.89
C ARG V 85 52.76 -3.87 -89.79
N HIS V 86 53.98 -4.31 -89.44
CA HIS V 86 54.18 -5.19 -88.30
C HIS V 86 53.67 -4.56 -87.02
N LEU V 87 53.96 -3.28 -86.83
CA LEU V 87 53.58 -2.61 -85.60
C LEU V 87 52.07 -2.47 -85.50
N GLN V 88 51.43 -2.14 -86.60
CA GLN V 88 49.97 -2.02 -86.59
C GLN V 88 49.31 -3.37 -86.37
N LEU V 89 49.88 -4.42 -86.97
CA LEU V 89 49.37 -5.77 -86.75
C LEU V 89 49.51 -6.18 -85.30
N ALA V 90 50.67 -5.90 -84.70
CA ALA V 90 50.91 -6.30 -83.32
C ALA V 90 50.04 -5.51 -82.36
N ILE V 91 49.73 -4.26 -82.70
CA ILE V 91 48.81 -3.50 -81.88
C ILE V 91 47.41 -4.07 -81.97
N ARG V 92 46.90 -4.25 -83.19
CA ARG V 92 45.53 -4.70 -83.36
C ARG V 92 45.34 -6.14 -82.92
N ASN V 93 46.40 -6.92 -82.87
CA ASN V 93 46.28 -8.26 -82.34
C ASN V 93 46.32 -8.27 -80.83
N ASP V 94 46.73 -7.16 -80.21
CA ASP V 94 46.59 -7.03 -78.77
C ASP V 94 45.20 -6.51 -78.43
N GLU V 95 44.78 -6.75 -77.19
CA GLU V 95 43.55 -6.13 -76.71
C GLU V 95 43.80 -4.84 -75.95
N GLU V 96 44.69 -4.88 -74.95
CA GLU V 96 44.94 -3.68 -74.15
C GLU V 96 45.58 -2.56 -74.96
N LEU V 97 46.49 -2.91 -75.85
CA LEU V 97 47.11 -1.90 -76.69
C LEU V 97 46.16 -1.34 -77.72
N ASN V 98 45.18 -2.13 -78.16
CA ASN V 98 44.24 -1.63 -79.16
C ASN V 98 43.26 -0.65 -78.53
N LYS V 99 42.79 -0.95 -77.32
CA LYS V 99 41.96 0.00 -76.62
C LYS V 99 42.79 1.17 -76.11
N LEU V 100 44.09 0.96 -75.93
CA LEU V 100 45.00 2.08 -75.71
C LEU V 100 45.03 3.00 -76.93
N LEU V 101 45.28 2.43 -78.10
CA LEU V 101 45.55 3.22 -79.28
C LEU V 101 44.33 3.40 -80.17
N GLY V 102 43.15 3.59 -79.56
CA GLY V 102 41.92 3.62 -80.31
C GLY V 102 41.77 4.84 -81.20
N ARG V 103 42.15 6.01 -80.71
CA ARG V 103 42.15 7.20 -81.51
C ARG V 103 43.43 7.37 -82.31
N VAL V 104 44.24 6.32 -82.40
CA VAL V 104 45.62 6.43 -82.85
C VAL V 104 45.76 5.75 -84.20
N THR V 105 46.56 6.36 -85.08
CA THR V 105 46.80 5.84 -86.41
C THR V 105 48.30 5.85 -86.64
N ILE V 106 48.80 4.81 -87.26
CA ILE V 106 50.21 4.68 -87.59
C ILE V 106 50.39 5.02 -89.05
N ALA V 107 51.45 5.76 -89.37
CA ALA V 107 51.82 5.94 -90.77
C ALA V 107 52.25 4.60 -91.36
N GLN V 108 51.89 4.41 -92.63
CA GLN V 108 52.07 3.16 -93.38
C GLN V 108 51.44 1.97 -92.67
N GLY V 109 50.28 2.17 -92.06
CA GLY V 109 49.65 1.12 -91.28
C GLY V 109 48.69 0.20 -92.01
N GLY V 110 47.62 0.73 -92.60
CA GLY V 110 46.55 -0.11 -93.06
C GLY V 110 45.77 -0.67 -91.89
N VAL V 111 44.95 -1.69 -92.16
CA VAL V 111 44.16 -2.36 -91.14
C VAL V 111 44.24 -3.87 -91.33
N LEU V 112 43.50 -4.58 -90.49
CA LEU V 112 43.56 -6.02 -90.41
C LEU V 112 42.88 -6.67 -91.62
N PRO V 113 43.15 -7.94 -91.87
CA PRO V 113 42.31 -8.66 -92.82
C PRO V 113 40.93 -8.88 -92.25
N ASN V 114 39.95 -8.16 -92.76
CA ASN V 114 38.57 -8.31 -92.37
C ASN V 114 37.79 -8.79 -93.58
N ILE V 115 37.84 -10.09 -93.83
CA ILE V 115 37.06 -10.71 -94.88
C ILE V 115 35.79 -11.24 -94.24
N GLN V 116 34.66 -10.70 -94.64
CA GLN V 116 33.40 -11.16 -94.06
C GLN V 116 33.01 -12.51 -94.64
N ALA V 117 32.25 -13.28 -93.86
CA ALA V 117 31.92 -14.66 -94.23
C ALA V 117 30.92 -14.69 -95.37
N VAL V 118 30.22 -13.58 -95.62
CA VAL V 118 29.29 -13.47 -96.73
C VAL V 118 30.00 -13.30 -98.07
N LEU V 119 31.33 -13.35 -98.11
CA LEU V 119 32.06 -12.93 -99.30
C LEU V 119 32.79 -14.08 -99.97
N LEU V 120 33.15 -15.12 -99.23
CA LEU V 120 33.89 -16.22 -99.81
C LEU V 120 33.00 -17.04 -100.73
N PRO V 121 33.53 -17.53 -101.86
CA PRO V 121 32.71 -18.34 -102.77
C PRO V 121 32.43 -19.71 -102.19
N LYS V 122 31.17 -19.92 -101.82
CA LYS V 122 30.75 -21.13 -101.12
C LYS V 122 30.03 -22.10 -102.04
N LYS W 38 69.38 17.25 -81.63
CA LYS W 38 68.00 17.14 -81.16
C LYS W 38 67.69 15.66 -81.03
N GLU W 39 67.78 15.14 -79.81
CA GLU W 39 68.02 13.71 -79.62
C GLU W 39 66.77 12.89 -79.82
N SER W 40 66.93 11.75 -80.49
CA SER W 40 65.92 10.71 -80.53
C SER W 40 66.36 9.59 -79.61
N TYR W 41 65.60 8.51 -79.55
CA TYR W 41 65.83 7.52 -78.49
C TYR W 41 66.36 6.22 -79.07
N SER W 42 67.22 6.32 -80.08
CA SER W 42 67.45 5.21 -81.01
C SER W 42 68.21 4.07 -80.37
N ILE W 43 69.35 4.36 -79.72
CA ILE W 43 70.14 3.30 -79.14
C ILE W 43 69.47 2.76 -77.90
N TYR W 44 68.58 3.53 -77.29
CA TYR W 44 67.76 3.02 -76.20
C TYR W 44 66.87 1.90 -76.71
N VAL W 45 66.25 2.14 -77.87
CA VAL W 45 65.49 1.13 -78.56
C VAL W 45 66.34 -0.06 -78.95
N TYR W 46 67.56 0.18 -79.41
CA TYR W 46 68.47 -0.91 -79.76
C TYR W 46 68.78 -1.79 -78.57
N LYS W 47 68.98 -1.18 -77.41
CA LYS W 47 69.34 -1.97 -76.24
C LYS W 47 68.13 -2.71 -75.68
N VAL W 48 66.94 -2.11 -75.73
CA VAL W 48 65.72 -2.83 -75.36
C VAL W 48 65.51 -4.01 -76.29
N LEU W 49 65.73 -3.79 -77.59
CA LEU W 49 65.54 -4.81 -78.59
C LEU W 49 66.53 -5.96 -78.43
N LYS W 50 67.78 -5.64 -78.13
CA LYS W 50 68.75 -6.69 -77.87
C LYS W 50 68.48 -7.39 -76.54
N GLN W 51 67.82 -6.72 -75.61
CA GLN W 51 67.36 -7.40 -74.41
C GLN W 51 66.12 -8.25 -74.64
N VAL W 52 65.43 -8.10 -75.77
CA VAL W 52 64.22 -8.91 -75.94
C VAL W 52 64.34 -9.87 -77.11
N HIS W 53 64.45 -9.35 -78.33
CA HIS W 53 64.66 -10.20 -79.50
C HIS W 53 66.01 -9.81 -80.08
N PRO W 54 67.11 -10.41 -79.60
CA PRO W 54 68.44 -9.87 -79.91
C PRO W 54 68.95 -10.14 -81.31
N ASP W 55 68.14 -10.65 -82.22
CA ASP W 55 68.54 -10.89 -83.60
C ASP W 55 67.58 -10.21 -84.55
N THR W 56 67.27 -8.94 -84.29
CA THR W 56 66.17 -8.28 -84.96
C THR W 56 66.61 -6.91 -85.42
N GLY W 57 66.41 -6.63 -86.71
CA GLY W 57 66.66 -5.31 -87.24
C GLY W 57 65.44 -4.43 -87.16
N ILE W 58 65.56 -3.26 -87.78
CA ILE W 58 64.51 -2.24 -87.72
C ILE W 58 64.75 -1.26 -88.85
N SER W 59 63.67 -0.68 -89.36
CA SER W 59 63.79 0.38 -90.35
C SER W 59 63.90 1.73 -89.66
N SER W 60 64.16 2.75 -90.46
CA SER W 60 64.25 4.11 -89.93
C SER W 60 62.89 4.59 -89.46
N LYS W 61 61.89 4.46 -90.32
CA LYS W 61 60.60 5.05 -90.00
C LYS W 61 59.88 4.29 -88.91
N ALA W 62 60.23 3.02 -88.73
CA ALA W 62 59.76 2.28 -87.56
C ALA W 62 60.23 2.94 -86.27
N MET W 63 61.52 3.30 -86.23
CA MET W 63 62.06 4.04 -85.10
C MET W 63 61.37 5.38 -84.93
N GLY W 64 61.03 6.02 -86.06
CA GLY W 64 60.33 7.29 -85.98
C GLY W 64 58.95 7.17 -85.34
N ILE W 65 58.21 6.13 -85.73
CA ILE W 65 56.90 5.90 -85.15
C ILE W 65 57.02 5.55 -83.68
N MET W 66 58.06 4.79 -83.34
CA MET W 66 58.30 4.44 -81.94
C MET W 66 58.56 5.67 -81.10
N ASN W 67 59.33 6.62 -81.62
CA ASN W 67 59.65 7.79 -80.81
C ASN W 67 58.45 8.72 -80.74
N SER W 68 57.64 8.74 -81.80
CA SER W 68 56.35 9.42 -81.77
C SER W 68 55.49 8.86 -80.66
N PHE W 69 55.43 7.53 -80.59
CA PHE W 69 54.71 6.82 -79.55
C PHE W 69 55.19 7.19 -78.16
N VAL W 70 56.51 7.17 -77.96
CA VAL W 70 57.07 7.41 -76.63
C VAL W 70 56.78 8.83 -76.18
N ASN W 71 56.91 9.78 -77.11
CA ASN W 71 56.63 11.17 -76.77
C ASN W 71 55.17 11.38 -76.42
N ASP W 72 54.26 10.74 -77.17
CA ASP W 72 52.84 10.82 -76.87
C ASP W 72 52.54 10.31 -75.48
N ILE W 73 53.09 9.14 -75.15
CA ILE W 73 52.82 8.54 -73.86
C ILE W 73 53.37 9.39 -72.73
N PHE W 74 54.57 9.91 -72.91
CA PHE W 74 55.19 10.77 -71.91
C PHE W 74 54.38 12.02 -71.68
N GLU W 75 53.90 12.62 -72.77
CA GLU W 75 53.11 13.84 -72.64
C GLU W 75 51.77 13.57 -71.96
N ARG W 76 51.14 12.44 -72.28
CA ARG W 76 49.84 12.15 -71.68
C ARG W 76 49.96 11.90 -70.20
N ILE W 77 50.98 11.15 -69.79
CA ILE W 77 51.15 10.86 -68.37
C ILE W 77 51.50 12.12 -67.62
N ALA W 78 52.40 12.93 -68.18
CA ALA W 78 52.88 14.12 -67.49
C ALA W 78 51.77 15.13 -67.32
N GLY W 79 50.96 15.33 -68.36
CA GLY W 79 49.83 16.23 -68.23
C GLY W 79 48.81 15.71 -67.26
N GLU W 80 48.63 14.40 -67.21
CA GLU W 80 47.68 13.86 -66.25
C GLU W 80 48.20 14.02 -64.82
N ALA W 81 49.52 13.96 -64.65
CA ALA W 81 50.10 14.21 -63.34
C ALA W 81 49.96 15.66 -62.95
N SER W 82 50.06 16.56 -63.93
CA SER W 82 49.86 17.97 -63.65
C SER W 82 48.41 18.23 -63.27
N ARG W 83 47.48 17.49 -63.89
CA ARG W 83 46.10 17.52 -63.44
C ARG W 83 45.96 16.98 -62.02
N LEU W 84 46.75 15.96 -61.67
CA LEU W 84 46.70 15.47 -60.30
C LEU W 84 47.13 16.54 -59.30
N ALA W 85 48.18 17.28 -59.65
CA ALA W 85 48.65 18.36 -58.80
C ALA W 85 47.59 19.44 -58.63
N HIS W 86 47.08 19.95 -59.74
CA HIS W 86 46.14 21.06 -59.65
C HIS W 86 44.77 20.64 -59.15
N TYR W 87 44.39 19.38 -59.33
CA TYR W 87 43.17 18.89 -58.72
C TYR W 87 43.39 18.54 -57.27
N ASN W 88 44.64 18.49 -56.83
CA ASN W 88 44.92 18.09 -55.47
C ASN W 88 45.76 19.10 -54.70
N LYS W 89 46.10 20.24 -55.31
CA LYS W 89 46.75 21.38 -54.65
C LYS W 89 48.10 21.00 -54.05
N ARG W 90 48.76 20.04 -54.68
CA ARG W 90 50.05 19.57 -54.19
C ARG W 90 51.12 20.22 -55.06
N SER W 91 52.00 20.98 -54.44
CA SER W 91 52.89 21.87 -55.17
C SER W 91 54.04 21.15 -55.86
N THR W 92 54.18 19.85 -55.64
CA THR W 92 55.13 19.06 -56.41
C THR W 92 54.54 17.69 -56.69
N ILE W 93 55.33 16.86 -57.34
CA ILE W 93 54.91 15.53 -57.75
C ILE W 93 55.98 14.53 -57.33
N THR W 94 55.57 13.52 -56.58
CA THR W 94 56.41 12.39 -56.23
C THR W 94 56.03 11.19 -57.08
N SER W 95 56.57 10.04 -56.74
CA SER W 95 56.30 8.83 -57.51
C SER W 95 54.89 8.30 -57.32
N ARG W 96 54.23 8.62 -56.19
CA ARG W 96 52.89 8.10 -55.92
C ARG W 96 51.87 8.64 -56.93
N GLU W 97 52.04 9.90 -57.29
CA GLU W 97 51.24 10.53 -58.34
C GLU W 97 51.46 9.82 -59.67
N ILE W 98 52.68 9.40 -59.92
CA ILE W 98 52.98 8.75 -61.19
C ILE W 98 52.34 7.38 -61.23
N GLN W 99 52.34 6.69 -60.09
CA GLN W 99 51.69 5.39 -59.98
C GLN W 99 50.20 5.51 -60.23
N THR W 100 49.54 6.47 -59.58
CA THR W 100 48.11 6.58 -59.78
C THR W 100 47.77 7.08 -61.18
N ALA W 101 48.67 7.84 -61.82
CA ALA W 101 48.38 8.28 -63.17
C ALA W 101 48.52 7.14 -64.17
N VAL W 102 49.52 6.27 -63.97
CA VAL W 102 49.65 5.09 -64.80
C VAL W 102 48.46 4.17 -64.63
N ARG W 103 47.91 4.10 -63.41
CA ARG W 103 46.62 3.44 -63.22
C ARG W 103 45.53 4.11 -64.04
N LEU W 104 45.53 5.44 -64.09
CA LEU W 104 44.43 6.14 -64.75
C LEU W 104 44.49 6.00 -66.27
N LEU W 105 45.67 5.74 -66.82
CA LEU W 105 45.77 5.65 -68.27
C LEU W 105 45.70 4.21 -68.75
N LEU W 106 46.57 3.39 -68.29
CA LEU W 106 46.60 2.07 -68.89
C LEU W 106 45.61 1.14 -68.18
N PRO W 107 44.97 0.24 -68.90
CA PRO W 107 44.10 -0.75 -68.24
C PRO W 107 44.86 -1.85 -67.51
N GLY W 108 44.11 -2.76 -66.89
CA GLY W 108 44.53 -3.65 -65.81
C GLY W 108 45.86 -4.37 -65.81
N GLU W 109 46.09 -5.28 -66.77
CA GLU W 109 47.27 -6.14 -66.74
C GLU W 109 48.54 -5.32 -66.95
N LEU W 110 48.52 -4.48 -67.98
CA LEU W 110 49.59 -3.53 -68.22
C LEU W 110 49.85 -2.65 -67.02
N ALA W 111 48.77 -2.20 -66.36
CA ALA W 111 48.91 -1.32 -65.21
C ALA W 111 49.58 -2.02 -64.05
N LYS W 112 49.19 -3.26 -63.78
CA LYS W 112 49.74 -3.95 -62.62
C LYS W 112 51.19 -4.32 -62.85
N HIS W 113 51.52 -4.78 -64.07
CA HIS W 113 52.92 -5.09 -64.37
C HIS W 113 53.79 -3.85 -64.39
N ALA W 114 53.22 -2.72 -64.82
CA ALA W 114 53.97 -1.49 -64.81
C ALA W 114 54.23 -0.99 -63.40
N VAL W 115 53.23 -1.11 -62.53
CA VAL W 115 53.41 -0.74 -61.13
C VAL W 115 54.49 -1.60 -60.49
N SER W 116 54.50 -2.89 -60.84
CA SER W 116 55.51 -3.80 -60.33
C SER W 116 56.91 -3.39 -60.78
N GLU W 117 57.06 -3.10 -62.07
CA GLU W 117 58.37 -2.73 -62.59
C GLU W 117 58.84 -1.41 -62.01
N GLY W 118 57.92 -0.46 -61.83
CA GLY W 118 58.29 0.83 -61.29
C GLY W 118 58.74 0.73 -59.83
N THR W 119 58.00 -0.04 -59.04
CA THR W 119 58.39 -0.20 -57.64
C THR W 119 59.68 -0.99 -57.51
N LYS W 120 59.94 -1.93 -58.42
CA LYS W 120 61.21 -2.65 -58.39
C LYS W 120 62.37 -1.73 -58.72
N ALA W 121 62.17 -0.83 -59.67
CA ALA W 121 63.20 0.16 -59.98
C ALA W 121 63.43 1.11 -58.83
N VAL W 122 62.34 1.54 -58.17
CA VAL W 122 62.43 2.37 -56.97
C VAL W 122 63.23 1.66 -55.89
N THR W 123 62.99 0.36 -55.75
CA THR W 123 63.68 -0.44 -54.75
C THR W 123 65.17 -0.52 -55.03
N LYS W 124 65.54 -0.84 -56.26
CA LYS W 124 66.95 -1.05 -56.55
C LYS W 124 67.71 0.26 -56.58
N TYR W 125 67.07 1.35 -57.01
CA TYR W 125 67.73 2.64 -56.94
C TYR W 125 67.81 3.15 -55.50
N THR W 126 66.85 2.78 -54.65
CA THR W 126 66.84 3.27 -53.28
C THR W 126 67.87 2.51 -52.45
N SER W 127 68.10 1.24 -52.78
CA SER W 127 69.10 0.45 -52.07
C SER W 127 70.51 0.95 -52.33
N ALA W 128 70.74 1.53 -53.51
CA ALA W 128 72.04 2.10 -53.85
C ALA W 128 71.88 3.19 -54.91
ZN ZN Z . 15.62 34.81 15.03
ZN ZN AA . 18.47 22.86 -32.63
MG MG BA . -10.00 -8.47 25.63
ZN ZN CA . 8.00 38.71 0.93
ZN ZN DA . -4.04 5.43 75.84
ZN ZN EA . -3.44 -64.60 -2.70
ZN ZN FA . 27.54 -44.72 -36.05
ZN ZN GA . -9.82 -23.15 57.25
ZN ZN HA . 36.49 -12.02 53.38
#